data_9NV0
#
_entry.id   9NV0
#
_cell.length_a   1.00
_cell.length_b   1.00
_cell.length_c   1.00
_cell.angle_alpha   90.00
_cell.angle_beta   90.00
_cell.angle_gamma   90.00
#
_symmetry.space_group_name_H-M   'P 1'
#
_entity_poly.entity_id   1
_entity_poly.type   'polypeptide(L)'
_entity_poly.pdbx_seq_one_letter_code
;GAHMFKIPGFGKAAANHTPPDMTNMDTRTRHLKVSNCPNNSYALANVAAVSPNDFPNNIYIIIDNLFVFTTRHSNDIPPG
TIGFNGNQRTWGGWSLNQDVQAKAFDLFKYSGKQSYLGSIDIDISFRARGKAVSTVFDQDELAKQFVRCYESQIFSPTQY
LIMEFQGHFFDLKIRNVQAIDLGDIEPTSAVATGIETKGILTKQTQINFFKGRDGLVNLKSSNSLRPRSNAVIRPDFKFE
DLGVGGLDKEFTKIFRRAFASRIFPPSVIEKLGISHVKGLLLYGPPGTGKTLIARKIGTMLNAKEPKIVNGPEILSKYVG
SSEENIRNLFKDAEAEYRAKGEESSLHIIIFDELDSVFKQRGSRGDGTGVGDNVVNQLLAKMDGVDQLNNILVIGMTNRK
DLIDSALLRPGRFEVQVEIHLPDEKGRLQIFDIQTKKMRENNMMSDDVNLAELAALTKNFSGAEIEGLVKSASSFAINKT
VNIGKGATKLNTKDIAKLKVTREDFLNALNDVTPAFGISEEDLKTCVEGGMMLYSERVNSILKNGARYVRQVRESDKSRL
VSLLIHGPAGSGKTALAAEIALKSGFPFIRLISPNELSGMSESAKIAYIDNTFRDAYKSPLNILVIDSLETLVDWVPIGP
RFSNNILQMLKVALKRKPPQDRRLLIMTTTSAYSVLQQMDILSCFDNEIAVPNMTNLDELNNVMIESNFLDDAGRVKVIN
ELSRSCPNFNVGIKKTLTNIETARHDEDPVNELVELMTQSA
;
_entity_poly.pdbx_strand_id   A,B,C,D,E,F
#
# COMPACT_ATOMS: atom_id res chain seq x y z
N LEU A 242 -41.37 31.84 -35.19
CA LEU A 242 -42.45 30.86 -35.14
C LEU A 242 -42.02 29.57 -35.83
N GLY A 243 -42.57 28.45 -35.36
CA GLY A 243 -42.11 27.13 -35.74
C GLY A 243 -41.73 26.33 -34.51
N VAL A 244 -42.15 26.81 -33.35
CA VAL A 244 -41.93 26.11 -32.09
C VAL A 244 -43.15 26.35 -31.21
N GLY A 245 -43.55 25.34 -30.45
CA GLY A 245 -44.75 25.43 -29.64
C GLY A 245 -44.52 24.84 -28.27
N GLY A 246 -45.31 25.32 -27.31
CA GLY A 246 -45.22 24.86 -25.95
C GLY A 246 -44.20 25.57 -25.08
N LEU A 247 -43.49 26.59 -25.60
CA LEU A 247 -42.37 27.20 -24.89
C LEU A 247 -42.47 28.72 -24.93
N ASP A 248 -43.68 29.26 -24.77
CA ASP A 248 -43.88 30.70 -24.83
C ASP A 248 -43.21 31.42 -23.66
N LYS A 249 -43.40 30.91 -22.45
CA LYS A 249 -42.89 31.60 -21.25
C LYS A 249 -41.37 31.70 -21.30
N GLU A 250 -40.71 30.58 -21.63
CA GLU A 250 -39.26 30.60 -21.70
C GLU A 250 -38.79 31.51 -22.82
N PHE A 251 -39.55 31.56 -23.92
CA PHE A 251 -39.21 32.45 -25.02
C PHE A 251 -39.22 33.89 -24.55
N THR A 252 -40.27 34.29 -23.82
CA THR A 252 -40.34 35.65 -23.29
C THR A 252 -39.15 35.92 -22.38
N LYS A 253 -38.86 34.99 -21.48
CA LYS A 253 -37.84 35.26 -20.47
C LYS A 253 -36.46 35.31 -21.09
N ILE A 254 -36.21 34.50 -22.12
CA ILE A 254 -34.94 34.55 -22.83
C ILE A 254 -34.81 35.88 -23.57
N PHE A 255 -35.85 36.26 -24.29
CA PHE A 255 -35.74 37.46 -25.11
C PHE A 255 -35.56 38.71 -24.25
N ARG A 256 -36.21 38.75 -23.08
CA ARG A 256 -36.11 39.93 -22.22
C ARG A 256 -34.68 40.18 -21.77
N ARG A 257 -33.90 39.13 -21.53
CA ARG A 257 -32.59 39.27 -20.93
C ARG A 257 -31.43 39.12 -21.91
N ALA A 258 -31.45 38.08 -22.72
CA ALA A 258 -30.28 37.72 -23.52
C ALA A 258 -30.17 38.52 -24.82
N PHE A 259 -31.29 39.04 -25.33
CA PHE A 259 -31.32 39.62 -26.67
C PHE A 259 -31.85 41.04 -26.72
N ALA A 260 -32.66 41.46 -25.75
CA ALA A 260 -33.33 42.75 -25.86
C ALA A 260 -32.33 43.90 -26.03
N SER A 261 -31.14 43.77 -25.44
CA SER A 261 -30.16 44.86 -25.53
C SER A 261 -29.58 44.99 -26.93
N ARG A 262 -29.54 43.92 -27.71
CA ARG A 262 -28.94 43.99 -29.04
C ARG A 262 -29.83 44.74 -30.01
N ILE A 263 -31.12 44.87 -29.71
CA ILE A 263 -32.03 45.56 -30.62
C ILE A 263 -31.76 47.05 -30.60
N PHE A 264 -31.53 47.60 -29.41
CA PHE A 264 -31.47 49.04 -29.25
C PHE A 264 -30.24 49.60 -29.96
N PRO A 265 -30.28 50.88 -30.33
CA PRO A 265 -29.09 51.49 -30.91
C PRO A 265 -27.99 51.59 -29.87
N PRO A 266 -26.72 51.49 -30.28
CA PRO A 266 -25.65 51.49 -29.28
C PRO A 266 -25.60 52.76 -28.46
N SER A 267 -26.11 53.87 -29.01
CA SER A 267 -26.06 55.14 -28.30
C SER A 267 -26.75 55.03 -26.95
N VAL A 268 -27.98 54.51 -26.93
CA VAL A 268 -28.73 54.47 -25.67
C VAL A 268 -28.09 53.51 -24.70
N ILE A 269 -27.54 52.40 -25.20
CA ILE A 269 -26.88 51.43 -24.33
C ILE A 269 -25.67 52.06 -23.68
N GLU A 270 -24.87 52.79 -24.45
CA GLU A 270 -23.76 53.54 -23.86
C GLU A 270 -24.28 54.60 -22.89
N LYS A 271 -25.46 55.16 -23.18
CA LYS A 271 -25.99 56.29 -22.43
C LYS A 271 -26.53 55.87 -21.07
N LEU A 272 -26.90 54.60 -20.91
CA LEU A 272 -27.24 54.05 -19.61
C LEU A 272 -26.02 53.57 -18.84
N GLY A 273 -25.06 52.97 -19.54
CA GLY A 273 -23.86 52.46 -18.92
C GLY A 273 -23.88 50.99 -18.53
N ILE A 274 -24.40 50.12 -19.40
CA ILE A 274 -24.43 48.69 -19.15
C ILE A 274 -23.75 47.96 -20.31
N SER A 275 -23.58 46.65 -20.16
CA SER A 275 -22.86 45.81 -21.11
C SER A 275 -23.65 44.56 -21.47
N HIS A 276 -23.45 44.10 -22.70
CA HIS A 276 -24.20 42.94 -23.19
C HIS A 276 -23.70 41.65 -22.55
N VAL A 277 -24.61 40.68 -22.46
CA VAL A 277 -24.32 39.37 -21.90
C VAL A 277 -23.75 38.46 -22.96
N LYS A 278 -22.71 37.70 -22.59
CA LYS A 278 -21.96 36.89 -23.53
C LYS A 278 -22.07 35.40 -23.25
N GLY A 279 -22.95 34.98 -22.34
CA GLY A 279 -23.13 33.55 -22.08
C GLY A 279 -24.53 33.18 -21.63
N LEU A 280 -25.01 32.03 -22.10
CA LEU A 280 -26.34 31.52 -21.78
C LEU A 280 -26.27 30.01 -21.81
N LEU A 281 -26.84 29.35 -20.80
CA LEU A 281 -26.74 27.90 -20.65
C LEU A 281 -28.14 27.31 -20.63
N LEU A 282 -28.35 26.29 -21.45
CA LEU A 282 -29.62 25.58 -21.54
C LEU A 282 -29.38 24.14 -21.11
N TYR A 283 -30.25 23.63 -20.25
CA TYR A 283 -30.12 22.25 -19.79
C TYR A 283 -31.51 21.62 -19.79
N GLY A 284 -31.55 20.35 -20.16
CA GLY A 284 -32.81 19.65 -20.24
C GLY A 284 -32.67 18.36 -21.00
N PRO A 285 -33.72 17.54 -20.96
CA PRO A 285 -33.64 16.22 -21.57
C PRO A 285 -33.55 16.32 -23.09
N PRO A 286 -33.06 15.29 -23.74
CA PRO A 286 -32.77 15.39 -25.18
C PRO A 286 -34.01 15.26 -26.05
N GLY A 287 -33.90 15.76 -27.28
CA GLY A 287 -35.01 15.69 -28.20
C GLY A 287 -36.17 16.59 -27.88
N THR A 288 -35.93 17.68 -27.16
CA THR A 288 -36.99 18.54 -26.68
C THR A 288 -37.04 19.90 -27.37
N GLY A 289 -36.05 20.26 -28.18
CA GLY A 289 -36.19 21.40 -29.06
C GLY A 289 -35.22 22.54 -28.79
N LYS A 290 -34.03 22.22 -28.29
CA LYS A 290 -33.11 23.28 -27.90
C LYS A 290 -32.42 23.91 -29.11
N THR A 291 -31.78 23.09 -29.95
CA THR A 291 -31.12 23.65 -31.13
C THR A 291 -32.13 24.36 -32.04
N LEU A 292 -33.37 23.90 -32.03
CA LEU A 292 -34.41 24.53 -32.84
C LEU A 292 -34.61 25.98 -32.43
N ILE A 293 -34.82 26.21 -31.14
CA ILE A 293 -35.02 27.57 -30.67
C ILE A 293 -33.74 28.37 -30.87
N ALA A 294 -32.58 27.74 -30.70
CA ALA A 294 -31.32 28.44 -30.95
C ALA A 294 -31.28 29.01 -32.35
N ARG A 295 -31.61 28.19 -33.34
CA ARG A 295 -31.57 28.67 -34.72
C ARG A 295 -32.63 29.74 -34.94
N LYS A 296 -33.83 29.55 -34.39
CA LYS A 296 -34.91 30.47 -34.73
C LYS A 296 -34.67 31.85 -34.11
N ILE A 297 -34.10 31.90 -32.90
CA ILE A 297 -33.85 33.23 -32.33
C ILE A 297 -32.82 33.92 -33.19
N GLY A 298 -31.88 33.17 -33.77
CA GLY A 298 -30.89 33.78 -34.64
C GLY A 298 -31.58 34.33 -35.87
N THR A 299 -32.60 33.62 -36.33
CA THR A 299 -33.24 33.99 -37.59
C THR A 299 -34.11 35.21 -37.43
N MET A 300 -34.57 35.48 -36.19
CA MET A 300 -35.27 36.74 -35.95
C MET A 300 -34.33 37.94 -36.03
N LEU A 301 -33.12 37.83 -35.49
CA LEU A 301 -32.18 38.94 -35.47
C LEU A 301 -31.36 39.08 -36.74
N ASN A 302 -31.44 38.12 -37.66
CA ASN A 302 -30.65 38.15 -38.89
C ASN A 302 -29.16 38.23 -38.58
N ALA A 303 -28.77 37.55 -37.51
CA ALA A 303 -27.37 37.35 -37.18
C ALA A 303 -26.79 36.31 -38.13
N LYS A 304 -25.47 36.16 -38.11
CA LYS A 304 -24.92 35.11 -38.94
C LYS A 304 -25.39 33.75 -38.41
N GLU A 305 -25.43 32.77 -39.31
CA GLU A 305 -25.85 31.43 -38.94
C GLU A 305 -24.94 30.89 -37.83
N PRO A 306 -25.49 30.39 -36.73
CA PRO A 306 -24.62 29.94 -35.63
C PRO A 306 -23.66 28.84 -36.04
N LYS A 307 -22.42 28.98 -35.60
CA LYS A 307 -21.43 27.92 -35.68
C LYS A 307 -21.73 26.93 -34.57
N ILE A 308 -21.41 25.66 -34.80
CA ILE A 308 -21.65 24.61 -33.82
C ILE A 308 -20.36 23.85 -33.59
N VAL A 309 -20.12 23.44 -32.33
CA VAL A 309 -18.96 22.64 -31.97
C VAL A 309 -19.41 21.59 -30.96
N ASN A 310 -18.85 20.39 -31.07
CA ASN A 310 -19.24 19.24 -30.26
C ASN A 310 -18.09 18.84 -29.35
N GLY A 311 -18.38 18.67 -28.07
CA GLY A 311 -17.37 18.54 -27.05
C GLY A 311 -16.40 17.37 -27.23
N PRO A 312 -16.92 16.14 -27.13
CA PRO A 312 -16.06 14.97 -27.32
C PRO A 312 -15.30 14.93 -28.63
N GLY A 320 -2.32 18.75 -30.21
CA GLY A 320 -1.97 19.96 -30.94
C GLY A 320 -3.13 20.54 -31.73
N SER A 321 -3.82 19.70 -32.50
CA SER A 321 -4.96 20.19 -33.27
C SER A 321 -6.09 20.65 -32.35
N SER A 322 -6.27 20.00 -31.21
CA SER A 322 -7.27 20.42 -30.25
C SER A 322 -6.95 21.81 -29.73
N GLU A 323 -5.68 22.06 -29.43
CA GLU A 323 -5.28 23.38 -28.95
C GLU A 323 -5.43 24.42 -30.05
N GLU A 324 -5.11 24.03 -31.30
CA GLU A 324 -5.16 24.99 -32.40
C GLU A 324 -6.58 25.31 -32.85
N ASN A 325 -7.49 24.34 -32.79
CA ASN A 325 -8.75 24.49 -33.50
C ASN A 325 -9.63 25.54 -32.83
N ILE A 326 -9.52 25.67 -31.50
CA ILE A 326 -10.34 26.63 -30.78
C ILE A 326 -10.13 28.01 -31.36
N ARG A 327 -8.88 28.38 -31.65
CA ARG A 327 -8.60 29.73 -32.13
C ARG A 327 -9.23 30.00 -33.49
N ASN A 328 -9.51 28.95 -34.28
CA ASN A 328 -10.13 29.14 -35.59
C ASN A 328 -11.60 29.46 -35.48
N LEU A 329 -12.24 29.06 -34.39
CA LEU A 329 -13.67 29.23 -34.24
C LEU A 329 -14.05 30.70 -34.18
N PHE A 330 -13.24 31.51 -33.50
CA PHE A 330 -13.51 32.92 -33.30
C PHE A 330 -12.96 33.80 -34.39
N LYS A 331 -12.31 33.24 -35.42
CA LYS A 331 -11.55 34.03 -36.37
C LYS A 331 -12.42 35.12 -37.00
N ASP A 332 -13.58 34.73 -37.52
CA ASP A 332 -14.46 35.70 -38.17
C ASP A 332 -14.89 36.80 -37.22
N ALA A 333 -15.17 36.47 -35.96
CA ALA A 333 -15.60 37.52 -35.04
C ALA A 333 -14.48 38.54 -34.81
N GLU A 334 -13.23 38.07 -34.67
CA GLU A 334 -12.12 39.02 -34.52
C GLU A 334 -11.99 39.85 -35.77
N ALA A 335 -12.12 39.21 -36.93
CA ALA A 335 -11.96 39.92 -38.18
C ALA A 335 -13.00 41.02 -38.22
N GLU A 336 -14.27 40.66 -38.04
CA GLU A 336 -15.33 41.64 -38.20
C GLU A 336 -15.20 42.72 -37.15
N TYR A 337 -14.60 42.38 -36.00
CA TYR A 337 -14.45 43.37 -34.95
C TYR A 337 -13.47 44.44 -35.37
N ARG A 338 -12.29 44.01 -35.82
CA ARG A 338 -11.38 44.96 -36.43
C ARG A 338 -12.04 45.70 -37.59
N ALA A 339 -12.84 44.98 -38.37
CA ALA A 339 -13.43 45.53 -39.59
C ALA A 339 -14.31 46.73 -39.30
N LYS A 340 -15.19 46.60 -38.30
CA LYS A 340 -16.26 47.57 -38.10
C LYS A 340 -16.43 48.08 -36.69
N GLY A 341 -15.85 47.45 -35.68
CA GLY A 341 -15.97 47.93 -34.32
C GLY A 341 -17.35 47.62 -33.78
N GLU A 342 -17.87 48.54 -32.97
CA GLU A 342 -19.07 48.25 -32.21
C GLU A 342 -20.27 48.01 -33.13
N GLU A 343 -20.21 48.49 -34.37
CA GLU A 343 -21.35 48.43 -35.28
C GLU A 343 -21.38 47.12 -36.06
N SER A 344 -20.59 46.13 -35.66
CA SER A 344 -20.54 44.85 -36.34
C SER A 344 -21.84 44.08 -36.11
N SER A 345 -22.04 43.01 -36.89
CA SER A 345 -23.19 42.15 -36.67
C SER A 345 -22.88 41.12 -35.58
N LEU A 346 -23.91 40.42 -35.14
CA LEU A 346 -23.77 39.51 -34.02
C LEU A 346 -23.26 38.16 -34.52
N HIS A 347 -22.41 37.53 -33.72
CA HIS A 347 -21.84 36.23 -34.02
C HIS A 347 -22.22 35.30 -32.88
N ILE A 348 -22.78 34.15 -33.22
CA ILE A 348 -23.39 33.28 -32.22
C ILE A 348 -22.78 31.89 -32.40
N ILE A 349 -22.30 31.33 -31.30
CA ILE A 349 -21.56 30.07 -31.27
C ILE A 349 -22.29 29.13 -30.34
N ILE A 350 -22.52 27.90 -30.79
CA ILE A 350 -23.29 26.89 -30.07
C ILE A 350 -22.33 25.81 -29.59
N PHE A 351 -22.51 25.37 -28.35
CA PHE A 351 -21.62 24.40 -27.73
C PHE A 351 -22.45 23.25 -27.20
N ASP A 352 -22.15 22.04 -27.66
CA ASP A 352 -22.96 20.87 -27.38
C ASP A 352 -22.15 19.91 -26.52
N GLU A 353 -22.85 19.13 -25.70
CA GLU A 353 -22.25 18.15 -24.81
C GLU A 353 -21.18 18.79 -23.93
N LEU A 354 -21.55 19.91 -23.31
CA LEU A 354 -20.57 20.70 -22.57
C LEU A 354 -19.99 19.91 -21.41
N ASP A 355 -20.84 19.20 -20.66
CA ASP A 355 -20.41 18.56 -19.42
C ASP A 355 -19.25 17.60 -19.66
N SER A 356 -19.12 17.09 -20.90
CA SER A 356 -18.07 16.12 -21.21
C SER A 356 -16.69 16.66 -20.85
N VAL A 357 -16.47 17.97 -21.03
CA VAL A 357 -15.13 18.52 -20.80
C VAL A 357 -14.76 18.40 -19.33
N PHE A 358 -15.73 18.56 -18.44
CA PHE A 358 -15.47 18.49 -17.01
C PHE A 358 -15.49 17.06 -16.49
N LYS A 359 -16.06 16.11 -17.24
CA LYS A 359 -16.24 14.73 -16.80
C LYS A 359 -14.94 13.94 -16.93
N GLN A 360 -13.94 14.32 -16.13
CA GLN A 360 -12.68 13.60 -16.09
C GLN A 360 -11.95 13.99 -14.81
N ARG A 361 -11.06 13.12 -14.37
CA ARG A 361 -10.32 13.39 -13.15
C ARG A 361 -9.43 14.60 -13.36
N GLY A 362 -9.27 15.40 -12.30
CA GLY A 362 -8.47 16.62 -12.42
C GLY A 362 -7.05 16.37 -12.87
N SER A 363 -6.43 15.30 -12.36
CA SER A 363 -5.05 14.98 -12.72
C SER A 363 -4.92 14.75 -14.22
N ARG A 364 -5.82 13.98 -14.79
CA ARG A 364 -5.75 13.71 -16.23
C ARG A 364 -6.06 14.96 -17.04
N GLY A 365 -7.03 15.76 -16.57
CA GLY A 365 -7.42 16.97 -17.28
C GLY A 365 -6.28 17.97 -17.37
N ASP A 366 -5.50 18.11 -16.29
CA ASP A 366 -4.43 19.09 -16.31
C ASP A 366 -3.16 18.53 -16.93
N GLY A 367 -2.79 17.28 -16.60
CA GLY A 367 -1.60 16.69 -17.18
C GLY A 367 -1.68 16.55 -18.70
N THR A 368 -2.80 16.02 -19.19
CA THR A 368 -2.99 15.97 -20.64
C THR A 368 -3.27 17.36 -21.18
N GLY A 369 -4.04 18.17 -20.44
CA GLY A 369 -4.33 19.51 -20.83
C GLY A 369 -5.48 19.66 -21.79
N VAL A 370 -6.05 18.56 -22.29
CA VAL A 370 -7.11 18.68 -23.29
C VAL A 370 -8.34 19.36 -22.70
N GLY A 371 -8.77 18.91 -21.51
CA GLY A 371 -9.92 19.51 -20.86
C GLY A 371 -9.71 20.95 -20.40
N ASP A 372 -8.57 21.21 -19.75
CA ASP A 372 -8.37 22.55 -19.18
C ASP A 372 -8.07 23.58 -20.26
N ASN A 373 -7.36 23.18 -21.30
CA ASN A 373 -6.89 24.13 -22.30
C ASN A 373 -8.06 24.78 -23.02
N VAL A 374 -9.04 23.96 -23.44
CA VAL A 374 -10.18 24.50 -24.16
C VAL A 374 -10.96 25.43 -23.23
N VAL A 375 -11.16 25.01 -21.99
CA VAL A 375 -11.93 25.81 -21.05
C VAL A 375 -11.24 27.15 -20.83
N ASN A 376 -9.92 27.11 -20.62
CA ASN A 376 -9.16 28.33 -20.35
C ASN A 376 -9.17 29.27 -21.55
N GLN A 377 -8.88 28.73 -22.74
CA GLN A 377 -8.90 29.55 -23.94
C GLN A 377 -10.28 30.14 -24.17
N LEU A 378 -11.33 29.40 -23.82
CA LEU A 378 -12.69 29.85 -24.06
C LEU A 378 -13.03 31.01 -23.14
N LEU A 379 -12.72 30.87 -21.85
CA LEU A 379 -12.99 31.94 -20.90
C LEU A 379 -12.17 33.18 -21.20
N ALA A 380 -10.94 33.01 -21.71
CA ALA A 380 -10.11 34.14 -22.06
C ALA A 380 -10.78 35.07 -23.06
N LYS A 381 -11.52 34.52 -24.02
CA LYS A 381 -12.05 35.30 -25.13
C LYS A 381 -13.29 36.11 -24.75
N MET A 382 -13.95 35.79 -23.64
CA MET A 382 -15.13 36.50 -23.20
C MET A 382 -15.01 37.14 -21.83
N ASP A 383 -13.93 36.87 -21.10
CA ASP A 383 -13.74 37.41 -19.77
C ASP A 383 -12.48 38.25 -19.61
N GLY A 384 -11.43 37.96 -20.36
CA GLY A 384 -10.10 38.47 -20.06
C GLY A 384 -9.83 39.82 -20.67
N VAL A 385 -8.54 40.12 -20.85
CA VAL A 385 -8.16 41.37 -21.46
C VAL A 385 -8.34 41.33 -22.97
N ASP A 386 -8.44 40.14 -23.55
CA ASP A 386 -8.72 39.99 -24.98
C ASP A 386 -10.20 39.89 -25.27
N GLN A 387 -11.05 40.46 -24.41
CA GLN A 387 -12.49 40.33 -24.54
C GLN A 387 -12.94 40.80 -25.91
N LEU A 388 -13.82 40.03 -26.54
CA LEU A 388 -14.35 40.32 -27.86
C LEU A 388 -15.84 40.57 -27.72
N ASN A 389 -16.31 41.67 -28.31
CA ASN A 389 -17.59 42.25 -27.94
C ASN A 389 -18.67 42.00 -28.99
N ASN A 390 -18.42 41.12 -29.95
CA ASN A 390 -19.41 40.82 -30.97
C ASN A 390 -20.07 39.46 -30.78
N ILE A 391 -19.61 38.67 -29.83
CA ILE A 391 -19.98 37.26 -29.77
C ILE A 391 -20.96 37.02 -28.63
N LEU A 392 -21.68 35.90 -28.76
CA LEU A 392 -22.56 35.36 -27.73
C LEU A 392 -22.36 33.85 -27.77
N VAL A 393 -22.20 33.23 -26.60
CA VAL A 393 -21.92 31.80 -26.50
C VAL A 393 -23.07 31.10 -25.80
N ILE A 394 -23.52 30.00 -26.41
CA ILE A 394 -24.57 29.13 -25.89
C ILE A 394 -23.96 27.79 -25.54
N GLY A 395 -24.25 27.31 -24.34
CA GLY A 395 -23.82 26.00 -23.89
C GLY A 395 -25.03 25.11 -23.76
N MET A 396 -24.85 23.82 -24.01
CA MET A 396 -25.98 22.87 -24.05
C MET A 396 -25.51 21.61 -23.35
N THR A 397 -26.24 21.19 -22.33
CA THR A 397 -25.78 20.09 -21.50
C THR A 397 -26.98 19.37 -20.90
N ASN A 398 -26.80 18.09 -20.65
CA ASN A 398 -27.87 17.27 -20.07
C ASN A 398 -27.71 17.08 -18.56
N ARG A 399 -26.60 17.52 -17.99
CA ARG A 399 -26.36 17.33 -16.56
C ARG A 399 -25.68 18.58 -16.01
N LYS A 400 -26.44 19.38 -15.26
CA LYS A 400 -25.92 20.60 -14.68
C LYS A 400 -25.05 20.33 -13.45
N ASP A 401 -25.31 19.22 -12.75
CA ASP A 401 -24.65 18.95 -11.48
C ASP A 401 -23.13 18.79 -11.60
N LEU A 402 -22.62 18.54 -12.80
CA LEU A 402 -21.18 18.33 -12.96
C LEU A 402 -20.42 19.61 -13.21
N ILE A 403 -21.07 20.62 -13.79
CA ILE A 403 -20.38 21.86 -14.11
C ILE A 403 -20.01 22.59 -12.83
N ASP A 404 -18.77 23.07 -12.77
CA ASP A 404 -18.26 23.70 -11.56
C ASP A 404 -18.89 25.08 -11.39
N SER A 405 -19.04 25.49 -10.13
CA SER A 405 -19.69 26.76 -9.83
C SER A 405 -18.86 27.95 -10.27
N ALA A 406 -17.57 27.76 -10.57
CA ALA A 406 -16.74 28.89 -10.98
C ALA A 406 -17.22 29.47 -12.29
N LEU A 407 -17.77 28.63 -13.17
CA LEU A 407 -18.16 29.09 -14.49
C LEU A 407 -19.47 29.86 -14.44
N LEU A 408 -20.29 29.61 -13.42
CA LEU A 408 -21.65 30.14 -13.34
C LEU A 408 -21.66 31.57 -12.81
N ARG A 409 -20.54 32.03 -12.27
CA ARG A 409 -20.48 33.31 -11.59
C ARG A 409 -20.66 34.44 -12.61
N PRO A 410 -21.00 35.65 -12.13
CA PRO A 410 -21.33 36.73 -13.08
C PRO A 410 -20.17 37.03 -14.02
N GLY A 411 -20.51 37.43 -15.25
CA GLY A 411 -19.53 37.58 -16.31
C GLY A 411 -19.26 36.34 -17.12
N ARG A 412 -19.67 35.17 -16.63
CA ARG A 412 -19.52 33.91 -17.37
C ARG A 412 -20.82 33.15 -17.20
N PHE A 413 -21.49 32.83 -18.31
CA PHE A 413 -22.72 32.04 -18.30
C PHE A 413 -23.66 32.48 -17.18
N GLU A 414 -24.17 33.71 -17.29
CA GLU A 414 -24.97 34.28 -16.20
C GLU A 414 -26.37 33.70 -16.14
N VAL A 415 -26.92 33.27 -17.27
CA VAL A 415 -28.32 32.91 -17.38
C VAL A 415 -28.41 31.44 -17.70
N GLN A 416 -29.27 30.73 -16.96
CA GLN A 416 -29.41 29.29 -17.05
C GLN A 416 -30.91 29.02 -17.21
N VAL A 417 -31.25 28.09 -18.11
CA VAL A 417 -32.65 27.82 -18.40
C VAL A 417 -32.90 26.32 -18.52
N GLU A 418 -34.14 25.94 -18.21
CA GLU A 418 -34.59 24.56 -18.17
C GLU A 418 -35.73 24.37 -19.16
N ILE A 419 -35.71 23.22 -19.86
CA ILE A 419 -36.73 22.88 -20.83
C ILE A 419 -37.53 21.69 -20.31
N HIS A 420 -38.85 21.74 -20.50
CA HIS A 420 -39.77 20.75 -19.96
C HIS A 420 -40.43 19.98 -21.10
N LEU A 421 -40.94 18.80 -20.77
CA LEU A 421 -41.76 18.04 -21.71
C LEU A 421 -43.10 18.75 -21.95
N PRO A 422 -43.60 18.74 -23.19
CA PRO A 422 -44.83 19.49 -23.49
C PRO A 422 -46.04 18.88 -22.80
N ASP A 423 -47.05 19.72 -22.59
CA ASP A 423 -48.34 19.28 -22.09
C ASP A 423 -49.32 19.11 -23.25
N GLU A 424 -50.58 18.83 -22.92
CA GLU A 424 -51.56 18.38 -23.90
C GLU A 424 -51.81 19.43 -24.98
N LYS A 425 -52.02 20.67 -24.57
CA LYS A 425 -52.28 21.73 -25.54
C LYS A 425 -51.09 21.88 -26.48
N GLY A 426 -49.88 21.73 -25.96
CA GLY A 426 -48.71 21.78 -26.81
C GLY A 426 -48.75 20.70 -27.87
N ARG A 427 -49.17 19.50 -27.49
CA ARG A 427 -49.25 18.41 -28.45
C ARG A 427 -50.33 18.68 -29.50
N LEU A 428 -51.46 19.25 -29.08
CA LEU A 428 -52.49 19.59 -30.04
C LEU A 428 -51.97 20.61 -31.05
N GLN A 429 -51.10 21.51 -30.60
CA GLN A 429 -50.56 22.49 -31.51
C GLN A 429 -49.55 21.84 -32.44
N ILE A 430 -48.71 20.95 -31.89
CA ILE A 430 -47.73 20.28 -32.73
C ILE A 430 -48.45 19.44 -33.77
N PHE A 431 -49.58 18.85 -33.39
CA PHE A 431 -50.36 18.07 -34.35
C PHE A 431 -50.82 18.94 -35.50
N ASP A 432 -51.32 20.14 -35.19
CA ASP A 432 -51.73 21.05 -36.25
C ASP A 432 -50.55 21.41 -37.14
N ILE A 433 -49.42 21.76 -36.52
CA ILE A 433 -48.24 22.18 -37.27
C ILE A 433 -47.77 21.06 -38.19
N GLN A 434 -47.87 19.82 -37.73
CA GLN A 434 -47.38 18.69 -38.51
C GLN A 434 -48.33 18.31 -39.63
N THR A 435 -49.65 18.45 -39.43
CA THR A 435 -50.62 18.01 -40.42
C THR A 435 -51.10 19.14 -41.34
N LYS A 436 -50.54 20.34 -41.21
CA LYS A 436 -50.98 21.46 -42.03
C LYS A 436 -50.99 21.14 -43.52
N LYS A 437 -49.90 20.58 -44.06
CA LYS A 437 -49.80 20.45 -45.51
C LYS A 437 -50.73 19.36 -46.03
N MET A 438 -50.94 18.30 -45.26
CA MET A 438 -51.95 17.33 -45.65
C MET A 438 -53.31 18.00 -45.67
N ARG A 439 -53.63 18.77 -44.64
CA ARG A 439 -54.96 19.35 -44.59
C ARG A 439 -55.15 20.33 -45.75
N GLU A 440 -54.09 21.04 -46.13
CA GLU A 440 -54.20 22.08 -47.15
C GLU A 440 -54.09 21.51 -48.55
N ASN A 441 -53.79 20.22 -48.71
CA ASN A 441 -53.73 19.62 -50.04
C ASN A 441 -54.77 18.52 -50.22
N ASN A 442 -55.76 18.47 -49.31
CA ASN A 442 -56.88 17.54 -49.45
C ASN A 442 -56.40 16.09 -49.48
N MET A 443 -55.42 15.79 -48.64
CA MET A 443 -54.85 14.45 -48.53
C MET A 443 -55.11 13.86 -47.15
N MET A 444 -56.10 14.39 -46.43
CA MET A 444 -56.41 13.92 -45.09
C MET A 444 -57.91 13.77 -44.93
N SER A 445 -58.32 12.68 -44.29
CA SER A 445 -59.72 12.29 -44.26
C SER A 445 -60.49 13.17 -43.28
N ASP A 446 -61.81 12.98 -43.26
CA ASP A 446 -62.70 13.77 -42.41
C ASP A 446 -63.01 13.09 -41.08
N ASP A 447 -62.52 11.88 -40.86
CA ASP A 447 -62.77 11.17 -39.61
C ASP A 447 -61.66 11.37 -38.59
N VAL A 448 -60.54 11.96 -38.99
CA VAL A 448 -59.42 12.15 -38.09
C VAL A 448 -59.74 13.34 -37.19
N ASN A 449 -59.81 13.09 -35.89
CA ASN A 449 -60.06 14.12 -34.89
C ASN A 449 -58.81 14.30 -34.04
N LEU A 450 -58.23 15.49 -34.10
CA LEU A 450 -56.93 15.72 -33.47
C LEU A 450 -57.00 15.84 -31.95
N LYS A 458 -49.50 10.60 -24.65
CA LYS A 458 -49.58 11.14 -23.29
C LYS A 458 -48.31 11.87 -22.87
N ASN A 459 -47.14 11.26 -23.05
CA ASN A 459 -45.87 11.89 -22.74
C ASN A 459 -44.99 12.02 -23.98
N PHE A 460 -45.61 12.25 -25.14
CA PHE A 460 -44.84 12.39 -26.37
C PHE A 460 -44.18 13.77 -26.46
N SER A 461 -42.99 13.80 -27.02
CA SER A 461 -42.36 15.03 -27.50
C SER A 461 -42.67 15.19 -28.99
N GLY A 462 -42.08 16.19 -29.63
CA GLY A 462 -42.40 16.47 -31.02
C GLY A 462 -41.97 15.35 -31.96
N ALA A 463 -40.78 14.80 -31.76
CA ALA A 463 -40.24 13.80 -32.69
C ALA A 463 -41.15 12.57 -32.77
N GLU A 464 -41.74 12.16 -31.64
CA GLU A 464 -42.63 11.01 -31.68
C GLU A 464 -43.88 11.31 -32.50
N ILE A 465 -44.39 12.53 -32.40
CA ILE A 465 -45.56 12.93 -33.19
C ILE A 465 -45.19 12.91 -34.68
N GLU A 466 -44.01 13.40 -35.01
CA GLU A 466 -43.56 13.35 -36.40
C GLU A 466 -43.47 11.92 -36.90
N GLY A 467 -42.88 11.02 -36.09
CA GLY A 467 -42.80 9.63 -36.50
C GLY A 467 -44.17 8.99 -36.66
N LEU A 468 -45.12 9.33 -35.79
CA LEU A 468 -46.45 8.77 -35.90
C LEU A 468 -47.11 9.22 -37.21
N VAL A 469 -46.99 10.50 -37.54
CA VAL A 469 -47.55 11.00 -38.79
C VAL A 469 -46.88 10.28 -39.97
N LYS A 470 -45.56 10.12 -39.90
CA LYS A 470 -44.84 9.46 -40.98
C LYS A 470 -45.31 8.02 -41.15
N SER A 471 -45.53 7.31 -40.04
CA SER A 471 -45.99 5.94 -40.11
C SER A 471 -47.39 5.85 -40.70
N ALA A 472 -48.28 6.76 -40.28
CA ALA A 472 -49.62 6.77 -40.84
C ALA A 472 -49.58 7.03 -42.35
N SER A 473 -48.75 7.98 -42.78
CA SER A 473 -48.60 8.22 -44.20
C SER A 473 -48.05 6.99 -44.90
N SER A 474 -47.12 6.28 -44.25
CA SER A 474 -46.56 5.07 -44.84
C SER A 474 -47.65 4.03 -45.05
N PHE A 475 -48.52 3.87 -44.05
CA PHE A 475 -49.65 2.96 -44.20
C PHE A 475 -50.48 3.35 -45.41
N ALA A 476 -50.88 4.63 -45.48
CA ALA A 476 -51.77 5.06 -46.55
C ALA A 476 -51.13 4.84 -47.92
N ILE A 477 -49.83 5.10 -48.03
CA ILE A 477 -49.13 4.94 -49.29
C ILE A 477 -49.03 3.47 -49.67
N ASN A 478 -48.64 2.63 -48.71
CA ASN A 478 -48.41 1.21 -49.00
C ASN A 478 -49.69 0.51 -49.47
N LYS A 479 -50.85 1.02 -49.07
CA LYS A 479 -52.12 0.35 -49.37
C LYS A 479 -52.42 0.27 -50.87
N THR A 480 -51.67 0.99 -51.71
CA THR A 480 -51.90 1.01 -53.15
C THR A 480 -50.82 0.28 -53.94
N VAL A 481 -49.56 0.37 -53.51
CA VAL A 481 -48.46 -0.15 -54.31
C VAL A 481 -48.63 -1.65 -54.54
N ASN A 482 -48.20 -2.11 -55.70
CA ASN A 482 -48.21 -3.53 -56.06
C ASN A 482 -49.62 -4.11 -55.88
N ASN A 491 -46.91 3.11 -58.97
CA ASN A 491 -46.97 1.69 -59.33
C ASN A 491 -48.39 1.25 -59.66
N THR A 492 -49.33 2.19 -59.74
CA THR A 492 -50.71 1.86 -60.08
C THR A 492 -51.41 3.10 -60.60
N LYS A 493 -52.58 2.88 -61.20
CA LYS A 493 -53.48 3.96 -61.55
C LYS A 493 -54.19 4.50 -60.31
N ASP A 494 -54.77 5.69 -60.43
CA ASP A 494 -55.58 6.29 -59.40
C ASP A 494 -54.76 6.50 -58.13
N ILE A 495 -53.57 7.10 -58.31
CA ILE A 495 -52.84 7.64 -57.17
C ILE A 495 -53.56 8.87 -56.64
N ALA A 496 -54.33 9.55 -57.48
CA ALA A 496 -54.88 10.86 -57.15
C ALA A 496 -55.91 10.79 -56.02
N LYS A 497 -56.38 9.60 -55.66
CA LYS A 497 -57.38 9.44 -54.62
C LYS A 497 -56.77 9.05 -53.28
N LEU A 498 -55.49 9.32 -53.09
CA LEU A 498 -54.83 8.94 -51.85
C LEU A 498 -55.34 9.79 -50.69
N LYS A 499 -55.57 9.15 -49.55
CA LYS A 499 -56.02 9.85 -48.37
C LYS A 499 -55.62 9.05 -47.14
N VAL A 500 -55.18 9.75 -46.11
CA VAL A 500 -54.87 9.11 -44.83
C VAL A 500 -56.18 9.03 -44.05
N THR A 501 -56.23 8.12 -43.08
CA THR A 501 -57.48 7.78 -42.42
C THR A 501 -57.19 7.47 -40.97
N ARG A 502 -58.26 7.52 -40.16
CA ARG A 502 -58.10 7.35 -38.72
C ARG A 502 -57.47 6.00 -38.39
N GLU A 503 -57.91 4.95 -39.07
CA GLU A 503 -57.37 3.61 -38.83
C GLU A 503 -55.86 3.58 -39.00
N ASP A 504 -55.33 4.32 -39.98
CA ASP A 504 -53.89 4.31 -40.18
C ASP A 504 -53.17 4.87 -38.96
N PHE A 505 -53.68 5.98 -38.41
CA PHE A 505 -53.11 6.52 -37.18
C PHE A 505 -53.22 5.55 -36.03
N LEU A 506 -54.39 4.91 -35.86
CA LEU A 506 -54.55 3.98 -34.75
C LEU A 506 -53.55 2.84 -34.89
N ASN A 507 -53.29 2.41 -36.13
CA ASN A 507 -52.31 1.35 -36.35
C ASN A 507 -50.90 1.89 -36.15
N ALA A 508 -50.70 3.18 -36.45
CA ALA A 508 -49.39 3.80 -36.30
C ALA A 508 -49.00 3.88 -34.83
N LEU A 509 -50.01 3.99 -33.96
CA LEU A 509 -49.74 3.98 -32.53
C LEU A 509 -49.06 2.70 -32.06
N ASN A 510 -49.24 1.60 -32.78
CA ASN A 510 -48.64 0.31 -32.47
C ASN A 510 -47.21 0.17 -32.96
N ASP A 511 -46.69 1.18 -33.67
CA ASP A 511 -45.37 1.13 -34.30
C ASP A 511 -44.38 2.08 -33.65
N VAL A 512 -44.85 3.12 -32.99
CA VAL A 512 -44.02 4.08 -32.27
C VAL A 512 -44.19 3.83 -30.79
N THR A 513 -43.10 3.46 -30.11
CA THR A 513 -43.12 3.20 -28.68
C THR A 513 -42.36 4.29 -27.93
N PRO A 514 -42.95 4.95 -26.92
CA PRO A 514 -42.28 6.11 -26.34
C PRO A 514 -41.33 5.80 -25.19
N ALA A 515 -40.32 6.65 -25.09
CA ALA A 515 -39.54 6.80 -23.87
C ALA A 515 -40.38 7.40 -22.76
N PHE A 516 -40.02 7.09 -21.50
CA PHE A 516 -40.83 7.40 -20.34
C PHE A 516 -42.15 6.61 -20.35
N GLY A 517 -42.06 5.30 -20.16
CA GLY A 517 -43.24 4.46 -20.28
C GLY A 517 -43.33 3.32 -19.29
N ILE A 518 -44.07 2.28 -19.65
CA ILE A 518 -44.32 1.11 -18.80
C ILE A 518 -43.51 -0.08 -19.28
N SER A 519 -42.77 -0.71 -18.37
CA SER A 519 -42.01 -1.92 -18.70
C SER A 519 -42.99 -3.08 -18.63
N GLU A 520 -43.84 -3.16 -19.65
CA GLU A 520 -45.03 -4.00 -19.59
C GLU A 520 -44.68 -5.48 -19.50
N GLU A 521 -43.74 -5.92 -20.35
CA GLU A 521 -43.53 -7.35 -20.53
C GLU A 521 -43.09 -8.03 -19.24
N ASP A 522 -42.20 -7.39 -18.48
CA ASP A 522 -41.72 -8.04 -17.27
C ASP A 522 -42.85 -8.25 -16.28
N LEU A 523 -43.69 -7.24 -16.11
CA LEU A 523 -44.81 -7.35 -15.18
C LEU A 523 -45.79 -8.41 -15.67
N LYS A 524 -46.10 -8.40 -16.95
CA LYS A 524 -47.16 -9.27 -17.43
C LYS A 524 -46.66 -10.71 -17.44
N THR A 525 -45.63 -10.98 -18.22
CA THR A 525 -45.18 -12.36 -18.42
C THR A 525 -44.48 -12.91 -17.17
N CYS A 526 -43.41 -12.26 -16.72
CA CYS A 526 -42.53 -12.88 -15.73
C CYS A 526 -43.27 -13.12 -14.42
N VAL A 527 -44.07 -12.16 -13.99
CA VAL A 527 -44.55 -12.12 -12.62
C VAL A 527 -45.90 -12.78 -12.46
N GLU A 528 -46.62 -13.05 -13.54
CA GLU A 528 -48.00 -13.51 -13.48
C GLU A 528 -48.18 -14.70 -14.42
N GLY A 529 -48.29 -15.89 -13.84
CA GLY A 529 -48.56 -17.11 -14.58
C GLY A 529 -49.76 -17.78 -13.95
N GLY A 530 -50.74 -16.97 -13.58
CA GLY A 530 -51.96 -17.42 -12.96
C GLY A 530 -52.47 -16.30 -12.09
N MET A 531 -53.78 -16.27 -11.88
CA MET A 531 -54.37 -15.35 -10.92
C MET A 531 -55.77 -15.85 -10.59
N MET A 532 -55.99 -16.26 -9.35
CA MET A 532 -57.25 -16.90 -8.98
C MET A 532 -57.65 -16.47 -7.58
N LEU A 533 -58.89 -16.03 -7.44
CA LEU A 533 -59.34 -15.30 -6.26
C LEU A 533 -59.91 -16.35 -5.32
N TYR A 534 -59.01 -16.98 -4.57
CA TYR A 534 -59.33 -18.18 -3.82
C TYR A 534 -59.82 -17.89 -2.41
N SER A 535 -59.99 -16.62 -2.03
CA SER A 535 -60.42 -16.32 -0.68
C SER A 535 -60.80 -14.84 -0.59
N GLU A 536 -61.37 -14.49 0.57
CA GLU A 536 -61.81 -13.11 0.80
C GLU A 536 -60.61 -12.20 1.01
N ARG A 537 -59.54 -12.70 1.62
CA ARG A 537 -58.37 -11.88 1.87
C ARG A 537 -57.80 -11.32 0.57
N VAL A 538 -57.86 -12.10 -0.51
CA VAL A 538 -57.35 -11.61 -1.78
C VAL A 538 -58.20 -10.45 -2.28
N ASN A 539 -59.52 -10.59 -2.19
CA ASN A 539 -60.41 -9.49 -2.52
C ASN A 539 -60.09 -8.26 -1.68
N SER A 540 -59.89 -8.45 -0.37
CA SER A 540 -59.62 -7.32 0.51
C SER A 540 -58.32 -6.62 0.12
N ILE A 541 -57.29 -7.41 -0.19
CA ILE A 541 -56.00 -6.81 -0.53
C ILE A 541 -56.12 -6.02 -1.83
N LEU A 542 -56.78 -6.59 -2.84
CA LEU A 542 -56.96 -5.88 -4.10
C LEU A 542 -57.78 -4.61 -3.90
N LYS A 543 -58.82 -4.70 -3.07
CA LYS A 543 -59.65 -3.52 -2.81
C LYS A 543 -58.86 -2.43 -2.12
N ASN A 544 -58.03 -2.82 -1.15
CA ASN A 544 -57.17 -1.85 -0.49
C ASN A 544 -56.25 -1.19 -1.48
N GLY A 545 -55.65 -1.98 -2.37
CA GLY A 545 -54.75 -1.41 -3.37
C GLY A 545 -55.44 -0.43 -4.29
N ALA A 546 -56.62 -0.80 -4.78
CA ALA A 546 -57.38 0.11 -5.65
C ALA A 546 -57.73 1.40 -4.90
N ARG A 547 -58.14 1.26 -3.64
CA ARG A 547 -58.42 2.42 -2.82
C ARG A 547 -57.20 3.33 -2.76
N TYR A 548 -56.04 2.75 -2.44
CA TYR A 548 -54.83 3.57 -2.32
C TYR A 548 -54.50 4.24 -3.65
N VAL A 549 -54.70 3.53 -4.76
CA VAL A 549 -54.41 4.11 -6.07
C VAL A 549 -55.27 5.35 -6.26
N ARG A 550 -56.56 5.23 -5.97
CA ARG A 550 -57.45 6.36 -6.19
C ARG A 550 -57.17 7.47 -5.18
N GLN A 551 -56.70 7.10 -3.99
CA GLN A 551 -56.26 8.09 -3.01
C GLN A 551 -55.08 8.89 -3.54
N VAL A 552 -54.06 8.19 -4.03
CA VAL A 552 -52.85 8.85 -4.50
C VAL A 552 -53.15 9.68 -5.74
N ARG A 553 -54.18 9.31 -6.48
CA ARG A 553 -54.46 9.96 -7.76
C ARG A 553 -55.41 11.14 -7.63
N GLU A 554 -56.16 11.25 -6.53
CA GLU A 554 -57.18 12.28 -6.38
C GLU A 554 -57.06 12.99 -5.04
N SER A 555 -55.83 13.33 -4.65
CA SER A 555 -55.59 14.11 -3.45
C SER A 555 -54.34 14.94 -3.66
N ASP A 556 -54.26 16.05 -2.93
CA ASP A 556 -53.12 16.96 -3.02
C ASP A 556 -52.16 16.85 -1.86
N LYS A 557 -52.59 16.25 -0.75
CA LYS A 557 -51.74 16.14 0.42
C LYS A 557 -50.80 14.94 0.33
N SER A 558 -51.21 13.90 -0.39
CA SER A 558 -50.44 12.66 -0.52
C SER A 558 -49.72 12.60 -1.86
N ARG A 559 -48.42 12.96 -1.86
CA ARG A 559 -47.57 12.87 -3.03
C ARG A 559 -46.50 11.80 -2.90
N LEU A 560 -46.48 11.07 -1.79
CA LEU A 560 -45.55 9.96 -1.60
C LEU A 560 -46.24 8.94 -0.70
N VAL A 561 -46.34 7.70 -1.15
CA VAL A 561 -46.93 6.60 -0.37
C VAL A 561 -46.05 5.37 -0.45
N SER A 562 -45.90 4.65 0.67
CA SER A 562 -45.10 3.43 0.70
C SER A 562 -45.78 2.31 1.49
N LEU A 563 -45.63 1.10 0.94
CA LEU A 563 -46.29 -0.07 1.47
C LEU A 563 -45.26 -1.18 1.59
N LEU A 564 -45.49 -2.10 2.52
CA LEU A 564 -44.69 -3.30 2.67
C LEU A 564 -45.59 -4.51 2.55
N ILE A 565 -45.28 -5.38 1.60
CA ILE A 565 -45.98 -6.65 1.41
C ILE A 565 -45.03 -7.75 1.84
N HIS A 566 -45.44 -8.54 2.82
CA HIS A 566 -44.56 -9.56 3.34
C HIS A 566 -45.38 -10.81 3.61
N GLY A 567 -44.69 -11.94 3.62
CA GLY A 567 -45.31 -13.21 3.82
C GLY A 567 -44.35 -14.33 3.52
N PRO A 568 -44.80 -15.56 3.71
CA PRO A 568 -43.90 -16.69 3.51
C PRO A 568 -43.46 -16.75 2.06
N ALA A 569 -42.41 -17.54 1.83
CA ALA A 569 -41.94 -17.78 0.47
C ALA A 569 -42.97 -18.61 -0.29
N GLY A 570 -43.30 -18.19 -1.51
CA GLY A 570 -44.27 -18.92 -2.29
C GLY A 570 -45.70 -18.50 -2.04
N SER A 571 -45.93 -17.37 -1.38
CA SER A 571 -47.28 -17.03 -0.95
C SER A 571 -48.07 -16.34 -2.05
N GLY A 572 -47.41 -15.61 -2.95
CA GLY A 572 -48.10 -14.92 -4.02
C GLY A 572 -47.74 -13.47 -4.21
N LYS A 573 -46.88 -12.94 -3.32
CA LYS A 573 -46.60 -11.52 -3.21
C LYS A 573 -46.43 -10.83 -4.56
N THR A 574 -45.40 -11.23 -5.31
CA THR A 574 -45.04 -10.51 -6.52
C THR A 574 -46.22 -10.45 -7.48
N ALA A 575 -46.87 -11.60 -7.71
CA ALA A 575 -48.00 -11.64 -8.64
C ALA A 575 -49.10 -10.68 -8.22
N LEU A 576 -49.29 -10.53 -6.91
CA LEU A 576 -50.30 -9.58 -6.40
C LEU A 576 -49.89 -8.16 -6.75
N ALA A 577 -48.64 -7.80 -6.44
CA ALA A 577 -48.16 -6.45 -6.73
C ALA A 577 -48.39 -6.14 -8.20
N ALA A 578 -47.92 -7.02 -9.08
CA ALA A 578 -48.07 -6.82 -10.52
C ALA A 578 -49.54 -6.66 -10.90
N GLU A 579 -50.41 -7.46 -10.30
CA GLU A 579 -51.83 -7.39 -10.65
C GLU A 579 -52.40 -6.02 -10.30
N ILE A 580 -52.03 -5.48 -9.13
CA ILE A 580 -52.49 -4.14 -8.79
C ILE A 580 -51.87 -3.10 -9.71
N ALA A 581 -50.62 -3.34 -10.13
CA ALA A 581 -49.89 -2.34 -10.89
C ALA A 581 -50.48 -2.22 -12.28
N LEU A 582 -50.73 -3.35 -12.94
CA LEU A 582 -51.22 -3.27 -14.30
C LEU A 582 -52.58 -2.59 -14.31
N LYS A 583 -53.40 -2.85 -13.27
CA LYS A 583 -54.71 -2.22 -13.13
C LYS A 583 -54.62 -0.74 -12.76
N SER A 584 -53.44 -0.24 -12.40
CA SER A 584 -53.39 1.13 -11.88
C SER A 584 -53.61 2.15 -13.00
N GLY A 585 -53.07 1.88 -14.20
CA GLY A 585 -53.21 2.79 -15.32
C GLY A 585 -52.31 4.01 -15.36
N PHE A 586 -51.25 4.05 -14.56
CA PHE A 586 -50.36 5.19 -14.58
C PHE A 586 -49.52 5.21 -15.86
N PRO A 587 -48.98 6.38 -16.23
CA PRO A 587 -48.15 6.42 -17.45
C PRO A 587 -46.81 5.73 -17.26
N PHE A 588 -46.24 5.81 -16.06
CA PHE A 588 -44.87 5.41 -15.81
C PHE A 588 -44.93 4.31 -14.76
N ILE A 589 -44.38 3.13 -15.09
CA ILE A 589 -44.33 1.99 -14.18
C ILE A 589 -43.01 1.27 -14.42
N ARG A 590 -42.29 0.95 -13.34
CA ARG A 590 -41.04 0.21 -13.45
C ARG A 590 -40.85 -0.71 -12.25
N LEU A 591 -39.96 -1.71 -12.42
CA LEU A 591 -39.63 -2.58 -11.31
C LEU A 591 -38.12 -2.82 -11.25
N ILE A 592 -37.66 -3.03 -10.02
CA ILE A 592 -36.28 -3.34 -9.69
C ILE A 592 -36.29 -4.75 -9.12
N SER A 593 -35.49 -5.63 -9.69
CA SER A 593 -35.45 -7.01 -9.21
C SER A 593 -34.02 -7.51 -9.31
N PRO A 594 -33.68 -8.62 -8.66
CA PRO A 594 -32.28 -9.09 -8.76
C PRO A 594 -31.89 -9.40 -10.19
N ASN A 595 -32.86 -9.72 -11.04
CA ASN A 595 -32.54 -10.10 -12.42
C ASN A 595 -31.88 -8.95 -13.16
N GLU A 596 -32.37 -7.72 -12.96
CA GLU A 596 -31.82 -6.59 -13.69
C GLU A 596 -30.43 -6.22 -13.19
N LEU A 597 -30.13 -6.51 -11.92
CA LEU A 597 -28.88 -6.10 -11.30
C LEU A 597 -27.83 -7.19 -11.30
N SER A 598 -28.07 -8.30 -12.00
CA SER A 598 -27.16 -9.42 -11.96
C SER A 598 -25.85 -9.11 -12.66
N GLY A 599 -24.75 -9.50 -12.02
CA GLY A 599 -23.43 -9.40 -12.61
C GLY A 599 -22.73 -8.07 -12.45
N MET A 600 -23.29 -7.14 -11.70
CA MET A 600 -22.73 -5.81 -11.56
C MET A 600 -21.85 -5.73 -10.31
N SER A 601 -20.95 -4.75 -10.33
CA SER A 601 -20.23 -4.40 -9.11
C SER A 601 -21.12 -3.49 -8.27
N GLU A 602 -20.76 -3.30 -7.00
CA GLU A 602 -21.62 -2.56 -6.09
C GLU A 602 -21.82 -1.11 -6.56
N SER A 603 -20.75 -0.46 -7.01
CA SER A 603 -20.85 0.90 -7.51
C SER A 603 -21.79 0.97 -8.72
N ALA A 604 -21.69 -0.01 -9.62
CA ALA A 604 -22.57 -0.02 -10.79
C ALA A 604 -24.02 -0.15 -10.36
N LYS A 605 -24.29 -1.00 -9.37
CA LYS A 605 -25.66 -1.19 -8.90
C LYS A 605 -26.18 0.12 -8.32
N ILE A 606 -25.34 0.78 -7.52
CA ILE A 606 -25.76 2.04 -6.91
C ILE A 606 -26.07 3.06 -8.01
N ALA A 607 -25.23 3.13 -9.03
CA ALA A 607 -25.47 4.06 -10.12
C ALA A 607 -26.78 3.74 -10.81
N TYR A 608 -27.05 2.46 -11.03
CA TYR A 608 -28.27 2.04 -11.70
C TYR A 608 -29.48 2.44 -10.89
N ILE A 609 -29.40 2.23 -9.57
CA ILE A 609 -30.49 2.59 -8.69
C ILE A 609 -30.73 4.08 -8.75
N ASP A 610 -29.65 4.85 -8.73
CA ASP A 610 -29.77 6.29 -8.74
C ASP A 610 -30.42 6.76 -10.03
N ASN A 611 -30.05 6.14 -11.16
CA ASN A 611 -30.66 6.52 -12.42
C ASN A 611 -32.15 6.23 -12.42
N THR A 612 -32.54 5.09 -11.83
CA THR A 612 -33.96 4.78 -11.75
C THR A 612 -34.68 5.85 -10.93
N PHE A 613 -34.14 6.17 -9.75
CA PHE A 613 -34.78 7.16 -8.91
C PHE A 613 -34.85 8.52 -9.60
N ARG A 614 -33.84 8.86 -10.40
CA ARG A 614 -33.89 10.10 -11.15
C ARG A 614 -35.02 10.06 -12.16
N ASP A 615 -35.16 8.96 -12.88
CA ASP A 615 -36.19 8.87 -13.91
C ASP A 615 -37.59 8.90 -13.32
N ALA A 616 -37.75 8.55 -12.05
CA ALA A 616 -39.08 8.60 -11.46
C ALA A 616 -39.57 10.03 -11.27
N TYR A 617 -38.67 11.00 -11.15
CA TYR A 617 -38.99 12.37 -10.77
C TYR A 617 -39.30 13.28 -11.95
N LYS A 618 -39.76 12.74 -13.08
CA LYS A 618 -39.97 13.57 -14.26
C LYS A 618 -41.32 13.30 -14.92
N SER A 619 -42.29 12.82 -14.17
CA SER A 619 -43.64 12.64 -14.71
C SER A 619 -44.65 12.91 -13.60
N PRO A 620 -45.88 13.29 -13.95
CA PRO A 620 -46.85 13.58 -12.89
C PRO A 620 -47.10 12.38 -12.01
N LEU A 621 -47.13 11.19 -12.62
CA LEU A 621 -47.45 9.96 -11.92
C LEU A 621 -46.42 8.89 -12.30
N ASN A 622 -46.07 8.07 -11.31
CA ASN A 622 -45.02 7.06 -11.43
C ASN A 622 -45.32 5.94 -10.45
N ILE A 623 -44.96 4.71 -10.81
CA ILE A 623 -45.04 3.56 -9.93
C ILE A 623 -43.71 2.81 -9.95
N LEU A 624 -43.23 2.42 -8.77
CA LEU A 624 -42.03 1.58 -8.68
C LEU A 624 -42.31 0.36 -7.82
N VAL A 625 -41.78 -0.78 -8.26
CA VAL A 625 -41.90 -2.06 -7.57
C VAL A 625 -40.51 -2.58 -7.24
N ILE A 626 -40.26 -2.89 -5.98
CA ILE A 626 -38.97 -3.42 -5.52
C ILE A 626 -39.18 -4.85 -5.02
N ASP A 627 -38.54 -5.80 -5.69
CA ASP A 627 -38.81 -7.21 -5.50
C ASP A 627 -37.64 -7.86 -4.77
N SER A 628 -37.94 -8.64 -3.75
CA SER A 628 -36.96 -9.45 -3.04
C SER A 628 -35.83 -8.58 -2.45
N LEU A 629 -36.23 -7.75 -1.48
CA LEU A 629 -35.31 -6.75 -0.95
C LEU A 629 -34.07 -7.41 -0.34
N GLU A 630 -34.26 -8.50 0.41
CA GLU A 630 -33.16 -9.09 1.14
C GLU A 630 -32.13 -9.72 0.21
N THR A 631 -32.56 -10.11 -1.00
CA THR A 631 -31.62 -10.66 -1.97
C THR A 631 -30.80 -9.58 -2.67
N LEU A 632 -31.33 -8.36 -2.76
CA LEU A 632 -30.57 -7.28 -3.38
C LEU A 632 -29.34 -6.91 -2.57
N VAL A 633 -29.38 -7.10 -1.25
CA VAL A 633 -28.29 -6.69 -0.38
C VAL A 633 -27.34 -7.84 -0.07
N ASP A 634 -27.65 -9.05 -0.53
CA ASP A 634 -26.72 -10.19 -0.47
C ASP A 634 -26.54 -10.65 0.98
N TRP A 635 -27.66 -10.81 1.68
CA TRP A 635 -27.65 -11.17 3.08
C TRP A 635 -27.42 -12.67 3.23
N VAL A 636 -26.51 -13.04 4.13
CA VAL A 636 -26.30 -14.44 4.49
C VAL A 636 -26.07 -14.55 5.99
N PRO A 637 -26.88 -15.29 6.75
CA PRO A 637 -26.83 -15.18 8.21
C PRO A 637 -25.67 -15.92 8.85
N ILE A 638 -24.81 -16.58 8.07
CA ILE A 638 -23.69 -17.28 8.67
C ILE A 638 -22.70 -16.29 9.27
N GLY A 639 -22.50 -15.16 8.61
CA GLY A 639 -21.55 -14.18 9.07
C GLY A 639 -22.03 -13.51 10.34
N PRO A 640 -23.06 -12.65 10.22
CA PRO A 640 -23.80 -12.33 9.00
C PRO A 640 -22.99 -11.43 8.09
N ARG A 641 -23.26 -11.45 6.80
CA ARG A 641 -22.59 -10.60 5.83
C ARG A 641 -23.65 -9.88 5.03
N PHE A 642 -23.42 -8.60 4.79
CA PHE A 642 -24.32 -7.81 3.98
C PHE A 642 -23.62 -6.54 3.55
N SER A 643 -24.19 -5.88 2.54
CA SER A 643 -23.60 -4.65 2.02
C SER A 643 -24.28 -3.48 2.72
N ASN A 644 -23.49 -2.68 3.42
CA ASN A 644 -24.08 -1.62 4.21
C ASN A 644 -24.38 -0.42 3.35
N ASN A 645 -23.55 -0.17 2.34
CA ASN A 645 -23.74 1.02 1.49
C ASN A 645 -25.07 0.91 0.76
N ILE A 646 -25.35 -0.27 0.20
CA ILE A 646 -26.61 -0.44 -0.50
C ILE A 646 -27.76 -0.21 0.47
N LEU A 647 -27.59 -0.68 1.70
CA LEU A 647 -28.64 -0.51 2.70
C LEU A 647 -28.88 0.96 2.98
N GLN A 648 -27.81 1.74 3.12
CA GLN A 648 -27.96 3.16 3.40
C GLN A 648 -28.58 3.89 2.22
N MET A 649 -28.15 3.53 1.00
CA MET A 649 -28.73 4.11 -0.20
C MET A 649 -30.24 3.90 -0.21
N LEU A 650 -30.67 2.65 -0.03
CA LEU A 650 -32.10 2.37 -0.08
C LEU A 650 -32.82 3.06 1.07
N LYS A 651 -32.19 3.13 2.24
CA LYS A 651 -32.84 3.75 3.39
C LYS A 651 -33.06 5.24 3.18
N VAL A 652 -32.10 5.91 2.54
CA VAL A 652 -32.29 7.33 2.22
C VAL A 652 -33.34 7.48 1.13
N ALA A 653 -33.32 6.60 0.13
CA ALA A 653 -34.17 6.79 -1.04
C ALA A 653 -35.63 6.64 -0.69
N LEU A 654 -35.95 5.79 0.30
CA LEU A 654 -37.33 5.47 0.63
C LEU A 654 -38.07 6.58 1.34
N LYS A 655 -37.40 7.69 1.70
CA LYS A 655 -38.05 8.81 2.35
C LYS A 655 -38.08 10.07 1.49
N ARG A 656 -37.23 10.14 0.47
CA ARG A 656 -37.16 11.34 -0.36
C ARG A 656 -38.47 11.53 -1.11
N LYS A 657 -38.90 12.79 -1.21
CA LYS A 657 -40.15 13.16 -1.88
C LYS A 657 -39.87 13.75 -3.26
N PRO A 658 -40.71 13.50 -4.25
CA PRO A 658 -40.39 13.93 -5.60
C PRO A 658 -40.56 15.43 -5.74
N PRO A 659 -39.97 16.04 -6.75
CA PRO A 659 -40.01 17.49 -6.89
C PRO A 659 -41.25 17.98 -7.63
N GLN A 660 -41.58 19.24 -7.39
CA GLN A 660 -42.41 20.04 -8.28
C GLN A 660 -43.78 19.38 -8.49
N ASP A 661 -44.48 19.17 -7.37
CA ASP A 661 -45.87 18.73 -7.37
C ASP A 661 -46.08 17.50 -8.24
N ARG A 662 -45.13 16.58 -8.19
CA ARG A 662 -45.30 15.25 -8.75
C ARG A 662 -45.45 14.26 -7.61
N ARG A 663 -45.86 13.04 -7.97
CA ARG A 663 -46.19 12.05 -6.96
C ARG A 663 -45.98 10.66 -7.54
N LEU A 664 -45.64 9.72 -6.66
CA LEU A 664 -45.37 8.36 -7.08
C LEU A 664 -45.84 7.42 -5.98
N LEU A 665 -45.96 6.15 -6.34
CA LEU A 665 -46.33 5.09 -5.42
C LEU A 665 -45.29 3.98 -5.52
N ILE A 666 -44.92 3.44 -4.38
CA ILE A 666 -43.85 2.45 -4.30
C ILE A 666 -44.40 1.24 -3.58
N MET A 667 -44.04 0.06 -4.07
CA MET A 667 -44.41 -1.21 -3.45
C MET A 667 -43.16 -2.05 -3.35
N THR A 668 -43.02 -2.82 -2.26
CA THR A 668 -41.85 -3.66 -2.05
C THR A 668 -42.26 -4.98 -1.42
N THR A 669 -41.49 -6.03 -1.72
CA THR A 669 -41.83 -7.38 -1.26
C THR A 669 -40.63 -8.00 -0.55
N THR A 670 -40.92 -8.75 0.52
CA THR A 670 -39.87 -9.35 1.35
C THR A 670 -40.42 -10.57 2.08
N SER A 671 -39.53 -11.53 2.33
CA SER A 671 -39.86 -12.74 3.07
C SER A 671 -39.12 -12.86 4.40
N ALA A 672 -38.34 -11.84 4.79
CA ALA A 672 -37.44 -11.92 5.94
C ALA A 672 -37.75 -10.84 6.98
N TYR A 673 -39.00 -10.74 7.38
CA TYR A 673 -39.45 -9.63 8.22
C TYR A 673 -38.58 -9.44 9.46
N SER A 674 -38.19 -10.54 10.10
CA SER A 674 -37.38 -10.43 11.31
C SER A 674 -36.02 -9.82 11.04
N VAL A 675 -35.45 -10.10 9.86
CA VAL A 675 -34.15 -9.54 9.52
C VAL A 675 -34.23 -8.03 9.46
N LEU A 676 -35.25 -7.52 8.77
CA LEU A 676 -35.43 -6.08 8.71
C LEU A 676 -35.78 -5.51 10.08
N GLN A 677 -36.54 -6.27 10.87
CA GLN A 677 -36.81 -5.87 12.24
C GLN A 677 -35.51 -5.63 12.99
N GLN A 678 -34.56 -6.54 12.82
CA GLN A 678 -33.27 -6.40 13.49
C GLN A 678 -32.49 -5.22 12.92
N MET A 679 -32.60 -4.99 11.62
CA MET A 679 -31.87 -3.88 11.01
C MET A 679 -32.42 -2.53 11.41
N ASP A 680 -33.63 -2.48 11.97
CA ASP A 680 -34.24 -1.21 12.38
C ASP A 680 -34.38 -0.27 11.17
N ILE A 681 -35.25 -0.71 10.25
CA ILE A 681 -35.63 0.14 9.13
C ILE A 681 -37.14 0.12 8.94
N LEU A 682 -37.89 -0.31 9.97
CA LEU A 682 -39.33 -0.40 9.83
C LEU A 682 -40.01 0.97 9.88
N SER A 683 -39.28 2.04 10.21
CA SER A 683 -39.90 3.36 10.25
C SER A 683 -40.00 4.01 8.87
N CYS A 684 -39.52 3.32 7.82
CA CYS A 684 -39.58 3.88 6.47
C CYS A 684 -40.94 3.68 5.81
N PHE A 685 -41.73 2.71 6.24
CA PHE A 685 -42.92 2.31 5.51
C PHE A 685 -44.17 2.92 6.12
N ASP A 686 -45.12 3.25 5.26
CA ASP A 686 -46.35 3.87 5.70
C ASP A 686 -47.39 2.84 6.05
N ASN A 687 -47.37 1.67 5.39
CA ASN A 687 -48.34 0.63 5.76
C ASN A 687 -47.75 -0.74 5.49
N GLU A 688 -48.31 -1.75 6.16
CA GLU A 688 -47.77 -3.11 6.17
C GLU A 688 -48.87 -4.11 5.90
N ILE A 689 -48.61 -5.06 5.01
CA ILE A 689 -49.53 -6.12 4.62
C ILE A 689 -48.88 -7.48 4.81
N ALA A 690 -49.64 -8.42 5.37
CA ALA A 690 -49.21 -9.80 5.60
C ALA A 690 -49.99 -10.69 4.65
N VAL A 691 -49.30 -11.61 3.98
CA VAL A 691 -49.89 -12.51 3.01
C VAL A 691 -49.79 -13.93 3.56
N PRO A 692 -50.91 -14.63 3.84
CA PRO A 692 -50.80 -15.97 4.40
C PRO A 692 -50.85 -17.04 3.31
N ASN A 696 -56.53 -25.88 3.17
CA ASN A 696 -57.83 -26.52 3.02
C ASN A 696 -57.84 -27.39 1.77
N LEU A 697 -58.71 -28.41 1.78
CA LEU A 697 -58.86 -29.27 0.62
C LEU A 697 -59.69 -28.59 -0.47
N ASP A 698 -60.55 -27.64 -0.10
CA ASP A 698 -61.31 -26.91 -1.10
C ASP A 698 -60.37 -26.11 -2.01
N GLU A 699 -59.32 -25.52 -1.43
CA GLU A 699 -58.35 -24.79 -2.24
C GLU A 699 -57.66 -25.74 -3.21
N LEU A 700 -57.26 -26.92 -2.73
CA LEU A 700 -56.61 -27.88 -3.62
C LEU A 700 -57.56 -28.32 -4.71
N ASN A 701 -58.85 -28.47 -4.38
CA ASN A 701 -59.83 -28.81 -5.39
C ASN A 701 -59.89 -27.73 -6.46
N ASN A 702 -59.94 -26.47 -6.03
CA ASN A 702 -59.97 -25.38 -7.00
C ASN A 702 -58.73 -25.41 -7.87
N VAL A 703 -57.57 -25.63 -7.26
CA VAL A 703 -56.32 -25.63 -8.00
C VAL A 703 -56.31 -26.77 -9.02
N MET A 704 -56.75 -27.95 -8.61
CA MET A 704 -56.81 -29.08 -9.54
C MET A 704 -57.76 -28.78 -10.68
N ILE A 705 -58.93 -28.21 -10.36
CA ILE A 705 -59.90 -27.92 -11.40
C ILE A 705 -59.29 -26.93 -12.38
N GLU A 706 -58.61 -25.91 -11.85
CA GLU A 706 -58.14 -24.79 -12.65
C GLU A 706 -56.88 -25.14 -13.43
N SER A 707 -56.14 -26.18 -13.02
CA SER A 707 -54.93 -26.58 -13.72
C SER A 707 -55.13 -27.79 -14.61
N ASN A 708 -56.36 -28.32 -14.70
CA ASN A 708 -56.69 -29.40 -15.62
C ASN A 708 -55.86 -30.65 -15.29
N PHE A 709 -55.91 -31.05 -14.02
CA PHE A 709 -55.08 -32.18 -13.60
C PHE A 709 -55.57 -33.46 -14.26
N LEU A 710 -56.81 -33.83 -13.97
CA LEU A 710 -57.48 -34.96 -14.61
C LEU A 710 -58.95 -34.89 -14.27
N ASP A 711 -59.73 -35.74 -14.94
CA ASP A 711 -61.18 -35.66 -14.85
C ASP A 711 -61.64 -35.75 -13.41
N ASP A 712 -62.89 -35.32 -13.20
CA ASP A 712 -63.42 -35.16 -11.85
C ASP A 712 -63.38 -36.48 -11.09
N ALA A 713 -63.68 -37.60 -11.76
CA ALA A 713 -63.78 -38.88 -11.06
C ALA A 713 -62.52 -39.21 -10.27
N GLY A 714 -61.34 -38.91 -10.83
CA GLY A 714 -60.11 -39.16 -10.09
C GLY A 714 -59.79 -38.01 -9.17
N ARG A 715 -60.20 -36.80 -9.57
CA ARG A 715 -59.91 -35.62 -8.77
C ARG A 715 -60.59 -35.73 -7.42
N VAL A 716 -61.82 -36.25 -7.41
CA VAL A 716 -62.54 -36.43 -6.15
C VAL A 716 -61.81 -37.47 -5.32
N LYS A 717 -61.25 -38.50 -5.98
CA LYS A 717 -60.65 -39.61 -5.25
C LYS A 717 -59.43 -39.11 -4.49
N VAL A 718 -58.70 -38.17 -5.09
CA VAL A 718 -57.52 -37.63 -4.42
C VAL A 718 -57.96 -36.97 -3.12
N ILE A 719 -59.02 -36.17 -3.19
CA ILE A 719 -59.55 -35.49 -2.02
C ILE A 719 -60.05 -36.51 -1.02
N ASN A 720 -60.71 -37.56 -1.49
CA ASN A 720 -61.18 -38.63 -0.61
C ASN A 720 -60.02 -39.19 0.19
N GLU A 721 -58.95 -39.57 -0.50
CA GLU A 721 -57.84 -40.23 0.17
C GLU A 721 -57.18 -39.26 1.15
N LEU A 722 -57.01 -38.00 0.75
CA LEU A 722 -56.39 -37.03 1.63
C LEU A 722 -57.27 -36.72 2.84
N SER A 723 -58.60 -36.83 2.71
CA SER A 723 -59.49 -36.45 3.80
C SER A 723 -59.19 -37.22 5.07
N ARG A 724 -58.66 -38.44 4.94
CA ARG A 724 -58.25 -39.26 6.07
C ARG A 724 -56.76 -39.57 6.09
N SER A 725 -56.01 -39.17 5.06
CA SER A 725 -54.56 -39.32 5.13
C SER A 725 -53.92 -38.22 5.98
N CYS A 726 -54.17 -36.97 5.63
CA CYS A 726 -53.54 -35.84 6.32
C CYS A 726 -54.37 -34.58 6.12
N PRO A 727 -55.37 -34.31 6.96
CA PRO A 727 -56.29 -33.19 6.70
C PRO A 727 -55.73 -31.83 7.05
N ASN A 728 -54.55 -31.76 7.66
CA ASN A 728 -54.05 -30.51 8.22
C ASN A 728 -52.80 -30.04 7.50
N PHE A 729 -52.81 -30.06 6.19
CA PHE A 729 -51.58 -29.84 5.44
C PHE A 729 -51.28 -28.35 5.31
N ASN A 730 -50.03 -28.05 4.98
CA ASN A 730 -49.56 -26.67 4.92
C ASN A 730 -48.51 -26.62 3.82
N VAL A 731 -48.89 -26.13 2.64
CA VAL A 731 -48.03 -26.12 1.47
C VAL A 731 -48.29 -24.85 0.67
N GLY A 732 -47.23 -24.34 0.06
CA GLY A 732 -47.32 -23.16 -0.77
C GLY A 732 -47.88 -23.48 -2.13
N ILE A 733 -48.07 -22.44 -2.93
CA ILE A 733 -48.67 -22.64 -4.24
C ILE A 733 -47.66 -23.26 -5.20
N LYS A 734 -46.39 -22.85 -5.12
CA LYS A 734 -45.38 -23.32 -6.05
C LYS A 734 -45.19 -24.83 -5.93
N LYS A 735 -45.07 -25.34 -4.70
CA LYS A 735 -44.85 -26.77 -4.53
C LYS A 735 -46.08 -27.56 -4.96
N THR A 736 -47.27 -26.97 -4.79
CA THR A 736 -48.48 -27.63 -5.26
C THR A 736 -48.45 -27.73 -6.78
N LEU A 737 -48.04 -26.65 -7.45
CA LEU A 737 -48.06 -26.62 -8.90
C LEU A 737 -46.89 -27.40 -9.47
N THR A 738 -45.96 -27.84 -8.62
CA THR A 738 -44.89 -28.73 -9.05
C THR A 738 -45.30 -30.18 -8.85
N ASN A 739 -46.06 -30.45 -7.78
CA ASN A 739 -46.56 -31.82 -7.56
C ASN A 739 -47.60 -32.19 -8.61
N ILE A 740 -48.49 -31.26 -8.98
CA ILE A 740 -49.45 -31.54 -10.05
C ILE A 740 -48.72 -32.01 -11.29
N GLU A 741 -47.76 -31.21 -11.76
CA GLU A 741 -47.07 -31.54 -12.99
C GLU A 741 -46.29 -32.83 -12.86
N THR A 742 -45.70 -33.08 -11.69
CA THR A 742 -44.90 -34.29 -11.55
C THR A 742 -45.78 -35.52 -11.35
N ALA A 743 -47.08 -35.32 -11.16
CA ALA A 743 -48.02 -36.42 -11.05
C ALA A 743 -48.76 -36.64 -12.37
N ARG A 744 -48.74 -35.65 -13.27
CA ARG A 744 -49.38 -35.83 -14.56
C ARG A 744 -48.56 -36.75 -15.46
N HIS A 745 -47.24 -36.76 -15.27
CA HIS A 745 -46.33 -37.53 -16.11
C HIS A 745 -45.96 -38.87 -15.48
N ASP A 746 -46.78 -39.36 -14.55
CA ASP A 746 -46.55 -40.60 -13.84
C ASP A 746 -47.54 -41.64 -14.36
N GLU A 747 -47.38 -42.88 -13.91
CA GLU A 747 -48.25 -43.95 -14.38
C GLU A 747 -49.49 -44.08 -13.51
N ASP A 748 -49.40 -43.67 -12.25
CA ASP A 748 -50.53 -43.67 -11.33
C ASP A 748 -50.61 -42.27 -10.73
N PRO A 749 -51.20 -41.31 -11.44
CA PRO A 749 -51.20 -39.92 -10.94
C PRO A 749 -51.82 -39.78 -9.56
N VAL A 750 -52.85 -40.57 -9.24
CA VAL A 750 -53.54 -40.39 -7.98
C VAL A 750 -52.64 -40.76 -6.81
N ASN A 751 -52.02 -41.95 -6.87
CA ASN A 751 -51.18 -42.39 -5.76
C ASN A 751 -49.94 -41.49 -5.64
N GLU A 752 -49.34 -41.14 -6.78
CA GLU A 752 -48.15 -40.31 -6.77
C GLU A 752 -48.45 -38.95 -6.15
N LEU A 753 -49.54 -38.31 -6.59
CA LEU A 753 -49.91 -37.02 -6.03
C LEU A 753 -50.22 -37.14 -4.55
N VAL A 754 -50.96 -38.19 -4.16
CA VAL A 754 -51.32 -38.34 -2.75
C VAL A 754 -50.06 -38.48 -1.91
N GLU A 755 -49.12 -39.30 -2.37
CA GLU A 755 -47.89 -39.52 -1.62
C GLU A 755 -47.10 -38.23 -1.50
N LEU A 756 -46.94 -37.52 -2.63
CA LEU A 756 -46.17 -36.28 -2.61
C LEU A 756 -46.82 -35.27 -1.68
N MET A 757 -48.14 -35.11 -1.78
CA MET A 757 -48.83 -34.08 -1.01
C MET A 757 -48.81 -34.44 0.46
N THR A 758 -48.92 -35.73 0.80
CA THR A 758 -48.80 -36.15 2.19
C THR A 758 -47.40 -35.89 2.72
N GLN A 759 -46.38 -36.16 1.88
CA GLN A 759 -45.00 -35.89 2.27
C GLN A 759 -44.77 -34.42 2.54
N SER A 760 -45.25 -33.56 1.64
CA SER A 760 -45.08 -32.12 1.82
C SER A 760 -45.81 -31.63 3.06
N ALA A 761 -47.03 -32.13 3.27
CA ALA A 761 -47.90 -31.73 4.36
C ALA A 761 -47.23 -31.93 5.72
N LEU B 242 -10.22 57.36 -6.83
CA LEU B 242 -11.59 57.46 -6.36
C LEU B 242 -12.52 56.66 -7.27
N GLY B 243 -13.63 56.20 -6.71
CA GLY B 243 -14.50 55.27 -7.40
C GLY B 243 -14.63 53.97 -6.63
N VAL B 244 -14.19 53.97 -5.39
CA VAL B 244 -14.28 52.80 -4.51
C VAL B 244 -14.69 53.29 -3.12
N GLY B 245 -15.61 52.56 -2.50
CA GLY B 245 -16.17 52.98 -1.24
C GLY B 245 -16.17 51.83 -0.26
N GLY B 246 -16.16 52.19 1.02
CA GLY B 246 -16.18 51.22 2.09
C GLY B 246 -14.84 50.65 2.50
N LEU B 247 -13.73 51.11 1.91
CA LEU B 247 -12.43 50.49 2.11
C LEU B 247 -11.36 51.53 2.42
N ASP B 248 -11.71 52.57 3.16
CA ASP B 248 -10.78 53.67 3.40
C ASP B 248 -9.58 53.22 4.23
N LYS B 249 -9.83 52.49 5.32
CA LYS B 249 -8.75 52.12 6.24
C LYS B 249 -7.72 51.22 5.57
N GLU B 250 -8.21 50.17 4.92
CA GLU B 250 -7.31 49.27 4.21
C GLU B 250 -6.53 50.02 3.15
N PHE B 251 -7.20 50.94 2.46
CA PHE B 251 -6.54 51.77 1.47
C PHE B 251 -5.38 52.53 2.09
N THR B 252 -5.66 53.23 3.19
CA THR B 252 -4.61 53.94 3.91
C THR B 252 -3.44 53.03 4.25
N LYS B 253 -3.71 51.87 4.84
CA LYS B 253 -2.64 50.98 5.26
C LYS B 253 -1.79 50.54 4.07
N ILE B 254 -2.47 50.16 2.98
CA ILE B 254 -1.76 49.77 1.77
C ILE B 254 -0.86 50.90 1.30
N PHE B 255 -1.43 52.10 1.16
CA PHE B 255 -0.65 53.18 0.57
C PHE B 255 0.53 53.51 1.45
N ARG B 256 0.32 53.49 2.77
CA ARG B 256 1.39 53.78 3.72
C ARG B 256 2.56 52.85 3.50
N ARG B 257 2.29 51.56 3.31
CA ARG B 257 3.40 50.60 3.32
C ARG B 257 3.97 50.31 1.94
N ALA B 258 3.11 50.09 0.94
CA ALA B 258 3.57 49.59 -0.35
C ALA B 258 3.95 50.71 -1.32
N PHE B 259 3.39 51.90 -1.17
CA PHE B 259 3.47 52.94 -2.18
C PHE B 259 4.09 54.26 -1.71
N ALA B 260 4.15 54.50 -0.40
CA ALA B 260 4.65 55.78 0.09
C ALA B 260 6.08 56.02 -0.40
N SER B 261 6.95 55.03 -0.24
CA SER B 261 8.36 55.18 -0.57
C SER B 261 8.61 55.51 -2.03
N ARG B 262 7.67 55.16 -2.93
CA ARG B 262 7.89 55.41 -4.35
C ARG B 262 7.66 56.86 -4.74
N ILE B 263 6.98 57.64 -3.90
CA ILE B 263 6.74 59.04 -4.20
C ILE B 263 8.03 59.82 -4.08
N PHE B 264 8.76 59.61 -2.99
CA PHE B 264 9.90 60.43 -2.66
C PHE B 264 10.99 60.28 -3.72
N PRO B 265 11.83 61.30 -3.91
CA PRO B 265 12.97 61.16 -4.82
C PRO B 265 13.92 60.08 -4.33
N PRO B 266 14.56 59.34 -5.24
CA PRO B 266 15.47 58.27 -4.79
C PRO B 266 16.58 58.78 -3.90
N SER B 267 16.98 60.05 -4.05
CA SER B 267 18.03 60.63 -3.22
C SER B 267 17.75 60.42 -1.74
N VAL B 268 16.55 60.84 -1.29
CA VAL B 268 16.21 60.75 0.12
C VAL B 268 16.22 59.29 0.56
N ILE B 269 15.68 58.39 -0.28
CA ILE B 269 15.67 56.97 0.04
C ILE B 269 17.08 56.46 0.26
N GLU B 270 18.00 56.84 -0.64
CA GLU B 270 19.42 56.51 -0.42
C GLU B 270 19.91 57.09 0.89
N LYS B 271 19.45 58.29 1.24
CA LYS B 271 20.02 59.02 2.37
C LYS B 271 19.58 58.39 3.69
N LEU B 272 18.40 57.78 3.71
CA LEU B 272 17.98 57.01 4.87
C LEU B 272 18.72 55.68 4.95
N GLY B 273 18.83 54.97 3.83
CA GLY B 273 19.37 53.64 3.79
C GLY B 273 18.31 52.55 3.89
N ILE B 274 17.21 52.70 3.16
CA ILE B 274 16.11 51.74 3.17
C ILE B 274 15.91 51.21 1.75
N SER B 275 15.10 50.15 1.65
CA SER B 275 14.83 49.49 0.38
C SER B 275 13.33 49.25 0.21
N HIS B 276 12.85 49.41 -1.02
CA HIS B 276 11.42 49.32 -1.30
C HIS B 276 10.89 47.90 -1.09
N VAL B 277 9.68 47.79 -0.54
CA VAL B 277 9.02 46.50 -0.43
C VAL B 277 8.56 46.03 -1.81
N LYS B 278 8.69 44.73 -2.08
CA LYS B 278 8.48 44.19 -3.41
C LYS B 278 7.30 43.24 -3.55
N GLY B 279 6.75 42.69 -2.45
CA GLY B 279 5.64 41.77 -2.60
C GLY B 279 4.49 41.98 -1.64
N LEU B 280 3.28 41.96 -2.22
CA LEU B 280 2.03 42.12 -1.51
C LEU B 280 1.06 41.01 -1.89
N LEU B 281 0.42 40.41 -0.89
CA LEU B 281 -0.53 39.32 -1.03
C LEU B 281 -1.90 39.81 -0.59
N LEU B 282 -2.89 39.63 -1.45
CA LEU B 282 -4.27 40.01 -1.16
C LEU B 282 -5.16 38.78 -1.08
N TYR B 283 -5.97 38.72 -0.02
CA TYR B 283 -6.86 37.60 0.20
C TYR B 283 -8.19 38.10 0.74
N GLY B 284 -9.25 37.46 0.25
CA GLY B 284 -10.60 37.81 0.62
C GLY B 284 -11.56 37.20 -0.39
N PRO B 285 -12.85 37.23 -0.09
CA PRO B 285 -13.81 36.53 -0.93
C PRO B 285 -13.81 37.05 -2.35
N PRO B 286 -14.26 36.26 -3.31
CA PRO B 286 -14.17 36.65 -4.72
C PRO B 286 -15.23 37.67 -5.13
N GLY B 287 -14.92 38.39 -6.21
CA GLY B 287 -15.85 39.38 -6.71
C GLY B 287 -16.00 40.59 -5.82
N THR B 288 -14.98 40.93 -5.04
CA THR B 288 -15.11 41.94 -4.01
C THR B 288 -14.37 43.24 -4.31
N GLY B 289 -13.48 43.27 -5.30
CA GLY B 289 -12.91 44.52 -5.73
C GLY B 289 -11.41 44.61 -5.51
N LYS B 290 -10.71 43.50 -5.67
CA LYS B 290 -9.26 43.50 -5.47
C LYS B 290 -8.54 44.05 -6.70
N THR B 291 -8.79 43.45 -7.86
CA THR B 291 -8.21 43.93 -9.10
C THR B 291 -8.53 45.40 -9.31
N LEU B 292 -9.73 45.82 -8.90
CA LEU B 292 -10.12 47.22 -9.03
C LEU B 292 -9.20 48.12 -8.22
N ILE B 293 -8.94 47.73 -6.97
CA ILE B 293 -8.00 48.47 -6.13
C ILE B 293 -6.64 48.56 -6.82
N ALA B 294 -6.11 47.41 -7.23
CA ALA B 294 -4.79 47.40 -7.87
C ALA B 294 -4.74 48.36 -9.05
N ARG B 295 -5.74 48.30 -9.92
CA ARG B 295 -5.75 49.15 -11.09
C ARG B 295 -5.78 50.62 -10.70
N LYS B 296 -6.69 51.00 -9.79
CA LYS B 296 -6.80 52.42 -9.48
C LYS B 296 -5.52 52.93 -8.84
N ILE B 297 -4.92 52.15 -7.92
CA ILE B 297 -3.66 52.59 -7.34
C ILE B 297 -2.63 52.76 -8.45
N GLY B 298 -2.63 51.83 -9.43
CA GLY B 298 -1.67 51.93 -10.49
C GLY B 298 -1.86 53.21 -11.26
N THR B 299 -3.12 53.64 -11.40
CA THR B 299 -3.42 54.87 -12.11
C THR B 299 -2.93 56.07 -11.32
N MET B 300 -3.03 55.99 -9.99
CA MET B 300 -2.54 57.05 -9.12
C MET B 300 -1.03 57.23 -9.28
N LEU B 301 -0.28 56.15 -9.17
CA LEU B 301 1.16 56.20 -9.44
C LEU B 301 1.48 56.30 -10.92
N ASN B 302 0.48 56.08 -11.79
CA ASN B 302 0.63 56.28 -13.22
C ASN B 302 1.73 55.37 -13.78
N ALA B 303 1.83 54.17 -13.21
CA ALA B 303 2.71 53.15 -13.73
C ALA B 303 2.19 52.66 -15.07
N LYS B 304 2.92 51.73 -15.68
CA LYS B 304 2.42 51.11 -16.89
C LYS B 304 1.19 50.27 -16.54
N GLU B 305 0.33 50.07 -17.52
CA GLU B 305 -0.82 49.20 -17.36
C GLU B 305 -0.37 47.83 -16.84
N PRO B 306 -0.86 47.38 -15.69
CA PRO B 306 -0.34 46.12 -15.13
C PRO B 306 -0.57 44.92 -16.02
N LYS B 307 0.51 44.19 -16.30
CA LYS B 307 0.39 42.86 -16.86
C LYS B 307 -0.29 41.96 -15.85
N ILE B 308 -1.05 40.99 -16.35
CA ILE B 308 -1.85 40.11 -15.51
C ILE B 308 -1.65 38.68 -15.98
N VAL B 309 -1.40 37.78 -15.03
CA VAL B 309 -1.16 36.37 -15.35
C VAL B 309 -1.90 35.50 -14.35
N ASN B 310 -2.42 34.38 -14.84
CA ASN B 310 -3.26 33.47 -14.06
C ASN B 310 -2.52 32.16 -13.87
N GLY B 311 -2.55 31.64 -12.64
CA GLY B 311 -1.86 30.43 -12.29
C GLY B 311 -2.20 29.24 -13.16
N PRO B 312 -3.44 28.76 -13.08
CA PRO B 312 -3.85 27.61 -13.91
C PRO B 312 -3.55 27.73 -15.39
N GLY B 320 7.63 22.81 -21.16
CA GLY B 320 8.66 23.68 -21.72
C GLY B 320 8.21 25.12 -21.93
N SER B 321 7.04 25.30 -22.54
CA SER B 321 6.50 26.66 -22.71
C SER B 321 6.33 27.36 -21.37
N SER B 322 5.80 26.66 -20.38
CA SER B 322 5.65 27.22 -19.03
C SER B 322 6.98 27.69 -18.48
N GLU B 323 8.01 26.85 -18.60
CA GLU B 323 9.32 27.23 -18.08
C GLU B 323 9.89 28.42 -18.83
N GLU B 324 9.64 28.52 -20.14
CA GLU B 324 10.16 29.65 -20.90
C GLU B 324 9.39 30.94 -20.63
N ASN B 325 8.06 30.87 -20.49
CA ASN B 325 7.24 32.08 -20.60
C ASN B 325 7.56 33.07 -19.49
N ILE B 326 7.99 32.59 -18.32
CA ILE B 326 8.19 33.52 -17.22
C ILE B 326 9.31 34.47 -17.57
N ARG B 327 10.37 33.98 -18.20
CA ARG B 327 11.42 34.86 -18.65
C ARG B 327 10.89 35.89 -19.64
N ASN B 328 9.85 35.52 -20.39
CA ASN B 328 9.26 36.47 -21.33
C ASN B 328 8.60 37.60 -20.56
N LEU B 329 7.94 37.25 -19.45
CA LEU B 329 7.10 38.22 -18.75
C LEU B 329 7.94 39.38 -18.23
N PHE B 330 9.13 39.10 -17.71
CA PHE B 330 10.00 40.11 -17.10
C PHE B 330 10.83 40.90 -18.09
N LYS B 331 10.74 40.61 -19.39
CA LYS B 331 11.63 41.21 -20.38
C LYS B 331 11.63 42.74 -20.27
N ASP B 332 10.44 43.35 -20.37
CA ASP B 332 10.34 44.81 -20.39
C ASP B 332 10.98 45.45 -19.17
N ALA B 333 10.79 44.86 -17.98
CA ALA B 333 11.39 45.49 -16.80
C ALA B 333 12.90 45.40 -16.84
N GLU B 334 13.46 44.28 -17.32
CA GLU B 334 14.90 44.19 -17.48
C GLU B 334 15.41 45.24 -18.45
N ALA B 335 14.72 45.37 -19.59
CA ALA B 335 15.09 46.36 -20.59
C ALA B 335 15.11 47.73 -19.94
N GLU B 336 13.98 48.14 -19.38
CA GLU B 336 13.85 49.51 -18.90
C GLU B 336 14.85 49.77 -17.78
N TYR B 337 15.11 48.77 -16.93
CA TYR B 337 16.07 48.97 -15.88
C TYR B 337 17.49 49.14 -16.42
N ARG B 338 17.84 48.41 -17.47
CA ARG B 338 19.13 48.65 -18.11
C ARG B 338 19.18 50.03 -18.73
N ALA B 339 18.05 50.45 -19.31
CA ALA B 339 17.97 51.73 -20.01
C ALA B 339 18.15 52.91 -19.07
N LYS B 340 17.49 52.88 -17.91
CA LYS B 340 17.38 54.07 -17.07
C LYS B 340 17.78 53.91 -15.60
N GLY B 341 18.22 52.73 -15.16
CA GLY B 341 18.77 52.60 -13.83
C GLY B 341 17.73 52.94 -12.79
N GLU B 342 18.18 53.52 -11.68
CA GLU B 342 17.29 53.74 -10.55
C GLU B 342 16.16 54.71 -10.87
N GLU B 343 16.27 55.51 -11.94
CA GLU B 343 15.19 56.39 -12.35
C GLU B 343 14.08 55.72 -13.16
N SER B 344 14.19 54.43 -13.47
CA SER B 344 13.20 53.78 -14.34
C SER B 344 11.81 53.83 -13.72
N SER B 345 10.80 53.80 -14.57
CA SER B 345 9.42 53.70 -14.11
C SER B 345 9.14 52.34 -13.46
N LEU B 346 8.10 52.33 -12.61
CA LEU B 346 7.68 51.11 -11.94
C LEU B 346 6.96 50.18 -12.92
N HIS B 347 7.18 48.88 -12.73
CA HIS B 347 6.49 47.82 -13.46
C HIS B 347 5.66 47.02 -12.46
N ILE B 348 4.36 46.89 -12.71
CA ILE B 348 3.43 46.24 -11.79
C ILE B 348 2.90 44.98 -12.47
N ILE B 349 3.04 43.84 -11.77
CA ILE B 349 2.62 42.53 -12.27
C ILE B 349 1.57 41.97 -11.32
N ILE B 350 0.46 41.48 -11.89
CA ILE B 350 -0.67 40.94 -11.14
C ILE B 350 -0.74 39.43 -11.35
N PHE B 351 -0.76 38.66 -10.25
CA PHE B 351 -0.78 37.21 -10.28
C PHE B 351 -2.08 36.74 -9.64
N ASP B 352 -2.85 35.96 -10.38
CA ASP B 352 -4.21 35.60 -10.02
C ASP B 352 -4.31 34.13 -9.65
N GLU B 353 -5.12 33.82 -8.65
CA GLU B 353 -5.36 32.44 -8.20
C GLU B 353 -4.08 31.74 -7.77
N LEU B 354 -3.33 32.39 -6.89
CA LEU B 354 -1.99 31.93 -6.54
C LEU B 354 -2.02 30.57 -5.87
N ASP B 355 -3.00 30.33 -5.00
CA ASP B 355 -3.05 29.09 -4.22
C ASP B 355 -2.98 27.86 -5.11
N SER B 356 -3.48 27.96 -6.34
CA SER B 356 -3.54 26.81 -7.24
C SER B 356 -2.18 26.13 -7.37
N VAL B 357 -1.10 26.92 -7.35
CA VAL B 357 0.22 26.34 -7.58
C VAL B 357 0.64 25.42 -6.45
N PHE B 358 0.11 25.63 -5.26
CA PHE B 358 0.42 24.80 -4.10
C PHE B 358 -0.56 23.65 -3.90
N LYS B 359 -1.73 23.70 -4.56
CA LYS B 359 -2.80 22.71 -4.40
C LYS B 359 -2.47 21.42 -5.17
N GLN B 360 -1.38 20.78 -4.75
CA GLN B 360 -0.93 19.55 -5.37
C GLN B 360 -0.01 18.85 -4.40
N ARG B 361 0.09 17.53 -4.53
CA ARG B 361 1.03 16.80 -3.69
C ARG B 361 2.43 17.29 -3.99
N GLY B 362 3.25 17.40 -2.95
CA GLY B 362 4.63 17.86 -3.15
C GLY B 362 5.39 17.01 -4.15
N SER B 363 5.17 15.70 -4.11
CA SER B 363 5.82 14.79 -5.06
C SER B 363 5.53 15.18 -6.49
N ARG B 364 4.25 15.37 -6.83
CA ARG B 364 3.89 15.77 -8.19
C ARG B 364 4.47 17.14 -8.54
N GLY B 365 4.35 18.11 -7.63
CA GLY B 365 4.87 19.44 -7.89
C GLY B 365 6.35 19.47 -8.21
N ASP B 366 7.14 18.66 -7.49
CA ASP B 366 8.58 18.64 -7.74
C ASP B 366 8.93 17.79 -8.95
N GLY B 367 8.39 16.57 -9.03
CA GLY B 367 8.67 15.69 -10.16
C GLY B 367 8.29 16.29 -11.51
N THR B 368 7.07 16.82 -11.62
CA THR B 368 6.72 17.57 -12.82
C THR B 368 7.51 18.86 -12.89
N GLY B 369 7.65 19.54 -11.77
CA GLY B 369 8.35 20.79 -11.71
C GLY B 369 7.60 22.00 -12.20
N VAL B 370 6.36 21.85 -12.67
CA VAL B 370 5.65 23.04 -13.15
C VAL B 370 5.50 24.07 -12.03
N GLY B 371 5.01 23.62 -10.88
CA GLY B 371 4.83 24.49 -9.73
C GLY B 371 6.15 24.94 -9.12
N ASP B 372 7.04 23.99 -8.84
CA ASP B 372 8.28 24.35 -8.17
C ASP B 372 9.07 25.30 -9.04
N ASN B 373 9.13 25.03 -10.34
CA ASN B 373 9.90 25.85 -11.26
C ASN B 373 9.37 27.27 -11.32
N VAL B 374 8.04 27.42 -11.41
CA VAL B 374 7.49 28.77 -11.47
C VAL B 374 7.81 29.51 -10.17
N VAL B 375 7.62 28.85 -9.04
CA VAL B 375 7.88 29.50 -7.76
C VAL B 375 9.36 29.84 -7.66
N ASN B 376 10.22 28.91 -8.08
CA ASN B 376 11.66 29.13 -8.04
C ASN B 376 12.04 30.36 -8.86
N GLN B 377 11.58 30.44 -10.11
CA GLN B 377 12.02 31.54 -10.95
C GLN B 377 11.44 32.85 -10.46
N LEU B 378 10.24 32.82 -9.90
CA LEU B 378 9.68 34.05 -9.34
C LEU B 378 10.51 34.51 -8.15
N LEU B 379 10.86 33.59 -7.25
CA LEU B 379 11.68 33.96 -6.12
C LEU B 379 13.04 34.45 -6.59
N ALA B 380 13.62 33.80 -7.61
CA ALA B 380 14.89 34.28 -8.12
C ALA B 380 14.76 35.71 -8.62
N LYS B 381 13.65 36.01 -9.28
CA LYS B 381 13.43 37.33 -9.85
C LYS B 381 13.16 38.41 -8.81
N MET B 382 12.71 38.05 -7.61
CA MET B 382 12.34 39.05 -6.61
C MET B 382 13.23 39.08 -5.38
N ASP B 383 13.93 37.98 -5.08
CA ASP B 383 14.71 37.82 -3.87
C ASP B 383 16.19 37.56 -4.12
N GLY B 384 16.59 37.11 -5.30
CA GLY B 384 17.94 36.63 -5.55
C GLY B 384 18.94 37.69 -5.93
N VAL B 385 19.99 37.23 -6.64
CA VAL B 385 21.02 38.12 -7.15
C VAL B 385 20.58 38.78 -8.45
N ASP B 386 19.71 38.12 -9.22
CA ASP B 386 19.18 38.68 -10.46
C ASP B 386 18.02 39.61 -10.18
N GLN B 387 18.08 40.32 -9.05
CA GLN B 387 16.92 41.01 -8.52
C GLN B 387 16.67 42.23 -9.37
N LEU B 388 15.41 42.51 -9.63
CA LEU B 388 15.02 43.75 -10.29
C LEU B 388 14.32 44.61 -9.25
N ASN B 389 14.73 45.88 -9.18
CA ASN B 389 14.11 46.80 -8.25
C ASN B 389 12.98 47.56 -8.90
N ASN B 390 12.75 47.34 -10.20
CA ASN B 390 11.67 48.04 -10.87
C ASN B 390 10.35 47.34 -10.63
N ILE B 391 10.35 46.05 -10.24
CA ILE B 391 9.13 45.27 -10.34
C ILE B 391 8.41 45.32 -9.01
N LEU B 392 7.09 45.15 -9.06
CA LEU B 392 6.29 44.79 -7.90
C LEU B 392 5.33 43.72 -8.36
N VAL B 393 5.26 42.63 -7.61
CA VAL B 393 4.37 41.50 -7.90
C VAL B 393 3.28 41.47 -6.84
N ILE B 394 2.03 41.47 -7.30
CA ILE B 394 0.87 41.35 -6.44
C ILE B 394 0.36 39.93 -6.61
N GLY B 395 0.16 39.23 -5.49
CA GLY B 395 -0.47 37.92 -5.50
C GLY B 395 -1.89 38.04 -4.98
N MET B 396 -2.80 37.26 -5.56
CA MET B 396 -4.20 37.31 -5.19
C MET B 396 -4.70 35.88 -5.00
N THR B 397 -5.32 35.61 -3.85
CA THR B 397 -5.70 34.25 -3.51
C THR B 397 -6.89 34.28 -2.57
N ASN B 398 -7.75 33.27 -2.70
CA ASN B 398 -8.89 33.14 -1.80
C ASN B 398 -8.58 32.36 -0.53
N ARG B 399 -7.49 31.60 -0.49
CA ARG B 399 -7.23 30.64 0.60
C ARG B 399 -5.78 30.80 1.03
N LYS B 400 -5.59 31.54 2.11
CA LYS B 400 -4.25 31.82 2.64
C LYS B 400 -3.61 30.56 3.21
N ASP B 401 -4.39 29.71 3.88
CA ASP B 401 -3.85 28.59 4.66
C ASP B 401 -2.98 27.66 3.83
N LEU B 402 -3.20 27.57 2.52
CA LEU B 402 -2.45 26.62 1.70
C LEU B 402 -1.06 27.12 1.33
N ILE B 403 -0.84 28.42 1.33
CA ILE B 403 0.45 28.99 1.01
C ILE B 403 1.41 28.75 2.17
N ASP B 404 2.55 28.13 1.88
CA ASP B 404 3.50 27.76 2.93
C ASP B 404 4.22 28.99 3.47
N SER B 405 4.66 28.88 4.72
CA SER B 405 5.26 30.01 5.44
C SER B 405 6.49 30.60 4.75
N ALA B 406 7.18 29.82 3.90
CA ALA B 406 8.42 30.28 3.29
C ALA B 406 8.22 31.60 2.56
N LEU B 407 7.17 31.70 1.77
CA LEU B 407 7.01 32.88 0.93
C LEU B 407 6.66 34.12 1.75
N LEU B 408 6.26 33.96 3.01
CA LEU B 408 5.78 35.08 3.81
C LEU B 408 6.91 35.79 4.54
N ARG B 409 8.12 35.20 4.57
CA ARG B 409 9.23 35.79 5.31
C ARG B 409 9.63 37.13 4.69
N PRO B 410 10.27 38.01 5.49
CA PRO B 410 10.61 39.34 4.97
C PRO B 410 11.42 39.29 3.69
N GLY B 411 11.17 40.28 2.82
CA GLY B 411 11.77 40.35 1.51
C GLY B 411 10.96 39.70 0.41
N ARG B 412 10.03 38.83 0.78
CA ARG B 412 9.11 38.19 -0.17
C ARG B 412 7.76 38.89 -0.10
N PHE B 413 6.66 38.16 -0.11
CA PHE B 413 5.35 38.76 0.03
C PHE B 413 5.18 39.10 1.50
N GLU B 414 5.67 40.29 1.84
CA GLU B 414 5.84 40.66 3.25
C GLU B 414 4.54 41.12 3.92
N VAL B 415 3.59 41.62 3.15
CA VAL B 415 2.40 42.28 3.70
C VAL B 415 1.15 41.55 3.23
N GLN B 416 0.23 41.30 4.16
CA GLN B 416 -0.95 40.46 3.94
C GLN B 416 -2.17 41.26 4.39
N VAL B 417 -3.23 41.28 3.57
CA VAL B 417 -4.40 42.09 3.84
C VAL B 417 -5.68 41.30 3.59
N GLU B 418 -6.70 41.62 4.38
CA GLU B 418 -7.97 40.90 4.39
C GLU B 418 -9.08 41.83 3.90
N ILE B 419 -9.98 41.29 3.07
CA ILE B 419 -11.09 42.05 2.49
C ILE B 419 -12.41 41.46 2.98
N HIS B 420 -13.35 42.33 3.36
CA HIS B 420 -14.59 41.95 4.00
C HIS B 420 -15.78 42.33 3.13
N LEU B 421 -16.93 41.74 3.43
CA LEU B 421 -18.18 42.16 2.83
C LEU B 421 -18.68 43.49 3.40
N PRO B 422 -19.32 44.32 2.58
CA PRO B 422 -19.58 45.71 3.00
C PRO B 422 -20.78 45.77 3.93
N ASP B 423 -20.85 46.87 4.67
CA ASP B 423 -21.99 47.17 5.54
C ASP B 423 -22.92 48.19 4.88
N GLU B 424 -23.91 48.65 5.65
CA GLU B 424 -25.01 49.46 5.11
C GLU B 424 -24.49 50.69 4.37
N LYS B 425 -23.59 51.44 5.01
CA LYS B 425 -23.06 52.65 4.40
C LYS B 425 -22.34 52.34 3.10
N GLY B 426 -21.56 51.26 3.09
CA GLY B 426 -20.87 50.89 1.87
C GLY B 426 -21.83 50.64 0.73
N ARG B 427 -22.92 49.91 1.01
CA ARG B 427 -23.90 49.61 -0.02
C ARG B 427 -24.58 50.88 -0.49
N LEU B 428 -24.88 51.79 0.44
CA LEU B 428 -25.47 53.06 0.06
C LEU B 428 -24.54 53.81 -0.90
N GLN B 429 -23.23 53.76 -0.64
CA GLN B 429 -22.30 54.43 -1.52
C GLN B 429 -22.27 53.73 -2.86
N ILE B 430 -22.27 52.40 -2.84
CA ILE B 430 -22.16 51.65 -4.09
C ILE B 430 -23.40 51.94 -4.93
N PHE B 431 -24.56 52.04 -4.28
CA PHE B 431 -25.79 52.37 -5.00
C PHE B 431 -25.65 53.72 -5.68
N ASP B 432 -25.08 54.70 -4.97
CA ASP B 432 -24.86 56.01 -5.56
C ASP B 432 -23.95 55.92 -6.77
N ILE B 433 -22.85 55.19 -6.63
CA ILE B 433 -21.87 55.07 -7.70
C ILE B 433 -22.47 54.39 -8.92
N GLN B 434 -23.34 53.41 -8.67
CA GLN B 434 -23.91 52.65 -9.77
C GLN B 434 -25.01 53.39 -10.51
N THR B 435 -25.78 54.23 -9.81
CA THR B 435 -26.88 54.94 -10.43
C THR B 435 -26.55 56.38 -10.79
N LYS B 436 -25.28 56.77 -10.68
CA LYS B 436 -24.88 58.12 -11.08
C LYS B 436 -25.33 58.44 -12.51
N LYS B 437 -24.97 57.57 -13.48
CA LYS B 437 -25.19 57.90 -14.88
C LYS B 437 -26.66 57.84 -15.25
N MET B 438 -27.47 57.11 -14.49
CA MET B 438 -28.90 57.18 -14.65
C MET B 438 -29.41 58.52 -14.14
N ARG B 439 -29.03 58.87 -12.91
CA ARG B 439 -29.56 60.07 -12.29
C ARG B 439 -29.23 61.31 -13.12
N GLU B 440 -28.05 61.33 -13.73
CA GLU B 440 -27.59 62.55 -14.38
C GLU B 440 -28.16 62.75 -15.77
N ASN B 441 -28.93 61.80 -16.30
CA ASN B 441 -29.57 61.94 -17.60
C ASN B 441 -31.09 61.93 -17.51
N ASN B 442 -31.65 62.11 -16.31
CA ASN B 442 -33.09 62.11 -16.12
C ASN B 442 -33.72 60.84 -16.70
N MET B 443 -33.20 59.71 -16.27
CA MET B 443 -33.77 58.41 -16.62
C MET B 443 -34.16 57.60 -15.39
N MET B 444 -34.11 58.20 -14.19
CA MET B 444 -34.51 57.53 -12.96
C MET B 444 -35.64 58.30 -12.30
N SER B 445 -36.69 57.59 -11.92
CA SER B 445 -37.86 58.22 -11.35
C SER B 445 -37.53 58.81 -9.99
N ASP B 446 -38.48 59.57 -9.44
CA ASP B 446 -38.30 60.23 -8.15
C ASP B 446 -38.82 59.39 -7.00
N ASP B 447 -39.42 58.22 -7.30
CA ASP B 447 -39.97 57.38 -6.26
C ASP B 447 -38.91 56.53 -5.58
N VAL B 448 -37.79 56.27 -6.25
CA VAL B 448 -36.80 55.33 -5.75
C VAL B 448 -36.03 56.01 -4.62
N ASN B 449 -36.08 55.41 -3.44
CA ASN B 449 -35.40 55.93 -2.25
C ASN B 449 -34.26 55.00 -1.88
N LEU B 450 -33.03 55.52 -1.96
CA LEU B 450 -31.87 54.66 -1.86
C LEU B 450 -31.60 54.17 -0.44
N LYS B 458 -29.42 43.42 2.33
CA LYS B 458 -28.88 43.39 3.68
C LYS B 458 -27.48 42.78 3.76
N ASN B 459 -27.13 41.88 2.84
CA ASN B 459 -25.81 41.26 2.90
C ASN B 459 -25.21 41.13 1.51
N PHE B 460 -25.57 42.05 0.63
CA PHE B 460 -25.11 41.99 -0.74
C PHE B 460 -23.71 42.59 -0.85
N SER B 461 -22.98 42.14 -1.86
CA SER B 461 -21.76 42.79 -2.31
C SER B 461 -22.07 43.62 -3.57
N GLY B 462 -21.02 44.20 -4.15
CA GLY B 462 -21.20 45.13 -5.25
C GLY B 462 -21.76 44.50 -6.53
N ALA B 463 -21.26 43.31 -6.90
CA ALA B 463 -21.72 42.69 -8.14
C ALA B 463 -23.23 42.46 -8.14
N GLU B 464 -23.78 42.07 -6.97
CA GLU B 464 -25.21 41.89 -6.88
C GLU B 464 -25.94 43.20 -7.16
N ILE B 465 -25.39 44.32 -6.68
CA ILE B 465 -26.03 45.61 -6.90
C ILE B 465 -26.01 45.96 -8.37
N GLU B 466 -24.89 45.66 -9.05
CA GLU B 466 -24.83 45.85 -10.49
C GLU B 466 -25.93 45.06 -11.18
N GLY B 467 -26.06 43.77 -10.82
CA GLY B 467 -27.07 42.95 -11.45
C GLY B 467 -28.48 43.42 -11.16
N LEU B 468 -28.73 43.90 -9.95
CA LEU B 468 -30.07 44.39 -9.60
C LEU B 468 -30.43 45.60 -10.44
N VAL B 469 -29.49 46.55 -10.57
CA VAL B 469 -29.77 47.74 -11.38
C VAL B 469 -30.01 47.33 -12.83
N LYS B 470 -29.22 46.36 -13.30
CA LYS B 470 -29.36 45.90 -14.67
C LYS B 470 -30.74 45.27 -14.87
N SER B 471 -31.18 44.45 -13.91
CA SER B 471 -32.50 43.85 -14.03
C SER B 471 -33.62 44.89 -14.01
N ALA B 472 -33.55 45.88 -13.12
CA ALA B 472 -34.56 46.93 -13.10
C ALA B 472 -34.63 47.63 -14.46
N SER B 473 -33.45 47.91 -15.03
CA SER B 473 -33.43 48.53 -16.35
C SER B 473 -34.08 47.60 -17.36
N SER B 474 -33.75 46.29 -17.29
CA SER B 474 -34.31 45.37 -18.26
C SER B 474 -35.83 45.39 -18.18
N PHE B 475 -36.35 45.48 -16.96
CA PHE B 475 -37.80 45.51 -16.77
C PHE B 475 -38.41 46.67 -17.54
N ALA B 476 -37.87 47.87 -17.29
CA ALA B 476 -38.44 49.05 -17.92
C ALA B 476 -38.20 49.05 -19.43
N ILE B 477 -37.06 48.52 -19.88
CA ILE B 477 -36.79 48.41 -21.31
C ILE B 477 -37.79 47.47 -21.96
N ASN B 478 -38.09 46.35 -21.29
CA ASN B 478 -39.01 45.38 -21.85
C ASN B 478 -40.39 46.01 -21.98
N LYS B 479 -40.80 46.81 -20.99
CA LYS B 479 -42.14 47.35 -20.97
C LYS B 479 -42.52 48.15 -22.23
N THR B 480 -41.57 48.45 -23.13
CA THR B 480 -41.85 49.21 -24.34
C THR B 480 -41.70 48.40 -25.62
N VAL B 481 -40.79 47.42 -25.64
CA VAL B 481 -40.53 46.68 -26.86
C VAL B 481 -41.81 45.91 -27.26
N ASN B 482 -42.00 45.75 -28.58
CA ASN B 482 -43.13 45.02 -29.14
C ASN B 482 -44.44 45.52 -28.52
N ASN B 491 -38.13 49.72 -31.88
CA ASN B 491 -39.35 49.01 -32.25
C ASN B 491 -40.59 49.81 -31.86
N THR B 492 -40.42 51.02 -31.34
CA THR B 492 -41.59 51.83 -31.01
C THR B 492 -41.20 53.30 -30.90
N LYS B 493 -42.22 54.15 -30.95
CA LYS B 493 -42.10 55.57 -30.72
C LYS B 493 -41.77 55.81 -29.25
N ASP B 494 -41.72 57.08 -28.85
CA ASP B 494 -41.63 57.56 -27.46
C ASP B 494 -40.73 56.68 -26.59
N ILE B 495 -39.57 56.34 -27.16
CA ILE B 495 -38.49 55.82 -26.33
C ILE B 495 -37.96 56.90 -25.40
N ALA B 496 -38.27 58.18 -25.69
CA ALA B 496 -37.71 59.31 -24.95
C ALA B 496 -38.29 59.41 -23.55
N LYS B 497 -39.36 58.70 -23.26
CA LYS B 497 -40.04 58.78 -21.97
C LYS B 497 -39.59 57.69 -21.02
N LEU B 498 -38.56 56.92 -21.39
CA LEU B 498 -38.16 55.78 -20.60
C LEU B 498 -37.61 56.23 -19.25
N LYS B 499 -38.08 55.58 -18.19
CA LYS B 499 -37.62 55.85 -16.84
C LYS B 499 -37.75 54.57 -16.04
N VAL B 500 -36.83 54.37 -15.12
CA VAL B 500 -36.93 53.27 -14.17
C VAL B 500 -37.79 53.75 -13.01
N THR B 501 -38.27 52.81 -12.22
CA THR B 501 -39.28 53.12 -11.22
C THR B 501 -39.03 52.22 -10.04
N ARG B 502 -39.55 52.64 -8.88
CA ARG B 502 -39.35 51.88 -7.65
C ARG B 502 -39.85 50.46 -7.84
N GLU B 503 -41.04 50.30 -8.43
CA GLU B 503 -41.59 48.98 -8.68
C GLU B 503 -40.64 48.10 -9.46
N ASP B 504 -39.91 48.67 -10.43
CA ASP B 504 -38.94 47.86 -11.17
C ASP B 504 -37.87 47.30 -10.24
N PHE B 505 -37.36 48.13 -9.33
CA PHE B 505 -36.37 47.65 -8.38
C PHE B 505 -36.94 46.57 -7.48
N LEU B 506 -38.15 46.79 -6.97
CA LEU B 506 -38.71 45.80 -6.06
C LEU B 506 -39.01 44.49 -6.77
N ASN B 507 -39.38 44.56 -8.05
CA ASN B 507 -39.52 43.33 -8.83
C ASN B 507 -38.15 42.70 -9.06
N ALA B 508 -37.12 43.54 -9.24
CA ALA B 508 -35.79 43.02 -9.49
C ALA B 508 -35.27 42.27 -8.28
N LEU B 509 -35.73 42.66 -7.09
CA LEU B 509 -35.30 41.98 -5.88
C LEU B 509 -35.65 40.48 -5.92
N ASN B 510 -36.70 40.12 -6.67
CA ASN B 510 -37.19 38.76 -6.73
C ASN B 510 -36.52 37.92 -7.80
N ASP B 511 -35.51 38.45 -8.48
CA ASP B 511 -34.80 37.73 -9.53
C ASP B 511 -33.35 37.40 -9.18
N VAL B 512 -32.71 38.21 -8.36
CA VAL B 512 -31.32 37.99 -7.95
C VAL B 512 -31.31 37.49 -6.51
N THR B 513 -30.76 36.29 -6.32
CA THR B 513 -30.71 35.66 -5.00
C THR B 513 -29.27 35.63 -4.49
N PRO B 514 -29.00 36.00 -3.24
CA PRO B 514 -27.62 36.06 -2.77
C PRO B 514 -27.12 34.74 -2.20
N ALA B 515 -25.84 34.47 -2.42
CA ALA B 515 -25.12 33.49 -1.63
C ALA B 515 -24.93 33.99 -0.21
N PHE B 516 -24.85 33.05 0.73
CA PHE B 516 -24.94 33.35 2.17
C PHE B 516 -26.33 33.85 2.52
N GLY B 517 -27.34 33.13 2.01
CA GLY B 517 -28.72 33.52 2.21
C GLY B 517 -29.50 32.49 3.01
N ILE B 518 -30.81 32.46 2.77
CA ILE B 518 -31.73 31.52 3.40
C ILE B 518 -32.20 30.52 2.36
N SER B 519 -32.11 29.24 2.68
CA SER B 519 -32.58 28.17 1.78
C SER B 519 -34.08 28.02 2.01
N GLU B 520 -34.82 28.99 1.46
CA GLU B 520 -36.22 29.14 1.82
C GLU B 520 -37.05 27.95 1.34
N GLU B 521 -36.83 27.51 0.11
CA GLU B 521 -37.73 26.51 -0.46
C GLU B 521 -37.66 25.21 0.32
N ASP B 522 -36.47 24.77 0.70
CA ASP B 522 -36.34 23.50 1.39
C ASP B 522 -37.04 23.53 2.73
N LEU B 523 -36.79 24.58 3.50
CA LEU B 523 -37.41 24.71 4.81
C LEU B 523 -38.92 24.80 4.66
N LYS B 524 -39.38 25.58 3.70
CA LYS B 524 -40.79 25.88 3.64
C LYS B 524 -41.54 24.67 3.11
N THR B 525 -41.24 24.25 1.88
CA THR B 525 -42.02 23.21 1.23
C THR B 525 -41.68 21.83 1.80
N CYS B 526 -40.39 21.45 1.80
CA CYS B 526 -40.05 20.06 2.11
C CYS B 526 -40.41 19.69 3.54
N VAL B 527 -40.17 20.58 4.49
CA VAL B 527 -40.10 20.19 5.90
C VAL B 527 -41.43 20.36 6.62
N GLU B 528 -42.38 21.08 6.04
CA GLU B 528 -43.58 21.47 6.77
C GLU B 528 -44.81 21.24 5.90
N GLY B 529 -45.66 20.31 6.31
CA GLY B 529 -46.89 20.01 5.62
C GLY B 529 -48.01 20.04 6.64
N GLY B 530 -47.93 21.00 7.53
CA GLY B 530 -48.89 21.23 8.59
C GLY B 530 -48.18 21.81 9.78
N MET B 531 -48.93 22.56 10.59
CA MET B 531 -48.44 23.01 11.89
C MET B 531 -49.65 23.42 12.71
N MET B 532 -49.91 22.71 13.80
CA MET B 532 -51.13 22.92 14.57
C MET B 532 -50.82 22.76 16.05
N LEU B 533 -51.29 23.70 16.85
CA LEU B 533 -50.87 23.82 18.25
C LEU B 533 -51.90 23.05 19.08
N TYR B 534 -51.73 21.73 19.10
CA TYR B 534 -52.71 20.84 19.71
C TYR B 534 -52.51 20.70 21.21
N SER B 535 -51.45 21.27 21.77
CA SER B 535 -51.20 21.14 23.19
C SER B 535 -50.34 22.29 23.66
N GLU B 536 -50.31 22.46 24.99
CA GLU B 536 -49.54 23.53 25.60
C GLU B 536 -48.05 23.31 25.42
N ARG B 537 -47.59 22.06 25.41
CA ARG B 537 -46.17 21.78 25.33
C ARG B 537 -45.56 22.35 24.06
N VAL B 538 -46.31 22.33 22.97
CA VAL B 538 -45.79 22.87 21.72
C VAL B 538 -45.60 24.38 21.87
N ASN B 539 -46.59 25.05 22.47
CA ASN B 539 -46.45 26.48 22.75
C ASN B 539 -45.24 26.76 23.61
N SER B 540 -45.01 25.94 24.65
CA SER B 540 -43.87 26.16 25.52
C SER B 540 -42.56 26.03 24.74
N ILE B 541 -42.50 25.03 23.87
CA ILE B 541 -41.28 24.82 23.07
C ILE B 541 -41.03 26.03 22.18
N LEU B 542 -42.07 26.49 21.49
CA LEU B 542 -41.92 27.63 20.59
C LEU B 542 -41.52 28.89 21.36
N LYS B 543 -42.10 29.09 22.55
CA LYS B 543 -41.76 30.26 23.34
C LYS B 543 -40.31 30.21 23.76
N ASN B 544 -39.84 29.03 24.16
CA ASN B 544 -38.44 28.90 24.51
C ASN B 544 -37.56 29.19 23.31
N GLY B 545 -37.99 28.74 22.13
CA GLY B 545 -37.24 29.03 20.93
C GLY B 545 -37.10 30.53 20.69
N ALA B 546 -38.22 31.26 20.80
CA ALA B 546 -38.14 32.71 20.59
C ALA B 546 -37.26 33.37 21.65
N ARG B 547 -37.41 32.94 22.91
CA ARG B 547 -36.52 33.38 23.98
C ARG B 547 -35.07 33.26 23.55
N TYR B 548 -34.67 32.05 23.16
CA TYR B 548 -33.26 31.81 22.87
C TYR B 548 -32.82 32.60 21.65
N VAL B 549 -33.72 32.73 20.66
CA VAL B 549 -33.38 33.46 19.44
C VAL B 549 -33.02 34.89 19.79
N ARG B 550 -33.89 35.57 20.54
CA ARG B 550 -33.59 36.96 20.80
C ARG B 550 -32.52 37.13 21.87
N GLN B 551 -32.29 36.11 22.71
CA GLN B 551 -31.10 36.10 23.53
C GLN B 551 -29.85 36.14 22.66
N VAL B 552 -29.80 35.25 21.67
CA VAL B 552 -28.63 35.17 20.81
C VAL B 552 -28.49 36.43 19.99
N ARG B 553 -29.61 37.09 19.70
CA ARG B 553 -29.58 38.23 18.79
C ARG B 553 -29.28 39.54 19.50
N GLU B 554 -29.32 39.57 20.84
CA GLU B 554 -29.20 40.82 21.57
C GLU B 554 -28.33 40.66 22.82
N SER B 555 -27.27 39.87 22.73
CA SER B 555 -26.38 39.72 23.86
C SER B 555 -24.99 39.41 23.33
N ASP B 556 -23.98 39.93 24.02
CA ASP B 556 -22.60 39.80 23.58
C ASP B 556 -21.82 38.78 24.37
N LYS B 557 -22.40 38.22 25.43
CA LYS B 557 -21.75 37.17 26.18
C LYS B 557 -22.08 35.81 25.61
N SER B 558 -23.23 35.68 24.95
CA SER B 558 -23.69 34.42 24.37
C SER B 558 -23.55 34.55 22.86
N ARG B 559 -22.42 34.09 22.33
CA ARG B 559 -22.16 34.12 20.89
C ARG B 559 -22.04 32.73 20.27
N LEU B 560 -22.33 31.67 21.01
CA LEU B 560 -22.38 30.34 20.42
C LEU B 560 -23.33 29.51 21.27
N VAL B 561 -24.43 29.08 20.68
CA VAL B 561 -25.40 28.23 21.34
C VAL B 561 -25.66 27.00 20.48
N SER B 562 -25.72 25.83 21.12
CA SER B 562 -26.03 24.58 20.45
C SER B 562 -27.09 23.88 21.28
N LEU B 563 -28.06 23.27 20.60
CA LEU B 563 -29.22 22.67 21.25
C LEU B 563 -29.46 21.28 20.71
N LEU B 564 -30.07 20.43 21.54
CA LEU B 564 -30.47 19.09 21.14
C LEU B 564 -31.96 18.88 21.35
N ILE B 565 -32.67 18.62 20.26
CA ILE B 565 -34.07 18.27 20.26
C ILE B 565 -34.15 16.76 20.05
N HIS B 566 -34.73 16.04 21.00
CA HIS B 566 -34.76 14.59 20.92
C HIS B 566 -36.14 14.10 21.34
N GLY B 567 -36.51 12.96 20.77
CA GLY B 567 -37.80 12.37 21.01
C GLY B 567 -38.02 11.23 20.05
N PRO B 568 -39.15 10.53 20.18
CA PRO B 568 -39.35 9.34 19.34
C PRO B 568 -39.51 9.73 17.88
N ALA B 569 -39.35 8.72 17.02
CA ALA B 569 -39.47 8.95 15.59
C ALA B 569 -40.91 9.29 15.22
N GLY B 570 -41.07 10.25 14.31
CA GLY B 570 -42.41 10.65 13.92
C GLY B 570 -43.04 11.68 14.81
N SER B 571 -42.29 12.25 15.76
CA SER B 571 -42.93 13.04 16.80
C SER B 571 -43.20 14.47 16.36
N GLY B 572 -42.39 15.01 15.45
CA GLY B 572 -42.58 16.36 14.97
C GLY B 572 -41.32 17.20 14.94
N LYS B 573 -40.20 16.63 15.38
CA LYS B 573 -38.95 17.37 15.65
C LYS B 573 -38.58 18.34 14.54
N THR B 574 -38.29 17.81 13.36
CA THR B 574 -37.79 18.63 12.27
C THR B 574 -38.74 19.79 11.97
N ALA B 575 -40.04 19.51 11.84
CA ALA B 575 -40.98 20.57 11.51
C ALA B 575 -40.97 21.67 12.56
N LEU B 576 -40.74 21.30 13.82
CA LEU B 576 -40.66 22.30 14.89
C LEU B 576 -39.39 23.14 14.74
N ALA B 577 -38.25 22.48 14.55
CA ALA B 577 -37.00 23.21 14.42
C ALA B 577 -37.11 24.21 13.28
N ALA B 578 -37.54 23.73 12.10
CA ALA B 578 -37.70 24.61 10.96
C ALA B 578 -38.64 25.76 11.27
N GLU B 579 -39.73 25.48 12.00
CA GLU B 579 -40.70 26.52 12.29
C GLU B 579 -40.06 27.61 13.15
N ILE B 580 -39.28 27.22 14.15
CA ILE B 580 -38.61 28.22 14.97
C ILE B 580 -37.62 29.00 14.11
N ALA B 581 -36.96 28.31 13.18
CA ALA B 581 -35.90 28.94 12.41
C ALA B 581 -36.47 30.00 11.49
N LEU B 582 -37.59 29.69 10.82
CA LEU B 582 -38.13 30.60 9.83
C LEU B 582 -38.62 31.89 10.47
N LYS B 583 -39.02 31.83 11.74
CA LYS B 583 -39.55 32.99 12.44
C LYS B 583 -38.46 33.92 12.98
N SER B 584 -37.19 33.53 12.90
CA SER B 584 -36.15 34.35 13.51
C SER B 584 -35.84 35.57 12.66
N GLY B 585 -35.90 35.41 11.34
CA GLY B 585 -35.56 36.52 10.46
C GLY B 585 -34.09 36.79 10.33
N PHE B 586 -33.24 35.86 10.73
CA PHE B 586 -31.81 36.07 10.59
C PHE B 586 -31.43 36.07 9.11
N PRO B 587 -30.33 36.75 8.75
CA PRO B 587 -29.96 36.77 7.32
C PRO B 587 -29.54 35.42 6.80
N PHE B 588 -28.91 34.59 7.63
CA PHE B 588 -28.26 33.37 7.19
C PHE B 588 -28.93 32.20 7.91
N ILE B 589 -29.45 31.25 7.15
CA ILE B 589 -30.06 30.04 7.69
C ILE B 589 -29.73 28.91 6.73
N ARG B 590 -29.30 27.76 7.27
CA ARG B 590 -29.00 26.62 6.43
C ARG B 590 -29.24 25.31 7.18
N LEU B 591 -29.30 24.21 6.44
CA LEU B 591 -29.47 22.90 7.07
C LEU B 591 -28.62 21.83 6.38
N ILE B 592 -28.18 20.89 7.20
CA ILE B 592 -27.40 19.72 6.81
C ILE B 592 -28.25 18.48 7.09
N SER B 593 -28.50 17.69 6.05
CA SER B 593 -29.35 16.52 6.12
C SER B 593 -28.73 15.43 5.25
N PRO B 594 -29.17 14.18 5.40
CA PRO B 594 -28.60 13.12 4.56
C PRO B 594 -28.79 13.36 3.07
N ASN B 595 -29.86 14.06 2.68
CA ASN B 595 -30.13 14.28 1.25
C ASN B 595 -28.99 15.02 0.57
N GLU B 596 -28.29 15.87 1.31
CA GLU B 596 -27.21 16.64 0.69
C GLU B 596 -26.05 15.72 0.36
N LEU B 597 -25.82 14.70 1.20
CA LEU B 597 -24.63 13.89 1.09
C LEU B 597 -24.83 12.61 0.27
N SER B 598 -25.95 12.49 -0.44
CA SER B 598 -26.17 11.28 -1.21
C SER B 598 -25.20 11.23 -2.40
N GLY B 599 -24.63 10.05 -2.61
CA GLY B 599 -23.77 9.79 -3.75
C GLY B 599 -22.34 10.19 -3.56
N MET B 600 -21.96 10.64 -2.37
CA MET B 600 -20.62 11.13 -2.10
C MET B 600 -19.80 10.11 -1.33
N SER B 601 -18.48 10.23 -1.47
CA SER B 601 -17.57 9.45 -0.66
C SER B 601 -17.39 10.17 0.69
N GLU B 602 -16.81 9.47 1.67
CA GLU B 602 -16.69 10.05 3.00
C GLU B 602 -15.84 11.32 2.98
N SER B 603 -14.71 11.28 2.29
CA SER B 603 -13.84 12.46 2.21
C SER B 603 -14.58 13.65 1.61
N ALA B 604 -15.39 13.42 0.57
CA ALA B 604 -16.14 14.51 -0.04
C ALA B 604 -17.13 15.09 0.96
N LYS B 605 -17.77 14.22 1.76
CA LYS B 605 -18.72 14.70 2.76
C LYS B 605 -18.01 15.59 3.76
N ILE B 606 -16.83 15.15 4.22
CA ILE B 606 -16.06 15.96 5.15
C ILE B 606 -15.72 17.31 4.54
N ALA B 607 -15.31 17.31 3.28
CA ALA B 607 -15.00 18.57 2.58
C ALA B 607 -16.22 19.48 2.57
N TYR B 608 -17.39 18.89 2.33
CA TYR B 608 -18.62 19.68 2.22
C TYR B 608 -18.97 20.29 3.57
N ILE B 609 -18.83 19.50 4.63
CA ILE B 609 -19.10 19.99 5.98
C ILE B 609 -18.17 21.15 6.29
N ASP B 610 -16.89 20.98 5.99
CA ASP B 610 -15.91 22.00 6.33
C ASP B 610 -16.19 23.28 5.56
N ASN B 611 -16.55 23.15 4.28
CA ASN B 611 -16.86 24.33 3.48
C ASN B 611 -18.05 25.06 4.07
N THR B 612 -19.06 24.32 4.52
CA THR B 612 -20.21 24.97 5.14
C THR B 612 -19.78 25.72 6.39
N PHE B 613 -18.96 25.09 7.23
CA PHE B 613 -18.51 25.74 8.45
C PHE B 613 -17.74 27.00 8.13
N ARG B 614 -16.85 26.95 7.12
CA ARG B 614 -16.10 28.15 6.74
C ARG B 614 -17.05 29.23 6.26
N ASP B 615 -18.11 28.84 5.53
CA ASP B 615 -19.06 29.82 5.04
C ASP B 615 -19.81 30.49 6.18
N ALA B 616 -19.99 29.77 7.30
CA ALA B 616 -20.72 30.35 8.41
C ALA B 616 -19.94 31.46 9.12
N TYR B 617 -18.64 31.55 8.89
CA TYR B 617 -17.75 32.46 9.61
C TYR B 617 -17.61 33.83 8.94
N LYS B 618 -18.58 34.25 8.13
CA LYS B 618 -18.46 35.51 7.40
C LYS B 618 -19.69 36.41 7.51
N SER B 619 -20.62 36.12 8.42
CA SER B 619 -21.80 36.94 8.61
C SER B 619 -22.01 37.24 10.09
N PRO B 620 -22.60 38.39 10.42
CA PRO B 620 -22.82 38.70 11.84
C PRO B 620 -23.66 37.66 12.56
N LEU B 621 -24.68 37.12 11.90
CA LEU B 621 -25.58 36.14 12.50
C LEU B 621 -25.81 34.96 11.58
N ASN B 622 -25.96 33.78 12.17
CA ASN B 622 -26.04 32.55 11.37
C ASN B 622 -26.88 31.51 12.11
N ILE B 623 -27.59 30.68 11.35
CA ILE B 623 -28.27 29.52 11.92
C ILE B 623 -27.94 28.27 11.10
N LEU B 624 -27.74 27.15 11.81
CA LEU B 624 -27.57 25.85 11.18
C LEU B 624 -28.48 24.79 11.80
N VAL B 625 -28.98 23.91 10.95
CA VAL B 625 -29.82 22.77 11.34
C VAL B 625 -29.09 21.50 10.96
N ILE B 626 -29.01 20.55 11.89
CA ILE B 626 -28.42 19.24 11.67
C ILE B 626 -29.51 18.18 11.88
N ASP B 627 -29.75 17.36 10.87
CA ASP B 627 -30.90 16.47 10.91
C ASP B 627 -30.46 15.01 10.94
N SER B 628 -31.02 14.25 11.87
CA SER B 628 -30.86 12.80 11.93
C SER B 628 -29.37 12.42 12.05
N LEU B 629 -28.79 12.78 13.18
CA LEU B 629 -27.34 12.65 13.34
C LEU B 629 -26.90 11.20 13.20
N GLU B 630 -27.63 10.27 13.81
CA GLU B 630 -27.19 8.88 13.78
C GLU B 630 -27.27 8.30 12.38
N THR B 631 -28.10 8.90 11.52
CA THR B 631 -28.14 8.45 10.13
C THR B 631 -27.02 9.06 9.31
N LEU B 632 -26.64 10.31 9.61
CA LEU B 632 -25.50 10.91 8.92
C LEU B 632 -24.22 10.13 9.19
N VAL B 633 -24.16 9.43 10.32
CA VAL B 633 -22.98 8.66 10.71
C VAL B 633 -23.09 7.20 10.29
N ASP B 634 -24.25 6.75 9.81
CA ASP B 634 -24.42 5.40 9.25
C ASP B 634 -24.38 4.32 10.33
N TRP B 635 -25.13 4.56 11.40
CA TRP B 635 -25.21 3.62 12.51
C TRP B 635 -26.10 2.44 12.16
N VAL B 636 -25.60 1.23 12.39
CA VAL B 636 -26.41 0.02 12.29
C VAL B 636 -26.01 -0.86 13.47
N PRO B 637 -26.93 -1.31 14.32
CA PRO B 637 -26.51 -1.90 15.60
C PRO B 637 -26.07 -3.33 15.48
N ILE B 638 -26.22 -3.95 14.30
CA ILE B 638 -25.87 -5.35 14.16
C ILE B 638 -24.39 -5.56 14.34
N GLY B 639 -23.58 -4.68 13.77
CA GLY B 639 -22.14 -4.82 13.82
C GLY B 639 -21.65 -4.69 15.25
N PRO B 640 -21.70 -3.46 15.80
CA PRO B 640 -22.23 -2.23 15.18
C PRO B 640 -21.26 -1.66 14.16
N ARG B 641 -21.75 -0.90 13.20
CA ARG B 641 -20.90 -0.26 12.20
C ARG B 641 -21.25 1.22 12.13
N PHE B 642 -20.20 2.04 12.02
CA PHE B 642 -20.39 3.47 11.91
C PHE B 642 -19.07 4.12 11.52
N SER B 643 -19.15 5.39 11.16
CA SER B 643 -17.97 6.14 10.75
C SER B 643 -17.50 6.97 11.93
N ASN B 644 -16.27 6.73 12.38
CA ASN B 644 -15.76 7.42 13.55
C ASN B 644 -15.14 8.75 13.17
N ASN B 645 -14.58 8.83 11.96
CA ASN B 645 -13.97 10.06 11.49
C ASN B 645 -15.01 11.17 11.42
N ILE B 646 -16.17 10.86 10.85
CA ILE B 646 -17.21 11.87 10.73
C ILE B 646 -17.63 12.30 12.12
N LEU B 647 -17.69 11.36 13.06
CA LEU B 647 -18.09 11.68 14.43
C LEU B 647 -17.10 12.65 15.06
N GLN B 648 -15.81 12.37 14.90
CA GLN B 648 -14.80 13.26 15.49
C GLN B 648 -14.83 14.63 14.83
N MET B 649 -15.01 14.66 13.51
CA MET B 649 -15.11 15.95 12.81
C MET B 649 -16.24 16.78 13.38
N LEU B 650 -17.43 16.19 13.46
CA LEU B 650 -18.58 16.93 13.98
C LEU B 650 -18.35 17.33 15.42
N LYS B 651 -17.74 16.44 16.21
CA LYS B 651 -17.53 16.73 17.63
C LYS B 651 -16.60 17.92 17.81
N VAL B 652 -15.55 18.00 16.99
CA VAL B 652 -14.67 19.16 17.04
C VAL B 652 -15.43 20.40 16.61
N ALA B 653 -16.26 20.28 15.57
CA ALA B 653 -16.89 21.45 15.00
C ALA B 653 -17.91 22.06 15.97
N LEU B 654 -18.54 21.23 16.80
CA LEU B 654 -19.62 21.65 17.68
C LEU B 654 -19.16 22.45 18.88
N LYS B 655 -17.85 22.73 18.99
CA LYS B 655 -17.34 23.58 20.06
C LYS B 655 -16.65 24.83 19.55
N ARG B 656 -16.19 24.84 18.30
CA ARG B 656 -15.43 25.97 17.79
C ARG B 656 -16.31 27.21 17.73
N LYS B 657 -15.73 28.35 18.10
CA LYS B 657 -16.45 29.62 18.19
C LYS B 657 -16.14 30.52 17.02
N PRO B 658 -17.12 31.20 16.41
CA PRO B 658 -16.84 31.98 15.21
C PRO B 658 -15.98 33.19 15.54
N PRO B 659 -15.30 33.75 14.54
CA PRO B 659 -14.33 34.81 14.82
C PRO B 659 -14.94 36.20 14.82
N GLN B 660 -14.19 37.11 15.45
CA GLN B 660 -14.42 38.55 15.35
C GLN B 660 -15.84 38.93 15.77
N ASP B 661 -16.29 38.38 16.90
CA ASP B 661 -17.53 38.83 17.53
C ASP B 661 -18.72 38.59 16.61
N ARG B 662 -18.87 37.35 16.15
CA ARG B 662 -20.08 36.93 15.46
C ARG B 662 -20.77 35.85 16.27
N ARG B 663 -21.94 35.42 15.82
CA ARG B 663 -22.71 34.47 16.60
C ARG B 663 -23.67 33.67 15.74
N LEU B 664 -23.94 32.46 16.20
CA LEU B 664 -24.83 31.58 15.47
C LEU B 664 -25.54 30.65 16.44
N LEU B 665 -26.63 30.09 15.95
CA LEU B 665 -27.43 29.14 16.71
C LEU B 665 -27.56 27.86 15.92
N ILE B 666 -27.38 26.74 16.61
CA ILE B 666 -27.38 25.42 15.99
C ILE B 666 -28.46 24.59 16.64
N MET B 667 -29.19 23.84 15.82
CA MET B 667 -30.21 22.92 16.30
C MET B 667 -29.94 21.58 15.64
N THR B 668 -30.01 20.50 16.42
CA THR B 668 -29.78 19.17 15.89
C THR B 668 -30.84 18.22 16.43
N THR B 669 -31.13 17.15 15.69
CA THR B 669 -32.24 16.27 16.04
C THR B 669 -31.83 14.81 15.97
N THR B 670 -32.40 14.00 16.89
CA THR B 670 -32.07 12.58 16.98
C THR B 670 -33.20 11.77 17.59
N SER B 671 -33.28 10.49 17.21
CA SER B 671 -34.21 9.53 17.79
C SER B 671 -33.52 8.45 18.63
N ALA B 672 -32.21 8.50 18.79
CA ALA B 672 -31.42 7.42 19.38
C ALA B 672 -30.64 7.91 20.59
N TYR B 673 -31.36 8.54 21.51
CA TYR B 673 -30.74 9.19 22.66
C TYR B 673 -29.78 8.27 23.40
N SER B 674 -30.15 7.01 23.57
CA SER B 674 -29.29 6.09 24.32
C SER B 674 -27.97 5.87 23.62
N VAL B 675 -27.99 5.80 22.28
CA VAL B 675 -26.76 5.60 21.54
C VAL B 675 -25.82 6.79 21.73
N LEU B 676 -26.35 8.01 21.59
CA LEU B 676 -25.53 9.19 21.79
C LEU B 676 -24.98 9.24 23.20
N GLN B 677 -25.79 8.79 24.16
CA GLN B 677 -25.31 8.73 25.54
C GLN B 677 -24.14 7.77 25.66
N GLN B 678 -24.22 6.62 25.00
CA GLN B 678 -23.13 5.65 25.03
C GLN B 678 -21.88 6.17 24.34
N MET B 679 -22.03 7.08 23.37
CA MET B 679 -20.90 7.70 22.69
C MET B 679 -20.44 8.96 23.39
N ASP B 680 -20.97 9.24 24.57
CA ASP B 680 -20.55 10.32 25.48
C ASP B 680 -20.15 11.59 24.75
N ILE B 681 -21.10 12.13 23.99
CA ILE B 681 -21.00 13.48 23.47
C ILE B 681 -22.15 14.34 24.00
N LEU B 682 -22.74 13.94 25.12
CA LEU B 682 -23.80 14.73 25.72
C LEU B 682 -23.28 15.97 26.43
N SER B 683 -21.96 16.10 26.57
CA SER B 683 -21.38 17.31 27.15
C SER B 683 -21.27 18.43 26.14
N CYS B 684 -21.66 18.19 24.88
CA CYS B 684 -21.56 19.20 23.84
C CYS B 684 -22.77 20.12 23.83
N PHE B 685 -23.91 19.64 24.32
CA PHE B 685 -25.19 20.32 24.19
C PHE B 685 -25.50 21.18 25.41
N ASP B 686 -26.25 22.25 25.16
CA ASP B 686 -26.62 23.18 26.22
C ASP B 686 -27.94 22.83 26.88
N ASN B 687 -28.89 22.27 26.13
CA ASN B 687 -30.18 21.88 26.69
C ASN B 687 -30.75 20.72 25.91
N GLU B 688 -31.75 20.09 26.49
CA GLU B 688 -32.36 18.87 25.97
C GLU B 688 -33.87 19.06 26.01
N ILE B 689 -34.53 18.74 24.91
CA ILE B 689 -35.97 18.87 24.77
C ILE B 689 -36.57 17.49 24.49
N ALA B 690 -37.65 17.17 25.18
CA ALA B 690 -38.32 15.89 25.00
C ALA B 690 -39.67 16.12 24.34
N VAL B 691 -40.00 15.28 23.36
CA VAL B 691 -41.25 15.36 22.62
C VAL B 691 -42.00 14.05 22.84
N PRO B 692 -43.19 14.07 23.44
CA PRO B 692 -43.92 12.81 23.65
C PRO B 692 -44.87 12.51 22.49
N ASN B 693 -45.34 11.27 22.46
CA ASN B 693 -46.34 10.83 21.49
C ASN B 693 -47.72 11.25 21.95
N MET B 694 -48.78 10.58 21.48
CA MET B 694 -50.16 10.91 21.83
C MET B 694 -50.75 9.76 22.63
N THR B 695 -51.56 10.10 23.65
CA THR B 695 -52.18 9.09 24.50
C THR B 695 -53.61 9.39 24.93
N ASN B 696 -54.24 10.43 24.40
CA ASN B 696 -55.61 10.78 24.79
C ASN B 696 -56.50 11.00 23.57
N LEU B 697 -57.78 10.66 23.74
CA LEU B 697 -58.74 10.77 22.64
C LEU B 697 -59.03 12.23 22.29
N ASP B 698 -59.00 13.14 23.27
CA ASP B 698 -59.22 14.56 22.97
C ASP B 698 -58.20 15.08 21.95
N GLU B 699 -56.97 14.57 21.96
CA GLU B 699 -56.02 14.98 20.94
C GLU B 699 -56.46 14.49 19.58
N LEU B 700 -57.07 13.30 19.53
CA LEU B 700 -57.57 12.79 18.26
C LEU B 700 -58.74 13.64 17.80
N ASN B 701 -59.58 14.11 18.73
CA ASN B 701 -60.67 14.99 18.34
C ASN B 701 -60.12 16.32 17.83
N ASN B 702 -59.02 16.79 18.42
CA ASN B 702 -58.38 18.01 17.94
C ASN B 702 -57.88 17.82 16.52
N VAL B 703 -57.26 16.66 16.26
CA VAL B 703 -56.74 16.41 14.92
C VAL B 703 -57.88 16.27 13.93
N MET B 704 -58.96 15.60 14.32
CA MET B 704 -60.11 15.47 13.43
C MET B 704 -60.67 16.85 13.10
N ILE B 705 -60.80 17.71 14.12
CA ILE B 705 -61.34 19.05 13.88
C ILE B 705 -60.43 19.83 12.96
N GLU B 706 -59.11 19.74 13.20
CA GLU B 706 -58.17 20.47 12.37
C GLU B 706 -58.22 19.97 10.94
N SER B 707 -58.46 18.67 10.74
CA SER B 707 -58.39 18.07 9.42
C SER B 707 -59.76 17.88 8.77
N ASN B 708 -60.84 18.29 9.44
CA ASN B 708 -62.18 18.29 8.84
C ASN B 708 -62.56 16.92 8.30
N PHE B 709 -62.22 15.88 9.06
CA PHE B 709 -62.49 14.51 8.62
C PHE B 709 -63.98 14.32 8.32
N LEU B 710 -64.84 14.80 9.21
CA LEU B 710 -66.27 14.83 8.93
C LEU B 710 -66.94 15.77 9.93
N ASP B 711 -68.23 16.01 9.72
CA ASP B 711 -68.98 16.81 10.66
C ASP B 711 -69.03 16.11 12.01
N ASP B 712 -69.45 16.86 13.02
CA ASP B 712 -69.25 16.43 14.40
C ASP B 712 -70.05 15.17 14.74
N ALA B 713 -71.21 14.95 14.12
CA ALA B 713 -72.03 13.81 14.50
C ALA B 713 -71.29 12.49 14.25
N GLY B 714 -70.69 12.34 13.07
CA GLY B 714 -69.84 11.19 12.83
C GLY B 714 -68.60 11.22 13.69
N ARG B 715 -68.04 12.42 13.90
CA ARG B 715 -66.83 12.51 14.71
C ARG B 715 -67.07 11.97 16.11
N VAL B 716 -68.19 12.35 16.72
CA VAL B 716 -68.56 11.87 18.04
C VAL B 716 -68.91 10.41 17.99
N LYS B 717 -69.52 9.93 16.91
CA LYS B 717 -69.76 8.49 16.83
C LYS B 717 -68.44 7.72 16.87
N VAL B 718 -67.43 8.24 16.16
CA VAL B 718 -66.12 7.59 16.18
C VAL B 718 -65.53 7.61 17.58
N ILE B 719 -65.57 8.78 18.23
CA ILE B 719 -64.99 8.89 19.56
C ILE B 719 -65.75 8.01 20.55
N ASN B 720 -67.08 8.01 20.49
CA ASN B 720 -67.87 7.24 21.43
C ASN B 720 -67.66 5.75 21.22
N GLU B 721 -67.26 5.37 20.00
CA GLU B 721 -66.98 3.97 19.76
C GLU B 721 -65.59 3.61 20.27
N LEU B 722 -64.59 4.43 19.96
CA LEU B 722 -63.25 4.18 20.47
C LEU B 722 -63.18 4.26 21.99
N SER B 723 -64.12 4.96 22.63
CA SER B 723 -64.05 5.15 24.08
C SER B 723 -63.96 3.82 24.81
N ARG B 724 -64.61 2.79 24.29
CA ARG B 724 -64.52 1.44 24.84
C ARG B 724 -64.06 0.40 23.84
N SER B 725 -63.78 0.78 22.58
CA SER B 725 -63.13 -0.17 21.68
C SER B 725 -61.67 -0.35 22.08
N CYS B 726 -61.00 0.75 22.38
CA CYS B 726 -59.58 0.75 22.73
C CYS B 726 -59.32 2.03 23.53
N PRO B 727 -59.33 1.98 24.87
CA PRO B 727 -59.32 3.21 25.65
C PRO B 727 -57.96 3.87 25.78
N ASN B 728 -56.89 3.08 25.67
CA ASN B 728 -55.57 3.51 26.12
C ASN B 728 -54.52 3.48 25.02
N PHE B 729 -54.82 4.06 23.87
CA PHE B 729 -53.95 3.90 22.72
C PHE B 729 -52.69 4.75 22.84
N ASN B 730 -51.72 4.46 21.98
CA ASN B 730 -50.39 5.06 22.02
C ASN B 730 -49.92 5.11 20.57
N VAL B 731 -50.21 6.22 19.91
CA VAL B 731 -49.97 6.38 18.49
C VAL B 731 -49.30 7.73 18.23
N GLY B 732 -48.54 7.80 17.13
CA GLY B 732 -47.94 9.05 16.71
C GLY B 732 -48.81 9.83 15.76
N ILE B 733 -48.39 11.08 15.49
CA ILE B 733 -49.21 11.96 14.68
C ILE B 733 -49.20 11.52 13.22
N LYS B 734 -48.03 11.12 12.71
CA LYS B 734 -47.89 10.82 11.29
C LYS B 734 -48.84 9.71 10.84
N LYS B 735 -48.88 8.59 11.58
CA LYS B 735 -49.73 7.50 11.15
C LYS B 735 -51.19 7.90 11.26
N THR B 736 -51.53 8.74 12.24
CA THR B 736 -52.90 9.21 12.33
C THR B 736 -53.25 10.04 11.09
N LEU B 737 -52.29 10.84 10.63
CA LEU B 737 -52.52 11.71 9.47
C LEU B 737 -52.41 10.95 8.16
N THR B 738 -51.99 9.68 8.22
CA THR B 738 -52.03 8.82 7.05
C THR B 738 -53.21 7.87 7.08
N ASN B 739 -53.81 7.69 8.25
CA ASN B 739 -55.01 6.87 8.39
C ASN B 739 -56.27 7.67 8.08
N ILE B 740 -56.27 8.96 8.44
CA ILE B 740 -57.39 9.82 8.08
C ILE B 740 -57.53 9.92 6.57
N GLU B 741 -56.41 10.11 5.87
CA GLU B 741 -56.48 10.29 4.42
C GLU B 741 -57.06 9.07 3.72
N THR B 742 -56.63 7.86 4.11
CA THR B 742 -57.18 6.66 3.47
C THR B 742 -58.61 6.39 3.92
N ALA B 743 -58.94 6.64 5.19
CA ALA B 743 -60.30 6.39 5.64
C ALA B 743 -61.27 7.34 4.96
N ARG B 744 -60.82 8.57 4.71
CA ARG B 744 -61.66 9.55 4.02
C ARG B 744 -62.09 9.05 2.67
N HIS B 745 -61.20 8.31 1.99
CA HIS B 745 -61.46 7.81 0.66
C HIS B 745 -62.16 6.46 0.69
N ASP B 746 -62.46 5.97 1.89
CA ASP B 746 -63.16 4.72 2.06
C ASP B 746 -64.65 4.97 1.82
N GLU B 747 -65.41 3.90 1.81
CA GLU B 747 -66.86 3.98 1.64
C GLU B 747 -67.59 4.16 2.96
N ASP B 748 -66.97 3.69 4.04
CA ASP B 748 -67.51 3.80 5.39
C ASP B 748 -66.41 4.41 6.24
N PRO B 749 -66.27 5.75 6.22
CA PRO B 749 -65.15 6.35 6.95
C PRO B 749 -65.13 6.01 8.43
N VAL B 750 -66.29 5.85 9.07
CA VAL B 750 -66.31 5.62 10.51
C VAL B 750 -65.72 4.24 10.83
N ASN B 751 -66.30 3.18 10.28
CA ASN B 751 -65.82 1.83 10.60
C ASN B 751 -64.39 1.65 10.13
N GLU B 752 -64.04 2.30 9.03
CA GLU B 752 -62.69 2.17 8.50
C GLU B 752 -61.71 2.77 9.48
N LEU B 753 -61.92 4.03 9.85
CA LEU B 753 -60.97 4.67 10.74
C LEU B 753 -60.99 4.03 12.12
N VAL B 754 -62.11 3.42 12.52
CA VAL B 754 -62.16 2.85 13.86
C VAL B 754 -61.37 1.56 13.87
N GLU B 755 -61.46 0.78 12.80
CA GLU B 755 -60.74 -0.48 12.78
C GLU B 755 -59.26 -0.20 12.58
N LEU B 756 -58.95 0.82 11.78
CA LEU B 756 -57.55 1.15 11.53
C LEU B 756 -56.90 1.64 12.81
N MET B 757 -57.57 2.56 13.52
CA MET B 757 -56.97 3.12 14.71
C MET B 757 -56.96 2.12 15.85
N THR B 758 -57.87 1.13 15.82
CA THR B 758 -57.83 0.09 16.83
C THR B 758 -56.65 -0.83 16.58
N GLN B 759 -56.45 -1.22 15.32
CA GLN B 759 -55.31 -2.06 14.97
C GLN B 759 -54.01 -1.35 15.28
N SER B 760 -53.93 -0.06 14.96
CA SER B 760 -52.72 0.71 15.22
C SER B 760 -52.42 0.79 16.72
N ALA B 761 -53.45 1.01 17.52
CA ALA B 761 -53.32 1.14 18.97
C ALA B 761 -52.68 -0.09 19.58
N LEU C 242 34.02 42.73 9.12
CA LEU C 242 33.20 43.50 10.05
C LEU C 242 31.90 43.92 9.37
N GLY C 243 30.85 44.04 10.18
CA GLY C 243 29.50 44.24 9.68
C GLY C 243 28.56 43.18 10.21
N VAL C 244 29.03 42.41 11.19
CA VAL C 244 28.27 41.34 11.80
C VAL C 244 28.61 41.34 13.27
N GLY C 245 27.60 41.13 14.11
CA GLY C 245 27.75 41.29 15.54
C GLY C 245 27.26 40.06 16.26
N GLY C 246 27.92 39.81 17.40
CA GLY C 246 27.52 38.73 18.28
C GLY C 246 28.06 37.36 17.94
N LEU C 247 28.99 37.26 16.99
CA LEU C 247 29.48 35.96 16.53
C LEU C 247 31.00 35.94 16.50
N ASP C 248 31.61 36.43 17.57
CA ASP C 248 33.06 36.53 17.62
C ASP C 248 33.70 35.13 17.69
N LYS C 249 33.22 34.30 18.62
CA LYS C 249 33.85 33.01 18.86
C LYS C 249 33.74 32.12 17.63
N GLU C 250 32.56 32.07 17.02
CA GLU C 250 32.40 31.26 15.82
C GLU C 250 33.30 31.76 14.72
N PHE C 251 33.46 33.08 14.62
CA PHE C 251 34.31 33.65 13.59
C PHE C 251 35.75 33.20 13.79
N THR C 252 36.23 33.27 15.03
CA THR C 252 37.59 32.80 15.31
C THR C 252 37.74 31.32 15.00
N LYS C 253 36.73 30.52 15.37
CA LYS C 253 36.87 29.07 15.22
C LYS C 253 36.81 28.68 13.74
N ILE C 254 36.06 29.44 12.94
CA ILE C 254 36.04 29.21 11.51
C ILE C 254 37.37 29.62 10.90
N PHE C 255 37.90 30.77 11.31
CA PHE C 255 39.09 31.30 10.65
C PHE C 255 40.32 30.47 11.01
N ARG C 256 40.34 29.88 12.21
CA ARG C 256 41.46 29.06 12.61
C ARG C 256 41.62 27.85 11.70
N ARG C 257 40.52 27.26 11.27
CA ARG C 257 40.55 25.96 10.60
C ARG C 257 40.34 26.07 9.10
N ALA C 258 39.33 26.81 8.65
CA ALA C 258 39.00 26.80 7.23
C ALA C 258 39.88 27.72 6.40
N PHE C 259 40.54 28.70 7.02
CA PHE C 259 41.15 29.80 6.29
C PHE C 259 42.60 30.08 6.68
N ALA C 260 43.06 29.66 7.85
CA ALA C 260 44.35 30.10 8.34
C ALA C 260 45.47 29.69 7.38
N SER C 261 45.35 28.52 6.75
CA SER C 261 46.45 28.01 5.94
C SER C 261 46.54 28.69 4.59
N ARG C 262 45.47 29.34 4.12
CA ARG C 262 45.49 29.96 2.80
C ARG C 262 46.26 31.26 2.79
N ILE C 263 46.49 31.87 3.95
CA ILE C 263 47.22 33.14 4.00
C ILE C 263 48.68 32.90 3.68
N PHE C 264 49.22 31.81 4.21
CA PHE C 264 50.65 31.56 4.12
C PHE C 264 51.04 31.25 2.68
N PRO C 265 52.31 31.43 2.33
CA PRO C 265 52.74 31.07 0.99
C PRO C 265 52.69 29.57 0.78
N PRO C 266 52.52 29.12 -0.46
CA PRO C 266 52.49 27.67 -0.69
C PRO C 266 53.76 26.98 -0.22
N SER C 267 54.89 27.69 -0.20
CA SER C 267 56.16 27.06 0.16
C SER C 267 56.10 26.45 1.55
N VAL C 268 55.65 27.22 2.55
CA VAL C 268 55.69 26.74 3.93
C VAL C 268 54.65 25.63 4.11
N ILE C 269 53.50 25.78 3.45
CA ILE C 269 52.46 24.77 3.55
C ILE C 269 52.96 23.45 2.98
N GLU C 270 53.59 23.49 1.80
CA GLU C 270 54.28 22.32 1.28
C GLU C 270 55.38 21.85 2.21
N LYS C 271 55.94 22.76 3.01
CA LYS C 271 57.10 22.44 3.82
C LYS C 271 56.68 21.54 4.97
N LEU C 272 55.51 21.81 5.56
CA LEU C 272 55.08 20.98 6.67
C LEU C 272 54.55 19.64 6.17
N GLY C 273 53.87 19.64 5.02
CA GLY C 273 53.33 18.42 4.46
C GLY C 273 51.88 18.14 4.80
N ILE C 274 51.00 19.12 4.65
CA ILE C 274 49.58 18.97 4.91
C ILE C 274 48.79 19.48 3.70
N SER C 275 47.47 19.41 3.80
CA SER C 275 46.58 19.79 2.71
C SER C 275 45.44 20.67 3.21
N HIS C 276 45.02 21.60 2.34
CA HIS C 276 43.91 22.50 2.65
C HIS C 276 42.58 21.74 2.70
N VAL C 277 41.65 22.26 3.52
CA VAL C 277 40.32 21.69 3.63
C VAL C 277 39.43 22.20 2.50
N LYS C 278 38.51 21.34 2.05
CA LYS C 278 37.68 21.62 0.87
C LYS C 278 36.20 21.53 1.15
N GLY C 279 35.78 21.32 2.40
CA GLY C 279 34.37 21.34 2.71
C GLY C 279 34.05 21.82 4.11
N LEU C 280 32.97 22.59 4.21
CA LEU C 280 32.52 23.16 5.48
C LEU C 280 30.99 23.19 5.50
N LEU C 281 30.39 22.79 6.62
CA LEU C 281 28.94 22.73 6.75
C LEU C 281 28.49 23.72 7.80
N LEU C 282 27.46 24.50 7.45
CA LEU C 282 26.87 25.49 8.33
C LEU C 282 25.41 25.12 8.55
N TYR C 283 24.98 25.04 9.80
CA TYR C 283 23.58 24.77 10.05
C TYR C 283 23.09 25.66 11.19
N GLY C 284 21.83 26.04 11.08
CA GLY C 284 21.20 26.96 12.00
C GLY C 284 19.92 27.48 11.38
N PRO C 285 19.07 28.15 12.17
CA PRO C 285 17.74 28.48 11.68
C PRO C 285 17.79 29.49 10.54
N PRO C 286 16.71 29.58 9.76
CA PRO C 286 16.74 30.46 8.59
C PRO C 286 16.78 31.94 8.95
N GLY C 287 17.39 32.73 8.08
CA GLY C 287 17.38 34.17 8.26
C GLY C 287 18.31 34.71 9.33
N THR C 288 19.39 33.99 9.64
CA THR C 288 20.23 34.34 10.77
C THR C 288 21.58 34.91 10.37
N GLY C 289 21.93 34.88 9.08
CA GLY C 289 23.11 35.59 8.62
C GLY C 289 24.24 34.68 8.16
N LYS C 290 23.91 33.53 7.59
CA LYS C 290 24.95 32.58 7.19
C LYS C 290 25.60 33.02 5.88
N THR C 291 24.78 33.20 4.85
CA THR C 291 25.26 33.73 3.57
C THR C 291 26.04 35.02 3.80
N LEU C 292 25.60 35.81 4.78
CA LEU C 292 26.28 37.05 5.12
C LEU C 292 27.72 36.77 5.53
N ILE C 293 27.93 35.88 6.49
CA ILE C 293 29.28 35.50 6.91
C ILE C 293 30.09 35.03 5.72
N ALA C 294 29.52 34.13 4.91
CA ALA C 294 30.24 33.61 3.75
C ALA C 294 30.76 34.76 2.87
N ARG C 295 29.83 35.61 2.43
CA ARG C 295 30.22 36.70 1.54
C ARG C 295 31.25 37.60 2.19
N LYS C 296 31.14 37.80 3.51
CA LYS C 296 31.99 38.80 4.13
C LYS C 296 33.40 38.24 4.27
N ILE C 297 33.52 36.94 4.58
CA ILE C 297 34.83 36.32 4.65
C ILE C 297 35.49 36.39 3.28
N GLY C 298 34.72 36.09 2.23
CA GLY C 298 35.32 36.10 0.91
C GLY C 298 35.89 37.46 0.56
N THR C 299 35.35 38.53 1.14
CA THR C 299 35.90 39.85 0.88
C THR C 299 37.22 40.05 1.62
N MET C 300 37.39 39.38 2.75
CA MET C 300 38.68 39.44 3.45
C MET C 300 39.75 38.72 2.66
N LEU C 301 39.43 37.54 2.12
CA LEU C 301 40.43 36.83 1.33
C LEU C 301 40.60 37.42 -0.07
N ASN C 302 39.65 38.23 -0.51
CA ASN C 302 39.67 38.80 -1.87
C ASN C 302 39.62 37.68 -2.88
N ALA C 303 38.75 36.71 -2.62
CA ALA C 303 38.40 35.69 -3.58
C ALA C 303 37.43 36.25 -4.60
N LYS C 304 37.18 35.47 -5.64
CA LYS C 304 36.15 35.82 -6.59
C LYS C 304 34.79 35.85 -5.90
N GLU C 305 33.85 36.54 -6.51
CA GLU C 305 32.48 36.54 -6.03
C GLU C 305 31.97 35.10 -5.92
N PRO C 306 31.57 34.65 -4.74
CA PRO C 306 31.16 33.25 -4.62
C PRO C 306 29.92 32.98 -5.48
N LYS C 307 29.95 31.84 -6.15
CA LYS C 307 28.79 31.31 -6.86
C LYS C 307 27.81 30.72 -5.85
N ILE C 308 26.53 30.71 -6.23
CA ILE C 308 25.48 30.17 -5.37
C ILE C 308 24.60 29.25 -6.21
N VAL C 309 24.23 28.10 -5.64
CA VAL C 309 23.35 27.14 -6.28
C VAL C 309 22.33 26.66 -5.27
N ASN C 310 21.08 26.49 -5.70
CA ASN C 310 19.98 26.11 -4.85
C ASN C 310 19.54 24.69 -5.19
N GLY C 311 19.38 23.84 -4.17
CA GLY C 311 19.07 22.45 -4.38
C GLY C 311 17.84 22.21 -5.23
N PRO C 312 16.66 22.59 -4.73
CA PRO C 312 15.42 22.42 -5.51
C PRO C 312 15.45 23.03 -6.92
N GLY C 320 18.51 15.77 -17.84
CA GLY C 320 19.72 16.01 -18.60
C GLY C 320 20.31 17.41 -18.43
N SER C 321 19.46 18.43 -18.45
CA SER C 321 19.95 19.79 -18.23
C SER C 321 20.66 19.90 -16.88
N SER C 322 20.05 19.36 -15.84
CA SER C 322 20.66 19.32 -14.51
C SER C 322 21.98 18.59 -14.56
N GLU C 323 22.04 17.46 -15.28
CA GLU C 323 23.28 16.71 -15.39
C GLU C 323 24.38 17.57 -15.99
N GLU C 324 24.06 18.33 -17.05
CA GLU C 324 25.08 19.16 -17.68
C GLU C 324 25.43 20.35 -16.80
N ASN C 325 24.48 20.78 -15.97
CA ASN C 325 24.66 22.00 -15.19
C ASN C 325 25.86 21.85 -14.29
N ILE C 326 25.93 20.73 -13.57
CA ILE C 326 27.00 20.54 -12.60
C ILE C 326 28.35 20.69 -13.30
N ARG C 327 28.51 20.01 -14.45
CA ARG C 327 29.79 20.09 -15.14
C ARG C 327 30.04 21.49 -15.66
N ASN C 328 28.99 22.30 -15.78
CA ASN C 328 29.20 23.68 -16.22
C ASN C 328 29.71 24.53 -15.08
N LEU C 329 29.32 24.21 -13.84
CA LEU C 329 29.58 25.09 -12.71
C LEU C 329 31.08 25.26 -12.45
N PHE C 330 31.85 24.18 -12.54
CA PHE C 330 33.26 24.18 -12.15
C PHE C 330 34.21 24.66 -13.22
N LYS C 331 33.70 25.11 -14.36
CA LYS C 331 34.55 25.38 -15.51
C LYS C 331 35.67 26.36 -15.17
N ASP C 332 35.31 27.50 -14.56
CA ASP C 332 36.31 28.52 -14.23
C ASP C 332 37.38 28.00 -13.28
N ALA C 333 37.01 27.21 -12.28
CA ALA C 333 38.05 26.72 -11.37
C ALA C 333 39.04 25.85 -12.12
N GLU C 334 38.55 25.02 -13.04
CA GLU C 334 39.44 24.18 -13.81
C GLU C 334 40.33 25.05 -14.67
N ALA C 335 39.74 26.04 -15.34
CA ALA C 335 40.53 26.86 -16.24
C ALA C 335 41.63 27.52 -15.46
N GLU C 336 41.28 28.19 -14.34
CA GLU C 336 42.27 28.92 -13.59
C GLU C 336 43.33 27.98 -13.05
N TYR C 337 42.95 26.72 -12.85
CA TYR C 337 43.91 25.76 -12.31
C TYR C 337 44.95 25.44 -13.38
N ARG C 338 44.48 25.07 -14.56
CA ARG C 338 45.41 24.88 -15.67
C ARG C 338 46.25 26.14 -15.90
N ALA C 339 45.63 27.31 -15.70
CA ALA C 339 46.30 28.58 -15.93
C ALA C 339 47.51 28.75 -15.02
N LYS C 340 47.32 28.55 -13.71
CA LYS C 340 48.31 28.98 -12.72
C LYS C 340 48.73 27.90 -11.72
N GLY C 341 48.31 26.65 -11.91
CA GLY C 341 48.77 25.57 -11.05
C GLY C 341 48.34 25.85 -9.62
N GLU C 342 49.20 25.49 -8.67
CA GLU C 342 48.80 25.62 -7.28
C GLU C 342 48.67 27.07 -6.86
N GLU C 343 49.16 28.00 -7.69
CA GLU C 343 49.11 29.43 -7.41
C GLU C 343 47.83 30.06 -7.96
N SER C 344 46.83 29.26 -8.31
CA SER C 344 45.57 29.81 -8.75
C SER C 344 44.89 30.52 -7.58
N SER C 345 43.90 31.34 -7.91
CA SER C 345 43.16 32.02 -6.87
C SER C 345 42.17 31.06 -6.23
N LEU C 346 41.58 31.49 -5.12
CA LEU C 346 40.62 30.67 -4.43
C LEU C 346 39.26 30.87 -5.08
N HIS C 347 38.48 29.80 -5.11
CA HIS C 347 37.18 29.78 -5.75
C HIS C 347 36.20 29.27 -4.72
N ILE C 348 35.06 29.94 -4.61
CA ILE C 348 34.08 29.66 -3.56
C ILE C 348 32.78 29.26 -4.23
N ILE C 349 32.20 28.16 -3.78
CA ILE C 349 30.91 27.68 -4.26
C ILE C 349 30.03 27.51 -3.03
N ILE C 350 28.86 28.13 -3.05
CA ILE C 350 27.89 28.10 -1.96
C ILE C 350 26.73 27.23 -2.37
N PHE C 351 26.36 26.28 -1.51
CA PHE C 351 25.30 25.31 -1.78
C PHE C 351 24.22 25.46 -0.74
N ASP C 352 23.03 25.81 -1.20
CA ASP C 352 21.93 26.21 -0.33
C ASP C 352 20.86 25.13 -0.38
N GLU C 353 20.20 24.94 0.76
CA GLU C 353 19.17 23.92 0.92
C GLU C 353 19.67 22.55 0.47
N LEU C 354 20.84 22.18 0.98
CA LEU C 354 21.48 20.93 0.57
C LEU C 354 20.58 19.73 0.85
N ASP C 355 20.00 19.67 2.06
CA ASP C 355 19.21 18.52 2.51
C ASP C 355 18.20 18.08 1.45
N SER C 356 17.67 19.01 0.66
CA SER C 356 16.64 18.69 -0.31
C SER C 356 17.04 17.53 -1.21
N VAL C 357 18.33 17.44 -1.53
CA VAL C 357 18.78 16.35 -2.40
C VAL C 357 18.48 15.02 -1.76
N PHE C 358 18.72 14.93 -0.44
CA PHE C 358 18.54 13.68 0.28
C PHE C 358 17.10 13.45 0.66
N LYS C 359 16.26 14.48 0.59
CA LYS C 359 14.87 14.39 1.04
C LYS C 359 13.99 13.61 0.06
N GLN C 360 14.32 12.35 -0.20
CA GLN C 360 13.54 11.52 -1.11
C GLN C 360 13.91 10.08 -0.80
N ARG C 361 13.02 9.16 -1.15
CA ARG C 361 13.29 7.76 -0.89
C ARG C 361 14.46 7.31 -1.76
N GLY C 362 15.27 6.40 -1.21
CA GLY C 362 16.46 5.94 -1.90
C GLY C 362 16.16 5.34 -3.26
N SER C 363 15.06 4.58 -3.36
CA SER C 363 14.71 3.92 -4.61
C SER C 363 14.46 4.95 -5.72
N ARG C 364 13.68 5.98 -5.44
CA ARG C 364 13.40 6.99 -6.46
C ARG C 364 14.65 7.81 -6.78
N GLY C 365 15.44 8.14 -5.75
CA GLY C 365 16.65 8.93 -5.94
C GLY C 365 17.64 8.22 -6.84
N ASP C 366 17.74 6.91 -6.70
CA ASP C 366 18.71 6.15 -7.48
C ASP C 366 18.15 5.80 -8.85
N GLY C 367 16.88 5.39 -8.92
CA GLY C 367 16.28 5.05 -10.21
C GLY C 367 16.21 6.23 -11.16
N THR C 368 15.74 7.38 -10.67
CA THR C 368 15.76 8.58 -11.49
C THR C 368 17.19 9.11 -11.62
N GLY C 369 17.94 9.04 -10.53
CA GLY C 369 19.33 9.44 -10.52
C GLY C 369 19.55 10.92 -10.33
N VAL C 370 18.50 11.74 -10.33
CA VAL C 370 18.71 13.18 -10.16
C VAL C 370 19.37 13.48 -8.83
N GLY C 371 18.84 12.90 -7.75
CA GLY C 371 19.41 13.13 -6.43
C GLY C 371 20.81 12.56 -6.24
N ASP C 372 21.01 11.30 -6.62
CA ASP C 372 22.29 10.65 -6.32
C ASP C 372 23.42 11.11 -7.23
N ASN C 373 23.10 11.40 -8.49
CA ASN C 373 24.11 11.71 -9.50
C ASN C 373 24.84 12.99 -9.14
N VAL C 374 24.08 14.01 -8.75
CA VAL C 374 24.69 15.28 -8.36
C VAL C 374 25.67 15.02 -7.24
N VAL C 375 25.24 14.27 -6.23
CA VAL C 375 26.06 14.01 -5.06
C VAL C 375 27.35 13.32 -5.48
N ASN C 376 27.22 12.28 -6.32
CA ASN C 376 28.41 11.52 -6.71
C ASN C 376 29.37 12.38 -7.50
N GLN C 377 28.87 13.16 -8.48
CA GLN C 377 29.76 14.04 -9.24
C GLN C 377 30.44 15.04 -8.33
N LEU C 378 29.70 15.57 -7.36
CA LEU C 378 30.28 16.55 -6.46
C LEU C 378 31.41 15.91 -5.67
N LEU C 379 31.16 14.71 -5.16
CA LEU C 379 32.20 14.04 -4.40
C LEU C 379 33.38 13.70 -5.31
N ALA C 380 33.09 13.43 -6.59
CA ALA C 380 34.16 13.15 -7.54
C ALA C 380 35.09 14.34 -7.63
N LYS C 381 34.53 15.54 -7.62
CA LYS C 381 35.32 16.74 -7.86
C LYS C 381 36.21 17.14 -6.67
N MET C 382 35.97 16.59 -5.47
CA MET C 382 36.75 16.95 -4.29
C MET C 382 37.35 15.78 -3.53
N ASP C 383 37.07 14.55 -3.90
CA ASP C 383 37.64 13.36 -3.26
C ASP C 383 38.34 12.43 -4.22
N GLY C 384 37.91 12.41 -5.48
CA GLY C 384 38.26 11.37 -6.43
C GLY C 384 39.60 11.65 -7.07
N VAL C 385 39.78 11.10 -8.27
CA VAL C 385 41.01 11.33 -9.01
C VAL C 385 40.98 12.64 -9.78
N ASP C 386 39.80 13.26 -9.92
CA ASP C 386 39.70 14.59 -10.53
C ASP C 386 39.79 15.70 -9.49
N GLN C 387 40.52 15.47 -8.40
CA GLN C 387 40.54 16.44 -7.30
C GLN C 387 41.04 17.80 -7.79
N LEU C 388 40.33 18.86 -7.39
CA LEU C 388 40.65 20.22 -7.78
C LEU C 388 41.02 21.01 -6.53
N ASN C 389 42.19 21.64 -6.56
CA ASN C 389 42.81 22.16 -5.34
C ASN C 389 42.66 23.68 -5.20
N ASN C 390 41.74 24.27 -5.96
CA ASN C 390 41.49 25.70 -5.91
C ASN C 390 40.20 26.02 -5.18
N ILE C 391 39.30 25.06 -5.09
CA ILE C 391 37.91 25.33 -4.77
C ILE C 391 37.68 25.03 -3.29
N LEU C 392 36.61 25.60 -2.76
CA LEU C 392 36.11 25.30 -1.41
C LEU C 392 34.59 25.34 -1.48
N VAL C 393 33.94 24.29 -1.01
CA VAL C 393 32.49 24.13 -1.15
C VAL C 393 31.84 24.22 0.24
N ILE C 394 30.84 25.08 0.33
CA ILE C 394 30.07 25.37 1.53
C ILE C 394 28.67 24.79 1.35
N GLY C 395 28.20 24.02 2.33
CA GLY C 395 26.83 23.52 2.31
C GLY C 395 26.07 24.22 3.42
N MET C 396 24.76 24.35 3.23
CA MET C 396 23.93 25.11 4.15
C MET C 396 22.61 24.38 4.35
N THR C 397 22.27 24.08 5.60
CA THR C 397 21.05 23.35 5.89
C THR C 397 20.49 23.83 7.22
N ASN C 398 19.18 23.73 7.35
CA ASN C 398 18.54 24.01 8.62
C ASN C 398 18.42 22.77 9.48
N ARG C 399 18.73 21.59 8.91
CA ARG C 399 18.56 20.32 9.59
C ARG C 399 19.79 19.47 9.31
N LYS C 400 20.60 19.23 10.33
CA LYS C 400 21.80 18.41 10.19
C LYS C 400 21.52 16.92 10.17
N ASP C 401 20.49 16.46 10.89
CA ASP C 401 20.29 15.03 11.13
C ASP C 401 19.87 14.25 9.89
N LEU C 402 19.44 14.92 8.83
CA LEU C 402 18.99 14.22 7.63
C LEU C 402 20.11 13.95 6.65
N ILE C 403 21.30 14.52 6.85
CA ILE C 403 22.42 14.30 5.95
C ILE C 403 23.15 13.02 6.35
N ASP C 404 23.48 12.20 5.36
CA ASP C 404 24.14 10.92 5.62
C ASP C 404 25.55 11.13 6.16
N SER C 405 25.98 10.18 7.00
CA SER C 405 27.30 10.26 7.61
C SER C 405 28.42 10.11 6.59
N ALA C 406 28.15 9.52 5.43
CA ALA C 406 29.22 9.29 4.45
C ALA C 406 29.88 10.60 4.04
N LEU C 407 29.13 11.71 4.08
CA LEU C 407 29.65 12.97 3.60
C LEU C 407 30.53 13.66 4.62
N LEU C 408 30.41 13.30 5.90
CA LEU C 408 31.06 14.01 6.97
C LEU C 408 32.48 13.51 7.19
N ARG C 409 32.83 12.35 6.63
CA ARG C 409 34.09 11.72 6.93
C ARG C 409 35.24 12.55 6.37
N PRO C 410 36.46 12.35 6.86
CA PRO C 410 37.58 13.18 6.42
C PRO C 410 37.74 13.16 4.90
N GLY C 411 38.11 14.31 4.35
CA GLY C 411 38.16 14.54 2.93
C GLY C 411 36.91 15.17 2.35
N ARG C 412 35.80 15.11 3.07
CA ARG C 412 34.55 15.72 2.62
C ARG C 412 33.86 16.31 3.84
N PHE C 413 33.50 17.59 3.74
CA PHE C 413 32.75 18.32 4.77
C PHE C 413 33.17 17.93 6.18
N GLU C 414 34.43 18.23 6.47
CA GLU C 414 35.03 17.74 7.71
C GLU C 414 34.68 18.58 8.91
N VAL C 415 34.25 19.83 8.71
CA VAL C 415 34.01 20.76 9.80
C VAL C 415 32.56 21.22 9.71
N GLN C 416 31.87 21.23 10.86
CA GLN C 416 30.44 21.47 10.96
C GLN C 416 30.22 22.51 12.06
N VAL C 417 29.38 23.51 11.79
CA VAL C 417 29.20 24.62 12.72
C VAL C 417 27.71 24.92 12.91
N GLU C 418 27.39 25.44 14.09
CA GLU C 418 26.03 25.67 14.55
C GLU C 418 25.81 27.13 14.91
N ILE C 419 24.70 27.69 14.47
CA ILE C 419 24.33 29.08 14.71
C ILE C 419 23.16 29.14 15.69
N HIS C 420 23.13 30.19 16.50
CA HIS C 420 22.19 30.33 17.60
C HIS C 420 21.42 31.64 17.45
N LEU C 421 20.33 31.74 18.20
CA LEU C 421 19.62 33.01 18.31
C LEU C 421 20.43 34.02 19.13
N PRO C 422 20.24 35.31 18.89
CA PRO C 422 21.04 36.32 19.60
C PRO C 422 20.49 36.60 20.99
N ASP C 423 21.36 37.16 21.82
CA ASP C 423 20.99 37.66 23.13
C ASP C 423 20.93 39.19 23.07
N GLU C 424 20.76 39.81 24.25
CA GLU C 424 20.51 41.25 24.32
C GLU C 424 21.63 42.04 23.66
N LYS C 425 22.89 41.74 24.04
CA LYS C 425 24.03 42.47 23.47
C LYS C 425 24.09 42.31 21.96
N GLY C 426 23.74 41.13 21.45
CA GLY C 426 23.73 40.96 20.01
C GLY C 426 22.76 41.92 19.36
N ARG C 427 21.54 42.00 19.90
CA ARG C 427 20.55 42.89 19.33
C ARG C 427 20.97 44.33 19.48
N LEU C 428 21.63 44.67 20.59
CA LEU C 428 22.12 46.03 20.78
C LEU C 428 23.13 46.39 19.70
N GLN C 429 24.03 45.45 19.37
CA GLN C 429 25.00 45.73 18.33
C GLN C 429 24.30 45.82 17.00
N ILE C 430 23.29 44.97 16.78
CA ILE C 430 22.60 44.98 15.50
C ILE C 430 21.87 46.32 15.34
N PHE C 431 21.32 46.83 16.45
CA PHE C 431 20.67 48.14 16.40
C PHE C 431 21.67 49.20 15.99
N ASP C 432 22.88 49.14 16.56
CA ASP C 432 23.91 50.09 16.17
C ASP C 432 24.22 50.00 14.68
N ILE C 433 24.44 48.78 14.20
CA ILE C 433 24.81 48.58 12.80
C ILE C 433 23.70 49.08 11.88
N GLN C 434 22.44 48.82 12.25
CA GLN C 434 21.33 49.15 11.37
C GLN C 434 20.98 50.64 11.40
N THR C 435 21.20 51.33 12.51
CA THR C 435 20.83 52.74 12.61
C THR C 435 22.00 53.68 12.40
N LYS C 436 23.18 53.14 12.06
CA LYS C 436 24.34 53.99 11.80
C LYS C 436 24.03 55.11 10.81
N LYS C 437 23.42 54.78 9.66
CA LYS C 437 23.32 55.78 8.61
C LYS C 437 22.30 56.85 8.95
N MET C 438 21.28 56.51 9.73
CA MET C 438 20.38 57.53 10.24
C MET C 438 21.11 58.42 11.23
N ARG C 439 21.88 57.82 12.14
CA ARG C 439 22.55 58.62 13.17
C ARG C 439 23.53 59.59 12.55
N GLU C 440 24.27 59.15 11.51
CA GLU C 440 25.29 59.98 10.90
C GLU C 440 24.75 61.15 10.09
N ASN C 441 23.42 61.32 9.99
CA ASN C 441 22.86 62.42 9.22
C ASN C 441 21.83 63.22 10.01
N ASN C 442 21.86 63.15 11.34
CA ASN C 442 20.97 63.94 12.19
C ASN C 442 19.50 63.75 11.82
N MET C 443 19.14 62.51 11.47
CA MET C 443 17.76 62.16 11.16
C MET C 443 17.20 61.21 12.21
N MET C 444 17.73 61.28 13.43
CA MET C 444 17.25 60.47 14.54
C MET C 444 17.13 61.34 15.77
N SER C 445 15.99 61.24 16.45
CA SER C 445 15.73 62.08 17.60
C SER C 445 16.64 61.67 18.76
N ASP C 446 16.65 62.51 19.79
CA ASP C 446 17.53 62.31 20.94
C ASP C 446 16.86 61.55 22.08
N ASP C 447 15.55 61.28 21.99
CA ASP C 447 14.85 60.52 23.00
C ASP C 447 14.94 59.02 22.80
N VAL C 448 15.41 58.56 21.64
CA VAL C 448 15.47 57.14 21.33
C VAL C 448 16.63 56.52 22.11
N ASN C 449 16.33 55.59 22.99
CA ASN C 449 17.34 54.92 23.81
C ASN C 449 17.44 53.47 23.37
N LEU C 450 18.61 53.08 22.90
CA LEU C 450 18.75 51.76 22.31
C LEU C 450 18.82 50.66 23.34
N LYS C 458 12.73 41.06 22.62
CA LYS C 458 13.21 40.03 23.53
C LYS C 458 13.83 38.84 22.80
N ASN C 459 13.29 38.47 21.65
CA ASN C 459 13.75 37.25 20.97
C ASN C 459 13.84 37.47 19.46
N PHE C 460 14.13 38.70 19.05
CA PHE C 460 14.08 39.03 17.63
C PHE C 460 15.33 38.52 16.92
N SER C 461 15.22 38.38 15.61
CA SER C 461 16.37 38.19 14.73
C SER C 461 16.72 39.51 14.06
N GLY C 462 17.73 39.45 13.18
CA GLY C 462 18.17 40.67 12.52
C GLY C 462 17.11 41.21 11.57
N ALA C 463 16.50 40.31 10.79
CA ALA C 463 15.46 40.71 9.85
C ALA C 463 14.35 41.47 10.56
N GLU C 464 13.95 41.01 11.75
CA GLU C 464 12.87 41.67 12.46
C GLU C 464 13.24 43.08 12.87
N ILE C 465 14.50 43.29 13.27
CA ILE C 465 14.93 44.64 13.63
C ILE C 465 14.95 45.54 12.41
N GLU C 466 15.48 45.03 11.29
CA GLU C 466 15.41 45.76 10.03
C GLU C 466 13.98 46.17 9.69
N GLY C 467 13.05 45.21 9.74
CA GLY C 467 11.66 45.51 9.45
C GLY C 467 11.09 46.57 10.38
N LEU C 468 11.41 46.48 11.67
CA LEU C 468 10.89 47.46 12.61
C LEU C 468 11.40 48.85 12.30
N VAL C 469 12.71 48.97 12.00
CA VAL C 469 13.26 50.26 11.60
C VAL C 469 12.52 50.78 10.37
N LYS C 470 12.37 49.93 9.36
CA LYS C 470 11.66 50.32 8.15
C LYS C 470 10.26 50.82 8.49
N SER C 471 9.55 50.11 9.37
CA SER C 471 8.21 50.51 9.76
C SER C 471 8.22 51.90 10.40
N ALA C 472 9.13 52.13 11.35
CA ALA C 472 9.19 53.44 11.99
C ALA C 472 9.47 54.53 10.97
N SER C 473 10.43 54.30 10.07
CA SER C 473 10.67 55.23 8.98
C SER C 473 9.41 55.48 8.17
N SER C 474 8.66 54.41 7.86
CA SER C 474 7.42 54.56 7.10
C SER C 474 6.48 55.49 7.83
N PHE C 475 6.31 55.27 9.14
CA PHE C 475 5.44 56.12 9.94
C PHE C 475 5.87 57.57 9.77
N ALA C 476 7.16 57.85 9.96
CA ALA C 476 7.63 59.23 9.90
C ALA C 476 7.43 59.83 8.51
N ILE C 477 7.62 59.03 7.47
CA ILE C 477 7.36 59.48 6.10
C ILE C 477 5.90 59.89 5.94
N ASN C 478 4.98 58.99 6.30
CA ASN C 478 3.56 59.28 6.12
C ASN C 478 3.13 60.54 6.86
N LYS C 479 3.79 60.86 7.98
CA LYS C 479 3.38 62.00 8.79
C LYS C 479 3.47 63.34 8.05
N THR C 480 4.23 63.39 6.96
CA THR C 480 4.45 64.65 6.23
C THR C 480 3.86 64.64 4.84
N VAL C 481 3.83 63.48 4.17
CA VAL C 481 3.27 63.42 2.82
C VAL C 481 1.78 63.76 2.91
N ASN C 482 1.27 64.35 1.82
CA ASN C 482 -0.13 64.80 1.69
C ASN C 482 -0.69 65.34 3.02
N ASN C 491 6.46 66.21 -2.12
CA ASN C 491 5.05 66.60 -2.04
C ASN C 491 4.83 67.69 -0.99
N THR C 492 5.90 68.18 -0.37
CA THR C 492 5.74 69.28 0.57
C THR C 492 7.08 69.97 0.77
N LYS C 493 7.02 71.17 1.32
CA LYS C 493 8.20 71.93 1.71
C LYS C 493 8.88 71.21 2.87
N ASP C 494 9.91 71.84 3.45
CA ASP C 494 10.60 71.47 4.69
C ASP C 494 10.67 69.96 4.90
N ILE C 495 11.16 69.25 3.89
CA ILE C 495 11.57 67.86 4.09
C ILE C 495 12.83 67.81 4.92
N ALA C 496 13.65 68.87 4.86
CA ALA C 496 14.96 68.85 5.47
C ALA C 496 14.93 68.73 6.99
N LYS C 497 13.76 68.93 7.61
CA LYS C 497 13.64 68.84 9.06
C LYS C 497 13.18 67.45 9.51
N LEU C 498 13.30 66.45 8.64
CA LEU C 498 12.81 65.12 8.97
C LEU C 498 13.62 64.49 10.08
N LYS C 499 12.92 63.77 10.96
CA LYS C 499 13.56 63.01 12.03
C LYS C 499 12.59 61.90 12.44
N VAL C 500 13.15 60.81 12.93
CA VAL C 500 12.36 59.76 13.53
C VAL C 500 12.33 60.00 15.04
N THR C 501 11.32 59.48 15.70
CA THR C 501 11.11 59.75 17.11
C THR C 501 10.78 58.44 17.80
N ARG C 502 10.84 58.48 19.14
CA ARG C 502 10.59 57.28 19.92
C ARG C 502 9.17 56.75 19.69
N GLU C 503 8.19 57.65 19.66
CA GLU C 503 6.81 57.24 19.43
C GLU C 503 6.63 56.46 18.14
N ASP C 504 7.38 56.80 17.09
CA ASP C 504 7.24 56.06 15.84
C ASP C 504 7.66 54.61 16.01
N PHE C 505 8.78 54.39 16.71
CA PHE C 505 9.20 53.03 17.04
C PHE C 505 8.17 52.31 17.89
N LEU C 506 7.64 53.01 18.90
CA LEU C 506 6.68 52.36 19.79
C LEU C 506 5.42 51.96 19.03
N ASN C 507 4.97 52.80 18.09
CA ASN C 507 3.83 52.44 17.26
C ASN C 507 4.19 51.29 16.33
N ALA C 508 5.39 51.32 15.75
CA ALA C 508 5.79 50.30 14.81
C ALA C 508 5.88 48.94 15.47
N LEU C 509 6.14 48.91 16.79
CA LEU C 509 6.29 47.64 17.48
C LEU C 509 5.03 46.79 17.45
N ASN C 510 3.87 47.40 17.18
CA ASN C 510 2.59 46.69 17.14
C ASN C 510 2.26 46.11 15.78
N ASP C 511 3.10 46.31 14.78
CA ASP C 511 2.83 45.86 13.42
C ASP C 511 3.67 44.68 12.99
N VAL C 512 4.78 44.41 13.69
CA VAL C 512 5.66 43.28 13.41
C VAL C 512 5.53 42.29 14.56
N THR C 513 5.05 41.07 14.26
CA THR C 513 4.86 40.03 15.26
C THR C 513 5.84 38.88 15.01
N PRO C 514 6.63 38.45 15.99
CA PRO C 514 7.71 37.51 15.69
C PRO C 514 7.23 36.06 15.70
N ALA C 515 7.91 35.24 14.90
CA ALA C 515 7.89 33.81 15.11
C ALA C 515 8.68 33.48 16.37
N PHE C 516 8.36 32.32 16.97
CA PHE C 516 8.85 31.95 18.29
C PHE C 516 8.33 32.93 19.35
N GLY C 517 7.01 32.92 19.51
CA GLY C 517 6.37 33.85 20.41
C GLY C 517 5.23 33.25 21.21
N ILE C 518 4.28 34.10 21.58
CA ILE C 518 3.13 33.73 22.38
C ILE C 518 1.87 33.82 21.52
N SER C 519 1.10 32.73 21.47
CA SER C 519 -0.19 32.73 20.76
C SER C 519 -1.21 33.42 21.65
N GLU C 520 -1.10 34.75 21.70
CA GLU C 520 -1.80 35.53 22.72
C GLU C 520 -3.31 35.47 22.50
N GLU C 521 -3.76 35.74 21.27
CA GLU C 521 -5.19 35.92 21.03
C GLU C 521 -5.96 34.65 21.38
N ASP C 522 -5.42 33.49 21.00
CA ASP C 522 -6.14 32.25 21.26
C ASP C 522 -6.32 32.02 22.75
N LEU C 523 -5.24 32.14 23.52
CA LEU C 523 -5.35 31.95 24.97
C LEU C 523 -6.33 32.94 25.56
N LYS C 524 -6.21 34.20 25.15
CA LYS C 524 -6.92 35.27 25.82
C LYS C 524 -8.40 35.14 25.52
N THR C 525 -8.79 35.20 24.26
CA THR C 525 -10.20 35.20 23.95
C THR C 525 -10.78 33.82 24.19
N CYS C 526 -10.23 32.80 23.49
CA CYS C 526 -10.86 31.49 23.50
C CYS C 526 -10.95 30.90 24.91
N VAL C 527 -9.93 31.10 25.74
CA VAL C 527 -9.79 30.30 26.95
C VAL C 527 -10.18 31.05 28.20
N GLU C 528 -10.67 32.29 28.06
CA GLU C 528 -11.13 33.05 29.21
C GLU C 528 -12.35 33.85 28.81
N GLY C 529 -13.47 33.55 29.45
CA GLY C 529 -14.67 34.34 29.32
C GLY C 529 -15.22 34.59 30.71
N GLY C 530 -14.31 34.80 31.64
CA GLY C 530 -14.63 35.03 33.04
C GLY C 530 -13.51 34.51 33.91
N MET C 531 -13.47 35.02 35.13
CA MET C 531 -12.54 34.49 36.12
C MET C 531 -12.94 34.98 37.50
N MET C 532 -13.34 34.07 38.38
CA MET C 532 -13.91 34.47 39.65
C MET C 532 -13.49 33.49 40.74
N LEU C 533 -12.99 34.04 41.85
CA LEU C 533 -12.45 33.26 42.95
C LEU C 533 -13.62 32.95 43.86
N TYR C 534 -14.19 31.76 43.72
CA TYR C 534 -15.40 31.38 44.45
C TYR C 534 -15.11 30.51 45.65
N SER C 535 -13.85 30.14 45.88
CA SER C 535 -13.49 29.23 46.95
C SER C 535 -12.01 29.35 47.22
N GLU C 536 -11.57 28.70 48.28
CA GLU C 536 -10.17 28.76 48.68
C GLU C 536 -9.29 27.84 47.84
N ARG C 537 -9.87 26.76 47.32
CA ARG C 537 -9.11 25.83 46.52
C ARG C 537 -8.57 26.50 45.27
N VAL C 538 -9.38 27.34 44.62
CA VAL C 538 -8.90 28.06 43.45
C VAL C 538 -7.63 28.83 43.80
N ASN C 539 -7.66 29.56 44.91
CA ASN C 539 -6.51 30.38 45.29
C ASN C 539 -5.31 29.50 45.56
N SER C 540 -5.52 28.35 46.23
CA SER C 540 -4.39 27.47 46.51
C SER C 540 -3.79 26.97 45.20
N ILE C 541 -4.64 26.67 44.24
CA ILE C 541 -4.14 26.13 42.97
C ILE C 541 -3.33 27.17 42.24
N LEU C 542 -3.77 28.44 42.31
CA LEU C 542 -3.08 29.48 41.58
C LEU C 542 -1.78 29.86 42.28
N LYS C 543 -1.74 29.66 43.59
CA LYS C 543 -0.52 29.89 44.34
C LYS C 543 0.49 28.82 43.98
N ASN C 544 0.04 27.57 43.89
CA ASN C 544 0.94 26.49 43.50
C ASN C 544 1.47 26.74 42.09
N GLY C 545 0.61 27.24 41.21
CA GLY C 545 1.05 27.55 39.86
C GLY C 545 2.19 28.56 39.88
N ALA C 546 2.02 29.64 40.64
CA ALA C 546 3.08 30.64 40.72
C ALA C 546 4.34 30.03 41.30
N ARG C 547 4.19 29.18 42.32
CA ARG C 547 5.35 28.56 42.94
C ARG C 547 6.13 27.78 41.91
N TYR C 548 5.43 27.06 41.03
CA TYR C 548 6.12 26.20 40.09
C TYR C 548 6.75 27.02 38.98
N VAL C 549 6.09 28.11 38.56
CA VAL C 549 6.72 28.97 37.57
C VAL C 549 8.03 29.50 38.13
N ARG C 550 8.02 29.83 39.42
CA ARG C 550 9.21 30.40 40.02
C ARG C 550 10.27 29.31 40.16
N GLN C 551 9.84 28.10 40.51
CA GLN C 551 10.79 27.01 40.65
C GLN C 551 11.46 26.69 39.32
N VAL C 552 10.69 26.75 38.22
CA VAL C 552 11.20 26.36 36.91
C VAL C 552 11.74 27.61 36.20
N ARG C 553 11.97 28.68 36.97
CA ARG C 553 12.62 29.86 36.45
C ARG C 553 13.80 30.28 37.30
N GLU C 554 14.02 29.63 38.44
CA GLU C 554 15.01 30.07 39.41
C GLU C 554 15.69 28.86 40.03
N SER C 555 16.01 27.86 39.20
CA SER C 555 16.73 26.70 39.69
C SER C 555 17.32 25.98 38.49
N ASP C 556 18.49 25.38 38.71
CA ASP C 556 19.21 24.69 37.64
C ASP C 556 19.13 23.19 37.79
N LYS C 557 18.36 22.70 38.75
CA LYS C 557 18.12 21.27 38.95
C LYS C 557 16.66 20.96 38.67
N SER C 558 16.10 21.65 37.67
CA SER C 558 14.72 21.42 37.25
C SER C 558 14.56 22.07 35.87
N ARG C 559 14.88 21.31 34.83
CA ARG C 559 14.78 21.80 33.46
C ARG C 559 13.67 21.13 32.65
N LEU C 560 12.79 20.36 33.29
CA LEU C 560 11.64 19.78 32.60
C LEU C 560 10.60 19.42 33.65
N VAL C 561 9.52 20.18 33.74
CA VAL C 561 8.41 19.86 34.63
C VAL C 561 7.17 19.53 33.81
N SER C 562 6.44 18.50 34.24
CA SER C 562 5.21 18.06 33.60
C SER C 562 4.14 17.92 34.67
N LEU C 563 2.93 18.38 34.36
CA LEU C 563 1.83 18.41 35.31
C LEU C 563 0.56 17.87 34.67
N LEU C 564 -0.40 17.45 35.51
CA LEU C 564 -1.65 16.87 35.02
C LEU C 564 -2.86 17.46 35.74
N ILE C 565 -3.49 18.47 35.12
CA ILE C 565 -4.69 19.08 35.69
C ILE C 565 -5.90 18.26 35.26
N HIS C 566 -6.35 17.37 36.12
CA HIS C 566 -7.52 16.53 35.84
C HIS C 566 -8.74 17.11 36.56
N GLY C 567 -9.90 16.57 36.21
CA GLY C 567 -11.15 16.95 36.83
C GLY C 567 -12.30 16.54 35.95
N PRO C 568 -13.53 16.67 36.45
CA PRO C 568 -14.68 16.36 35.60
C PRO C 568 -14.85 17.37 34.47
N ALA C 569 -15.83 17.12 33.61
CA ALA C 569 -16.09 17.98 32.48
C ALA C 569 -16.94 19.18 32.85
N GLY C 570 -16.66 20.32 32.22
CA GLY C 570 -17.37 21.53 32.55
C GLY C 570 -16.98 22.12 33.88
N SER C 571 -15.76 21.86 34.33
CA SER C 571 -15.34 22.23 35.67
C SER C 571 -14.54 23.53 35.71
N GLY C 572 -13.91 23.90 34.60
CA GLY C 572 -13.19 25.17 34.50
C GLY C 572 -11.75 25.02 34.08
N LYS C 573 -11.27 23.78 33.98
CA LYS C 573 -9.84 23.43 33.91
C LYS C 573 -9.05 24.36 32.99
N THR C 574 -9.44 24.41 31.72
CA THR C 574 -8.66 25.14 30.73
C THR C 574 -8.49 26.60 31.12
N ALA C 575 -9.57 27.26 31.58
CA ALA C 575 -9.43 28.66 31.95
C ALA C 575 -8.39 28.86 33.06
N LEU C 576 -8.27 27.87 33.96
CA LEU C 576 -7.23 27.97 34.99
C LEU C 576 -5.86 27.85 34.35
N ALA C 577 -5.69 26.86 33.48
CA ALA C 577 -4.39 26.66 32.84
C ALA C 577 -3.97 27.95 32.15
N ALA C 578 -4.87 28.50 31.33
CA ALA C 578 -4.59 29.73 30.61
C ALA C 578 -4.21 30.84 31.58
N GLU C 579 -4.94 30.98 32.70
CA GLU C 579 -4.65 32.07 33.62
C GLU C 579 -3.27 31.93 34.22
N ILE C 580 -2.87 30.71 34.56
CA ILE C 580 -1.53 30.51 35.12
C ILE C 580 -0.49 30.74 34.06
N ALA C 581 -0.80 30.46 32.80
CA ALA C 581 0.18 30.61 31.73
C ALA C 581 0.37 32.07 31.36
N LEU C 582 -0.73 32.79 31.14
CA LEU C 582 -0.65 34.17 30.71
C LEU C 582 0.06 35.07 31.72
N LYS C 583 0.04 34.67 33.00
CA LYS C 583 0.74 35.41 34.05
C LYS C 583 2.22 35.07 34.16
N SER C 584 2.72 34.10 33.42
CA SER C 584 4.09 33.66 33.61
C SER C 584 5.08 34.63 32.99
N GLY C 585 4.76 35.21 31.85
CA GLY C 585 5.67 36.16 31.24
C GLY C 585 6.84 35.56 30.51
N PHE C 586 6.82 34.26 30.23
CA PHE C 586 7.92 33.65 29.53
C PHE C 586 7.96 34.15 28.09
N PRO C 587 9.12 34.11 27.44
CA PRO C 587 9.17 34.60 26.05
C PRO C 587 8.40 33.71 25.10
N PHE C 588 8.35 32.41 25.37
CA PHE C 588 7.87 31.41 24.42
C PHE C 588 6.76 30.64 25.11
N ILE C 589 5.57 30.65 24.52
CA ILE C 589 4.42 29.92 25.06
C ILE C 589 3.58 29.46 23.88
N ARG C 590 3.18 28.18 23.88
CA ARG C 590 2.31 27.65 22.84
C ARG C 590 1.33 26.62 23.40
N LEU C 591 0.34 26.27 22.59
CA LEU C 591 -0.62 25.24 22.97
C LEU C 591 -0.99 24.35 21.80
N ILE C 592 -1.12 23.06 22.09
CA ILE C 592 -1.64 22.04 21.19
C ILE C 592 -3.06 21.74 21.66
N SER C 593 -4.03 21.90 20.77
CA SER C 593 -5.43 21.62 21.07
C SER C 593 -6.05 20.96 19.86
N PRO C 594 -7.23 20.33 20.02
CA PRO C 594 -7.84 19.65 18.88
C PRO C 594 -8.12 20.59 17.71
N ASN C 595 -8.30 21.88 17.98
CA ASN C 595 -8.60 22.84 16.91
C ASN C 595 -7.46 22.88 15.90
N GLU C 596 -6.25 22.59 16.34
CA GLU C 596 -5.07 22.67 15.47
C GLU C 596 -5.00 21.46 14.56
N LEU C 597 -5.45 20.30 15.04
CA LEU C 597 -5.31 19.04 14.33
C LEU C 597 -6.46 18.74 13.40
N SER C 598 -7.42 19.65 13.26
CA SER C 598 -8.62 19.34 12.47
C SER C 598 -8.29 19.22 10.99
N GLY C 599 -8.80 18.15 10.37
CA GLY C 599 -8.72 17.98 8.95
C GLY C 599 -7.46 17.35 8.40
N MET C 600 -6.53 16.95 9.26
CA MET C 600 -5.30 16.32 8.80
C MET C 600 -5.32 14.82 8.98
N SER C 601 -4.46 14.15 8.22
CA SER C 601 -4.21 12.73 8.39
C SER C 601 -3.29 12.54 9.59
N GLU C 602 -3.12 11.27 10.00
CA GLU C 602 -2.34 11.00 11.21
C GLU C 602 -0.87 11.39 11.01
N SER C 603 -0.30 11.07 9.85
CA SER C 603 1.10 11.39 9.60
C SER C 603 1.34 12.90 9.64
N ALA C 604 0.43 13.67 9.04
CA ALA C 604 0.55 15.12 9.10
C ALA C 604 0.52 15.60 10.53
N LYS C 605 -0.32 15.00 11.36
CA LYS C 605 -0.40 15.39 12.76
C LYS C 605 0.92 15.10 13.46
N ILE C 606 1.49 13.92 13.20
CA ILE C 606 2.77 13.56 13.78
C ILE C 606 3.82 14.60 13.38
N ALA C 607 3.82 14.99 12.10
CA ALA C 607 4.78 15.98 11.65
C ALA C 607 4.58 17.29 12.40
N TYR C 608 3.34 17.68 12.61
CA TYR C 608 3.03 18.94 13.27
C TYR C 608 3.54 18.90 14.70
N ILE C 609 3.28 17.79 15.38
CA ILE C 609 3.71 17.64 16.77
C ILE C 609 5.22 17.70 16.84
N ASP C 610 5.88 16.99 15.93
CA ASP C 610 7.34 16.93 15.95
C ASP C 610 7.93 18.30 15.74
N ASN C 611 7.36 19.07 14.82
CA ASN C 611 7.90 20.39 14.55
C ASN C 611 7.67 21.31 15.74
N THR C 612 6.52 21.17 16.40
CA THR C 612 6.28 21.98 17.60
C THR C 612 7.32 21.65 18.66
N PHE C 613 7.59 20.36 18.86
CA PHE C 613 8.59 19.97 19.84
C PHE C 613 9.96 20.53 19.47
N ARG C 614 10.30 20.51 18.19
CA ARG C 614 11.59 21.04 17.78
C ARG C 614 11.65 22.54 18.04
N ASP C 615 10.54 23.25 17.84
CA ASP C 615 10.51 24.68 18.10
C ASP C 615 10.61 25.00 19.57
N ALA C 616 10.23 24.06 20.45
CA ALA C 616 10.34 24.34 21.87
C ALA C 616 11.76 24.23 22.41
N TYR C 617 12.68 23.61 21.65
CA TYR C 617 14.06 23.40 22.07
C TYR C 617 15.02 24.49 21.62
N LYS C 618 14.53 25.71 21.36
CA LYS C 618 15.38 26.77 20.84
C LYS C 618 15.18 28.09 21.57
N SER C 619 14.80 28.04 22.85
CA SER C 619 14.77 29.24 23.67
C SER C 619 15.11 28.85 25.09
N PRO C 620 15.62 29.79 25.90
CA PRO C 620 15.96 29.43 27.28
C PRO C 620 14.75 28.95 28.06
N LEU C 621 13.59 29.57 27.83
CA LEU C 621 12.37 29.26 28.53
C LEU C 621 11.24 29.05 27.53
N ASN C 622 10.35 28.11 27.85
CA ASN C 622 9.28 27.68 26.96
C ASN C 622 8.15 27.15 27.84
N ILE C 623 6.91 27.36 27.38
CA ILE C 623 5.75 26.76 28.00
C ILE C 623 4.89 26.09 26.94
N LEU C 624 4.42 24.88 27.23
CA LEU C 624 3.48 24.20 26.34
C LEU C 624 2.24 23.76 27.11
N VAL C 625 1.09 23.90 26.43
CA VAL C 625 -0.21 23.48 26.96
C VAL C 625 -0.80 22.43 26.04
N ILE C 626 -1.25 21.31 26.59
CA ILE C 626 -1.88 20.23 25.84
C ILE C 626 -3.32 20.06 26.35
N ASP C 627 -4.28 20.17 25.44
CA ASP C 627 -5.68 20.24 25.84
C ASP C 627 -6.43 18.99 25.42
N SER C 628 -7.14 18.38 26.37
CA SER C 628 -8.06 17.27 26.12
C SER C 628 -7.34 16.10 25.43
N LEU C 629 -6.42 15.49 26.18
CA LEU C 629 -5.54 14.49 25.60
C LEU C 629 -6.34 13.32 25.02
N GLU C 630 -7.47 12.98 25.63
CA GLU C 630 -8.21 11.81 25.17
C GLU C 630 -8.90 12.12 23.86
N THR C 631 -9.31 13.38 23.66
CA THR C 631 -9.93 13.72 22.40
C THR C 631 -8.87 13.78 21.30
N LEU C 632 -7.64 14.16 21.67
CA LEU C 632 -6.54 14.16 20.71
C LEU C 632 -6.21 12.73 20.29
N VAL C 633 -6.52 11.75 21.15
CA VAL C 633 -6.18 10.37 20.84
C VAL C 633 -7.33 9.63 20.18
N ASP C 634 -8.50 10.28 20.05
CA ASP C 634 -9.64 9.72 19.31
C ASP C 634 -10.22 8.50 20.02
N TRP C 635 -10.56 8.70 21.29
CA TRP C 635 -11.10 7.63 22.12
C TRP C 635 -12.60 7.51 21.95
N VAL C 636 -13.05 6.29 21.67
CA VAL C 636 -14.47 5.96 21.63
C VAL C 636 -14.56 4.60 22.30
N PRO C 637 -15.37 4.42 23.34
CA PRO C 637 -15.29 3.18 24.14
C PRO C 637 -16.11 2.03 23.58
N ILE C 638 -16.79 2.24 22.46
CA ILE C 638 -17.55 1.17 21.84
C ILE C 638 -16.62 0.10 21.29
N GLY C 639 -15.48 0.50 20.72
CA GLY C 639 -14.57 -0.44 20.13
C GLY C 639 -13.91 -1.30 21.18
N PRO C 640 -12.98 -0.70 21.96
CA PRO C 640 -12.59 0.72 21.92
C PRO C 640 -11.72 1.02 20.72
N ARG C 641 -11.71 2.25 20.20
CA ARG C 641 -10.89 2.62 19.07
C ARG C 641 -10.06 3.84 19.42
N PHE C 642 -8.79 3.79 19.01
CA PHE C 642 -7.85 4.89 19.21
C PHE C 642 -6.62 4.65 18.35
N SER C 643 -5.78 5.66 18.25
CA SER C 643 -4.57 5.58 17.47
C SER C 643 -3.40 5.38 18.44
N ASN C 644 -2.69 4.27 18.29
CA ASN C 644 -1.65 3.94 19.25
C ASN C 644 -0.37 4.69 18.94
N ASN C 645 -0.11 4.93 17.66
CA ASN C 645 1.13 5.58 17.26
C ASN C 645 1.23 6.97 17.87
N ILE C 646 0.13 7.72 17.82
CA ILE C 646 0.12 9.04 18.43
C ILE C 646 0.40 8.92 19.92
N LEU C 647 -0.17 7.89 20.54
CA LEU C 647 0.00 7.70 21.98
C LEU C 647 1.47 7.44 22.30
N GLN C 648 2.14 6.64 21.47
CA GLN C 648 3.55 6.34 21.70
C GLN C 648 4.41 7.58 21.48
N MET C 649 4.13 8.33 20.42
CA MET C 649 4.85 9.57 20.18
C MET C 649 4.74 10.49 21.40
N LEU C 650 3.53 10.70 21.88
CA LEU C 650 3.34 11.58 23.03
C LEU C 650 4.06 11.03 24.26
N LYS C 651 3.96 9.72 24.48
CA LYS C 651 4.54 9.14 25.69
C LYS C 651 6.05 9.28 25.68
N VAL C 652 6.67 9.12 24.50
CA VAL C 652 8.11 9.29 24.41
C VAL C 652 8.46 10.75 24.63
N ALA C 653 7.69 11.65 24.01
CA ALA C 653 8.03 13.06 24.03
C ALA C 653 7.98 13.60 25.46
N LEU C 654 6.97 13.16 26.23
CA LEU C 654 6.71 13.72 27.55
C LEU C 654 7.80 13.42 28.57
N LYS C 655 8.87 12.70 28.22
CA LYS C 655 9.96 12.43 29.14
C LYS C 655 11.30 12.95 28.65
N ARG C 656 11.39 13.43 27.41
CA ARG C 656 12.63 13.97 26.90
C ARG C 656 12.90 15.36 27.48
N LYS C 657 14.20 15.66 27.70
CA LYS C 657 14.67 16.87 28.35
C LYS C 657 15.28 17.82 27.32
N PRO C 658 15.00 19.12 27.39
CA PRO C 658 15.49 20.02 26.34
C PRO C 658 16.99 20.14 26.41
N PRO C 659 17.65 20.41 25.29
CA PRO C 659 19.12 20.37 25.28
C PRO C 659 19.73 21.67 25.75
N GLN C 660 20.99 21.56 26.15
CA GLN C 660 21.89 22.71 26.30
C GLN C 660 21.29 23.72 27.30
N ASP C 661 21.20 23.24 28.54
CA ASP C 661 20.76 24.02 29.72
C ASP C 661 19.65 25.00 29.36
N ARG C 662 18.65 24.50 28.65
CA ARG C 662 17.37 25.17 28.51
C ARG C 662 16.36 24.45 29.40
N ARG C 663 15.17 25.03 29.48
CA ARG C 663 14.15 24.48 30.35
C ARG C 663 12.79 24.85 29.81
N LEU C 664 11.81 24.01 30.10
CA LEU C 664 10.45 24.26 29.68
C LEU C 664 9.50 23.68 30.74
N LEU C 665 8.25 24.08 30.62
CA LEU C 665 7.18 23.59 31.48
C LEU C 665 6.04 23.12 30.59
N ILE C 666 5.39 22.04 31.00
CA ILE C 666 4.30 21.44 30.25
C ILE C 666 3.11 21.34 31.19
N MET C 667 1.92 21.61 30.65
CA MET C 667 0.68 21.39 31.35
C MET C 667 -0.26 20.66 30.43
N THR C 668 -1.03 19.71 30.98
CA THR C 668 -1.94 18.91 30.17
C THR C 668 -3.26 18.76 30.91
N THR C 669 -4.35 18.59 30.15
CA THR C 669 -5.69 18.56 30.74
C THR C 669 -6.45 17.36 30.21
N THR C 670 -7.16 16.67 31.10
CA THR C 670 -7.90 15.47 30.74
C THR C 670 -9.14 15.32 31.62
N SER C 671 -10.12 14.61 31.08
CA SER C 671 -11.35 14.27 31.80
C SER C 671 -11.57 12.76 31.96
N ALA C 672 -10.63 11.92 31.53
CA ALA C 672 -10.85 10.48 31.45
C ALA C 672 -9.82 9.72 32.27
N TYR C 673 -9.67 10.12 33.53
CA TYR C 673 -8.63 9.60 34.40
C TYR C 673 -8.54 8.07 34.38
N SER C 674 -9.69 7.39 34.44
CA SER C 674 -9.67 5.93 34.49
C SER C 674 -9.12 5.35 33.20
N VAL C 675 -9.46 5.95 32.06
CA VAL C 675 -8.98 5.46 30.78
C VAL C 675 -7.46 5.58 30.71
N LEU C 676 -6.93 6.72 31.13
CA LEU C 676 -5.48 6.90 31.12
C LEU C 676 -4.82 5.91 32.04
N GLN C 677 -5.39 5.70 33.23
CA GLN C 677 -4.88 4.65 34.11
C GLN C 677 -4.86 3.30 33.40
N GLN C 678 -5.87 3.05 32.56
CA GLN C 678 -5.92 1.80 31.82
C GLN C 678 -4.83 1.75 30.78
N MET C 679 -4.45 2.90 30.24
CA MET C 679 -3.45 3.00 29.20
C MET C 679 -2.02 3.08 29.76
N ASP C 680 -1.86 2.87 31.07
CA ASP C 680 -0.59 2.88 31.80
C ASP C 680 0.44 3.88 31.25
N ILE C 681 0.10 5.16 31.20
CA ILE C 681 1.08 6.21 30.94
C ILE C 681 1.07 7.20 32.09
N LEU C 682 0.80 6.71 33.29
CA LEU C 682 0.62 7.56 34.46
C LEU C 682 1.91 7.79 35.22
N SER C 683 3.04 7.28 34.74
CA SER C 683 4.34 7.58 35.34
C SER C 683 5.02 8.80 34.70
N CYS C 684 4.42 9.38 33.65
CA CYS C 684 4.99 10.57 33.02
C CYS C 684 4.81 11.84 33.85
N PHE C 685 3.85 11.86 34.78
CA PHE C 685 3.48 13.08 35.49
C PHE C 685 4.15 13.22 36.85
N ASP C 686 4.48 14.46 37.20
CA ASP C 686 5.14 14.77 38.46
C ASP C 686 4.15 15.10 39.56
N ASN C 687 2.97 15.60 39.20
CA ASN C 687 1.96 15.93 40.21
C ASN C 687 0.59 15.96 39.56
N GLU C 688 -0.44 15.79 40.38
CA GLU C 688 -1.81 15.67 39.90
C GLU C 688 -2.66 16.68 40.66
N ILE C 689 -3.47 17.42 39.93
CA ILE C 689 -4.35 18.45 40.48
C ILE C 689 -5.79 18.11 40.14
N ALA C 690 -6.68 18.28 41.12
CA ALA C 690 -8.08 17.93 40.97
C ALA C 690 -8.91 19.20 40.97
N VAL C 691 -9.87 19.27 40.06
CA VAL C 691 -10.75 20.43 39.92
C VAL C 691 -12.17 19.93 40.13
N PRO C 692 -12.86 20.31 41.21
CA PRO C 692 -14.20 19.78 41.44
C PRO C 692 -15.29 20.71 40.91
N ASN C 693 -16.53 20.22 40.98
CA ASN C 693 -17.70 20.99 40.56
C ASN C 693 -18.20 21.80 41.75
N MET C 694 -19.39 22.37 41.61
CA MET C 694 -20.05 23.11 42.69
C MET C 694 -21.14 22.26 43.33
N THR C 695 -21.26 22.35 44.66
CA THR C 695 -22.23 21.53 45.38
C THR C 695 -22.93 22.24 46.54
N ASN C 696 -22.75 23.54 46.73
CA ASN C 696 -23.47 24.25 47.79
C ASN C 696 -23.99 25.58 47.28
N LEU C 697 -25.06 26.04 47.91
CA LEU C 697 -25.75 27.25 47.48
C LEU C 697 -24.95 28.52 47.77
N ASP C 698 -23.99 28.49 48.70
CA ASP C 698 -23.19 29.70 48.93
C ASP C 698 -22.40 30.09 47.70
N GLU C 699 -21.82 29.11 46.99
CA GLU C 699 -21.12 29.44 45.75
C GLU C 699 -22.09 30.03 44.73
N LEU C 700 -23.29 29.47 44.66
CA LEU C 700 -24.28 29.98 43.71
C LEU C 700 -24.65 31.41 44.06
N ASN C 701 -24.78 31.71 45.35
CA ASN C 701 -25.05 33.09 45.75
C ASN C 701 -23.90 34.00 45.33
N ASN C 702 -22.67 33.53 45.54
CA ASN C 702 -21.51 34.34 45.15
C ASN C 702 -21.55 34.62 43.66
N VAL C 703 -21.85 33.59 42.86
CA VAL C 703 -21.87 33.76 41.41
C VAL C 703 -22.98 34.74 41.03
N MET C 704 -24.14 34.65 41.69
CA MET C 704 -25.21 35.60 41.42
C MET C 704 -24.76 37.01 41.74
N ILE C 705 -24.07 37.17 42.86
CA ILE C 705 -23.63 38.49 43.29
C ILE C 705 -22.68 39.05 42.25
N GLU C 706 -21.74 38.21 41.82
CA GLU C 706 -20.64 38.64 40.98
C GLU C 706 -21.06 38.76 39.53
N SER C 707 -22.25 38.26 39.17
CA SER C 707 -22.79 38.44 37.83
C SER C 707 -23.80 39.58 37.77
N ASN C 708 -24.13 40.19 38.90
CA ASN C 708 -25.06 41.31 38.97
C ASN C 708 -26.43 40.90 38.42
N PHE C 709 -26.95 39.80 38.94
CA PHE C 709 -28.22 39.27 38.45
C PHE C 709 -29.35 40.23 38.73
N LEU C 710 -29.63 40.50 40.00
CA LEU C 710 -30.68 41.44 40.36
C LEU C 710 -30.60 41.68 41.86
N ASP C 711 -31.41 42.64 42.33
CA ASP C 711 -31.23 43.11 43.69
C ASP C 711 -31.40 41.98 44.68
N ASP C 712 -30.88 42.21 45.89
CA ASP C 712 -30.82 41.17 46.90
C ASP C 712 -32.19 40.58 47.18
N ALA C 713 -33.23 41.42 47.17
CA ALA C 713 -34.58 40.96 47.50
C ALA C 713 -34.98 39.75 46.67
N GLY C 714 -34.54 39.70 45.42
CA GLY C 714 -34.85 38.55 44.59
C GLY C 714 -33.85 37.42 44.77
N ARG C 715 -32.55 37.76 44.88
CA ARG C 715 -31.52 36.73 45.07
C ARG C 715 -31.85 35.86 46.26
N VAL C 716 -32.24 36.51 47.36
CA VAL C 716 -32.51 35.77 48.58
C VAL C 716 -33.67 34.83 48.33
N LYS C 717 -34.67 35.28 47.57
CA LYS C 717 -35.82 34.43 47.38
C LYS C 717 -35.42 33.22 46.55
N VAL C 718 -34.48 33.42 45.61
CA VAL C 718 -34.00 32.30 44.80
C VAL C 718 -33.37 31.28 45.73
N ILE C 719 -32.51 31.76 46.63
CA ILE C 719 -31.84 30.85 47.56
C ILE C 719 -32.87 30.15 48.44
N ASN C 720 -33.82 30.91 48.98
CA ASN C 720 -34.80 30.33 49.89
C ASN C 720 -35.66 29.29 49.20
N GLU C 721 -35.91 29.46 47.90
CA GLU C 721 -36.73 28.49 47.18
C GLU C 721 -35.91 27.26 46.82
N LEU C 722 -34.71 27.47 46.30
CA LEU C 722 -33.85 26.34 45.99
C LEU C 722 -33.43 25.57 47.23
N SER C 723 -33.49 26.20 48.41
CA SER C 723 -33.03 25.53 49.62
C SER C 723 -33.79 24.24 49.86
N ARG C 724 -35.11 24.26 49.64
CA ARG C 724 -35.96 23.08 49.79
C ARG C 724 -36.51 22.58 48.46
N SER C 725 -36.18 23.23 47.35
CA SER C 725 -36.46 22.62 46.05
C SER C 725 -35.49 21.49 45.80
N CYS C 726 -34.21 21.73 46.04
CA CYS C 726 -33.14 20.77 45.83
C CYS C 726 -32.00 21.17 46.78
N PRO C 727 -31.83 20.47 47.92
CA PRO C 727 -30.90 20.98 48.93
C PRO C 727 -29.44 20.72 48.59
N ASN C 728 -29.18 19.63 47.86
CA ASN C 728 -27.84 19.07 47.74
C ASN C 728 -27.45 18.92 46.27
N PHE C 729 -27.57 20.02 45.52
CA PHE C 729 -27.42 19.96 44.08
C PHE C 729 -25.97 19.70 43.71
N ASN C 730 -25.76 19.33 42.44
CA ASN C 730 -24.46 18.92 41.92
C ASN C 730 -24.39 19.46 40.49
N VAL C 731 -23.92 20.70 40.36
CA VAL C 731 -23.89 21.37 39.06
C VAL C 731 -22.53 22.01 38.86
N GLY C 732 -22.19 22.21 37.58
CA GLY C 732 -20.95 22.86 37.20
C GLY C 732 -21.12 24.36 37.18
N ILE C 733 -20.10 25.04 36.64
CA ILE C 733 -20.09 26.49 36.59
C ILE C 733 -20.53 27.00 35.23
N LYS C 734 -20.12 26.33 34.16
CA LYS C 734 -20.42 26.83 32.82
C LYS C 734 -21.93 26.82 32.54
N LYS C 735 -22.63 25.77 32.97
CA LYS C 735 -24.06 25.73 32.74
C LYS C 735 -24.77 26.72 33.63
N THR C 736 -24.24 26.96 34.84
CA THR C 736 -24.90 27.92 35.71
C THR C 736 -24.86 29.29 35.04
N LEU C 737 -23.81 29.54 34.25
CA LEU C 737 -23.62 30.83 33.61
C LEU C 737 -24.29 30.89 32.26
N THR C 738 -24.78 29.76 31.75
CA THR C 738 -25.63 29.76 30.55
C THR C 738 -27.10 29.74 30.94
N ASN C 739 -27.40 29.45 32.21
CA ASN C 739 -28.74 29.47 32.76
C ASN C 739 -29.11 30.84 33.32
N ILE C 740 -28.16 31.50 33.98
CA ILE C 740 -28.39 32.88 34.42
C ILE C 740 -28.73 33.77 33.21
N GLU C 741 -27.97 33.62 32.13
CA GLU C 741 -28.19 34.48 30.97
C GLU C 741 -29.60 34.34 30.41
N THR C 742 -30.09 33.10 30.28
CA THR C 742 -31.45 32.92 29.77
C THR C 742 -32.51 33.31 30.79
N ALA C 743 -32.27 33.05 32.08
CA ALA C 743 -33.27 33.40 33.08
C ALA C 743 -33.42 34.91 33.19
N ARG C 744 -32.32 35.64 33.02
CA ARG C 744 -32.39 37.10 33.08
C ARG C 744 -33.36 37.64 32.04
N HIS C 745 -33.42 37.00 30.87
CA HIS C 745 -34.25 37.44 29.76
C HIS C 745 -35.66 36.87 29.82
N ASP C 746 -35.97 36.11 30.86
CA ASP C 746 -37.30 35.56 31.03
C ASP C 746 -38.24 36.65 31.53
N GLU C 747 -39.53 36.36 31.50
CA GLU C 747 -40.51 37.27 32.09
C GLU C 747 -40.63 37.10 33.60
N ASP C 748 -40.15 35.98 34.13
CA ASP C 748 -40.25 35.69 35.56
C ASP C 748 -38.91 35.14 36.01
N PRO C 749 -37.91 36.00 36.19
CA PRO C 749 -36.53 35.50 36.27
C PRO C 749 -36.31 34.58 37.47
N VAL C 750 -36.91 34.89 38.61
CA VAL C 750 -36.71 34.07 39.80
C VAL C 750 -37.25 32.66 39.57
N ASN C 751 -38.49 32.56 39.10
CA ASN C 751 -39.10 31.25 38.91
C ASN C 751 -38.37 30.47 37.83
N GLU C 752 -38.03 31.14 36.74
CA GLU C 752 -37.33 30.49 35.63
C GLU C 752 -36.01 29.93 36.10
N LEU C 753 -35.25 30.74 36.85
CA LEU C 753 -33.95 30.28 37.32
C LEU C 753 -34.11 29.10 38.27
N VAL C 754 -35.12 29.16 39.14
CA VAL C 754 -35.34 28.06 40.08
C VAL C 754 -35.68 26.78 39.32
N GLU C 755 -36.57 26.89 38.34
CA GLU C 755 -36.97 25.72 37.55
C GLU C 755 -35.78 25.15 36.80
N LEU C 756 -35.00 26.02 36.16
CA LEU C 756 -33.84 25.55 35.40
C LEU C 756 -32.86 24.86 36.34
N MET C 757 -32.61 25.47 37.50
CA MET C 757 -31.68 24.87 38.45
C MET C 757 -32.17 23.51 38.88
N THR C 758 -33.47 23.37 39.17
CA THR C 758 -34.01 22.10 39.59
C THR C 758 -33.87 21.06 38.49
N GLN C 759 -34.12 21.48 37.25
CA GLN C 759 -33.96 20.58 36.10
C GLN C 759 -32.53 20.09 35.99
N SER C 760 -31.56 20.99 36.12
CA SER C 760 -30.16 20.61 36.02
C SER C 760 -29.75 19.68 37.14
N ALA C 761 -30.22 19.94 38.35
CA ALA C 761 -29.88 19.19 39.54
C ALA C 761 -30.32 17.74 39.42
N LEU D 242 56.04 0.42 0.01
CA LEU D 242 56.21 0.89 1.38
C LEU D 242 55.54 2.26 1.56
N GLY D 243 55.05 2.50 2.77
CA GLY D 243 54.23 3.67 3.06
C GLY D 243 52.89 3.26 3.65
N VAL D 244 52.80 2.00 4.07
CA VAL D 244 51.64 1.48 4.79
C VAL D 244 52.19 0.58 5.88
N GLY D 245 51.57 0.64 7.05
CA GLY D 245 52.11 -0.04 8.22
C GLY D 245 51.04 -0.81 8.97
N GLY D 246 51.48 -1.86 9.64
CA GLY D 246 50.62 -2.72 10.43
C GLY D 246 49.94 -3.84 9.68
N LEU D 247 50.23 -4.04 8.40
CA LEU D 247 49.55 -5.04 7.58
C LEU D 247 50.55 -5.89 6.81
N ASP D 248 51.59 -6.35 7.50
CA ASP D 248 52.64 -7.14 6.85
C ASP D 248 52.11 -8.48 6.37
N LYS D 249 51.40 -9.21 7.23
CA LYS D 249 51.03 -10.59 6.92
C LYS D 249 50.09 -10.65 5.72
N GLU D 250 49.06 -9.81 5.72
CA GLU D 250 48.16 -9.75 4.57
C GLU D 250 48.90 -9.33 3.32
N PHE D 251 49.89 -8.44 3.46
CA PHE D 251 50.71 -8.03 2.33
C PHE D 251 51.41 -9.24 1.72
N THR D 252 52.05 -10.04 2.58
CA THR D 252 52.74 -11.23 2.11
C THR D 252 51.78 -12.17 1.39
N LYS D 253 50.61 -12.41 1.98
CA LYS D 253 49.68 -13.36 1.39
C LYS D 253 49.22 -12.88 0.02
N ILE D 254 48.85 -11.59 -0.07
CA ILE D 254 48.33 -11.06 -1.32
C ILE D 254 49.41 -11.14 -2.38
N PHE D 255 50.64 -10.76 -2.05
CA PHE D 255 51.67 -10.80 -3.09
C PHE D 255 52.00 -12.24 -3.46
N ARG D 256 51.92 -13.16 -2.48
CA ARG D 256 52.22 -14.55 -2.71
C ARG D 256 51.24 -15.19 -3.69
N ARG D 257 50.00 -14.72 -3.71
CA ARG D 257 48.97 -15.38 -4.49
C ARG D 257 48.58 -14.62 -5.75
N ALA D 258 48.36 -13.31 -5.64
CA ALA D 258 47.87 -12.53 -6.77
C ALA D 258 48.97 -12.15 -7.76
N PHE D 259 50.21 -12.04 -7.29
CA PHE D 259 51.28 -11.45 -8.08
C PHE D 259 52.48 -12.38 -8.28
N ALA D 260 52.64 -13.41 -7.46
CA ALA D 260 53.86 -14.21 -7.51
C ALA D 260 54.08 -14.77 -8.91
N SER D 261 53.01 -15.17 -9.62
CA SER D 261 53.17 -15.75 -10.93
C SER D 261 53.58 -14.73 -11.98
N ARG D 262 53.29 -13.45 -11.74
CA ARG D 262 53.59 -12.41 -12.71
C ARG D 262 55.06 -12.03 -12.71
N ILE D 263 55.78 -12.32 -11.62
CA ILE D 263 57.20 -11.98 -11.55
C ILE D 263 57.99 -12.86 -12.51
N PHE D 264 57.66 -14.14 -12.56
CA PHE D 264 58.47 -15.10 -13.26
C PHE D 264 58.40 -14.86 -14.77
N PRO D 265 59.40 -15.33 -15.51
CA PRO D 265 59.37 -15.17 -16.96
C PRO D 265 58.23 -15.99 -17.55
N PRO D 266 57.67 -15.58 -18.70
CA PRO D 266 56.55 -16.33 -19.25
C PRO D 266 56.91 -17.77 -19.56
N SER D 267 58.17 -18.04 -19.90
CA SER D 267 58.56 -19.38 -20.33
C SER D 267 58.30 -20.39 -19.22
N VAL D 268 58.75 -20.10 -18.00
CA VAL D 268 58.60 -21.07 -16.92
C VAL D 268 57.13 -21.26 -16.59
N ILE D 269 56.33 -20.19 -16.67
CA ILE D 269 54.90 -20.30 -16.40
C ILE D 269 54.25 -21.21 -17.43
N GLU D 270 54.57 -21.01 -18.71
CA GLU D 270 54.12 -21.95 -19.73
C GLU D 270 54.61 -23.36 -19.45
N LYS D 271 55.79 -23.48 -18.84
CA LYS D 271 56.43 -24.78 -18.69
C LYS D 271 55.80 -25.58 -17.56
N LEU D 272 55.25 -24.90 -16.55
CA LEU D 272 54.58 -25.61 -15.47
C LEU D 272 53.17 -26.02 -15.85
N GLY D 273 52.49 -25.21 -16.66
CA GLY D 273 51.13 -25.52 -17.06
C GLY D 273 50.05 -24.95 -16.16
N ILE D 274 50.18 -23.70 -15.74
CA ILE D 274 49.19 -23.06 -14.88
C ILE D 274 48.79 -21.72 -15.51
N SER D 275 47.81 -21.06 -14.88
CA SER D 275 47.28 -19.80 -15.38
C SER D 275 47.10 -18.80 -14.24
N HIS D 276 47.18 -17.52 -14.59
CA HIS D 276 47.10 -16.46 -13.60
C HIS D 276 45.67 -16.29 -13.09
N VAL D 277 45.55 -15.70 -11.90
CA VAL D 277 44.28 -15.33 -11.30
C VAL D 277 43.86 -13.95 -11.82
N LYS D 278 42.55 -13.75 -11.96
CA LYS D 278 42.01 -12.54 -12.59
C LYS D 278 41.02 -11.79 -11.71
N GLY D 279 40.80 -12.22 -10.46
CA GLY D 279 39.89 -11.51 -9.59
C GLY D 279 40.24 -11.57 -8.11
N LEU D 280 40.14 -10.43 -7.42
CA LEU D 280 40.48 -10.34 -6.00
C LEU D 280 39.44 -9.46 -5.32
N LEU D 281 38.91 -9.91 -4.19
CA LEU D 281 37.88 -9.19 -3.45
C LEU D 281 38.45 -8.78 -2.10
N LEU D 282 38.33 -7.50 -1.79
CA LEU D 282 38.77 -6.94 -0.53
C LEU D 282 37.57 -6.37 0.20
N TYR D 283 37.46 -6.65 1.49
CA TYR D 283 36.35 -6.17 2.27
C TYR D 283 36.83 -5.80 3.66
N GLY D 284 36.12 -4.87 4.27
CA GLY D 284 36.48 -4.33 5.56
C GLY D 284 35.83 -2.97 5.73
N PRO D 285 35.97 -2.38 6.91
CA PRO D 285 35.29 -1.11 7.16
C PRO D 285 35.87 0.00 6.29
N PRO D 286 35.12 1.08 6.11
CA PRO D 286 35.54 2.12 5.17
C PRO D 286 36.59 3.03 5.75
N GLY D 287 37.43 3.58 4.85
CA GLY D 287 38.48 4.48 5.27
C GLY D 287 39.67 3.81 5.90
N THR D 288 39.95 2.56 5.54
CA THR D 288 40.99 1.79 6.21
C THR D 288 42.20 1.53 5.33
N GLY D 289 42.16 1.88 4.03
CA GLY D 289 43.37 1.92 3.24
C GLY D 289 43.41 0.90 2.14
N LYS D 290 42.27 0.60 1.51
CA LYS D 290 42.27 -0.43 0.48
C LYS D 290 42.85 0.13 -0.82
N THR D 291 42.32 1.25 -1.30
CA THR D 291 42.83 1.84 -2.54
C THR D 291 44.31 2.17 -2.40
N LEU D 292 44.76 2.47 -1.19
CA LEU D 292 46.16 2.73 -0.95
C LEU D 292 47.00 1.52 -1.29
N ILE D 293 46.60 0.36 -0.76
CA ILE D 293 47.32 -0.88 -1.05
C ILE D 293 47.28 -1.18 -2.53
N ALA D 294 46.11 -1.01 -3.15
CA ALA D 294 45.98 -1.30 -4.57
C ALA D 294 46.98 -0.49 -5.38
N ARG D 295 47.11 0.80 -5.04
CA ARG D 295 48.03 1.65 -5.79
C ARG D 295 49.47 1.24 -5.52
N LYS D 296 49.83 1.04 -4.26
CA LYS D 296 51.25 0.82 -4.00
C LYS D 296 51.71 -0.52 -4.57
N ILE D 297 50.83 -1.54 -4.56
CA ILE D 297 51.19 -2.78 -5.22
C ILE D 297 51.32 -2.55 -6.71
N GLY D 298 50.41 -1.74 -7.29
CA GLY D 298 50.51 -1.49 -8.72
C GLY D 298 51.81 -0.80 -9.04
N THR D 299 52.31 -0.01 -8.09
CA THR D 299 53.54 0.74 -8.29
C THR D 299 54.75 -0.15 -8.20
N MET D 300 54.67 -1.23 -7.42
CA MET D 300 55.79 -2.16 -7.35
C MET D 300 56.03 -2.87 -8.68
N LEU D 301 54.96 -3.31 -9.34
CA LEU D 301 55.04 -3.96 -10.65
C LEU D 301 55.03 -2.99 -11.83
N ASN D 302 55.14 -1.68 -11.58
CA ASN D 302 55.17 -0.61 -12.58
C ASN D 302 54.23 -0.87 -13.76
N ALA D 303 53.04 -1.36 -13.46
CA ALA D 303 51.97 -1.46 -14.43
C ALA D 303 51.39 -0.08 -14.70
N LYS D 304 50.39 -0.03 -15.58
CA LYS D 304 49.79 1.26 -15.88
C LYS D 304 49.06 1.76 -14.64
N GLU D 305 48.78 3.05 -14.62
CA GLU D 305 47.96 3.62 -13.55
C GLU D 305 46.60 2.94 -13.56
N PRO D 306 46.13 2.41 -12.42
CA PRO D 306 44.87 1.66 -12.45
C PRO D 306 43.71 2.57 -12.82
N LYS D 307 42.79 2.03 -13.60
CA LYS D 307 41.51 2.67 -13.82
C LYS D 307 40.61 2.42 -12.63
N ILE D 308 39.61 3.28 -12.45
CA ILE D 308 38.69 3.17 -11.33
C ILE D 308 37.30 3.46 -11.83
N VAL D 309 36.33 2.73 -11.30
CA VAL D 309 34.93 2.90 -11.64
C VAL D 309 34.13 2.75 -10.37
N ASN D 310 33.00 3.44 -10.30
CA ASN D 310 32.13 3.42 -9.14
C ASN D 310 30.81 2.80 -9.55
N GLY D 311 30.25 1.96 -8.68
CA GLY D 311 29.02 1.28 -8.96
C GLY D 311 27.92 2.28 -9.22
N PRO D 312 27.64 3.16 -8.26
CA PRO D 312 26.59 4.17 -8.47
C PRO D 312 26.79 5.01 -9.72
N GLY D 320 21.30 2.98 -21.80
CA GLY D 320 22.15 2.77 -22.96
C GLY D 320 23.58 3.24 -22.76
N SER D 321 23.76 4.42 -22.17
CA SER D 321 25.12 4.92 -21.94
C SER D 321 25.90 3.99 -21.02
N SER D 322 25.25 3.48 -19.98
CA SER D 322 25.89 2.54 -19.07
C SER D 322 26.28 1.26 -19.81
N GLU D 323 25.39 0.77 -20.67
CA GLU D 323 25.70 -0.42 -21.44
C GLU D 323 26.91 -0.20 -22.34
N GLU D 324 26.97 0.95 -23.00
CA GLU D 324 28.11 1.24 -23.88
C GLU D 324 29.37 1.58 -23.09
N ASN D 325 29.23 1.95 -21.82
CA ASN D 325 30.39 2.40 -21.04
C ASN D 325 31.32 1.24 -20.73
N ILE D 326 30.74 0.11 -20.31
CA ILE D 326 31.56 -1.02 -19.87
C ILE D 326 32.48 -1.44 -21.00
N ARG D 327 31.98 -1.39 -22.24
CA ARG D 327 32.80 -1.81 -23.36
C ARG D 327 33.92 -0.81 -23.60
N ASN D 328 33.71 0.44 -23.20
CA ASN D 328 34.74 1.44 -23.38
C ASN D 328 35.86 1.17 -22.38
N LEU D 329 35.51 0.64 -21.22
CA LEU D 329 36.50 0.57 -20.14
C LEU D 329 37.66 -0.37 -20.50
N PHE D 330 37.37 -1.47 -21.18
CA PHE D 330 38.35 -2.50 -21.49
C PHE D 330 39.12 -2.28 -22.78
N LYS D 331 38.86 -1.19 -23.50
CA LYS D 331 39.46 -0.99 -24.81
C LYS D 331 40.97 -1.14 -24.78
N ASP D 332 41.63 -0.46 -23.83
CA ASP D 332 43.09 -0.46 -23.79
C ASP D 332 43.65 -1.87 -23.63
N ALA D 333 43.04 -2.70 -22.80
CA ALA D 333 43.57 -4.06 -22.64
C ALA D 333 43.43 -4.82 -23.95
N GLU D 334 42.33 -4.60 -24.67
CA GLU D 334 42.16 -5.26 -25.95
C GLU D 334 43.24 -4.80 -26.91
N ALA D 335 43.48 -3.49 -26.96
CA ALA D 335 44.44 -2.96 -27.89
C ALA D 335 45.80 -3.55 -27.59
N GLU D 336 46.24 -3.44 -26.34
CA GLU D 336 47.57 -3.92 -26.00
C GLU D 336 47.66 -5.42 -26.26
N TYR D 337 46.54 -6.13 -26.17
CA TYR D 337 46.61 -7.57 -26.37
C TYR D 337 46.91 -7.86 -27.83
N ARG D 338 46.09 -7.31 -28.73
CA ARG D 338 46.40 -7.48 -30.15
C ARG D 338 47.78 -6.95 -30.49
N ALA D 339 48.22 -5.90 -29.80
CA ALA D 339 49.54 -5.32 -30.07
C ALA D 339 50.66 -6.30 -29.75
N LYS D 340 50.66 -6.86 -28.54
CA LYS D 340 51.83 -7.52 -27.98
C LYS D 340 51.59 -8.94 -27.49
N GLY D 341 50.40 -9.52 -27.69
CA GLY D 341 50.16 -10.92 -27.38
C GLY D 341 50.41 -11.15 -25.90
N GLU D 342 51.08 -12.24 -25.57
CA GLU D 342 51.25 -12.58 -24.17
C GLU D 342 52.15 -11.57 -23.48
N GLU D 343 52.96 -10.85 -24.26
CA GLU D 343 54.00 -9.95 -23.76
C GLU D 343 53.47 -8.53 -23.55
N SER D 344 52.16 -8.33 -23.63
CA SER D 344 51.59 -7.00 -23.43
C SER D 344 51.80 -6.56 -21.99
N SER D 345 51.81 -5.25 -21.78
CA SER D 345 51.97 -4.76 -20.42
C SER D 345 50.71 -5.02 -19.61
N LEU D 346 50.83 -4.86 -18.30
CA LEU D 346 49.76 -5.26 -17.41
C LEU D 346 48.72 -4.16 -17.31
N HIS D 347 47.46 -4.58 -17.24
CA HIS D 347 46.34 -3.69 -17.08
C HIS D 347 45.66 -4.03 -15.77
N ILE D 348 45.36 -2.99 -14.99
CA ILE D 348 44.82 -3.15 -13.65
C ILE D 348 43.58 -2.28 -13.54
N ILE D 349 42.48 -2.87 -13.09
CA ILE D 349 41.18 -2.22 -13.04
C ILE D 349 40.66 -2.33 -11.62
N ILE D 350 40.12 -1.22 -11.11
CA ILE D 350 39.63 -1.12 -9.74
C ILE D 350 38.13 -0.88 -9.76
N PHE D 351 37.40 -1.55 -8.88
CA PHE D 351 35.95 -1.52 -8.86
C PHE D 351 35.48 -1.21 -7.45
N ASP D 352 34.74 -0.13 -7.31
CA ASP D 352 34.37 0.39 -6.02
C ASP D 352 32.87 0.20 -5.81
N GLU D 353 32.49 -0.01 -4.56
CA GLU D 353 31.09 -0.18 -4.18
C GLU D 353 30.41 -1.27 -5.00
N LEU D 354 31.01 -2.45 -5.04
CA LEU D 354 30.49 -3.50 -5.90
C LEU D 354 29.09 -3.91 -5.47
N ASP D 355 28.89 -4.03 -4.15
CA ASP D 355 27.63 -4.55 -3.62
C ASP D 355 26.43 -3.74 -4.09
N SER D 356 26.64 -2.46 -4.44
CA SER D 356 25.53 -1.63 -4.89
C SER D 356 24.83 -2.22 -6.10
N VAL D 357 25.53 -3.03 -6.89
CA VAL D 357 24.93 -3.66 -8.06
C VAL D 357 23.85 -4.64 -7.64
N PHE D 358 24.12 -5.40 -6.57
CA PHE D 358 23.27 -6.48 -6.14
C PHE D 358 22.12 -6.03 -5.23
N LYS D 359 22.21 -4.82 -4.66
CA LYS D 359 21.23 -4.32 -3.69
C LYS D 359 19.94 -3.87 -4.38
N GLN D 360 19.24 -4.83 -4.97
CA GLN D 360 17.97 -4.57 -5.62
C GLN D 360 17.23 -5.89 -5.77
N ARG D 361 15.91 -5.80 -5.89
CA ARG D 361 15.13 -7.02 -6.06
C ARG D 361 15.46 -7.62 -7.41
N GLY D 362 15.42 -8.96 -7.47
CA GLY D 362 15.77 -9.63 -8.71
C GLY D 362 14.91 -9.19 -9.88
N SER D 363 13.62 -8.97 -9.61
CA SER D 363 12.69 -8.56 -10.66
C SER D 363 13.11 -7.23 -11.28
N ARG D 364 13.47 -6.24 -10.45
CA ARG D 364 13.88 -4.95 -10.98
C ARG D 364 15.23 -5.06 -11.70
N GLY D 365 16.15 -5.84 -11.14
CA GLY D 365 17.47 -5.99 -11.74
C GLY D 365 17.39 -6.59 -13.13
N ASP D 366 16.49 -7.55 -13.31
CA ASP D 366 16.40 -8.22 -14.61
C ASP D 366 15.51 -7.43 -15.57
N GLY D 367 14.37 -6.92 -15.11
CA GLY D 367 13.49 -6.16 -15.98
C GLY D 367 14.13 -4.89 -16.50
N THR D 368 14.77 -4.11 -15.61
CA THR D 368 15.50 -2.94 -16.08
C THR D 368 16.80 -3.36 -16.77
N GLY D 369 17.46 -4.38 -16.25
CA GLY D 369 18.67 -4.89 -16.86
C GLY D 369 19.93 -4.17 -16.48
N VAL D 370 19.85 -3.04 -15.77
CA VAL D 370 21.05 -2.28 -15.46
C VAL D 370 21.99 -3.09 -14.57
N GLY D 371 21.45 -3.76 -13.56
CA GLY D 371 22.27 -4.58 -12.66
C GLY D 371 22.90 -5.80 -13.32
N ASP D 372 22.09 -6.60 -14.01
CA ASP D 372 22.59 -7.85 -14.54
C ASP D 372 23.45 -7.67 -15.78
N ASN D 373 23.15 -6.65 -16.58
CA ASN D 373 23.83 -6.48 -17.86
C ASN D 373 25.31 -6.21 -17.65
N VAL D 374 25.63 -5.32 -16.71
CA VAL D 374 27.03 -5.00 -16.44
C VAL D 374 27.72 -6.25 -15.91
N VAL D 375 27.03 -7.01 -15.06
CA VAL D 375 27.61 -8.20 -14.48
C VAL D 375 27.96 -9.19 -15.58
N ASN D 376 27.03 -9.41 -16.51
CA ASN D 376 27.26 -10.37 -17.59
C ASN D 376 28.40 -9.91 -18.48
N GLN D 377 28.39 -8.61 -18.85
CA GLN D 377 29.46 -8.11 -19.70
C GLN D 377 30.81 -8.24 -19.01
N LEU D 378 30.83 -8.04 -17.70
CA LEU D 378 32.07 -8.14 -16.95
C LEU D 378 32.57 -9.58 -16.91
N LEU D 379 31.69 -10.51 -16.56
CA LEU D 379 32.09 -11.91 -16.49
C LEU D 379 32.54 -12.41 -17.85
N ALA D 380 31.99 -11.85 -18.92
CA ALA D 380 32.40 -12.29 -20.26
C ALA D 380 33.88 -12.06 -20.48
N LYS D 381 34.39 -10.92 -20.00
CA LYS D 381 35.76 -10.50 -20.30
C LYS D 381 36.80 -11.28 -19.52
N MET D 382 36.44 -11.95 -18.43
CA MET D 382 37.41 -12.66 -17.61
C MET D 382 37.15 -14.15 -17.45
N ASP D 383 35.99 -14.65 -17.86
CA ASP D 383 35.67 -16.08 -17.75
C ASP D 383 35.29 -16.73 -19.07
N GLY D 384 34.66 -15.99 -19.95
CA GLY D 384 34.01 -16.55 -21.12
C GLY D 384 34.98 -16.80 -22.25
N VAL D 385 34.45 -16.81 -23.47
CA VAL D 385 35.29 -17.07 -24.63
C VAL D 385 36.12 -15.84 -24.99
N ASP D 386 35.70 -14.64 -24.60
CA ASP D 386 36.39 -13.42 -24.98
C ASP D 386 37.39 -12.97 -23.93
N GLN D 387 37.97 -13.92 -23.19
CA GLN D 387 38.79 -13.56 -22.06
C GLN D 387 40.03 -12.79 -22.52
N LEU D 388 40.41 -11.80 -21.74
CA LEU D 388 41.63 -11.04 -21.94
C LEU D 388 42.63 -11.44 -20.87
N ASN D 389 43.87 -11.71 -21.28
CA ASN D 389 44.86 -12.25 -20.36
C ASN D 389 45.81 -11.18 -19.87
N ASN D 390 45.41 -9.92 -20.04
CA ASN D 390 46.21 -8.79 -19.58
C ASN D 390 45.65 -8.18 -18.30
N ILE D 391 44.39 -8.45 -17.98
CA ILE D 391 43.67 -7.62 -17.03
C ILE D 391 43.61 -8.34 -15.69
N LEU D 392 43.47 -7.56 -14.63
CA LEU D 392 43.15 -8.05 -13.31
C LEU D 392 42.13 -7.12 -12.70
N VAL D 393 41.05 -7.67 -12.14
CA VAL D 393 39.92 -6.87 -11.65
C VAL D 393 39.85 -6.98 -10.14
N ILE D 394 39.77 -5.84 -9.47
CA ILE D 394 39.69 -5.72 -8.03
C ILE D 394 38.33 -5.14 -7.65
N GLY D 395 37.67 -5.76 -6.68
CA GLY D 395 36.40 -5.26 -6.18
C GLY D 395 36.57 -4.87 -4.72
N MET D 396 35.74 -3.94 -4.27
CA MET D 396 35.79 -3.47 -2.90
C MET D 396 34.37 -3.30 -2.39
N THR D 397 34.15 -3.73 -1.16
CA THR D 397 32.85 -3.66 -0.52
C THR D 397 33.05 -3.65 0.98
N ASN D 398 32.09 -3.09 1.70
CA ASN D 398 32.09 -3.23 3.15
C ASN D 398 31.31 -4.46 3.60
N ARG D 399 30.61 -5.12 2.69
CA ARG D 399 29.65 -6.16 3.05
C ARG D 399 29.78 -7.31 2.07
N LYS D 400 30.35 -8.42 2.55
CA LYS D 400 30.55 -9.60 1.72
C LYS D 400 29.25 -10.35 1.49
N ASP D 401 28.38 -10.39 2.51
CA ASP D 401 27.20 -11.25 2.48
C ASP D 401 26.20 -10.89 1.37
N LEU D 402 26.27 -9.69 0.80
CA LEU D 402 25.30 -9.33 -0.22
C LEU D 402 25.68 -9.83 -1.61
N ILE D 403 26.93 -10.22 -1.79
CA ILE D 403 27.40 -10.68 -3.09
C ILE D 403 26.93 -12.10 -3.33
N ASP D 404 26.42 -12.35 -4.53
CA ASP D 404 25.90 -13.68 -4.86
C ASP D 404 27.05 -14.66 -4.99
N SER D 405 26.80 -15.89 -4.57
CA SER D 405 27.86 -16.89 -4.51
C SER D 405 28.40 -17.28 -5.88
N ALA D 406 27.64 -17.04 -6.95
CA ALA D 406 28.08 -17.46 -8.28
C ALA D 406 29.38 -16.80 -8.71
N LEU D 407 29.76 -15.67 -8.12
CA LEU D 407 30.95 -14.95 -8.53
C LEU D 407 32.20 -15.42 -7.79
N LEU D 408 32.04 -16.05 -6.64
CA LEU D 408 33.18 -16.39 -5.79
C LEU D 408 33.84 -17.69 -6.24
N ARG D 409 33.19 -18.44 -7.12
CA ARG D 409 33.65 -19.76 -7.49
C ARG D 409 34.94 -19.64 -8.29
N PRO D 410 35.70 -20.73 -8.42
CA PRO D 410 36.98 -20.64 -9.13
C PRO D 410 36.80 -20.16 -10.57
N GLY D 411 37.79 -19.41 -11.05
CA GLY D 411 37.73 -18.72 -12.31
C GLY D 411 37.24 -17.28 -12.22
N ARG D 412 36.56 -16.91 -11.14
CA ARG D 412 36.10 -15.54 -10.94
C ARG D 412 36.32 -15.23 -9.47
N PHE D 413 36.93 -14.07 -9.19
CA PHE D 413 37.13 -13.53 -7.85
C PHE D 413 37.38 -14.65 -6.84
N GLU D 414 38.47 -15.37 -7.07
CA GLU D 414 38.80 -16.58 -6.34
C GLU D 414 39.37 -16.32 -4.96
N VAL D 415 39.81 -15.09 -4.67
CA VAL D 415 40.51 -14.80 -3.42
C VAL D 415 39.80 -13.62 -2.76
N GLN D 416 39.56 -13.76 -1.47
CA GLN D 416 38.75 -12.84 -0.67
C GLN D 416 39.55 -12.52 0.58
N VAL D 417 39.62 -11.26 0.95
CA VAL D 417 40.45 -10.86 2.07
C VAL D 417 39.74 -9.81 2.91
N GLU D 418 40.09 -9.78 4.19
CA GLU D 418 39.43 -8.97 5.21
C GLU D 418 40.44 -7.98 5.78
N ILE D 419 39.98 -6.77 6.06
CA ILE D 419 40.81 -5.73 6.66
C ILE D 419 40.35 -5.48 8.07
N HIS D 420 41.31 -5.26 8.97
CA HIS D 420 41.06 -5.09 10.40
C HIS D 420 41.51 -3.71 10.84
N LEU D 421 41.01 -3.27 11.98
CA LEU D 421 41.50 -2.03 12.60
C LEU D 421 42.90 -2.20 13.20
N PRO D 422 43.83 -1.29 12.90
CA PRO D 422 45.23 -1.50 13.31
C PRO D 422 45.38 -1.54 14.81
N ASP D 423 46.52 -2.07 15.25
CA ASP D 423 46.89 -2.06 16.66
C ASP D 423 47.87 -0.94 16.94
N GLU D 424 48.42 -0.92 18.16
CA GLU D 424 49.23 0.20 18.62
C GLU D 424 50.48 0.37 17.75
N LYS D 425 51.15 -0.74 17.44
CA LYS D 425 52.37 -0.64 16.64
C LYS D 425 52.08 -0.02 15.29
N GLY D 426 50.94 -0.38 14.69
CA GLY D 426 50.58 0.20 13.42
C GLY D 426 50.42 1.70 13.52
N ARG D 427 49.78 2.15 14.60
CA ARG D 427 49.60 3.59 14.78
C ARG D 427 50.93 4.27 15.00
N LEU D 428 51.85 3.64 15.74
CA LEU D 428 53.18 4.19 15.91
C LEU D 428 53.88 4.36 14.57
N GLN D 429 53.71 3.38 13.68
CA GLN D 429 54.34 3.48 12.38
C GLN D 429 53.72 4.63 11.62
N ILE D 430 52.39 4.76 11.73
CA ILE D 430 51.72 5.83 11.01
C ILE D 430 52.16 7.17 11.57
N PHE D 431 52.40 7.24 12.89
CA PHE D 431 52.88 8.48 13.48
C PHE D 431 54.20 8.88 12.84
N ASP D 432 55.10 7.92 12.65
CA ASP D 432 56.36 8.21 11.99
C ASP D 432 56.12 8.67 10.55
N ILE D 433 55.29 7.92 9.83
CA ILE D 433 55.04 8.21 8.42
C ILE D 433 54.43 9.59 8.25
N GLN D 434 53.63 10.02 9.23
CA GLN D 434 52.95 11.31 9.16
C GLN D 434 53.84 12.46 9.65
N THR D 435 54.72 12.21 10.62
CA THR D 435 55.55 13.27 11.20
C THR D 435 56.93 13.37 10.59
N LYS D 436 57.21 12.60 9.53
CA LYS D 436 58.52 12.67 8.89
C LYS D 436 58.90 14.10 8.51
N LYS D 437 58.02 14.79 7.79
CA LYS D 437 58.38 16.10 7.23
C LYS D 437 58.53 17.15 8.31
N MET D 438 57.73 17.09 9.37
CA MET D 438 57.94 17.98 10.50
C MET D 438 59.26 17.68 11.20
N ARG D 439 59.49 16.41 11.53
CA ARG D 439 60.65 16.05 12.33
C ARG D 439 61.94 16.40 11.60
N GLU D 440 61.99 16.13 10.30
CA GLU D 440 63.21 16.24 9.54
C GLU D 440 63.56 17.67 9.15
N ASN D 441 62.75 18.65 9.56
CA ASN D 441 63.01 20.05 9.22
C ASN D 441 62.90 20.94 10.46
N ASN D 442 63.08 20.38 11.64
CA ASN D 442 63.18 21.13 12.90
C ASN D 442 61.98 22.07 13.06
N MET D 443 60.80 21.54 12.77
CA MET D 443 59.54 22.21 13.08
C MET D 443 58.72 21.36 14.03
N MET D 444 59.36 20.45 14.76
CA MET D 444 58.70 19.64 15.76
C MET D 444 59.50 19.66 17.04
N SER D 445 58.80 19.83 18.15
CA SER D 445 59.42 20.03 19.44
C SER D 445 60.12 18.76 19.91
N ASP D 446 60.88 18.88 20.98
CA ASP D 446 61.60 17.76 21.57
C ASP D 446 60.80 17.10 22.69
N ASP D 447 59.60 17.61 22.99
CA ASP D 447 58.76 17.03 24.04
C ASP D 447 57.69 16.09 23.50
N VAL D 448 57.40 16.15 22.21
CA VAL D 448 56.37 15.29 21.63
C VAL D 448 56.92 13.86 21.61
N ASN D 449 56.23 12.96 22.29
CA ASN D 449 56.65 11.56 22.38
C ASN D 449 55.63 10.69 21.66
N LEU D 450 56.08 10.01 20.60
CA LEU D 450 55.14 9.29 19.76
C LEU D 450 54.67 8.00 20.40
N LYS D 458 43.62 5.31 21.00
CA LYS D 458 43.37 3.93 21.36
C LYS D 458 42.76 3.14 20.21
N ASN D 459 41.88 3.78 19.43
CA ASN D 459 41.12 3.04 18.42
C ASN D 459 41.04 3.85 17.14
N PHE D 460 42.08 4.61 16.85
CA PHE D 460 42.05 5.48 15.68
C PHE D 460 42.39 4.70 14.42
N SER D 461 41.94 5.21 13.30
CA SER D 461 42.43 4.83 11.99
C SER D 461 43.44 5.88 11.53
N GLY D 462 43.91 5.75 10.29
CA GLY D 462 44.90 6.70 9.79
C GLY D 462 44.35 8.11 9.64
N ALA D 463 43.11 8.22 9.13
CA ALA D 463 42.51 9.54 8.91
C ALA D 463 42.40 10.34 10.20
N GLU D 464 42.02 9.70 11.32
CA GLU D 464 41.91 10.44 12.56
C GLU D 464 43.27 11.01 12.98
N ILE D 465 44.34 10.25 12.73
CA ILE D 465 45.67 10.74 13.11
C ILE D 465 46.09 11.88 12.21
N GLU D 466 45.79 11.77 10.91
CA GLU D 466 46.04 12.89 10.00
C GLU D 466 45.33 14.15 10.47
N GLY D 467 44.06 14.02 10.81
CA GLY D 467 43.31 15.18 11.26
C GLY D 467 43.89 15.74 12.55
N LEU D 468 44.34 14.87 13.45
CA LEU D 468 44.87 15.36 14.72
C LEU D 468 46.16 16.15 14.49
N VAL D 469 47.04 15.65 13.62
CA VAL D 469 48.25 16.38 13.30
C VAL D 469 47.89 17.71 12.66
N LYS D 470 46.92 17.71 11.76
CA LYS D 470 46.54 18.94 11.09
C LYS D 470 46.00 19.95 12.09
N SER D 471 45.20 19.49 13.05
CA SER D 471 44.66 20.39 14.06
C SER D 471 45.77 20.97 14.93
N ALA D 472 46.74 20.14 15.34
CA ALA D 472 47.85 20.66 16.14
C ALA D 472 48.64 21.69 15.34
N SER D 473 48.89 21.40 14.06
CA SER D 473 49.53 22.39 13.20
C SER D 473 48.71 23.67 13.17
N SER D 474 47.38 23.55 13.09
CA SER D 474 46.54 24.73 13.04
C SER D 474 46.68 25.52 14.32
N PHE D 475 46.75 24.82 15.45
CA PHE D 475 46.94 25.48 16.73
C PHE D 475 48.22 26.29 16.70
N ALA D 476 49.33 25.64 16.37
CA ALA D 476 50.62 26.33 16.38
C ALA D 476 50.63 27.49 15.39
N ILE D 477 49.96 27.32 14.25
CA ILE D 477 49.90 28.36 13.23
C ILE D 477 49.12 29.56 13.70
N ASN D 478 47.95 29.33 14.30
CA ASN D 478 47.10 30.43 14.73
C ASN D 478 47.74 31.25 15.83
N LYS D 479 48.62 30.64 16.62
CA LYS D 479 49.24 31.34 17.74
C LYS D 479 50.12 32.50 17.28
N THR D 480 50.47 32.57 15.99
CA THR D 480 51.29 33.65 15.46
C THR D 480 50.45 34.75 14.83
N VAL D 481 49.48 34.38 13.97
CA VAL D 481 48.71 35.37 13.22
C VAL D 481 48.01 36.30 14.20
N ASN D 482 47.91 37.58 13.81
CA ASN D 482 47.20 38.62 14.55
C ASN D 482 47.45 38.56 16.05
N ASN D 491 51.80 37.26 8.33
CA ASN D 491 51.21 38.31 9.16
C ASN D 491 52.16 38.75 10.27
N THR D 492 53.35 38.14 10.35
CA THR D 492 54.29 38.57 11.40
C THR D 492 55.71 38.17 11.02
N LYS D 493 56.66 38.75 11.74
CA LYS D 493 58.06 38.36 11.66
C LYS D 493 58.23 36.96 12.27
N ASP D 494 59.48 36.50 12.34
CA ASP D 494 59.90 35.27 13.01
C ASP D 494 58.90 34.14 12.80
N ILE D 495 58.46 33.99 11.54
CA ILE D 495 57.83 32.77 11.11
C ILE D 495 58.82 31.62 11.17
N ALA D 496 60.11 31.93 11.08
CA ALA D 496 61.16 30.93 10.98
C ALA D 496 61.38 30.18 12.29
N LYS D 497 60.72 30.59 13.37
CA LYS D 497 60.87 29.93 14.67
C LYS D 497 59.73 28.97 14.95
N LEU D 498 58.99 28.57 13.93
CA LEU D 498 57.81 27.75 14.15
C LEU D 498 58.20 26.38 14.65
N LYS D 499 57.44 25.88 15.62
CA LYS D 499 57.60 24.53 16.13
C LYS D 499 56.27 24.11 16.74
N VAL D 500 55.86 22.89 16.46
CA VAL D 500 54.69 22.31 17.09
C VAL D 500 55.15 21.66 18.37
N THR D 501 54.25 21.54 19.35
CA THR D 501 54.65 21.17 20.70
C THR D 501 53.63 20.19 21.25
N ARG D 502 54.03 19.54 22.35
CA ARG D 502 53.21 18.51 22.96
C ARG D 502 51.86 19.06 23.38
N GLU D 503 51.84 20.21 24.04
CA GLU D 503 50.60 20.82 24.49
C GLU D 503 49.63 21.04 23.33
N ASP D 504 50.14 21.41 22.15
CA ASP D 504 49.24 21.60 21.01
C ASP D 504 48.53 20.30 20.68
N PHE D 505 49.28 19.20 20.69
CA PHE D 505 48.68 17.89 20.47
C PHE D 505 47.66 17.55 21.55
N LEU D 506 48.02 17.77 22.82
CA LEU D 506 47.10 17.42 23.90
C LEU D 506 45.80 18.20 23.81
N ASN D 507 45.86 19.46 23.38
CA ASN D 507 44.63 20.23 23.22
C ASN D 507 43.88 19.82 21.95
N ALA D 508 44.63 19.46 20.90
CA ALA D 508 44.00 19.00 19.67
C ALA D 508 43.27 17.69 19.92
N LEU D 509 43.69 16.93 20.94
CA LEU D 509 43.05 15.66 21.24
C LEU D 509 41.60 15.84 21.64
N ASN D 510 41.23 17.03 22.12
CA ASN D 510 39.88 17.33 22.55
C ASN D 510 39.01 17.89 21.44
N ASP D 511 39.56 18.07 20.24
CA ASP D 511 38.83 18.58 19.10
C ASP D 511 38.43 17.50 18.12
N VAL D 512 39.09 16.35 18.15
CA VAL D 512 38.78 15.21 17.28
C VAL D 512 38.18 14.11 18.14
N THR D 513 36.94 13.73 17.83
CA THR D 513 36.26 12.62 18.51
C THR D 513 36.15 11.45 17.54
N PRO D 514 36.56 10.24 17.89
CA PRO D 514 36.54 9.16 16.91
C PRO D 514 35.21 8.43 16.87
N ALA D 515 34.87 7.97 15.67
CA ALA D 515 33.82 6.99 15.49
C ALA D 515 34.26 5.64 16.04
N PHE D 516 33.29 4.82 16.40
CA PHE D 516 33.52 3.58 17.15
C PHE D 516 34.08 3.94 18.53
N GLY D 517 33.31 4.75 19.24
CA GLY D 517 33.71 5.24 20.53
C GLY D 517 32.59 5.21 21.55
N ILE D 518 32.70 6.08 22.55
CA ILE D 518 31.77 6.15 23.66
C ILE D 518 30.83 7.33 23.44
N SER D 519 29.54 7.09 23.59
CA SER D 519 28.54 8.16 23.54
C SER D 519 28.52 8.81 24.92
N GLU D 520 29.54 9.64 25.16
CA GLU D 520 29.80 10.12 26.51
C GLU D 520 28.71 11.08 26.97
N GLU D 521 28.32 12.02 26.11
CA GLU D 521 27.38 13.04 26.51
C GLU D 521 26.04 12.43 26.88
N ASP D 522 25.54 11.49 26.07
CA ASP D 522 24.22 10.94 26.34
C ASP D 522 24.20 10.20 27.67
N LEU D 523 25.22 9.39 27.94
CA LEU D 523 25.23 8.65 29.19
C LEU D 523 25.36 9.62 30.36
N LYS D 524 26.26 10.59 30.23
CA LYS D 524 26.63 11.39 31.39
C LYS D 524 25.49 12.33 31.71
N THR D 525 25.06 13.13 30.74
CA THR D 525 24.10 14.17 31.05
C THR D 525 22.73 13.52 31.21
N CYS D 526 22.29 12.75 30.19
CA CYS D 526 20.93 12.25 30.20
C CYS D 526 20.68 11.33 31.40
N VAL D 527 21.63 10.47 31.74
CA VAL D 527 21.31 9.32 32.60
C VAL D 527 21.67 9.53 34.05
N GLU D 528 22.38 10.61 34.40
CA GLU D 528 22.81 10.80 35.77
C GLU D 528 22.59 12.26 36.15
N GLY D 529 21.60 12.48 37.01
CA GLY D 529 21.34 13.79 37.58
C GLY D 529 21.22 13.62 39.08
N GLY D 530 22.09 12.79 39.62
CA GLY D 530 22.18 12.50 41.04
C GLY D 530 22.65 11.07 41.18
N MET D 531 23.37 10.81 42.27
CA MET D 531 23.73 9.44 42.62
C MET D 531 24.15 9.43 44.08
N MET D 532 23.45 8.66 44.91
CA MET D 532 23.70 8.70 46.36
C MET D 532 23.46 7.34 46.97
N LEU D 533 24.42 6.92 47.82
CA LEU D 533 24.48 5.54 48.31
C LEU D 533 23.72 5.46 49.62
N TYR D 534 22.40 5.40 49.52
CA TYR D 534 21.55 5.52 50.69
C TYR D 534 21.29 4.18 51.36
N SER D 535 21.84 3.09 50.83
CA SER D 535 21.63 1.79 51.43
C SER D 535 22.70 0.82 50.95
N GLU D 536 22.81 -0.30 51.66
CA GLU D 536 23.83 -1.29 51.35
C GLU D 536 23.55 -1.99 50.04
N ARG D 537 22.28 -2.21 49.71
CA ARG D 537 21.93 -2.89 48.48
C ARG D 537 22.54 -2.20 47.27
N VAL D 538 22.62 -0.87 47.30
CA VAL D 538 23.20 -0.15 46.18
C VAL D 538 24.67 -0.53 46.04
N ASN D 539 25.38 -0.56 47.18
CA ASN D 539 26.78 -0.94 47.16
C ASN D 539 26.97 -2.36 46.66
N SER D 540 26.11 -3.28 47.10
CA SER D 540 26.20 -4.66 46.63
C SER D 540 26.00 -4.73 45.12
N ILE D 541 25.04 -3.97 44.60
CA ILE D 541 24.78 -3.99 43.17
C ILE D 541 26.00 -3.52 42.41
N LEU D 542 26.59 -2.41 42.85
CA LEU D 542 27.74 -1.86 42.14
C LEU D 542 28.93 -2.82 42.22
N LYS D 543 29.13 -3.45 43.38
CA LYS D 543 30.22 -4.40 43.53
C LYS D 543 30.05 -5.58 42.58
N ASN D 544 28.81 -6.07 42.45
CA ASN D 544 28.56 -7.16 41.52
C ASN D 544 28.85 -6.71 40.09
N GLY D 545 28.43 -5.49 39.76
CA GLY D 545 28.73 -4.97 38.43
C GLY D 545 30.22 -4.98 38.15
N ALA D 546 31.02 -4.51 39.11
CA ALA D 546 32.47 -4.48 38.91
C ALA D 546 33.02 -5.88 38.74
N ARG D 547 32.56 -6.82 39.58
CA ARG D 547 32.86 -8.23 39.38
C ARG D 547 32.67 -8.63 37.93
N TYR D 548 31.44 -8.51 37.44
CA TYR D 548 31.14 -9.02 36.11
C TYR D 548 32.01 -8.33 35.07
N VAL D 549 32.29 -7.04 35.27
CA VAL D 549 33.11 -6.30 34.31
C VAL D 549 34.48 -6.96 34.23
N ARG D 550 35.21 -6.96 35.36
CA ARG D 550 36.57 -7.47 35.29
C ARG D 550 36.61 -8.96 35.02
N GLN D 551 35.51 -9.69 35.25
CA GLN D 551 35.38 -11.04 34.71
C GLN D 551 35.47 -11.01 33.20
N VAL D 552 34.58 -10.25 32.56
CA VAL D 552 34.53 -10.26 31.10
C VAL D 552 35.86 -9.78 30.54
N ARG D 553 36.54 -8.90 31.27
CA ARG D 553 37.81 -8.37 30.79
C ARG D 553 38.97 -9.31 31.06
N GLU D 554 38.84 -10.19 32.05
CA GLU D 554 39.93 -11.04 32.51
C GLU D 554 39.54 -12.51 32.44
N SER D 555 38.87 -12.90 31.37
CA SER D 555 38.60 -14.32 31.16
C SER D 555 38.41 -14.55 29.67
N ASP D 556 38.87 -15.73 29.23
CA ASP D 556 38.71 -16.18 27.86
C ASP D 556 37.66 -17.26 27.74
N LYS D 557 36.99 -17.60 28.84
CA LYS D 557 35.91 -18.58 28.84
C LYS D 557 34.55 -17.91 29.02
N SER D 558 34.49 -16.60 28.80
CA SER D 558 33.25 -15.83 28.93
C SER D 558 33.35 -14.65 27.97
N ARG D 559 33.05 -14.91 26.70
CA ARG D 559 33.12 -13.89 25.65
C ARG D 559 31.75 -13.31 25.31
N LEU D 560 30.74 -13.54 26.14
CA LEU D 560 29.44 -12.94 25.93
C LEU D 560 28.71 -13.03 27.26
N VAL D 561 28.07 -11.95 27.67
CA VAL D 561 27.35 -11.90 28.94
C VAL D 561 26.18 -10.94 28.80
N SER D 562 25.01 -11.37 29.28
CA SER D 562 23.79 -10.57 29.20
C SER D 562 23.10 -10.58 30.56
N LEU D 563 22.52 -9.42 30.92
CA LEU D 563 22.01 -9.18 32.27
C LEU D 563 20.62 -8.60 32.18
N LEU D 564 19.82 -8.79 33.23
CA LEU D 564 18.50 -8.18 33.34
C LEU D 564 18.34 -7.45 34.67
N ILE D 565 18.02 -6.16 34.59
CA ILE D 565 17.71 -5.31 35.73
C ILE D 565 16.22 -5.01 35.69
N HIS D 566 15.53 -5.30 36.78
CA HIS D 566 14.08 -5.14 36.83
C HIS D 566 13.70 -4.61 38.20
N GLY D 567 12.53 -3.98 38.25
CA GLY D 567 12.03 -3.42 39.48
C GLY D 567 10.97 -2.39 39.18
N PRO D 568 10.38 -1.81 40.23
CA PRO D 568 9.24 -0.91 40.03
C PRO D 568 9.64 0.30 39.20
N ALA D 569 8.61 1.05 38.78
CA ALA D 569 8.82 2.25 37.98
C ALA D 569 9.26 3.40 38.87
N GLY D 570 10.33 4.09 38.46
CA GLY D 570 10.84 5.18 39.25
C GLY D 570 11.88 4.81 40.28
N SER D 571 12.40 3.58 40.24
CA SER D 571 13.22 3.09 41.33
C SER D 571 14.68 3.51 41.21
N GLY D 572 15.14 3.88 40.02
CA GLY D 572 16.51 4.32 39.85
C GLY D 572 17.28 3.60 38.75
N LYS D 573 16.63 2.60 38.13
CA LYS D 573 17.30 1.61 37.29
C LYS D 573 18.34 2.22 36.36
N THR D 574 17.88 3.08 35.45
CA THR D 574 18.72 3.53 34.35
C THR D 574 19.97 4.23 34.89
N ALA D 575 19.80 5.10 35.90
CA ALA D 575 20.96 5.81 36.44
C ALA D 575 22.01 4.83 36.94
N LEU D 576 21.56 3.71 37.53
CA LEU D 576 22.49 2.70 38.01
C LEU D 576 23.21 2.05 36.84
N ALA D 577 22.47 1.69 35.79
CA ALA D 577 23.08 1.04 34.64
C ALA D 577 24.18 1.92 34.06
N ALA D 578 23.84 3.18 33.78
CA ALA D 578 24.84 4.08 33.23
C ALA D 578 26.02 4.25 34.18
N GLU D 579 25.76 4.33 35.49
CA GLU D 579 26.85 4.50 36.43
C GLU D 579 27.82 3.32 36.35
N ILE D 580 27.29 2.12 36.19
CA ILE D 580 28.18 0.97 36.08
C ILE D 580 28.92 1.01 34.75
N ALA D 581 28.26 1.50 33.70
CA ALA D 581 28.89 1.56 32.39
C ALA D 581 30.06 2.53 32.38
N LEU D 582 29.89 3.70 33.00
CA LEU D 582 30.88 4.76 32.89
C LEU D 582 32.22 4.37 33.52
N LYS D 583 32.21 3.59 34.60
CA LYS D 583 33.44 3.21 35.27
C LYS D 583 34.16 2.03 34.61
N SER D 584 33.59 1.42 33.56
CA SER D 584 34.24 0.26 32.99
C SER D 584 35.52 0.64 32.27
N GLY D 585 35.52 1.72 31.52
CA GLY D 585 36.70 2.09 30.77
C GLY D 585 36.86 1.40 29.45
N PHE D 586 35.80 0.80 28.92
CA PHE D 586 35.92 0.16 27.63
C PHE D 586 36.00 1.20 26.52
N PRO D 587 36.60 0.85 25.38
CA PRO D 587 36.63 1.84 24.29
C PRO D 587 35.28 2.04 23.68
N PHE D 588 34.48 0.99 23.56
CA PHE D 588 33.23 1.03 22.81
C PHE D 588 32.10 0.82 23.79
N ILE D 589 31.19 1.78 23.87
CA ILE D 589 29.98 1.69 24.68
C ILE D 589 28.86 2.38 23.94
N ARG D 590 27.68 1.75 23.90
CA ARG D 590 26.51 2.36 23.28
C ARG D 590 25.24 1.99 24.04
N LEU D 591 24.15 2.68 23.70
CA LEU D 591 22.86 2.36 24.27
C LEU D 591 21.74 2.54 23.24
N ILE D 592 20.74 1.67 23.36
CA ILE D 592 19.53 1.68 22.55
C ILE D 592 18.37 2.07 23.46
N SER D 593 17.69 3.16 23.11
CA SER D 593 16.57 3.68 23.88
C SER D 593 15.52 4.16 22.88
N PRO D 594 14.27 4.33 23.33
CA PRO D 594 13.22 4.71 22.37
C PRO D 594 13.50 6.04 21.65
N ASN D 595 14.29 6.93 22.26
CA ASN D 595 14.53 8.24 21.67
C ASN D 595 15.20 8.10 20.32
N GLU D 596 16.08 7.12 20.18
CA GLU D 596 16.82 6.99 18.94
C GLU D 596 15.88 6.55 17.83
N LEU D 597 14.86 5.76 18.19
CA LEU D 597 13.98 5.17 17.19
C LEU D 597 12.75 6.02 16.92
N SER D 598 12.61 7.18 17.56
CA SER D 598 11.38 7.93 17.44
C SER D 598 11.25 8.47 16.02
N GLY D 599 10.04 8.37 15.47
CA GLY D 599 9.76 8.90 14.16
C GLY D 599 10.07 7.97 13.01
N MET D 600 10.53 6.76 13.28
CA MET D 600 10.92 5.81 12.25
C MET D 600 9.78 4.84 11.95
N SER D 601 9.88 4.22 10.77
CA SER D 601 9.02 3.09 10.45
C SER D 601 9.64 1.83 11.04
N GLU D 602 8.90 0.72 10.99
CA GLU D 602 9.37 -0.51 11.60
C GLU D 602 10.65 -1.01 10.92
N SER D 603 10.64 -1.05 9.59
CA SER D 603 11.79 -1.57 8.85
C SER D 603 13.04 -0.72 9.12
N ALA D 604 12.88 0.60 9.21
CA ALA D 604 14.02 1.44 9.52
C ALA D 604 14.60 1.08 10.88
N LYS D 605 13.72 0.84 11.86
CA LYS D 605 14.19 0.48 13.19
C LYS D 605 14.98 -0.82 13.15
N ILE D 606 14.47 -1.81 12.41
CA ILE D 606 15.16 -3.09 12.30
C ILE D 606 16.54 -2.89 11.71
N ALA D 607 16.63 -2.10 10.64
CA ALA D 607 17.91 -1.84 9.99
C ALA D 607 18.86 -1.18 10.98
N TYR D 608 18.34 -0.23 11.76
CA TYR D 608 19.15 0.50 12.72
C TYR D 608 19.74 -0.46 13.75
N ILE D 609 18.91 -1.35 14.29
CA ILE D 609 19.37 -2.28 15.30
C ILE D 609 20.45 -3.19 14.72
N ASP D 610 20.20 -3.69 13.51
CA ASP D 610 21.14 -4.64 12.92
C ASP D 610 22.48 -3.98 12.67
N ASN D 611 22.44 -2.74 12.16
CA ASN D 611 23.67 -2.02 11.92
C ASN D 611 24.42 -1.76 13.22
N THR D 612 23.69 -1.44 14.29
CA THR D 612 24.35 -1.22 15.57
C THR D 612 25.08 -2.48 16.03
N PHE D 613 24.43 -3.64 15.94
CA PHE D 613 25.09 -4.87 16.35
C PHE D 613 26.31 -5.16 15.47
N ARG D 614 26.18 -4.89 14.17
CA ARG D 614 27.33 -5.11 13.29
C ARG D 614 28.48 -4.23 13.73
N ASP D 615 28.21 -2.96 14.04
CA ASP D 615 29.29 -2.09 14.47
C ASP D 615 29.85 -2.55 15.81
N ALA D 616 29.02 -3.22 16.62
CA ALA D 616 29.50 -3.76 17.89
C ALA D 616 30.45 -4.93 17.69
N TYR D 617 30.41 -5.54 16.51
CA TYR D 617 31.18 -6.75 16.24
C TYR D 617 32.56 -6.46 15.64
N LYS D 618 33.16 -5.30 15.94
CA LYS D 618 34.42 -4.90 15.31
C LYS D 618 35.44 -4.36 16.30
N SER D 619 35.33 -4.69 17.58
CA SER D 619 36.28 -4.22 18.57
C SER D 619 36.51 -5.31 19.60
N PRO D 620 37.66 -5.30 20.28
CA PRO D 620 37.91 -6.36 21.28
C PRO D 620 36.88 -6.33 22.39
N LEU D 621 36.46 -5.13 22.79
CA LEU D 621 35.54 -4.97 23.90
C LEU D 621 34.46 -3.97 23.50
N ASN D 622 33.25 -4.23 23.99
CA ASN D 622 32.05 -3.50 23.63
C ASN D 622 31.08 -3.63 24.79
N ILE D 623 30.28 -2.58 25.00
CA ILE D 623 29.20 -2.62 25.96
C ILE D 623 27.94 -2.07 25.30
N LEU D 624 26.81 -2.68 25.60
CA LEU D 624 25.52 -2.21 25.12
C LEU D 624 24.52 -2.11 26.27
N VAL D 625 23.69 -1.08 26.22
CA VAL D 625 22.63 -0.82 27.18
C VAL D 625 21.30 -0.74 26.42
N ILE D 626 20.32 -1.52 26.83
CA ILE D 626 19.00 -1.53 26.19
C ILE D 626 17.96 -1.08 27.21
N ASP D 627 17.22 -0.03 26.88
CA ASP D 627 16.39 0.64 27.87
C ASP D 627 14.92 0.45 27.52
N SER D 628 14.15 0.01 28.51
CA SER D 628 12.69 -0.12 28.45
C SER D 628 12.25 -0.99 27.26
N LEU D 629 12.60 -2.27 27.34
CA LEU D 629 12.32 -3.18 26.24
C LEU D 629 10.83 -3.23 25.93
N GLU D 630 9.98 -3.10 26.95
CA GLU D 630 8.56 -3.25 26.73
C GLU D 630 8.01 -2.02 26.02
N THR D 631 8.67 -0.89 26.18
CA THR D 631 8.29 0.29 25.43
C THR D 631 8.86 0.24 24.02
N LEU D 632 9.98 -0.44 23.83
CA LEU D 632 10.54 -0.60 22.49
C LEU D 632 9.67 -1.52 21.66
N VAL D 633 8.95 -2.44 22.31
CA VAL D 633 8.11 -3.38 21.59
C VAL D 633 6.68 -2.85 21.45
N ASP D 634 6.36 -1.72 22.09
CA ASP D 634 5.10 -1.01 21.92
C ASP D 634 3.93 -1.76 22.58
N TRP D 635 4.16 -2.22 23.80
CA TRP D 635 3.17 -3.01 24.51
C TRP D 635 2.12 -2.10 25.14
N VAL D 636 0.85 -2.41 24.91
CA VAL D 636 -0.27 -1.73 25.55
C VAL D 636 -1.30 -2.79 25.95
N PRO D 637 -1.66 -2.95 27.22
CA PRO D 637 -2.44 -4.14 27.61
C PRO D 637 -3.90 -4.07 27.23
N ILE D 638 -4.35 -3.01 26.57
CA ILE D 638 -5.75 -2.95 26.16
C ILE D 638 -6.02 -3.94 25.03
N GLY D 639 -5.10 -4.04 24.08
CA GLY D 639 -5.30 -4.91 22.94
C GLY D 639 -5.27 -6.37 23.35
N PRO D 640 -4.07 -6.86 23.72
CA PRO D 640 -2.78 -6.15 23.69
C PRO D 640 -2.23 -6.04 22.28
N ARG D 641 -1.43 -5.00 22.00
CA ARG D 641 -0.85 -4.80 20.69
C ARG D 641 0.66 -4.68 20.81
N PHE D 642 1.37 -5.30 19.87
CA PHE D 642 2.82 -5.19 19.80
C PHE D 642 3.29 -5.71 18.45
N SER D 643 4.56 -5.44 18.14
CA SER D 643 5.15 -5.88 16.90
C SER D 643 5.93 -7.15 17.20
N ASN D 644 5.56 -8.25 16.55
CA ASN D 644 6.19 -9.51 16.91
C ASN D 644 7.55 -9.64 16.25
N ASN D 645 7.71 -9.03 15.08
CA ASN D 645 8.96 -9.13 14.35
C ASN D 645 10.10 -8.55 15.18
N ILE D 646 9.87 -7.41 15.82
CA ILE D 646 10.90 -6.80 16.63
C ILE D 646 11.25 -7.73 17.78
N LEU D 647 10.24 -8.38 18.35
CA LEU D 647 10.50 -9.29 19.47
C LEU D 647 11.38 -10.45 19.01
N GLN D 648 11.09 -11.00 17.84
CA GLN D 648 11.88 -12.11 17.34
C GLN D 648 13.31 -11.66 17.00
N MET D 649 13.43 -10.47 16.43
CA MET D 649 14.75 -9.91 16.15
C MET D 649 15.58 -9.83 17.42
N LEU D 650 15.00 -9.21 18.46
CA LEU D 650 15.73 -9.06 19.70
C LEU D 650 16.04 -10.40 20.32
N LYS D 651 15.13 -11.37 20.17
CA LYS D 651 15.35 -12.68 20.78
C LYS D 651 16.51 -13.40 20.12
N VAL D 652 16.63 -13.28 18.80
CA VAL D 652 17.75 -13.91 18.10
C VAL D 652 19.04 -13.19 18.44
N ALA D 653 18.99 -11.85 18.49
CA ALA D 653 20.22 -11.10 18.65
C ALA D 653 20.87 -11.34 20.01
N LEU D 654 20.06 -11.55 21.05
CA LEU D 654 20.56 -11.67 22.41
C LEU D 654 21.34 -12.96 22.67
N LYS D 655 21.40 -13.88 21.71
CA LYS D 655 22.13 -15.14 21.91
C LYS D 655 23.35 -15.28 21.03
N ARG D 656 23.43 -14.57 19.92
CA ARG D 656 24.55 -14.73 19.01
C ARG D 656 25.84 -14.27 19.66
N LYS D 657 26.92 -15.03 19.43
CA LYS D 657 28.24 -14.76 19.99
C LYS D 657 29.11 -14.04 18.98
N PRO D 658 29.93 -13.06 19.37
CA PRO D 658 30.70 -12.31 18.39
C PRO D 658 31.84 -13.16 17.86
N PRO D 659 32.40 -12.80 16.72
CA PRO D 659 33.39 -13.67 16.07
C PRO D 659 34.81 -13.39 16.54
N GLN D 660 35.66 -14.38 16.29
CA GLN D 660 37.11 -14.18 16.25
C GLN D 660 37.65 -13.63 17.57
N ASP D 661 37.20 -14.25 18.68
CA ASP D 661 37.79 -13.99 19.99
C ASP D 661 37.57 -12.54 20.42
N ARG D 662 36.35 -12.06 20.27
CA ARG D 662 35.95 -10.79 20.86
C ARG D 662 34.88 -11.04 21.90
N ARG D 663 34.57 -10.00 22.66
CA ARG D 663 33.66 -10.16 23.78
C ARG D 663 32.94 -8.85 24.05
N LEU D 664 31.68 -8.95 24.48
CA LEU D 664 30.90 -7.78 24.81
C LEU D 664 29.98 -8.11 25.97
N LEU D 665 29.45 -7.05 26.59
CA LEU D 665 28.55 -7.14 27.73
C LEU D 665 27.30 -6.33 27.43
N ILE D 666 26.15 -6.86 27.81
CA ILE D 666 24.85 -6.25 27.56
C ILE D 666 24.13 -6.07 28.88
N MET D 667 23.48 -4.92 29.04
CA MET D 667 22.59 -4.64 30.15
C MET D 667 21.24 -4.20 29.59
N THR D 668 20.15 -4.67 30.18
CA THR D 668 18.80 -4.34 29.71
C THR D 668 17.90 -4.05 30.90
N THR D 669 16.97 -3.10 30.76
CA THR D 669 16.19 -2.61 31.89
C THR D 669 14.69 -2.61 31.56
N THR D 670 13.87 -3.01 32.53
CA THR D 670 12.45 -3.23 32.29
C THR D 670 11.64 -3.04 33.57
N SER D 671 10.34 -2.79 33.37
CA SER D 671 9.38 -2.65 34.46
C SER D 671 8.24 -3.65 34.37
N ALA D 672 8.23 -4.55 33.39
CA ALA D 672 7.08 -5.41 33.10
C ALA D 672 7.46 -6.88 33.17
N TYR D 673 8.11 -7.26 34.27
CA TYR D 673 8.68 -8.60 34.39
C TYR D 673 7.66 -9.70 34.09
N SER D 674 6.42 -9.53 34.54
CA SER D 674 5.39 -10.54 34.29
C SER D 674 5.11 -10.69 32.80
N VAL D 675 5.11 -9.57 32.07
CA VAL D 675 4.84 -9.64 30.64
C VAL D 675 5.94 -10.41 29.93
N LEU D 676 7.19 -10.12 30.28
CA LEU D 676 8.30 -10.83 29.67
C LEU D 676 8.22 -12.31 30.01
N GLN D 677 7.79 -12.62 31.24
CA GLN D 677 7.62 -14.01 31.63
C GLN D 677 6.56 -14.67 30.76
N GLN D 678 5.48 -13.96 30.46
CA GLN D 678 4.46 -14.50 29.58
C GLN D 678 5.02 -14.72 28.18
N MET D 679 5.88 -13.80 27.73
CA MET D 679 6.42 -13.91 26.38
C MET D 679 7.51 -14.95 26.25
N ASP D 680 8.01 -15.47 27.37
CA ASP D 680 8.94 -16.59 27.33
C ASP D 680 10.24 -16.19 26.66
N ILE D 681 10.90 -15.16 27.20
CA ILE D 681 12.23 -14.80 26.72
C ILE D 681 13.17 -14.59 27.90
N LEU D 682 12.88 -15.26 29.01
CA LEU D 682 13.78 -15.19 30.15
C LEU D 682 15.03 -16.03 29.95
N SER D 683 15.01 -16.96 28.99
CA SER D 683 16.16 -17.84 28.81
C SER D 683 17.38 -17.11 28.25
N CYS D 684 17.23 -15.86 27.80
CA CYS D 684 18.37 -15.15 27.22
C CYS D 684 19.32 -14.65 28.29
N PHE D 685 18.82 -14.38 29.50
CA PHE D 685 19.54 -13.65 30.52
C PHE D 685 20.25 -14.57 31.49
N ASP D 686 21.45 -14.18 31.90
CA ASP D 686 22.27 -14.97 32.81
C ASP D 686 21.94 -14.73 34.27
N ASN D 687 21.44 -13.54 34.61
CA ASN D 687 21.08 -13.26 35.99
C ASN D 687 20.10 -12.09 36.01
N GLU D 688 19.39 -11.99 37.12
CA GLU D 688 18.31 -11.02 37.28
C GLU D 688 18.56 -10.28 38.59
N ILE D 689 18.30 -8.99 38.57
CA ILE D 689 18.53 -8.10 39.71
C ILE D 689 17.24 -7.37 40.05
N ALA D 690 16.97 -7.22 41.34
CA ALA D 690 15.75 -6.58 41.81
C ALA D 690 16.12 -5.27 42.51
N VAL D 691 15.44 -4.20 42.13
CA VAL D 691 15.67 -2.86 42.66
C VAL D 691 14.42 -2.42 43.42
N PRO D 692 14.45 -2.33 44.75
CA PRO D 692 13.23 -1.97 45.48
C PRO D 692 13.10 -0.47 45.71
N ASN D 693 11.93 -0.09 46.24
CA ASN D 693 11.59 1.31 46.52
C ASN D 693 12.11 1.70 47.91
N MET D 694 11.59 2.78 48.47
CA MET D 694 11.88 3.22 49.84
C MET D 694 10.66 3.01 50.72
N THR D 695 10.90 2.58 51.98
CA THR D 695 9.79 2.36 52.91
C THR D 695 10.07 2.77 54.35
N ASN D 696 11.20 3.38 54.66
CA ASN D 696 11.50 3.75 56.04
C ASN D 696 11.95 5.20 56.13
N LEU D 697 11.77 5.76 57.33
CA LEU D 697 12.09 7.16 57.56
C LEU D 697 13.59 7.38 57.65
N ASP D 698 14.35 6.35 58.05
CA ASP D 698 15.80 6.51 58.10
C ASP D 698 16.35 6.82 56.71
N GLU D 699 15.80 6.17 55.69
CA GLU D 699 16.24 6.46 54.34
C GLU D 699 15.94 7.91 53.99
N LEU D 700 14.75 8.40 54.38
CA LEU D 700 14.41 9.79 54.14
C LEU D 700 15.38 10.71 54.87
N ASN D 701 15.74 10.37 56.10
CA ASN D 701 16.68 11.22 56.84
C ASN D 701 18.00 11.28 56.11
N ASN D 702 18.47 10.13 55.62
CA ASN D 702 19.73 10.10 54.88
C ASN D 702 19.61 10.96 53.65
N VAL D 703 18.49 10.86 52.94
CA VAL D 703 18.28 11.66 51.73
C VAL D 703 18.32 13.15 52.08
N MET D 704 17.64 13.53 53.16
CA MET D 704 17.60 14.94 53.55
C MET D 704 19.00 15.44 53.87
N ILE D 705 19.78 14.64 54.59
CA ILE D 705 21.15 15.03 54.89
C ILE D 705 21.91 15.17 53.58
N GLU D 706 21.72 14.20 52.69
CA GLU D 706 22.49 14.12 51.45
C GLU D 706 22.16 15.26 50.51
N SER D 707 20.97 15.86 50.64
CA SER D 707 20.52 16.88 49.71
C SER D 707 20.66 18.28 50.28
N ASN D 708 21.25 18.43 51.47
CA ASN D 708 21.46 19.74 52.07
C ASN D 708 20.13 20.45 52.20
N PHE D 709 19.18 19.77 52.82
CA PHE D 709 17.82 20.30 52.93
C PHE D 709 17.80 21.56 53.79
N LEU D 710 18.15 21.43 55.06
CA LEU D 710 18.25 22.58 55.95
C LEU D 710 18.88 22.08 57.24
N ASP D 711 19.14 23.03 58.15
CA ASP D 711 19.83 22.67 59.37
C ASP D 711 19.02 21.64 60.11
N ASP D 712 19.72 20.73 60.79
CA ASP D 712 19.07 19.54 61.34
C ASP D 712 17.93 19.89 62.28
N ALA D 713 17.96 21.07 62.89
CA ALA D 713 16.92 21.44 63.86
C ALA D 713 15.53 21.37 63.23
N GLY D 714 15.38 21.87 62.01
CA GLY D 714 14.09 21.79 61.35
C GLY D 714 13.86 20.41 60.77
N ARG D 715 14.93 19.73 60.37
CA ARG D 715 14.80 18.41 59.77
C ARG D 715 14.19 17.44 60.78
N VAL D 716 14.56 17.62 62.04
CA VAL D 716 14.02 16.79 63.11
C VAL D 716 12.52 16.96 63.17
N LYS D 717 12.04 18.19 62.95
CA LYS D 717 10.62 18.44 63.11
C LYS D 717 9.85 17.66 62.05
N VAL D 718 10.40 17.63 60.83
CA VAL D 718 9.77 16.89 59.75
C VAL D 718 9.65 15.43 60.14
N ILE D 719 10.76 14.88 60.66
CA ILE D 719 10.75 13.46 61.00
C ILE D 719 9.80 13.19 62.15
N ASN D 720 9.77 14.06 63.15
CA ASN D 720 8.86 13.88 64.28
C ASN D 720 7.43 13.88 63.80
N GLU D 721 7.08 14.84 62.95
CA GLU D 721 5.71 14.96 62.50
C GLU D 721 5.32 13.74 61.69
N LEU D 722 6.18 13.29 60.80
CA LEU D 722 5.86 12.10 60.02
C LEU D 722 5.86 10.85 60.88
N SER D 723 6.56 10.86 62.02
CA SER D 723 6.63 9.66 62.85
C SER D 723 5.25 9.26 63.36
N ARG D 724 4.36 10.23 63.52
CA ARG D 724 3.00 9.98 63.96
C ARG D 724 1.95 10.50 63.00
N SER D 725 2.34 11.03 61.83
CA SER D 725 1.39 11.33 60.78
C SER D 725 1.15 10.14 59.88
N CYS D 726 2.21 9.52 59.38
CA CYS D 726 2.07 8.41 58.44
C CYS D 726 3.35 7.58 58.48
N PRO D 727 3.45 6.60 59.38
CA PRO D 727 4.71 5.86 59.55
C PRO D 727 4.91 4.73 58.57
N ASN D 728 3.98 4.48 57.65
CA ASN D 728 4.04 3.28 56.82
C ASN D 728 4.08 3.63 55.34
N PHE D 729 4.90 4.59 54.96
CA PHE D 729 4.84 5.13 53.62
C PHE D 729 5.58 4.24 52.64
N ASN D 730 5.30 4.45 51.35
CA ASN D 730 5.79 3.62 50.26
C ASN D 730 5.87 4.53 49.04
N VAL D 731 7.05 5.09 48.80
CA VAL D 731 7.27 6.05 47.73
C VAL D 731 8.62 5.81 47.08
N GLY D 732 8.72 6.19 45.82
CA GLY D 732 9.96 6.06 45.09
C GLY D 732 10.94 7.17 45.43
N ILE D 733 12.10 7.13 44.80
CA ILE D 733 13.12 8.14 45.05
C ILE D 733 12.90 9.39 44.20
N LYS D 734 12.36 9.24 42.99
CA LYS D 734 12.21 10.39 42.10
C LYS D 734 11.21 11.40 42.66
N LYS D 735 10.05 10.92 43.10
CA LYS D 735 9.07 11.84 43.68
C LYS D 735 9.63 12.48 44.93
N THR D 736 10.39 11.70 45.70
CA THR D 736 10.94 12.24 46.94
C THR D 736 11.98 13.31 46.63
N LEU D 737 12.60 13.23 45.46
CA LEU D 737 13.64 14.19 45.08
C LEU D 737 13.07 15.37 44.33
N THR D 738 11.80 15.30 43.92
CA THR D 738 11.15 16.45 43.31
C THR D 738 10.23 17.15 44.30
N ASN D 739 9.97 16.51 45.44
CA ASN D 739 9.15 17.13 46.48
C ASN D 739 10.00 17.98 47.39
N ILE D 740 11.19 17.51 47.77
CA ILE D 740 12.13 18.37 48.46
C ILE D 740 12.42 19.61 47.59
N GLU D 741 12.66 19.40 46.30
CA GLU D 741 13.01 20.51 45.43
C GLU D 741 11.90 21.56 45.35
N THR D 742 10.63 21.13 45.22
CA THR D 742 9.57 22.14 45.20
C THR D 742 9.31 22.72 46.60
N ALA D 743 9.42 21.90 47.65
CA ALA D 743 9.17 22.38 49.00
C ALA D 743 10.21 23.40 49.44
N ARG D 744 11.44 23.24 48.96
CA ARG D 744 12.49 24.17 49.31
C ARG D 744 12.12 25.61 48.94
N HIS D 745 11.39 25.78 47.85
CA HIS D 745 11.04 27.12 47.36
C HIS D 745 9.78 27.68 48.00
N ASP D 746 9.18 26.95 48.93
CA ASP D 746 8.01 27.45 49.60
C ASP D 746 8.40 28.46 50.68
N GLU D 747 7.40 29.16 51.19
CA GLU D 747 7.59 30.03 52.34
C GLU D 747 7.54 29.27 53.65
N ASP D 748 7.02 28.05 53.64
CA ASP D 748 6.87 27.24 54.85
C ASP D 748 7.34 25.83 54.53
N PRO D 749 8.64 25.61 54.42
CA PRO D 749 9.13 24.38 53.79
C PRO D 749 8.80 23.12 54.57
N VAL D 750 8.77 23.19 55.91
CA VAL D 750 8.51 21.98 56.69
C VAL D 750 7.09 21.50 56.47
N ASN D 751 6.11 22.38 56.67
CA ASN D 751 4.72 21.98 56.54
C ASN D 751 4.42 21.57 55.10
N GLU D 752 4.96 22.32 54.14
CA GLU D 752 4.68 22.03 52.74
C GLU D 752 5.25 20.68 52.36
N LEU D 753 6.49 20.41 52.78
CA LEU D 753 7.09 19.13 52.45
C LEU D 753 6.35 17.99 53.14
N VAL D 754 5.95 18.20 54.40
CA VAL D 754 5.19 17.16 55.10
C VAL D 754 3.89 16.90 54.35
N GLU D 755 3.21 17.97 53.92
CA GLU D 755 1.97 17.81 53.19
C GLU D 755 2.20 17.04 51.90
N LEU D 756 3.27 17.37 51.18
CA LEU D 756 3.55 16.68 49.93
C LEU D 756 3.80 15.20 50.18
N MET D 757 4.60 14.90 51.20
CA MET D 757 4.92 13.51 51.49
C MET D 757 3.67 12.75 51.90
N THR D 758 2.80 13.38 52.69
CA THR D 758 1.53 12.75 53.05
C THR D 758 0.71 12.48 51.81
N GLN D 759 0.71 13.44 50.88
CA GLN D 759 -0.04 13.29 49.64
C GLN D 759 0.47 12.09 48.85
N SER D 760 1.80 11.94 48.75
CA SER D 760 2.37 10.83 48.01
C SER D 760 2.01 9.49 48.64
N ALA D 761 2.10 9.42 49.97
CA ALA D 761 1.82 8.20 50.72
C ALA D 761 0.37 7.75 50.55
N LEU E 242 39.18 -36.41 -26.29
CA LEU E 242 39.91 -36.54 -25.03
C LEU E 242 40.13 -35.18 -24.39
N GLY E 243 40.18 -35.17 -23.07
CA GLY E 243 40.23 -33.95 -22.29
C GLY E 243 39.09 -33.87 -21.30
N VAL E 244 38.42 -35.01 -21.10
CA VAL E 244 37.33 -35.13 -20.13
C VAL E 244 37.53 -36.43 -19.37
N GLY E 245 37.24 -36.40 -18.08
CA GLY E 245 37.51 -37.54 -17.21
C GLY E 245 36.32 -37.83 -16.33
N GLY E 246 36.16 -39.12 -16.04
CA GLY E 246 35.12 -39.58 -15.15
C GLY E 246 33.74 -39.71 -15.76
N LEU E 247 33.60 -39.49 -17.07
CA LEU E 247 32.30 -39.38 -17.72
C LEU E 247 32.23 -40.26 -18.96
N ASP E 248 32.81 -41.45 -18.87
CA ASP E 248 32.91 -42.34 -20.03
C ASP E 248 31.54 -42.86 -20.46
N LYS E 249 30.73 -43.32 -19.51
CA LYS E 249 29.46 -43.96 -19.83
C LYS E 249 28.53 -42.99 -20.57
N GLU E 250 28.38 -41.78 -20.03
CA GLU E 250 27.52 -40.81 -20.69
C GLU E 250 28.06 -40.47 -22.06
N PHE E 251 29.39 -40.43 -22.20
CA PHE E 251 30.00 -40.17 -23.50
C PHE E 251 29.59 -41.24 -24.50
N THR E 252 29.68 -42.51 -24.11
CA THR E 252 29.27 -43.60 -24.98
C THR E 252 27.82 -43.44 -25.39
N LYS E 253 26.94 -43.16 -24.43
CA LYS E 253 25.51 -43.07 -24.74
C LYS E 253 25.24 -41.93 -25.72
N ILE E 254 25.87 -40.77 -25.47
CA ILE E 254 25.63 -39.60 -26.30
C ILE E 254 26.15 -39.86 -27.69
N PHE E 255 27.35 -40.44 -27.80
CA PHE E 255 27.92 -40.69 -29.12
C PHE E 255 27.07 -41.69 -29.88
N ARG E 256 26.53 -42.68 -29.16
CA ARG E 256 25.69 -43.68 -29.79
C ARG E 256 24.44 -43.07 -30.38
N ARG E 257 23.79 -42.15 -29.66
CA ARG E 257 22.48 -41.70 -30.09
C ARG E 257 22.49 -40.38 -30.86
N ALA E 258 23.18 -39.36 -30.35
CA ALA E 258 23.05 -38.02 -30.88
C ALA E 258 23.89 -37.79 -32.15
N PHE E 259 24.93 -38.58 -32.35
CA PHE E 259 25.93 -38.28 -33.38
C PHE E 259 26.12 -39.45 -34.34
N ALA E 260 25.99 -40.70 -33.87
CA ALA E 260 26.43 -41.83 -34.66
C ALA E 260 25.81 -41.88 -36.05
N SER E 261 24.54 -41.45 -36.19
CA SER E 261 23.88 -41.47 -37.50
C SER E 261 24.47 -40.49 -38.51
N ARG E 262 25.24 -39.52 -38.04
CA ARG E 262 25.86 -38.52 -38.89
C ARG E 262 27.13 -39.03 -39.56
N ILE E 263 27.82 -39.99 -38.91
CA ILE E 263 29.10 -40.44 -39.45
C ILE E 263 28.87 -41.16 -40.77
N PHE E 264 27.76 -41.88 -40.87
CA PHE E 264 27.52 -42.71 -42.03
C PHE E 264 27.15 -41.82 -43.22
N PRO E 265 27.28 -42.32 -44.44
CA PRO E 265 26.90 -41.53 -45.60
C PRO E 265 25.40 -41.30 -45.61
N PRO E 266 24.93 -40.21 -46.21
CA PRO E 266 23.48 -40.00 -46.28
C PRO E 266 22.78 -41.12 -47.03
N SER E 267 23.48 -41.78 -47.96
CA SER E 267 22.87 -42.83 -48.77
C SER E 267 22.33 -43.96 -47.90
N VAL E 268 23.14 -44.47 -46.95
CA VAL E 268 22.69 -45.62 -46.17
C VAL E 268 21.55 -45.23 -45.25
N ILE E 269 21.62 -44.02 -44.68
CA ILE E 269 20.56 -43.57 -43.79
C ILE E 269 19.26 -43.41 -44.57
N GLU E 270 19.35 -42.87 -45.79
CA GLU E 270 18.18 -42.85 -46.66
C GLU E 270 17.69 -44.26 -46.94
N LYS E 271 18.63 -45.20 -47.13
CA LYS E 271 18.28 -46.56 -47.50
C LYS E 271 17.59 -47.29 -46.36
N LEU E 272 17.73 -46.80 -45.13
CA LEU E 272 17.02 -47.38 -43.99
C LEU E 272 15.64 -46.77 -43.79
N GLY E 273 15.53 -45.45 -43.90
CA GLY E 273 14.28 -44.75 -43.69
C GLY E 273 14.11 -44.14 -42.31
N ILE E 274 15.14 -43.49 -41.80
CA ILE E 274 15.09 -42.80 -40.52
C ILE E 274 15.53 -41.34 -40.71
N SER E 275 15.52 -40.58 -39.62
CA SER E 275 15.89 -39.17 -39.64
C SER E 275 16.69 -38.84 -38.39
N HIS E 276 17.56 -37.83 -38.51
CA HIS E 276 18.47 -37.50 -37.43
C HIS E 276 17.73 -36.80 -36.29
N VAL E 277 18.26 -36.94 -35.08
CA VAL E 277 17.69 -36.29 -33.90
C VAL E 277 18.12 -34.84 -33.84
N LYS E 278 17.21 -33.98 -33.39
CA LYS E 278 17.41 -32.53 -33.42
C LYS E 278 17.38 -31.85 -32.07
N GLY E 279 17.27 -32.59 -30.97
CA GLY E 279 17.30 -31.96 -29.67
C GLY E 279 17.88 -32.83 -28.58
N LEU E 280 18.73 -32.22 -27.76
CA LEU E 280 19.39 -32.90 -26.65
C LEU E 280 19.40 -31.93 -25.48
N LEU E 281 19.09 -32.45 -24.30
CA LEU E 281 19.02 -31.63 -23.09
C LEU E 281 20.05 -32.15 -22.11
N LEU E 282 20.85 -31.25 -21.59
CA LEU E 282 21.87 -31.57 -20.59
C LEU E 282 21.55 -30.81 -19.31
N TYR E 283 21.64 -31.49 -18.17
CA TYR E 283 21.38 -30.81 -16.92
C TYR E 283 22.30 -31.38 -15.85
N GLY E 284 22.60 -30.55 -14.87
CA GLY E 284 23.47 -30.90 -13.79
C GLY E 284 24.03 -29.66 -13.12
N PRO E 285 24.78 -29.84 -12.04
CA PRO E 285 25.26 -28.68 -11.29
C PRO E 285 26.31 -27.91 -12.08
N PRO E 286 26.53 -26.65 -11.74
CA PRO E 286 27.44 -25.81 -12.52
C PRO E 286 28.91 -26.11 -12.26
N GLY E 287 29.72 -25.91 -13.29
CA GLY E 287 31.14 -26.16 -13.19
C GLY E 287 31.51 -27.61 -13.22
N THR E 288 30.70 -28.45 -13.86
CA THR E 288 30.93 -29.89 -13.85
C THR E 288 31.39 -30.43 -15.20
N GLY E 289 31.24 -29.67 -16.29
CA GLY E 289 31.80 -30.07 -17.56
C GLY E 289 30.82 -30.28 -18.69
N LYS E 290 29.74 -29.49 -18.77
CA LYS E 290 28.77 -29.69 -19.84
C LYS E 290 29.23 -29.03 -21.14
N THR E 291 29.50 -27.73 -21.07
CA THR E 291 29.96 -27.01 -22.24
C THR E 291 31.27 -27.60 -22.74
N LEU E 292 32.06 -28.15 -21.82
CA LEU E 292 33.30 -28.81 -22.21
C LEU E 292 33.01 -30.00 -23.10
N ILE E 293 32.02 -30.80 -22.72
CA ILE E 293 31.63 -31.93 -23.56
C ILE E 293 31.13 -31.43 -24.91
N ALA E 294 30.25 -30.43 -24.92
CA ALA E 294 29.71 -29.95 -26.18
C ALA E 294 30.84 -29.56 -27.14
N ARG E 295 31.83 -28.85 -26.62
CA ARG E 295 32.90 -28.37 -27.48
C ARG E 295 33.78 -29.53 -27.93
N LYS E 296 34.10 -30.45 -27.03
CA LYS E 296 35.02 -31.52 -27.43
C LYS E 296 34.35 -32.46 -28.42
N ILE E 297 33.05 -32.69 -28.28
CA ILE E 297 32.34 -33.51 -29.27
C ILE E 297 32.37 -32.82 -30.62
N GLY E 298 32.22 -31.49 -30.63
CA GLY E 298 32.17 -30.80 -31.92
C GLY E 298 33.45 -30.96 -32.71
N THR E 299 34.57 -31.23 -32.03
CA THR E 299 35.85 -31.41 -32.71
C THR E 299 35.94 -32.74 -33.45
N MET E 300 35.29 -33.79 -32.95
CA MET E 300 35.40 -35.10 -33.58
C MET E 300 34.68 -35.14 -34.91
N LEU E 301 33.47 -34.56 -34.98
CA LEU E 301 32.76 -34.50 -36.24
C LEU E 301 33.35 -33.47 -37.17
N ASN E 302 34.18 -32.56 -36.64
CA ASN E 302 34.78 -31.49 -37.44
C ASN E 302 33.69 -30.61 -38.04
N ALA E 303 32.70 -30.30 -37.21
CA ALA E 303 31.72 -29.29 -37.54
C ALA E 303 32.29 -27.91 -37.29
N LYS E 304 31.53 -26.89 -37.69
CA LYS E 304 31.97 -25.52 -37.45
C LYS E 304 32.01 -25.25 -35.96
N GLU E 305 32.80 -24.24 -35.59
CA GLU E 305 32.91 -23.84 -34.20
C GLU E 305 31.52 -23.45 -33.68
N PRO E 306 31.05 -24.02 -32.58
CA PRO E 306 29.66 -23.77 -32.17
C PRO E 306 29.40 -22.30 -31.88
N LYS E 307 28.21 -21.86 -32.27
CA LYS E 307 27.67 -20.61 -31.78
C LYS E 307 27.15 -20.83 -30.38
N ILE E 308 27.13 -19.77 -29.58
CA ILE E 308 26.74 -19.86 -28.18
C ILE E 308 25.83 -18.68 -27.88
N VAL E 309 24.80 -18.94 -27.09
CA VAL E 309 23.78 -17.93 -26.79
C VAL E 309 23.37 -18.05 -25.33
N ASN E 310 22.99 -16.92 -24.75
CA ASN E 310 22.63 -16.80 -23.35
C ASN E 310 21.19 -16.32 -23.27
N GLY E 311 20.37 -17.03 -22.48
CA GLY E 311 18.95 -16.79 -22.46
C GLY E 311 18.61 -15.40 -21.97
N PRO E 312 19.08 -15.08 -20.76
CA PRO E 312 18.85 -13.73 -20.21
C PRO E 312 19.35 -12.61 -21.09
N GLY E 320 11.66 -5.77 -29.75
CA GLY E 320 11.84 -5.91 -31.19
C GLY E 320 13.20 -6.44 -31.58
N SER E 321 14.26 -5.92 -30.95
CA SER E 321 15.60 -6.40 -31.26
C SER E 321 15.73 -7.88 -30.93
N SER E 322 15.18 -8.29 -29.80
CA SER E 322 15.18 -9.70 -29.40
C SER E 322 14.45 -10.55 -30.44
N GLU E 323 13.31 -10.06 -30.92
CA GLU E 323 12.58 -10.78 -31.95
C GLU E 323 13.42 -10.91 -33.22
N GLU E 324 14.19 -9.87 -33.53
CA GLU E 324 15.02 -9.88 -34.74
C GLU E 324 16.25 -10.77 -34.59
N ASN E 325 16.76 -10.94 -33.37
CA ASN E 325 18.03 -11.65 -33.20
C ASN E 325 17.90 -13.10 -33.66
N ILE E 326 16.80 -13.75 -33.28
CA ILE E 326 16.68 -15.18 -33.50
C ILE E 326 16.82 -15.49 -35.00
N ARG E 327 16.18 -14.67 -35.85
CA ARG E 327 16.34 -14.87 -37.28
C ARG E 327 17.76 -14.62 -37.74
N ASN E 328 18.52 -13.82 -37.01
CA ASN E 328 19.91 -13.58 -37.38
C ASN E 328 20.77 -14.78 -37.06
N LEU E 329 20.35 -15.58 -36.06
CA LEU E 329 21.20 -16.65 -35.58
C LEU E 329 21.39 -17.73 -36.63
N PHE E 330 20.31 -18.10 -37.32
CA PHE E 330 20.31 -19.28 -38.19
C PHE E 330 20.78 -19.00 -39.60
N LYS E 331 21.15 -17.75 -39.91
CA LYS E 331 21.38 -17.35 -41.29
C LYS E 331 22.37 -18.28 -42.00
N ASP E 332 23.52 -18.50 -41.38
CA ASP E 332 24.56 -19.32 -41.99
C ASP E 332 24.08 -20.74 -42.29
N ALA E 333 23.30 -21.33 -41.39
CA ALA E 333 22.80 -22.67 -41.69
C ALA E 333 21.83 -22.65 -42.88
N GLU E 334 21.00 -21.61 -42.99
CA GLU E 334 20.12 -21.51 -44.14
C GLU E 334 20.94 -21.41 -45.42
N ALA E 335 21.97 -20.56 -45.37
CA ALA E 335 22.77 -20.35 -46.57
C ALA E 335 23.39 -21.67 -46.96
N GLU E 336 24.08 -22.33 -46.01
CA GLU E 336 24.82 -23.53 -46.36
C GLU E 336 23.86 -24.61 -46.85
N TYR E 337 22.62 -24.59 -46.35
CA TYR E 337 21.67 -25.62 -46.76
C TYR E 337 21.27 -25.39 -48.21
N ARG E 338 20.85 -24.17 -48.55
CA ARG E 338 20.60 -23.85 -49.94
C ARG E 338 21.83 -24.10 -50.81
N ALA E 339 23.02 -23.88 -50.25
CA ALA E 339 24.27 -24.03 -50.99
C ALA E 339 24.50 -25.48 -51.39
N LYS E 340 24.41 -26.41 -50.43
CA LYS E 340 24.95 -27.75 -50.62
C LYS E 340 23.98 -28.88 -50.29
N GLY E 341 22.71 -28.60 -50.00
CA GLY E 341 21.74 -29.66 -49.83
C GLY E 341 22.12 -30.55 -48.68
N GLU E 342 21.79 -31.84 -48.82
CA GLU E 342 21.95 -32.77 -47.71
C GLU E 342 23.40 -32.93 -47.31
N GLU E 343 24.34 -32.57 -48.18
CA GLU E 343 25.76 -32.76 -47.93
C GLU E 343 26.38 -31.58 -47.20
N SER E 344 25.58 -30.59 -46.82
CA SER E 344 26.10 -29.41 -46.16
C SER E 344 26.73 -29.81 -44.83
N SER E 345 27.67 -28.99 -44.37
CA SER E 345 28.36 -29.33 -43.14
C SER E 345 27.44 -29.10 -41.94
N LEU E 346 27.86 -29.65 -40.80
CA LEU E 346 27.02 -29.64 -39.61
C LEU E 346 27.17 -28.32 -38.86
N HIS E 347 26.07 -27.83 -38.31
CA HIS E 347 26.04 -26.56 -37.60
C HIS E 347 25.49 -26.83 -36.20
N ILE E 348 26.21 -26.35 -35.18
CA ILE E 348 25.90 -26.69 -33.79
C ILE E 348 25.71 -25.39 -33.03
N ILE E 349 24.59 -25.31 -32.32
CA ILE E 349 24.15 -24.09 -31.63
C ILE E 349 23.95 -24.47 -30.16
N ILE E 350 24.49 -23.66 -29.26
CA ILE E 350 24.44 -23.93 -27.84
C ILE E 350 23.57 -22.88 -27.16
N PHE E 351 22.73 -23.34 -26.23
CA PHE E 351 21.76 -22.48 -25.54
C PHE E 351 21.89 -22.70 -24.04
N ASP E 352 22.16 -21.62 -23.31
CA ASP E 352 22.48 -21.71 -21.89
C ASP E 352 21.40 -21.03 -21.07
N GLU E 353 21.16 -21.57 -19.88
CA GLU E 353 20.14 -21.06 -18.97
C GLU E 353 18.77 -21.03 -19.63
N LEU E 354 18.39 -22.18 -20.18
CA LEU E 354 17.15 -22.26 -20.95
C LEU E 354 15.96 -21.96 -20.06
N ASP E 355 16.00 -22.46 -18.82
CA ASP E 355 14.86 -22.34 -17.91
C ASP E 355 14.47 -20.88 -17.70
N SER E 356 15.41 -19.96 -17.85
CA SER E 356 15.12 -18.55 -17.63
C SER E 356 14.00 -18.05 -18.54
N VAL E 357 13.87 -18.67 -19.72
CA VAL E 357 12.82 -18.26 -20.65
C VAL E 357 11.45 -18.56 -20.05
N PHE E 358 11.33 -19.72 -19.40
CA PHE E 358 10.06 -20.15 -18.84
C PHE E 358 9.80 -19.56 -17.47
N LYS E 359 10.85 -19.10 -16.77
CA LYS E 359 10.77 -18.67 -15.37
C LYS E 359 10.13 -17.28 -15.29
N GLN E 360 8.84 -17.23 -15.61
CA GLN E 360 8.03 -16.01 -15.51
C GLN E 360 6.58 -16.45 -15.57
N ARG E 361 5.69 -15.63 -15.02
CA ARG E 361 4.28 -16.01 -15.06
C ARG E 361 3.82 -16.04 -16.51
N GLY E 362 2.91 -16.96 -16.82
CA GLY E 362 2.45 -17.11 -18.19
C GLY E 362 1.86 -15.83 -18.75
N SER E 363 1.13 -15.09 -17.90
CA SER E 363 0.48 -13.86 -18.34
C SER E 363 1.51 -12.85 -18.83
N ARG E 364 2.58 -12.64 -18.07
CA ARG E 364 3.61 -11.69 -18.47
C ARG E 364 4.40 -12.19 -19.68
N GLY E 365 4.70 -13.49 -19.72
CA GLY E 365 5.45 -14.07 -20.82
C GLY E 365 4.72 -13.90 -22.14
N ASP E 366 3.41 -14.05 -22.13
CA ASP E 366 2.63 -13.97 -23.36
C ASP E 366 2.31 -12.53 -23.69
N GLY E 367 1.93 -11.72 -22.70
CA GLY E 367 1.62 -10.33 -22.95
C GLY E 367 2.78 -9.54 -23.48
N THR E 368 3.96 -9.69 -22.85
CA THR E 368 5.15 -9.05 -23.38
C THR E 368 5.61 -9.76 -24.65
N GLY E 369 5.43 -11.08 -24.71
CA GLY E 369 5.79 -11.84 -25.87
C GLY E 369 7.26 -12.19 -25.95
N VAL E 370 8.09 -11.65 -25.07
CA VAL E 370 9.53 -11.90 -25.17
C VAL E 370 9.82 -13.37 -24.90
N GLY E 371 9.21 -13.93 -23.86
CA GLY E 371 9.40 -15.35 -23.57
C GLY E 371 8.84 -16.26 -24.64
N ASP E 372 7.61 -16.00 -25.08
CA ASP E 372 6.93 -16.92 -25.99
C ASP E 372 7.47 -16.84 -27.41
N ASN E 373 7.89 -15.66 -27.86
CA ASN E 373 8.23 -15.46 -29.27
C ASN E 373 9.47 -16.24 -29.65
N VAL E 374 10.50 -16.18 -28.81
CA VAL E 374 11.73 -16.91 -29.08
C VAL E 374 11.41 -18.39 -29.16
N VAL E 375 10.59 -18.88 -28.22
CA VAL E 375 10.27 -20.29 -28.17
C VAL E 375 9.56 -20.70 -29.45
N ASN E 376 8.55 -19.94 -29.85
CA ASN E 376 7.78 -20.31 -31.04
C ASN E 376 8.66 -20.28 -32.28
N GLN E 377 9.51 -19.26 -32.41
CA GLN E 377 10.41 -19.20 -33.55
C GLN E 377 11.36 -20.38 -33.56
N LEU E 378 11.88 -20.73 -32.38
CA LEU E 378 12.86 -21.82 -32.31
C LEU E 378 12.20 -23.14 -32.67
N LEU E 379 10.99 -23.39 -32.15
CA LEU E 379 10.32 -24.64 -32.48
C LEU E 379 9.97 -24.67 -33.95
N ALA E 380 9.58 -23.51 -34.49
CA ALA E 380 9.27 -23.41 -35.91
C ALA E 380 10.48 -23.76 -36.75
N LYS E 381 11.69 -23.48 -36.25
CA LYS E 381 12.87 -23.66 -37.06
C LYS E 381 13.37 -25.09 -37.12
N MET E 382 12.92 -25.98 -36.22
CA MET E 382 13.35 -27.37 -36.21
C MET E 382 12.24 -28.40 -36.34
N ASP E 383 10.97 -27.98 -36.25
CA ASP E 383 9.85 -28.92 -36.34
C ASP E 383 8.89 -28.65 -37.48
N GLY E 384 8.77 -27.40 -37.92
CA GLY E 384 7.68 -26.97 -38.78
C GLY E 384 7.99 -27.19 -40.24
N VAL E 385 7.40 -26.35 -41.08
CA VAL E 385 7.55 -26.54 -42.52
C VAL E 385 8.82 -25.91 -43.06
N ASP E 386 9.44 -24.98 -42.34
CA ASP E 386 10.73 -24.40 -42.74
C ASP E 386 11.91 -25.17 -42.15
N GLN E 387 11.73 -26.46 -41.89
CA GLN E 387 12.72 -27.24 -41.15
C GLN E 387 14.08 -27.20 -41.84
N LEU E 388 15.12 -26.96 -41.06
CA LEU E 388 16.49 -26.98 -41.53
C LEU E 388 17.16 -28.24 -41.02
N ASN E 389 17.78 -28.99 -41.91
CA ASN E 389 18.24 -30.34 -41.63
C ASN E 389 19.73 -30.37 -41.31
N ASN E 390 20.35 -29.20 -41.14
CA ASN E 390 21.77 -29.13 -40.82
C ASN E 390 22.04 -28.78 -39.36
N ILE E 391 21.02 -28.41 -38.60
CA ILE E 391 21.23 -27.79 -37.30
C ILE E 391 21.04 -28.83 -36.21
N LEU E 392 21.68 -28.58 -35.07
CA LEU E 392 21.44 -29.31 -33.83
C LEU E 392 21.47 -28.32 -32.69
N VAL E 393 20.48 -28.38 -31.80
CA VAL E 393 20.35 -27.41 -30.72
C VAL E 393 20.54 -28.13 -29.40
N ILE E 394 21.50 -27.63 -28.62
CA ILE E 394 21.86 -28.16 -27.31
C ILE E 394 21.33 -27.19 -26.28
N GLY E 395 20.60 -27.70 -25.29
CA GLY E 395 20.11 -26.86 -24.23
C GLY E 395 20.76 -27.23 -22.90
N MET E 396 20.81 -26.27 -21.99
CA MET E 396 21.54 -26.46 -20.74
C MET E 396 20.79 -25.75 -19.64
N THR E 397 20.57 -26.44 -18.53
CA THR E 397 19.78 -25.90 -17.44
C THR E 397 20.15 -26.65 -16.17
N ASN E 398 20.07 -25.95 -15.04
CA ASN E 398 20.29 -26.58 -13.76
C ASN E 398 19.01 -27.13 -13.14
N ARG E 399 17.85 -26.86 -13.74
CA ARG E 399 16.57 -27.29 -13.20
C ARG E 399 15.71 -27.78 -14.36
N LYS E 400 15.49 -29.11 -14.41
CA LYS E 400 14.70 -29.70 -15.47
C LYS E 400 13.21 -29.48 -15.28
N ASP E 401 12.75 -29.42 -14.03
CA ASP E 401 11.31 -29.42 -13.75
C ASP E 401 10.58 -28.19 -14.30
N LEU E 402 11.30 -27.11 -14.60
CA LEU E 402 10.63 -25.88 -15.04
C LEU E 402 10.39 -25.85 -16.54
N ILE E 403 11.01 -26.74 -17.30
CA ILE E 403 10.79 -26.78 -18.74
C ILE E 403 9.45 -27.47 -19.01
N ASP E 404 8.69 -26.91 -19.93
CA ASP E 404 7.36 -27.44 -20.23
C ASP E 404 7.46 -28.77 -20.94
N SER E 405 6.46 -29.63 -20.72
CA SER E 405 6.46 -30.95 -21.33
C SER E 405 6.25 -30.90 -22.84
N ALA E 406 5.71 -29.79 -23.36
CA ALA E 406 5.51 -29.69 -24.81
C ALA E 406 6.82 -29.84 -25.54
N LEU E 407 7.92 -29.40 -24.92
CA LEU E 407 9.21 -29.44 -25.58
C LEU E 407 9.77 -30.85 -25.60
N LEU E 408 9.37 -31.70 -24.66
CA LEU E 408 10.02 -32.99 -24.47
C LEU E 408 9.41 -34.09 -25.33
N ARG E 409 8.35 -33.81 -26.07
CA ARG E 409 7.74 -34.84 -26.90
C ARG E 409 8.62 -35.09 -28.12
N PRO E 410 8.46 -36.22 -28.79
CA PRO E 410 9.38 -36.57 -29.89
C PRO E 410 9.39 -35.50 -30.98
N GLY E 411 10.56 -35.33 -31.59
CA GLY E 411 10.80 -34.25 -32.50
C GLY E 411 11.40 -33.01 -31.87
N ARG E 412 11.28 -32.87 -30.55
CA ARG E 412 11.82 -31.75 -29.79
C ARG E 412 12.40 -32.34 -28.52
N PHE E 413 13.68 -31.98 -28.24
CA PHE E 413 14.38 -32.42 -27.03
C PHE E 413 14.05 -33.87 -26.67
N GLU E 414 14.46 -34.80 -27.52
CA GLU E 414 14.04 -36.18 -27.33
C GLU E 414 14.91 -36.91 -26.32
N VAL E 415 16.17 -36.50 -26.16
CA VAL E 415 17.13 -37.20 -25.32
C VAL E 415 17.63 -36.24 -24.26
N GLN E 416 17.69 -36.71 -23.03
CA GLN E 416 17.96 -35.89 -21.85
C GLN E 416 19.00 -36.61 -21.03
N VAL E 417 19.98 -35.88 -20.50
CA VAL E 417 21.08 -36.48 -19.76
C VAL E 417 21.44 -35.67 -18.52
N GLU E 418 21.90 -36.39 -17.50
CA GLU E 418 22.24 -35.87 -16.19
C GLU E 418 23.74 -35.99 -15.97
N ILE E 419 24.33 -35.01 -15.30
CA ILE E 419 25.75 -35.01 -14.97
C ILE E 419 25.90 -35.06 -13.45
N HIS E 420 26.86 -35.85 -12.98
CA HIS E 420 27.03 -36.13 -11.56
C HIS E 420 28.37 -35.58 -11.07
N LEU E 421 28.48 -35.47 -9.75
CA LEU E 421 29.75 -35.19 -9.11
C LEU E 421 30.70 -36.39 -9.19
N PRO E 422 31.97 -36.19 -9.55
CA PRO E 422 32.83 -37.33 -9.90
C PRO E 422 33.09 -38.22 -8.69
N ASP E 423 33.48 -39.46 -8.99
CA ASP E 423 33.92 -40.40 -7.97
C ASP E 423 35.45 -40.48 -7.93
N GLU E 424 35.96 -41.37 -7.08
CA GLU E 424 37.38 -41.38 -6.75
C GLU E 424 38.22 -41.71 -7.97
N LYS E 425 37.79 -42.67 -8.78
CA LYS E 425 38.54 -43.02 -9.98
C LYS E 425 38.61 -41.84 -10.92
N GLY E 426 37.52 -41.09 -11.04
CA GLY E 426 37.54 -39.90 -11.87
C GLY E 426 38.57 -38.90 -11.39
N ARG E 427 38.62 -38.70 -10.06
CA ARG E 427 39.58 -37.76 -9.52
C ARG E 427 41.02 -38.24 -9.69
N LEU E 428 41.24 -39.54 -9.56
CA LEU E 428 42.56 -40.09 -9.84
C LEU E 428 42.98 -39.84 -11.28
N GLN E 429 42.02 -39.96 -12.21
CA GLN E 429 42.36 -39.70 -13.60
C GLN E 429 42.64 -38.23 -13.78
N ILE E 430 41.85 -37.38 -13.11
CA ILE E 430 42.04 -35.95 -13.26
C ILE E 430 43.40 -35.57 -12.68
N PHE E 431 43.79 -36.23 -11.58
CA PHE E 431 45.10 -35.96 -11.00
C PHE E 431 46.18 -36.25 -12.02
N ASP E 432 46.05 -37.39 -12.73
CA ASP E 432 47.05 -37.72 -13.74
C ASP E 432 47.07 -36.67 -14.84
N ILE E 433 45.89 -36.30 -15.35
CA ILE E 433 45.80 -35.31 -16.42
C ILE E 433 46.42 -33.99 -15.98
N GLN E 434 46.18 -33.60 -14.73
CA GLN E 434 46.63 -32.29 -14.26
C GLN E 434 48.12 -32.28 -13.94
N THR E 435 48.68 -33.43 -13.57
CA THR E 435 50.08 -33.51 -13.19
C THR E 435 50.97 -34.07 -14.29
N LYS E 436 50.39 -34.32 -15.48
CA LYS E 436 51.18 -34.86 -16.59
C LYS E 436 52.43 -34.03 -16.87
N LYS E 437 52.27 -32.72 -17.04
CA LYS E 437 53.41 -31.90 -17.47
C LYS E 437 54.45 -31.75 -16.36
N MET E 438 54.00 -31.63 -15.12
CA MET E 438 54.92 -31.65 -14.00
C MET E 438 55.67 -32.98 -13.98
N ARG E 439 54.96 -34.09 -14.15
CA ARG E 439 55.59 -35.39 -14.03
C ARG E 439 56.61 -35.56 -15.13
N GLU E 440 56.29 -35.10 -16.34
CA GLU E 440 57.12 -35.35 -17.51
C GLU E 440 58.18 -34.27 -17.72
N ASN E 441 58.28 -33.29 -16.82
CA ASN E 441 59.39 -32.34 -16.86
C ASN E 441 60.23 -32.41 -15.60
N ASN E 442 60.13 -33.51 -14.86
CA ASN E 442 60.91 -33.73 -13.63
C ASN E 442 60.77 -32.57 -12.66
N MET E 443 59.55 -32.03 -12.57
CA MET E 443 59.21 -31.01 -11.59
C MET E 443 58.23 -31.54 -10.58
N MET E 444 58.20 -32.86 -10.40
CA MET E 444 57.32 -33.49 -9.43
C MET E 444 58.10 -34.58 -8.70
N SER E 445 58.05 -34.55 -7.38
CA SER E 445 58.90 -35.43 -6.59
C SER E 445 58.45 -36.87 -6.74
N ASP E 446 59.22 -37.78 -6.15
CA ASP E 446 58.91 -39.20 -6.20
C ASP E 446 58.11 -39.67 -4.98
N ASP E 447 57.81 -38.78 -4.03
CA ASP E 447 57.09 -39.17 -2.83
C ASP E 447 55.60 -38.88 -2.91
N VAL E 448 55.18 -38.10 -3.90
CA VAL E 448 53.77 -37.76 -4.05
C VAL E 448 53.05 -38.96 -4.63
N ASN E 449 51.97 -39.38 -3.97
CA ASN E 449 51.20 -40.55 -4.39
C ASN E 449 49.77 -40.14 -4.68
N LEU E 450 49.40 -40.17 -5.97
CA LEU E 450 48.11 -39.65 -6.37
C LEU E 450 46.97 -40.55 -5.93
N LYS E 458 37.67 -35.68 -1.21
CA LYS E 458 36.58 -36.63 -1.10
C LYS E 458 35.44 -36.33 -2.06
N ASN E 459 35.08 -35.06 -2.23
CA ASN E 459 33.91 -34.70 -3.03
C ASN E 459 34.24 -33.53 -3.95
N PHE E 460 35.42 -33.55 -4.55
CA PHE E 460 35.93 -32.41 -5.31
C PHE E 460 35.46 -32.48 -6.77
N SER E 461 35.50 -31.32 -7.43
CA SER E 461 35.34 -31.21 -8.87
C SER E 461 36.72 -31.02 -9.52
N GLY E 462 36.71 -30.75 -10.83
CA GLY E 462 37.97 -30.60 -11.56
C GLY E 462 38.65 -29.29 -11.21
N ALA E 463 37.89 -28.20 -11.21
CA ALA E 463 38.45 -26.89 -10.91
C ALA E 463 39.13 -26.87 -9.55
N GLU E 464 38.57 -27.61 -8.58
CA GLU E 464 39.18 -27.64 -7.26
C GLU E 464 40.55 -28.32 -7.31
N ILE E 465 40.68 -29.36 -8.14
CA ILE E 465 41.97 -30.03 -8.28
C ILE E 465 42.97 -29.11 -8.96
N GLU E 466 42.53 -28.37 -9.97
CA GLU E 466 43.41 -27.38 -10.59
C GLU E 466 43.88 -26.35 -9.57
N GLY E 467 42.96 -25.82 -8.76
CA GLY E 467 43.34 -24.86 -7.76
C GLY E 467 44.31 -25.43 -6.75
N LEU E 468 44.12 -26.69 -6.37
CA LEU E 468 45.01 -27.33 -5.41
C LEU E 468 46.40 -27.45 -5.98
N VAL E 469 46.50 -27.89 -7.24
CA VAL E 469 47.81 -27.98 -7.87
C VAL E 469 48.47 -26.62 -7.93
N LYS E 470 47.69 -25.59 -8.28
CA LYS E 470 48.25 -24.24 -8.36
C LYS E 470 48.75 -23.77 -7.00
N SER E 471 48.01 -24.09 -5.94
CA SER E 471 48.45 -23.69 -4.60
C SER E 471 49.72 -24.42 -4.21
N ALA E 472 49.82 -25.71 -4.56
CA ALA E 472 51.06 -26.44 -4.29
C ALA E 472 52.23 -25.78 -5.01
N SER E 473 52.02 -25.41 -6.28
CA SER E 473 53.05 -24.68 -7.00
C SER E 473 53.39 -23.39 -6.30
N SER E 474 52.37 -22.73 -5.72
CA SER E 474 52.60 -21.47 -5.05
C SER E 474 53.52 -21.68 -3.85
N PHE E 475 53.28 -22.74 -3.08
CA PHE E 475 54.16 -23.06 -1.97
C PHE E 475 55.57 -23.25 -2.47
N ALA E 476 55.72 -24.05 -3.53
CA ALA E 476 57.05 -24.38 -4.05
C ALA E 476 57.76 -23.12 -4.55
N ILE E 477 57.04 -22.25 -5.24
CA ILE E 477 57.61 -21.03 -5.80
C ILE E 477 57.99 -20.06 -4.69
N ASN E 478 57.19 -20.00 -3.63
CA ASN E 478 57.46 -19.04 -2.56
C ASN E 478 58.74 -19.38 -1.82
N LYS E 479 59.03 -20.67 -1.65
CA LYS E 479 60.18 -21.07 -0.84
C LYS E 479 61.51 -20.58 -1.39
N THR E 480 61.57 -20.19 -2.67
CA THR E 480 62.81 -19.77 -3.30
C THR E 480 62.92 -18.27 -3.52
N VAL E 481 61.81 -17.59 -3.83
CA VAL E 481 61.86 -16.17 -4.14
C VAL E 481 62.39 -15.38 -2.95
N ASN E 482 63.00 -14.23 -3.23
CA ASN E 482 63.53 -13.34 -2.20
C ASN E 482 64.51 -14.06 -1.29
N ASN E 491 65.16 -14.23 -10.08
CA ASN E 491 65.45 -13.48 -8.86
C ASN E 491 66.50 -14.20 -7.99
N THR E 492 66.81 -15.45 -8.32
CA THR E 492 67.82 -16.18 -7.57
C THR E 492 68.44 -17.26 -8.44
N LYS E 493 69.62 -17.71 -8.02
CA LYS E 493 70.30 -18.82 -8.65
C LYS E 493 69.61 -20.14 -8.32
N ASP E 494 69.92 -21.16 -9.11
CA ASP E 494 69.44 -22.53 -8.88
C ASP E 494 67.92 -22.59 -8.91
N ILE E 495 67.35 -22.09 -10.01
CA ILE E 495 65.95 -22.38 -10.30
C ILE E 495 65.79 -23.83 -10.75
N ALA E 496 66.86 -24.44 -11.27
CA ALA E 496 66.77 -25.75 -11.91
C ALA E 496 66.53 -26.87 -10.92
N LYS E 497 66.62 -26.61 -9.61
CA LYS E 497 66.41 -27.63 -8.60
C LYS E 497 64.98 -27.64 -8.08
N LEU E 498 64.07 -26.92 -8.74
CA LEU E 498 62.70 -26.85 -8.26
C LEU E 498 62.00 -28.19 -8.39
N LYS E 499 61.36 -28.61 -7.31
CA LYS E 499 60.51 -29.80 -7.33
C LYS E 499 59.42 -29.60 -6.29
N VAL E 500 58.20 -30.01 -6.63
CA VAL E 500 57.13 -29.99 -5.65
C VAL E 500 57.22 -31.25 -4.81
N THR E 501 56.53 -31.24 -3.67
CA THR E 501 56.75 -32.26 -2.66
C THR E 501 55.43 -32.54 -1.97
N ARG E 502 55.36 -33.69 -1.30
CA ARG E 502 54.13 -34.10 -0.66
C ARG E 502 53.68 -33.07 0.39
N GLU E 503 54.61 -32.60 1.22
CA GLU E 503 54.29 -31.61 2.24
C GLU E 503 53.64 -30.37 1.65
N ASP E 504 54.08 -29.94 0.45
CA ASP E 504 53.46 -28.77 -0.16
C ASP E 504 51.98 -29.03 -0.44
N PHE E 505 51.66 -30.22 -0.96
CA PHE E 505 50.26 -30.58 -1.18
C PHE E 505 49.49 -30.63 0.13
N LEU E 506 50.09 -31.22 1.17
CA LEU E 506 49.36 -31.32 2.43
C LEU E 506 49.13 -29.94 3.03
N ASN E 507 50.02 -28.98 2.75
CA ASN E 507 49.76 -27.61 3.17
C ASN E 507 48.70 -26.97 2.30
N ALA E 508 48.67 -27.34 1.01
CA ALA E 508 47.68 -26.78 0.09
C ALA E 508 46.28 -27.21 0.49
N LEU E 509 46.16 -28.39 1.10
CA LEU E 509 44.85 -28.88 1.51
C LEU E 509 44.17 -27.94 2.51
N ASN E 510 44.93 -27.11 3.21
CA ASN E 510 44.41 -26.22 4.24
C ASN E 510 43.98 -24.86 3.69
N ASP E 511 44.11 -24.64 2.39
CA ASP E 511 43.77 -23.36 1.77
C ASP E 511 42.57 -23.47 0.84
N VAL E 512 42.27 -24.66 0.32
CA VAL E 512 41.12 -24.89 -0.53
C VAL E 512 40.07 -25.66 0.25
N THR E 513 38.91 -25.03 0.47
CA THR E 513 37.79 -25.61 1.19
C THR E 513 36.63 -25.83 0.23
N PRO E 514 36.05 -27.03 0.13
CA PRO E 514 35.09 -27.26 -0.95
C PRO E 514 33.67 -26.84 -0.58
N ALA E 515 32.92 -26.50 -1.61
CA ALA E 515 31.46 -26.46 -1.53
C ALA E 515 30.89 -27.87 -1.49
N PHE E 516 29.70 -28.00 -0.90
CA PHE E 516 29.11 -29.31 -0.60
C PHE E 516 30.00 -30.02 0.40
N GLY E 517 29.79 -29.75 1.68
CA GLY E 517 30.69 -30.24 2.71
C GLY E 517 30.08 -30.22 4.08
N ILE E 518 30.95 -30.02 5.07
CA ILE E 518 30.58 -29.91 6.47
C ILE E 518 30.82 -28.48 6.95
N SER E 519 29.82 -27.91 7.62
CA SER E 519 29.98 -26.59 8.23
C SER E 519 30.67 -26.79 9.57
N GLU E 520 31.99 -27.00 9.49
CA GLU E 520 32.75 -27.43 10.65
C GLU E 520 32.76 -26.39 11.76
N GLU E 521 33.02 -25.13 11.41
CA GLU E 521 33.27 -24.13 12.44
C GLU E 521 32.05 -23.90 13.29
N ASP E 522 30.87 -23.83 12.69
CA ASP E 522 29.68 -23.51 13.47
C ASP E 522 29.39 -24.59 14.49
N LEU E 523 29.38 -25.85 14.06
CA LEU E 523 29.12 -26.93 15.01
C LEU E 523 30.20 -26.99 16.05
N LYS E 524 31.46 -26.89 15.64
CA LYS E 524 32.55 -27.13 16.56
C LYS E 524 32.56 -26.02 17.58
N THR E 525 32.82 -24.80 17.14
CA THR E 525 33.05 -23.74 18.11
C THR E 525 31.73 -23.36 18.76
N CYS E 526 30.73 -22.96 17.95
CA CYS E 526 29.52 -22.40 18.51
C CYS E 526 28.79 -23.39 19.41
N VAL E 527 28.79 -24.69 19.06
CA VAL E 527 27.86 -25.61 19.71
C VAL E 527 28.53 -26.43 20.80
N GLU E 528 29.84 -26.33 20.97
CA GLU E 528 30.53 -27.02 22.05
C GLU E 528 31.46 -26.07 22.76
N GLY E 529 31.22 -25.88 24.07
CA GLY E 529 32.17 -25.25 24.96
C GLY E 529 32.32 -26.11 26.19
N GLY E 530 32.33 -27.41 25.98
CA GLY E 530 32.49 -28.40 27.03
C GLY E 530 31.67 -29.63 26.67
N MET E 531 32.11 -30.78 27.16
CA MET E 531 31.34 -32.01 27.04
C MET E 531 31.85 -32.99 28.08
N MET E 532 30.96 -33.46 28.97
CA MET E 532 31.43 -34.12 30.17
C MET E 532 30.36 -35.09 30.68
N LEU E 533 30.79 -36.33 30.94
CA LEU E 533 29.88 -37.47 31.06
C LEU E 533 29.61 -37.72 32.54
N TYR E 534 28.68 -36.95 33.09
CA TYR E 534 28.44 -36.99 34.53
C TYR E 534 27.42 -38.04 34.92
N SER E 535 26.87 -38.79 33.96
CA SER E 535 25.92 -39.83 34.30
C SER E 535 25.79 -40.80 33.14
N GLU E 536 25.20 -41.95 33.44
CA GLU E 536 25.05 -43.02 32.46
C GLU E 536 24.09 -42.65 31.35
N ARG E 537 23.06 -41.86 31.65
CA ARG E 537 22.04 -41.54 30.65
C ARG E 537 22.66 -40.91 29.42
N VAL E 538 23.70 -40.09 29.62
CA VAL E 538 24.37 -39.49 28.48
C VAL E 538 25.03 -40.56 27.64
N ASN E 539 25.68 -41.52 28.29
CA ASN E 539 26.29 -42.63 27.58
C ASN E 539 25.26 -43.43 26.80
N SER E 540 24.09 -43.67 27.42
CA SER E 540 23.03 -44.40 26.73
C SER E 540 22.63 -43.67 25.47
N ILE E 541 22.46 -42.35 25.58
CA ILE E 541 22.03 -41.57 24.43
C ILE E 541 23.09 -41.64 23.33
N LEU E 542 24.36 -41.50 23.71
CA LEU E 542 25.43 -41.52 22.72
C LEU E 542 25.52 -42.88 22.04
N LYS E 543 25.32 -43.96 22.82
CA LYS E 543 25.31 -45.29 22.22
C LYS E 543 24.18 -45.40 21.21
N ASN E 544 22.98 -44.97 21.61
CA ASN E 544 21.85 -45.05 20.70
C ASN E 544 22.14 -44.27 19.43
N GLY E 545 22.88 -43.17 19.55
CA GLY E 545 23.19 -42.40 18.36
C GLY E 545 24.16 -43.12 17.45
N ALA E 546 25.16 -43.78 18.03
CA ALA E 546 26.09 -44.49 17.16
C ALA E 546 25.40 -45.69 16.52
N ARG E 547 24.35 -46.20 17.18
CA ARG E 547 23.60 -47.31 16.61
C ARG E 547 22.68 -46.82 15.53
N TYR E 548 22.19 -45.58 15.66
CA TYR E 548 21.25 -45.04 14.70
C TYR E 548 21.99 -44.37 13.55
N VAL E 549 23.32 -44.31 13.66
CA VAL E 549 24.19 -43.72 12.64
C VAL E 549 24.58 -44.89 11.77
N ARG E 550 25.16 -45.93 12.37
CA ARG E 550 25.55 -47.05 11.54
C ARG E 550 24.36 -47.89 11.08
N GLN E 551 23.19 -47.78 11.72
CA GLN E 551 21.97 -48.33 11.11
C GLN E 551 21.72 -47.67 9.75
N VAL E 552 21.76 -46.33 9.71
CA VAL E 552 21.48 -45.65 8.46
C VAL E 552 22.59 -45.96 7.47
N ARG E 553 23.81 -46.16 7.98
CA ARG E 553 24.96 -46.35 7.12
C ARG E 553 25.14 -47.79 6.68
N GLU E 554 24.39 -48.73 7.26
CA GLU E 554 24.58 -50.16 6.99
C GLU E 554 23.25 -50.87 6.86
N SER E 555 22.27 -50.22 6.23
CA SER E 555 20.97 -50.85 6.00
C SER E 555 20.36 -50.22 4.77
N ASP E 556 19.64 -51.02 4.00
CA ASP E 556 19.06 -50.58 2.74
C ASP E 556 17.57 -50.33 2.84
N LYS E 557 16.95 -50.67 3.96
CA LYS E 557 15.54 -50.40 4.17
C LYS E 557 15.31 -49.03 4.79
N SER E 558 16.31 -48.49 5.48
CA SER E 558 16.20 -47.21 6.18
C SER E 558 17.02 -46.17 5.42
N ARG E 559 16.35 -45.43 4.54
CA ARG E 559 16.98 -44.36 3.77
C ARG E 559 16.44 -42.99 4.16
N LEU E 560 15.60 -42.92 5.19
CA LEU E 560 15.14 -41.64 5.74
C LEU E 560 14.79 -41.91 7.19
N VAL E 561 15.54 -41.30 8.12
CA VAL E 561 15.22 -41.36 9.54
C VAL E 561 14.99 -39.95 10.05
N SER E 562 14.06 -39.85 11.00
CA SER E 562 13.76 -38.59 11.67
C SER E 562 13.70 -38.86 13.16
N LEU E 563 14.20 -37.93 13.95
CA LEU E 563 14.30 -38.08 15.39
C LEU E 563 13.97 -36.75 16.05
N LEU E 564 13.58 -36.81 17.33
CA LEU E 564 13.17 -35.60 18.06
C LEU E 564 13.85 -35.59 19.43
N ILE E 565 14.94 -34.83 19.55
CA ILE E 565 15.65 -34.66 20.80
C ILE E 565 14.96 -33.53 21.55
N HIS E 566 14.14 -33.87 22.52
CA HIS E 566 13.36 -32.90 23.29
C HIS E 566 13.82 -32.87 24.73
N GLY E 567 13.59 -31.73 25.36
CA GLY E 567 13.89 -31.53 26.76
C GLY E 567 13.78 -30.08 27.11
N PRO E 568 13.95 -29.74 28.38
CA PRO E 568 13.74 -28.35 28.78
C PRO E 568 14.80 -27.44 28.17
N ALA E 569 14.52 -26.15 28.23
CA ALA E 569 15.48 -25.15 27.78
C ALA E 569 16.68 -25.07 28.70
N GLY E 570 17.86 -24.97 28.11
CA GLY E 570 19.08 -24.86 28.88
C GLY E 570 19.71 -26.17 29.29
N SER E 571 19.26 -27.28 28.72
CA SER E 571 19.65 -28.58 29.26
C SER E 571 20.92 -29.11 28.62
N GLY E 572 21.22 -28.73 27.37
CA GLY E 572 22.40 -29.25 26.71
C GLY E 572 22.14 -29.79 25.31
N LYS E 573 20.88 -29.81 24.90
CA LYS E 573 20.41 -30.51 23.70
C LYS E 573 21.35 -30.32 22.52
N THR E 574 21.50 -29.07 22.06
CA THR E 574 22.23 -28.84 20.82
C THR E 574 23.65 -29.36 20.92
N ALA E 575 24.34 -29.10 22.05
CA ALA E 575 25.71 -29.60 22.17
C ALA E 575 25.76 -31.11 22.01
N LEU E 576 24.73 -31.82 22.49
CA LEU E 576 24.67 -33.26 22.30
C LEU E 576 24.48 -33.62 20.82
N ALA E 577 23.52 -32.95 20.17
CA ALA E 577 23.25 -33.23 18.77
C ALA E 577 24.54 -33.08 17.96
N ALA E 578 25.19 -31.92 18.11
CA ALA E 578 26.44 -31.69 17.39
C ALA E 578 27.46 -32.76 17.72
N GLU E 579 27.52 -33.17 18.98
CA GLU E 579 28.52 -34.15 19.38
C GLU E 579 28.29 -35.47 18.64
N ILE E 580 27.02 -35.86 18.50
CA ILE E 580 26.70 -37.08 17.77
C ILE E 580 27.04 -36.89 16.30
N ALA E 581 26.85 -35.67 15.79
CA ALA E 581 27.06 -35.42 14.37
C ALA E 581 28.54 -35.50 14.02
N LEU E 582 29.40 -34.94 14.86
CA LEU E 582 30.81 -34.83 14.53
C LEU E 582 31.45 -36.21 14.42
N LYS E 583 31.04 -37.13 15.29
CA LYS E 583 31.64 -38.46 15.33
C LYS E 583 31.21 -39.35 14.17
N SER E 584 30.23 -38.93 13.37
CA SER E 584 29.72 -39.83 12.34
C SER E 584 30.65 -39.89 11.13
N GLY E 585 31.19 -38.74 10.70
CA GLY E 585 32.09 -38.75 9.56
C GLY E 585 31.44 -38.73 8.19
N PHE E 586 30.16 -38.40 8.10
CA PHE E 586 29.51 -38.34 6.81
C PHE E 586 30.08 -37.20 5.96
N PRO E 587 30.07 -37.31 4.63
CA PRO E 587 30.65 -36.23 3.83
C PRO E 587 29.82 -34.95 3.89
N PHE E 588 28.51 -35.07 3.96
CA PHE E 588 27.61 -33.93 3.88
C PHE E 588 26.94 -33.78 5.23
N ILE E 589 27.08 -32.60 5.83
CA ILE E 589 26.44 -32.29 7.11
C ILE E 589 26.05 -30.83 7.08
N ARG E 590 24.88 -30.51 7.63
CA ARG E 590 24.43 -29.12 7.67
C ARG E 590 23.44 -28.92 8.82
N LEU E 591 23.20 -27.66 9.15
CA LEU E 591 22.24 -27.33 10.19
C LEU E 591 21.43 -26.07 9.85
N ILE E 592 20.14 -26.14 10.11
CA ILE E 592 19.18 -25.04 9.97
C ILE E 592 18.81 -24.55 11.36
N SER E 593 19.14 -23.30 11.64
CA SER E 593 18.89 -22.67 12.94
C SER E 593 18.43 -21.24 12.69
N PRO E 594 17.88 -20.55 13.70
CA PRO E 594 17.37 -19.19 13.45
C PRO E 594 18.42 -18.24 12.91
N ASN E 595 19.68 -18.39 13.33
CA ASN E 595 20.73 -17.44 12.94
C ASN E 595 20.86 -17.33 11.44
N GLU E 596 20.56 -18.40 10.70
CA GLU E 596 20.74 -18.37 9.26
C GLU E 596 19.70 -17.47 8.61
N LEU E 597 18.51 -17.41 9.20
CA LEU E 597 17.36 -16.79 8.56
C LEU E 597 17.11 -15.36 9.03
N SER E 598 17.96 -14.80 9.89
CA SER E 598 17.69 -13.48 10.45
C SER E 598 17.68 -12.45 9.33
N GLY E 599 16.66 -11.59 9.35
CA GLY E 599 16.57 -10.49 8.40
C GLY E 599 15.92 -10.83 7.09
N MET E 600 15.43 -12.05 6.91
CA MET E 600 14.80 -12.46 5.67
C MET E 600 13.29 -12.27 5.73
N SER E 601 12.68 -12.13 4.56
CA SER E 601 11.23 -12.16 4.46
C SER E 601 10.79 -13.63 4.47
N GLU E 602 9.49 -13.86 4.58
CA GLU E 602 9.00 -15.23 4.67
C GLU E 602 9.33 -16.03 3.40
N SER E 603 9.05 -15.45 2.23
CA SER E 603 9.33 -16.15 0.98
C SER E 603 10.81 -16.47 0.83
N ALA E 604 11.69 -15.54 1.24
CA ALA E 604 13.12 -15.79 1.18
C ALA E 604 13.49 -16.99 2.05
N LYS E 605 12.90 -17.07 3.25
CA LYS E 605 13.16 -18.18 4.14
C LYS E 605 12.75 -19.48 3.49
N ILE E 606 11.56 -19.50 2.89
CA ILE E 606 11.07 -20.71 2.26
C ILE E 606 12.01 -21.13 1.14
N ALA E 607 12.43 -20.17 0.31
CA ALA E 607 13.35 -20.49 -0.78
C ALA E 607 14.64 -21.07 -0.24
N TYR E 608 15.15 -20.50 0.85
CA TYR E 608 16.41 -20.94 1.44
C TYR E 608 16.29 -22.37 1.92
N ILE E 609 15.18 -22.65 2.63
CA ILE E 609 14.96 -24.00 3.13
C ILE E 609 14.90 -24.98 1.98
N ASP E 610 14.16 -24.60 0.93
CA ASP E 610 14.00 -25.51 -0.19
C ASP E 610 15.34 -25.76 -0.87
N ASN E 611 16.16 -24.72 -1.00
CA ASN E 611 17.46 -24.90 -1.65
C ASN E 611 18.35 -25.80 -0.82
N THR E 612 18.31 -25.66 0.50
CA THR E 612 19.06 -26.59 1.34
C THR E 612 18.60 -28.02 1.09
N PHE E 613 17.28 -28.21 0.99
CA PHE E 613 16.76 -29.55 0.78
C PHE E 613 17.17 -30.09 -0.58
N ARG E 614 17.19 -29.23 -1.60
CA ARG E 614 17.72 -29.65 -2.90
C ARG E 614 19.17 -30.08 -2.78
N ASP E 615 19.96 -29.33 -2.01
CA ASP E 615 21.37 -29.66 -1.89
C ASP E 615 21.56 -30.98 -1.18
N ALA E 616 20.62 -31.34 -0.31
CA ALA E 616 20.76 -32.60 0.43
C ALA E 616 20.49 -33.82 -0.45
N TYR E 617 19.86 -33.64 -1.61
CA TYR E 617 19.44 -34.73 -2.48
C TYR E 617 20.45 -35.08 -3.57
N LYS E 618 21.75 -34.80 -3.37
CA LYS E 618 22.74 -35.09 -4.41
C LYS E 618 23.98 -35.80 -3.87
N SER E 619 23.89 -36.43 -2.70
CA SER E 619 24.98 -37.23 -2.17
C SER E 619 24.46 -38.58 -1.70
N PRO E 620 25.30 -39.61 -1.68
CA PRO E 620 24.84 -40.90 -1.14
C PRO E 620 24.42 -40.80 0.31
N LEU E 621 25.09 -39.97 1.09
CA LEU E 621 24.76 -39.79 2.50
C LEU E 621 24.64 -38.31 2.83
N ASN E 622 23.74 -37.98 3.77
CA ASN E 622 23.50 -36.58 4.14
C ASN E 622 23.03 -36.53 5.59
N ILE E 623 23.40 -35.47 6.30
CA ILE E 623 22.84 -35.19 7.62
C ILE E 623 22.38 -33.75 7.73
N LEU E 624 21.22 -33.56 8.37
CA LEU E 624 20.70 -32.23 8.68
C LEU E 624 20.29 -32.15 10.14
N VAL E 625 20.57 -30.99 10.75
CA VAL E 625 20.22 -30.69 12.13
C VAL E 625 19.33 -29.46 12.13
N ILE E 626 18.19 -29.54 12.82
CA ILE E 626 17.24 -28.43 12.91
C ILE E 626 17.11 -28.03 14.38
N ASP E 627 17.35 -26.76 14.67
CA ASP E 627 17.43 -26.35 16.07
C ASP E 627 16.31 -25.37 16.40
N SER E 628 15.66 -25.62 17.53
CA SER E 628 14.66 -24.72 18.12
C SER E 628 13.51 -24.43 17.14
N LEU E 629 12.77 -25.49 16.84
CA LEU E 629 11.74 -25.40 15.81
C LEU E 629 10.68 -24.37 16.17
N GLU E 630 10.27 -24.34 17.45
CA GLU E 630 9.17 -23.45 17.82
C GLU E 630 9.58 -21.99 17.71
N THR E 631 10.89 -21.72 17.68
CA THR E 631 11.34 -20.35 17.45
C THR E 631 11.35 -20.04 15.97
N LEU E 632 11.70 -21.03 15.15
CA LEU E 632 11.72 -20.84 13.70
C LEU E 632 10.32 -20.54 13.16
N VAL E 633 9.27 -20.88 13.91
CA VAL E 633 7.90 -20.70 13.47
C VAL E 633 7.27 -19.43 14.04
N ASP E 634 7.99 -18.71 14.92
CA ASP E 634 7.56 -17.40 15.42
C ASP E 634 6.37 -17.55 16.35
N TRP E 635 6.52 -18.44 17.32
CA TRP E 635 5.44 -18.73 18.24
C TRP E 635 5.44 -17.76 19.40
N VAL E 636 4.29 -17.18 19.66
CA VAL E 636 4.11 -16.32 20.83
C VAL E 636 2.74 -16.68 21.41
N PRO E 637 2.66 -17.22 22.63
CA PRO E 637 1.42 -17.84 23.08
C PRO E 637 0.38 -16.85 23.54
N ILE E 638 0.67 -15.55 23.47
CA ILE E 638 -0.30 -14.55 23.89
C ILE E 638 -1.45 -14.49 22.91
N GLY E 639 -1.14 -14.52 21.61
CA GLY E 639 -2.15 -14.37 20.59
C GLY E 639 -3.12 -15.54 20.63
N PRO E 640 -2.65 -16.73 20.23
CA PRO E 640 -1.28 -17.04 19.80
C PRO E 640 -1.04 -16.61 18.36
N ARG E 641 0.22 -16.40 17.97
CA ARG E 641 0.55 -16.03 16.61
C ARG E 641 1.64 -16.97 16.09
N PHE E 642 1.54 -17.32 14.82
CA PHE E 642 2.54 -18.15 14.16
C PHE E 642 2.25 -18.18 12.68
N SER E 643 3.30 -18.46 11.89
CA SER E 643 3.16 -18.54 10.44
C SER E 643 2.80 -19.97 10.05
N ASN E 644 1.66 -20.13 9.38
CA ASN E 644 1.21 -21.48 9.06
C ASN E 644 1.92 -22.04 7.83
N ASN E 645 2.32 -21.16 6.91
CA ASN E 645 2.91 -21.61 5.66
C ASN E 645 4.22 -22.34 5.90
N ILE E 646 5.07 -21.78 6.78
CA ILE E 646 6.33 -22.44 7.07
C ILE E 646 6.05 -23.79 7.71
N LEU E 647 5.02 -23.85 8.55
CA LEU E 647 4.69 -25.11 9.20
C LEU E 647 4.28 -26.15 8.18
N GLN E 648 3.48 -25.75 7.18
CA GLN E 648 3.06 -26.70 6.15
C GLN E 648 4.26 -27.15 5.32
N MET E 649 5.12 -26.20 4.94
CA MET E 649 6.32 -26.53 4.18
C MET E 649 7.15 -27.57 4.92
N LEU E 650 7.43 -27.31 6.19
CA LEU E 650 8.26 -28.23 6.95
C LEU E 650 7.56 -29.58 7.12
N LYS E 651 6.25 -29.56 7.36
CA LYS E 651 5.56 -30.82 7.58
C LYS E 651 5.62 -31.70 6.35
N VAL E 652 5.53 -31.11 5.16
CA VAL E 652 5.65 -31.90 3.94
C VAL E 652 7.09 -32.38 3.79
N ALA E 653 8.05 -31.48 3.99
CA ALA E 653 9.44 -31.81 3.70
C ALA E 653 10.01 -32.86 4.65
N LEU E 654 9.42 -33.03 5.83
CA LEU E 654 9.93 -33.93 6.85
C LEU E 654 9.63 -35.39 6.59
N LYS E 655 8.91 -35.72 5.52
CA LYS E 655 8.64 -37.11 5.17
C LYS E 655 9.25 -37.56 3.85
N ARG E 656 9.47 -36.66 2.90
CA ARG E 656 9.98 -37.05 1.59
C ARG E 656 11.35 -37.71 1.69
N LYS E 657 11.57 -38.73 0.86
CA LYS E 657 12.79 -39.54 0.87
C LYS E 657 13.65 -39.18 -0.33
N PRO E 658 14.97 -39.24 -0.21
CA PRO E 658 15.83 -38.77 -1.29
C PRO E 658 15.74 -39.73 -2.48
N PRO E 659 16.09 -39.26 -3.67
CA PRO E 659 15.95 -40.10 -4.86
C PRO E 659 17.14 -41.02 -5.10
N GLN E 660 16.89 -42.07 -5.89
CA GLN E 660 17.94 -42.86 -6.53
C GLN E 660 18.89 -43.46 -5.50
N ASP E 661 18.31 -44.07 -4.47
CA ASP E 661 19.07 -44.84 -3.48
C ASP E 661 20.12 -43.96 -2.82
N ARG E 662 19.64 -42.87 -2.23
CA ARG E 662 20.44 -42.07 -1.32
C ARG E 662 19.77 -42.11 0.04
N ARG E 663 20.44 -41.54 1.04
CA ARG E 663 19.92 -41.63 2.39
C ARG E 663 20.43 -40.48 3.23
N LEU E 664 19.59 -40.07 4.18
CA LEU E 664 19.94 -38.95 5.02
C LEU E 664 19.31 -39.14 6.39
N LEU E 665 19.90 -38.45 7.37
CA LEU E 665 19.44 -38.50 8.74
C LEU E 665 19.16 -37.08 9.21
N ILE E 666 18.05 -36.91 9.92
CA ILE E 666 17.58 -35.62 10.38
C ILE E 666 17.47 -35.69 11.89
N MET E 667 18.06 -34.70 12.57
CA MET E 667 17.88 -34.52 14.01
C MET E 667 17.29 -33.14 14.24
N THR E 668 16.26 -33.06 15.10
CA THR E 668 15.62 -31.79 15.43
C THR E 668 15.46 -31.65 16.94
N THR E 669 15.43 -30.40 17.42
CA THR E 669 15.42 -30.15 18.86
C THR E 669 14.34 -29.16 19.25
N THR E 670 13.70 -29.40 20.39
CA THR E 670 12.61 -28.53 20.86
C THR E 670 12.44 -28.62 22.37
N SER E 671 11.92 -27.53 22.95
CA SER E 671 11.60 -27.45 24.38
C SER E 671 10.12 -27.27 24.66
N ALA E 672 9.26 -27.32 23.64
CA ALA E 672 7.84 -26.98 23.79
C ALA E 672 6.96 -28.13 23.34
N TYR E 673 7.23 -29.31 23.89
CA TYR E 673 6.60 -30.53 23.40
C TYR E 673 5.08 -30.43 23.33
N SER E 674 4.46 -29.81 24.33
CA SER E 674 3.01 -29.74 24.36
C SER E 674 2.46 -28.95 23.18
N VAL E 675 3.15 -27.89 22.77
CA VAL E 675 2.67 -27.08 21.65
C VAL E 675 2.69 -27.91 20.37
N LEU E 676 3.79 -28.63 20.13
CA LEU E 676 3.86 -29.48 18.94
C LEU E 676 2.78 -30.54 19.00
N GLN E 677 2.59 -31.14 20.18
CA GLN E 677 1.52 -32.11 20.36
C GLN E 677 0.19 -31.51 19.98
N GLN E 678 -0.04 -30.26 20.37
CA GLN E 678 -1.30 -29.58 20.13
C GLN E 678 -1.46 -29.18 18.69
N MET E 679 -0.36 -29.11 17.94
CA MET E 679 -0.40 -28.88 16.51
C MET E 679 -0.55 -30.16 15.71
N ASP E 680 -0.37 -31.33 16.35
CA ASP E 680 -0.63 -32.66 15.78
C ASP E 680 0.33 -32.97 14.63
N ILE E 681 1.61 -32.66 14.83
CA ILE E 681 2.65 -33.00 13.86
C ILE E 681 3.64 -33.96 14.50
N LEU E 682 3.16 -34.78 15.43
CA LEU E 682 3.98 -35.77 16.10
C LEU E 682 4.12 -37.07 15.33
N SER E 683 3.48 -37.20 14.16
CA SER E 683 3.60 -38.41 13.37
C SER E 683 4.83 -38.43 12.47
N CYS E 684 5.57 -37.32 12.37
CA CYS E 684 6.74 -37.28 11.51
C CYS E 684 7.96 -37.93 12.14
N PHE E 685 7.98 -38.09 13.46
CA PHE E 685 9.17 -38.55 14.16
C PHE E 685 9.12 -40.03 14.50
N ASP E 686 10.29 -40.66 14.45
CA ASP E 686 10.43 -42.08 14.72
C ASP E 686 10.78 -42.38 16.16
N ASN E 687 11.42 -41.44 16.86
CA ASN E 687 11.74 -41.64 18.26
C ASN E 687 11.89 -40.30 18.95
N GLU E 688 11.74 -40.32 20.27
CA GLU E 688 11.76 -39.13 21.11
C GLU E 688 12.70 -39.38 22.28
N ILE E 689 13.50 -38.38 22.62
CA ILE E 689 14.47 -38.47 23.71
C ILE E 689 14.22 -37.35 24.71
N ALA E 690 14.38 -37.65 25.99
CA ALA E 690 14.15 -36.69 27.07
C ALA E 690 15.47 -36.38 27.76
N VAL E 691 15.75 -35.09 27.97
CA VAL E 691 16.96 -34.64 28.62
C VAL E 691 16.57 -33.99 29.95
N PRO E 692 16.88 -34.59 31.10
CA PRO E 692 16.45 -34.01 32.38
C PRO E 692 17.53 -33.11 32.99
N ASN E 693 17.09 -32.30 33.95
CA ASN E 693 18.00 -31.40 34.65
C ASN E 693 18.75 -32.17 35.74
N MET E 694 19.50 -31.46 36.56
CA MET E 694 20.23 -32.01 37.70
C MET E 694 19.41 -31.83 38.97
N THR E 695 19.45 -32.84 39.85
CA THR E 695 18.69 -32.77 41.10
C THR E 695 19.40 -33.37 42.30
N ASN E 696 20.67 -33.78 42.18
CA ASN E 696 21.39 -34.35 43.31
C ASN E 696 22.78 -33.73 43.43
N LEU E 697 23.31 -33.77 44.65
CA LEU E 697 24.60 -33.16 44.93
C LEU E 697 25.75 -33.96 44.35
N ASP E 698 25.56 -35.25 44.08
CA ASP E 698 26.62 -36.03 43.45
C ASP E 698 26.95 -35.45 42.08
N GLU E 699 25.91 -35.02 41.36
CA GLU E 699 26.14 -34.39 40.06
C GLU E 699 26.95 -33.12 40.24
N LEU E 700 26.63 -32.34 41.27
CA LEU E 700 27.38 -31.11 41.54
C LEU E 700 28.82 -31.42 41.88
N ASN E 701 29.06 -32.49 42.63
CA ASN E 701 30.42 -32.89 42.94
C ASN E 701 31.17 -33.22 41.66
N ASN E 702 30.51 -33.96 40.77
CA ASN E 702 31.14 -34.30 39.50
C ASN E 702 31.51 -33.04 38.73
N VAL E 703 30.58 -32.09 38.65
CA VAL E 703 30.84 -30.87 37.88
C VAL E 703 32.00 -30.09 38.48
N MET E 704 32.02 -29.97 39.82
CA MET E 704 33.10 -29.24 40.47
C MET E 704 34.42 -29.93 40.19
N ILE E 705 34.46 -31.26 40.35
CA ILE E 705 35.71 -31.98 40.14
C ILE E 705 36.17 -31.79 38.71
N GLU E 706 35.22 -31.84 37.77
CA GLU E 706 35.57 -31.79 36.35
C GLU E 706 36.06 -30.42 35.95
N SER E 707 35.69 -29.38 36.71
CA SER E 707 36.02 -28.02 36.31
C SER E 707 37.15 -27.43 37.13
N ASN E 708 37.75 -28.21 38.04
CA ASN E 708 38.89 -27.76 38.84
C ASN E 708 38.54 -26.46 39.57
N PHE E 709 37.49 -26.54 40.38
CA PHE E 709 37.05 -25.37 41.11
C PHE E 709 38.04 -24.98 42.19
N LEU E 710 38.35 -25.92 43.07
CA LEU E 710 39.36 -25.69 44.11
C LEU E 710 39.64 -27.02 44.79
N ASP E 711 40.58 -27.01 45.72
CA ASP E 711 41.01 -28.25 46.33
C ASP E 711 39.83 -28.90 47.05
N ASP E 712 39.96 -30.21 47.28
CA ASP E 712 38.82 -30.99 47.71
C ASP E 712 38.24 -30.48 49.02
N ALA E 713 39.08 -30.01 49.95
CA ALA E 713 38.57 -29.62 51.27
C ALA E 713 37.47 -28.58 51.16
N GLY E 714 37.61 -27.63 50.25
CA GLY E 714 36.58 -26.63 50.12
C GLY E 714 35.39 -27.22 49.41
N ARG E 715 35.63 -28.06 48.40
CA ARG E 715 34.50 -28.69 47.72
C ARG E 715 33.65 -29.43 48.74
N VAL E 716 34.32 -30.09 49.69
CA VAL E 716 33.63 -30.83 50.75
C VAL E 716 32.84 -29.87 51.60
N LYS E 717 33.42 -28.69 51.90
CA LYS E 717 32.72 -27.79 52.80
C LYS E 717 31.46 -27.28 52.11
N VAL E 718 31.56 -26.99 50.81
CA VAL E 718 30.43 -26.51 50.04
C VAL E 718 29.32 -27.56 50.04
N ILE E 719 29.70 -28.82 49.78
CA ILE E 719 28.69 -29.88 49.74
C ILE E 719 28.05 -30.05 51.11
N ASN E 720 28.86 -30.02 52.18
CA ASN E 720 28.33 -30.16 53.52
C ASN E 720 27.34 -29.05 53.82
N GLU E 721 27.68 -27.82 53.43
CA GLU E 721 26.81 -26.70 53.71
C GLU E 721 25.48 -26.87 52.99
N LEU E 722 25.56 -27.18 51.69
CA LEU E 722 24.33 -27.38 50.92
C LEU E 722 23.54 -28.59 51.38
N SER E 723 24.16 -29.53 52.09
CA SER E 723 23.46 -30.73 52.53
C SER E 723 22.19 -30.39 53.31
N ARG E 724 22.25 -29.35 54.13
CA ARG E 724 21.11 -28.90 54.92
C ARG E 724 20.75 -27.46 54.67
N SER E 725 21.52 -26.72 53.86
CA SER E 725 21.06 -25.41 53.43
C SER E 725 19.93 -25.56 52.42
N CYS E 726 20.09 -26.44 51.46
CA CYS E 726 19.10 -26.67 50.42
C CYS E 726 19.33 -28.07 49.85
N PRO E 727 18.63 -29.10 50.37
CA PRO E 727 18.91 -30.47 49.93
C PRO E 727 18.22 -30.88 48.64
N ASN E 728 17.25 -30.11 48.14
CA ASN E 728 16.36 -30.59 47.09
C ASN E 728 16.41 -29.74 45.83
N PHE E 729 17.61 -29.41 45.37
CA PHE E 729 17.72 -28.41 44.31
C PHE E 729 17.39 -29.03 42.95
N ASN E 730 17.23 -28.13 41.97
CA ASN E 730 16.81 -28.51 40.63
C ASN E 730 17.32 -27.39 39.72
N VAL E 731 18.41 -27.64 39.01
CA VAL E 731 19.04 -26.60 38.20
C VAL E 731 19.72 -27.20 36.98
N GLY E 732 19.73 -26.42 35.90
CA GLY E 732 20.38 -26.81 34.67
C GLY E 732 21.88 -26.59 34.70
N ILE E 733 22.55 -27.11 33.68
CA ILE E 733 24.01 -27.11 33.64
C ILE E 733 24.54 -25.69 33.42
N LYS E 734 23.87 -24.92 32.56
CA LYS E 734 24.36 -23.60 32.17
C LYS E 734 24.55 -22.68 33.38
N LYS E 735 23.56 -22.64 34.27
CA LYS E 735 23.66 -21.73 35.41
C LYS E 735 24.75 -22.21 36.37
N THR E 736 24.86 -23.52 36.58
CA THR E 736 25.91 -24.01 37.46
C THR E 736 27.29 -23.65 36.92
N LEU E 737 27.44 -23.65 35.60
CA LEU E 737 28.73 -23.41 34.99
C LEU E 737 29.00 -21.93 34.81
N THR E 738 27.98 -21.09 35.03
CA THR E 738 28.20 -19.65 35.10
C THR E 738 28.23 -19.15 36.53
N ASN E 739 27.90 -19.99 37.51
CA ASN E 739 28.00 -19.66 38.92
C ASN E 739 29.36 -20.03 39.47
N ILE E 740 29.92 -21.15 39.01
CA ILE E 740 31.30 -21.48 39.37
C ILE E 740 32.24 -20.39 38.89
N GLU E 741 32.06 -19.95 37.63
CA GLU E 741 32.95 -18.96 37.05
C GLU E 741 32.94 -17.65 37.82
N THR E 742 31.75 -17.16 38.22
CA THR E 742 31.71 -15.92 38.98
C THR E 742 32.20 -16.12 40.41
N ALA E 743 31.93 -17.27 41.02
CA ALA E 743 32.38 -17.48 42.38
C ALA E 743 33.90 -17.54 42.43
N ARG E 744 34.51 -18.15 41.40
CA ARG E 744 35.96 -18.33 41.41
C ARG E 744 36.68 -17.00 41.48
N HIS E 745 36.20 -16.01 40.72
CA HIS E 745 36.83 -14.70 40.66
C HIS E 745 36.22 -13.77 41.70
N ASP E 746 36.08 -14.29 42.92
CA ASP E 746 35.50 -13.57 44.03
C ASP E 746 36.38 -13.74 45.25
N GLU E 747 36.19 -12.88 46.24
CA GLU E 747 36.96 -12.98 47.47
C GLU E 747 36.71 -14.32 48.14
N ASP E 748 35.46 -14.55 48.54
CA ASP E 748 35.05 -15.80 49.17
C ASP E 748 34.32 -16.65 48.13
N PRO E 749 34.96 -17.64 47.50
CA PRO E 749 34.26 -18.38 46.46
C PRO E 749 33.30 -19.39 47.03
N VAL E 750 33.43 -19.72 48.32
CA VAL E 750 32.59 -20.77 48.87
C VAL E 750 31.31 -20.19 49.44
N ASN E 751 31.35 -18.94 49.91
CA ASN E 751 30.12 -18.34 50.40
C ASN E 751 29.42 -17.68 49.25
N GLU E 752 30.17 -17.27 48.25
CA GLU E 752 29.54 -16.62 47.11
C GLU E 752 28.88 -17.71 46.27
N LEU E 753 29.56 -18.86 46.13
CA LEU E 753 28.95 -19.92 45.34
C LEU E 753 27.76 -20.50 46.11
N VAL E 754 27.88 -20.64 47.43
CA VAL E 754 26.75 -21.15 48.20
C VAL E 754 25.55 -20.21 48.06
N GLU E 755 25.80 -18.90 48.17
CA GLU E 755 24.70 -17.94 48.06
C GLU E 755 24.07 -17.98 46.67
N LEU E 756 24.90 -17.95 45.63
CA LEU E 756 24.38 -18.01 44.27
C LEU E 756 23.55 -19.27 44.08
N MET E 757 24.08 -20.41 44.54
CA MET E 757 23.42 -21.68 44.27
C MET E 757 22.11 -21.79 45.04
N THR E 758 22.08 -21.35 46.31
CA THR E 758 20.83 -21.42 47.06
C THR E 758 19.79 -20.47 46.46
N GLN E 759 20.23 -19.31 45.98
CA GLN E 759 19.31 -18.43 45.26
C GLN E 759 18.74 -19.13 44.02
N SER E 760 19.61 -19.81 43.27
CA SER E 760 19.15 -20.49 42.05
C SER E 760 18.15 -21.59 42.37
N ALA E 761 18.38 -22.34 43.44
CA ALA E 761 17.54 -23.45 43.86
C ALA E 761 16.11 -23.01 44.15
N LEU F 242 -7.79 -39.96 -52.30
CA LEU F 242 -7.12 -41.13 -51.77
C LEU F 242 -5.75 -40.75 -51.24
N GLY F 243 -5.25 -41.53 -50.28
CA GLY F 243 -4.01 -41.21 -49.59
C GLY F 243 -4.17 -41.10 -48.09
N VAL F 244 -5.32 -41.54 -47.57
CA VAL F 244 -5.59 -41.51 -46.14
C VAL F 244 -6.33 -42.77 -45.76
N GLY F 245 -5.96 -43.36 -44.64
CA GLY F 245 -6.50 -44.64 -44.23
C GLY F 245 -6.92 -44.62 -42.78
N GLY F 246 -7.98 -45.36 -42.50
CA GLY F 246 -8.48 -45.50 -41.14
C GLY F 246 -9.50 -44.47 -40.72
N LEU F 247 -9.97 -43.62 -41.64
CA LEU F 247 -10.87 -42.51 -41.31
C LEU F 247 -12.05 -42.46 -42.25
N ASP F 248 -12.62 -43.62 -42.57
CA ASP F 248 -13.72 -43.70 -43.53
C ASP F 248 -14.96 -42.97 -43.02
N LYS F 249 -15.39 -43.26 -41.79
CA LYS F 249 -16.63 -42.71 -41.26
C LYS F 249 -16.57 -41.18 -41.17
N GLU F 250 -15.48 -40.66 -40.62
CA GLU F 250 -15.37 -39.21 -40.47
C GLU F 250 -15.33 -38.55 -41.84
N PHE F 251 -14.64 -39.17 -42.79
CA PHE F 251 -14.58 -38.61 -44.13
C PHE F 251 -15.96 -38.56 -44.76
N THR F 252 -16.74 -39.63 -44.59
CA THR F 252 -18.11 -39.64 -45.10
C THR F 252 -18.93 -38.52 -44.47
N LYS F 253 -18.81 -38.36 -43.15
CA LYS F 253 -19.62 -37.33 -42.49
C LYS F 253 -19.22 -35.94 -42.95
N ILE F 254 -17.92 -35.73 -43.18
CA ILE F 254 -17.45 -34.45 -43.66
C ILE F 254 -18.00 -34.19 -45.05
N PHE F 255 -17.88 -35.19 -45.94
CA PHE F 255 -18.31 -34.96 -47.30
C PHE F 255 -19.82 -34.71 -47.33
N ARG F 256 -20.58 -35.49 -46.57
CA ARG F 256 -22.03 -35.34 -46.53
C ARG F 256 -22.42 -33.92 -46.15
N ARG F 257 -21.80 -33.36 -45.11
CA ARG F 257 -22.32 -32.10 -44.57
C ARG F 257 -21.63 -30.86 -45.14
N ALA F 258 -20.30 -30.88 -45.22
CA ALA F 258 -19.55 -29.68 -45.59
C ALA F 258 -19.46 -29.46 -47.09
N PHE F 259 -19.48 -30.53 -47.90
CA PHE F 259 -19.15 -30.45 -49.32
C PHE F 259 -20.24 -30.94 -50.26
N ALA F 260 -21.16 -31.79 -49.81
CA ALA F 260 -22.09 -32.44 -50.73
C ALA F 260 -22.94 -31.44 -51.51
N SER F 261 -23.31 -30.32 -50.88
CA SER F 261 -24.21 -29.35 -51.51
C SER F 261 -23.56 -28.57 -52.64
N ARG F 262 -22.23 -28.57 -52.74
CA ARG F 262 -21.54 -27.77 -53.75
C ARG F 262 -21.63 -28.40 -55.14
N ILE F 263 -21.80 -29.72 -55.23
CA ILE F 263 -21.76 -30.38 -56.54
C ILE F 263 -22.95 -29.98 -57.39
N PHE F 264 -24.12 -29.86 -56.79
CA PHE F 264 -25.35 -29.67 -57.55
C PHE F 264 -25.35 -28.31 -58.23
N PRO F 265 -26.15 -28.14 -59.29
CA PRO F 265 -26.22 -26.85 -59.94
C PRO F 265 -26.82 -25.82 -59.00
N PRO F 266 -26.46 -24.54 -59.16
CA PRO F 266 -27.03 -23.52 -58.25
C PRO F 266 -28.56 -23.47 -58.30
N SER F 267 -29.15 -23.83 -59.45
CA SER F 267 -30.60 -23.76 -59.59
C SER F 267 -31.30 -24.60 -58.52
N VAL F 268 -30.88 -25.86 -58.37
CA VAL F 268 -31.59 -26.76 -57.47
C VAL F 268 -31.45 -26.30 -56.02
N ILE F 269 -30.25 -25.82 -55.64
CA ILE F 269 -30.05 -25.38 -54.27
C ILE F 269 -30.87 -24.13 -53.99
N GLU F 270 -30.94 -23.20 -54.97
CA GLU F 270 -31.86 -22.08 -54.82
C GLU F 270 -33.30 -22.56 -54.71
N LYS F 271 -33.61 -23.67 -55.39
CA LYS F 271 -34.98 -24.11 -55.53
C LYS F 271 -35.48 -24.80 -54.26
N LEU F 272 -34.55 -25.35 -53.48
CA LEU F 272 -34.95 -25.90 -52.17
C LEU F 272 -35.10 -24.82 -51.12
N GLY F 273 -34.28 -23.76 -51.16
CA GLY F 273 -34.38 -22.68 -50.19
C GLY F 273 -33.45 -22.83 -49.01
N ILE F 274 -32.23 -23.32 -49.25
CA ILE F 274 -31.25 -23.51 -48.18
C ILE F 274 -29.99 -22.70 -48.50
N SER F 275 -29.03 -22.71 -47.58
CA SER F 275 -27.79 -21.97 -47.74
C SER F 275 -26.63 -22.87 -47.34
N HIS F 276 -25.46 -22.63 -47.95
CA HIS F 276 -24.31 -23.50 -47.70
C HIS F 276 -23.76 -23.27 -46.29
N VAL F 277 -23.12 -24.31 -45.77
CA VAL F 277 -22.41 -24.19 -44.50
C VAL F 277 -21.07 -23.53 -44.74
N LYS F 278 -20.64 -22.68 -43.80
CA LYS F 278 -19.45 -21.87 -43.96
C LYS F 278 -18.40 -22.09 -42.87
N GLY F 279 -18.55 -23.13 -42.05
CA GLY F 279 -17.56 -23.42 -41.03
C GLY F 279 -17.54 -24.89 -40.69
N LEU F 280 -16.35 -25.36 -40.32
CA LEU F 280 -16.12 -26.74 -39.95
C LEU F 280 -14.93 -26.76 -39.02
N LEU F 281 -15.06 -27.43 -37.88
CA LEU F 281 -14.01 -27.49 -36.87
C LEU F 281 -13.60 -28.94 -36.65
N LEU F 282 -12.31 -29.20 -36.76
CA LEU F 282 -11.72 -30.52 -36.54
C LEU F 282 -10.80 -30.40 -35.33
N TYR F 283 -10.89 -31.34 -34.41
CA TYR F 283 -10.04 -31.30 -33.23
C TYR F 283 -9.58 -32.70 -32.90
N GLY F 284 -8.37 -32.79 -32.33
CA GLY F 284 -7.78 -34.06 -32.00
C GLY F 284 -6.27 -33.95 -31.84
N PRO F 285 -5.65 -35.01 -31.36
CA PRO F 285 -4.22 -34.94 -31.00
C PRO F 285 -3.34 -34.65 -32.20
N PRO F 286 -2.10 -34.22 -31.98
CA PRO F 286 -1.22 -33.83 -33.09
C PRO F 286 -0.63 -35.01 -33.85
N GLY F 287 -0.28 -34.73 -35.11
CA GLY F 287 0.33 -35.75 -35.94
C GLY F 287 -0.63 -36.85 -36.35
N THR F 288 -1.92 -36.55 -36.40
CA THR F 288 -2.93 -37.57 -36.57
C THR F 288 -3.61 -37.57 -37.93
N GLY F 289 -3.49 -36.50 -38.72
CA GLY F 289 -3.99 -36.52 -40.08
C GLY F 289 -5.05 -35.49 -40.42
N LYS F 290 -4.97 -34.29 -39.86
CA LYS F 290 -6.02 -33.30 -40.03
C LYS F 290 -5.80 -32.48 -41.31
N THR F 291 -4.61 -31.90 -41.44
CA THR F 291 -4.30 -31.14 -42.64
C THR F 291 -4.37 -32.01 -43.88
N LEU F 292 -4.05 -33.30 -43.75
CA LEU F 292 -4.13 -34.20 -44.90
C LEU F 292 -5.57 -34.28 -45.41
N ILE F 293 -6.54 -34.45 -44.50
CA ILE F 293 -7.94 -34.48 -44.91
C ILE F 293 -8.32 -33.15 -45.53
N ALA F 294 -7.93 -32.05 -44.88
CA ALA F 294 -8.29 -30.72 -45.38
C ALA F 294 -7.81 -30.52 -46.81
N ARG F 295 -6.58 -30.93 -47.10
CA ARG F 295 -6.03 -30.74 -48.45
C ARG F 295 -6.70 -31.68 -49.44
N LYS F 296 -6.78 -32.98 -49.11
CA LYS F 296 -7.27 -33.96 -50.07
C LYS F 296 -8.74 -33.72 -50.43
N ILE F 297 -9.56 -33.26 -49.49
CA ILE F 297 -10.98 -33.10 -49.80
C ILE F 297 -11.18 -31.98 -50.82
N GLY F 298 -10.35 -30.94 -50.77
CA GLY F 298 -10.48 -29.84 -51.71
C GLY F 298 -10.16 -30.24 -53.13
N THR F 299 -9.33 -31.28 -53.30
CA THR F 299 -8.93 -31.71 -54.64
C THR F 299 -10.06 -32.39 -55.40
N MET F 300 -11.02 -32.99 -54.69
CA MET F 300 -12.17 -33.58 -55.37
C MET F 300 -13.01 -32.50 -56.02
N LEU F 301 -13.17 -31.36 -55.36
CA LEU F 301 -13.90 -30.24 -55.93
C LEU F 301 -13.05 -29.38 -56.86
N ASN F 302 -11.72 -29.58 -56.86
CA ASN F 302 -10.83 -28.80 -57.73
C ASN F 302 -10.97 -27.31 -57.42
N ALA F 303 -11.12 -26.99 -56.15
CA ALA F 303 -11.08 -25.61 -55.70
C ALA F 303 -9.65 -25.07 -55.81
N LYS F 304 -9.50 -23.79 -55.51
CA LYS F 304 -8.17 -23.20 -55.54
C LYS F 304 -7.33 -23.78 -54.42
N GLU F 305 -6.02 -23.67 -54.56
CA GLU F 305 -5.11 -24.17 -53.55
C GLU F 305 -5.44 -23.48 -52.22
N PRO F 306 -5.66 -24.23 -51.14
CA PRO F 306 -6.14 -23.59 -49.91
C PRO F 306 -5.07 -22.67 -49.34
N LYS F 307 -5.48 -21.44 -49.01
CA LYS F 307 -4.58 -20.49 -48.40
C LYS F 307 -4.52 -20.76 -46.91
N ILE F 308 -3.33 -20.65 -46.31
CA ILE F 308 -3.08 -21.13 -44.97
C ILE F 308 -2.47 -20.04 -44.12
N VAL F 309 -2.93 -19.94 -42.87
CA VAL F 309 -2.46 -18.95 -41.90
C VAL F 309 -2.26 -19.66 -40.58
N ASN F 310 -1.43 -19.07 -39.72
CA ASN F 310 -0.99 -19.68 -38.47
C ASN F 310 -1.27 -18.73 -37.31
N GLY F 311 -1.64 -19.31 -36.16
CA GLY F 311 -2.05 -18.54 -35.00
C GLY F 311 -0.96 -17.67 -34.38
N PRO F 312 0.06 -18.31 -33.79
CA PRO F 312 1.16 -17.52 -33.21
C PRO F 312 1.81 -16.58 -34.20
N GLY F 320 -0.15 -3.18 -36.02
CA GLY F 320 -0.67 -2.61 -37.25
C GLY F 320 -0.72 -3.62 -38.38
N SER F 321 0.35 -4.38 -38.58
CA SER F 321 0.35 -5.38 -39.64
C SER F 321 -0.71 -6.45 -39.40
N SER F 322 -0.91 -6.83 -38.14
CA SER F 322 -1.95 -7.79 -37.80
C SER F 322 -3.33 -7.24 -38.14
N GLU F 323 -3.57 -5.97 -37.83
CA GLU F 323 -4.86 -5.38 -38.14
C GLU F 323 -5.07 -5.28 -39.65
N GLU F 324 -4.00 -4.99 -40.39
CA GLU F 324 -4.12 -4.83 -41.84
C GLU F 324 -4.29 -6.15 -42.59
N ASN F 325 -3.58 -7.22 -42.18
CA ASN F 325 -3.44 -8.37 -43.06
C ASN F 325 -4.77 -9.07 -43.31
N ILE F 326 -5.59 -9.24 -42.27
CA ILE F 326 -6.88 -9.94 -42.36
C ILE F 326 -7.65 -9.48 -43.60
N ARG F 327 -7.48 -8.21 -43.97
CA ARG F 327 -8.23 -7.68 -45.11
C ARG F 327 -7.66 -8.20 -46.42
N ASN F 328 -6.33 -8.30 -46.50
CA ASN F 328 -5.73 -8.80 -47.74
C ASN F 328 -5.95 -10.29 -47.89
N LEU F 329 -6.28 -10.97 -46.77
CA LEU F 329 -6.41 -12.43 -46.79
C LEU F 329 -7.53 -12.87 -47.73
N PHE F 330 -8.64 -12.13 -47.76
CA PHE F 330 -9.82 -12.46 -48.55
C PHE F 330 -9.85 -11.81 -49.92
N LYS F 331 -8.78 -11.11 -50.32
CA LYS F 331 -8.79 -10.30 -51.55
C LYS F 331 -9.19 -11.12 -52.78
N ASP F 332 -8.50 -12.25 -53.02
CA ASP F 332 -8.81 -13.05 -54.20
C ASP F 332 -10.24 -13.56 -54.19
N ALA F 333 -10.77 -13.89 -53.01
CA ALA F 333 -12.17 -14.34 -52.96
C ALA F 333 -13.09 -13.19 -53.32
N GLU F 334 -12.81 -11.98 -52.82
CA GLU F 334 -13.66 -10.86 -53.17
C GLU F 334 -13.59 -10.63 -54.67
N ALA F 335 -12.37 -10.71 -55.22
CA ALA F 335 -12.18 -10.42 -56.64
C ALA F 335 -13.04 -11.38 -57.43
N GLU F 336 -12.87 -12.68 -57.19
CA GLU F 336 -13.58 -13.67 -58.00
C GLU F 336 -15.08 -13.53 -57.78
N TYR F 337 -15.49 -13.03 -56.60
CA TYR F 337 -16.91 -12.93 -56.30
C TYR F 337 -17.55 -11.86 -57.15
N ARG F 338 -17.00 -10.64 -57.09
CA ARG F 338 -17.44 -9.59 -57.99
C ARG F 338 -17.32 -10.04 -59.44
N ALA F 339 -16.29 -10.82 -59.76
CA ALA F 339 -16.04 -11.22 -61.14
C ALA F 339 -17.19 -12.04 -61.69
N LYS F 340 -17.61 -13.08 -60.97
CA LYS F 340 -18.48 -14.11 -61.54
C LYS F 340 -19.76 -14.39 -60.76
N GLY F 341 -20.06 -13.63 -59.70
CA GLY F 341 -21.34 -13.78 -59.02
C GLY F 341 -21.51 -15.15 -58.42
N GLU F 342 -22.72 -15.70 -58.54
CA GLU F 342 -23.04 -16.97 -57.91
C GLU F 342 -22.19 -18.11 -58.45
N GLU F 343 -21.63 -17.97 -59.65
CA GLU F 343 -20.93 -19.06 -60.31
C GLU F 343 -19.45 -19.16 -59.94
N SER F 344 -18.98 -18.33 -59.00
CA SER F 344 -17.57 -18.33 -58.65
C SER F 344 -17.18 -19.66 -58.01
N SER F 345 -15.89 -20.00 -58.12
CA SER F 345 -15.37 -21.24 -57.57
C SER F 345 -15.18 -21.14 -56.07
N LEU F 346 -15.05 -22.30 -55.44
CA LEU F 346 -14.94 -22.38 -53.99
C LEU F 346 -13.53 -22.04 -53.53
N HIS F 347 -13.43 -21.32 -52.42
CA HIS F 347 -12.17 -20.88 -51.84
C HIS F 347 -12.05 -21.47 -50.45
N ILE F 348 -10.85 -21.89 -50.07
CA ILE F 348 -10.62 -22.59 -48.81
C ILE F 348 -9.56 -21.81 -48.04
N ILE F 349 -9.83 -21.56 -46.77
CA ILE F 349 -8.90 -20.90 -45.86
C ILE F 349 -8.77 -21.80 -44.63
N ILE F 350 -7.55 -22.19 -44.31
CA ILE F 350 -7.23 -23.07 -43.19
C ILE F 350 -6.59 -22.23 -42.09
N PHE F 351 -6.98 -22.47 -40.85
CA PHE F 351 -6.53 -21.70 -39.69
C PHE F 351 -6.05 -22.67 -38.62
N ASP F 352 -4.80 -22.50 -38.18
CA ASP F 352 -4.13 -23.45 -37.30
C ASP F 352 -3.89 -22.81 -35.94
N GLU F 353 -3.89 -23.64 -34.90
CA GLU F 353 -3.67 -23.19 -33.53
C GLU F 353 -4.66 -22.11 -33.13
N LEU F 354 -5.95 -22.39 -33.36
CA LEU F 354 -6.98 -21.39 -33.13
C LEU F 354 -7.04 -21.01 -31.66
N ASP F 355 -6.92 -22.01 -30.77
CA ASP F 355 -7.10 -21.77 -29.35
C ASP F 355 -6.13 -20.71 -28.84
N SER F 356 -4.97 -20.56 -29.49
CA SER F 356 -3.97 -19.59 -29.03
C SER F 356 -4.55 -18.18 -29.03
N VAL F 357 -5.47 -17.90 -29.96
CA VAL F 357 -6.05 -16.57 -30.06
C VAL F 357 -6.82 -16.23 -28.80
N PHE F 358 -7.46 -17.23 -28.20
CA PHE F 358 -8.27 -17.04 -27.00
C PHE F 358 -7.49 -17.25 -25.71
N LYS F 359 -6.31 -17.89 -25.78
CA LYS F 359 -5.52 -18.25 -24.60
C LYS F 359 -4.77 -17.04 -24.03
N GLN F 360 -5.52 -16.05 -23.55
CA GLN F 360 -4.96 -14.86 -22.95
C GLN F 360 -6.06 -14.23 -22.12
N ARG F 361 -5.65 -13.44 -21.13
CA ARG F 361 -6.65 -12.80 -20.29
C ARG F 361 -7.45 -11.80 -21.10
N GLY F 362 -8.74 -11.68 -20.77
CA GLY F 362 -9.63 -10.80 -21.52
C GLY F 362 -9.17 -9.36 -21.53
N SER F 363 -8.61 -8.90 -20.42
CA SER F 363 -8.17 -7.51 -20.33
C SER F 363 -7.12 -7.21 -21.40
N ARG F 364 -6.13 -8.09 -21.54
CA ARG F 364 -5.11 -7.85 -22.55
C ARG F 364 -5.67 -8.01 -23.96
N GLY F 365 -6.55 -8.99 -24.16
CA GLY F 365 -7.11 -9.22 -25.47
C GLY F 365 -7.85 -8.00 -25.97
N ASP F 366 -8.58 -7.34 -25.08
CA ASP F 366 -9.35 -6.18 -25.50
C ASP F 366 -8.52 -4.90 -25.50
N GLY F 367 -7.69 -4.68 -24.46
CA GLY F 367 -6.87 -3.48 -24.42
C GLY F 367 -5.84 -3.39 -25.54
N THR F 368 -5.10 -4.48 -25.76
CA THR F 368 -4.16 -4.51 -26.87
C THR F 368 -4.89 -4.65 -28.19
N GLY F 369 -6.00 -5.40 -28.20
CA GLY F 369 -6.78 -5.59 -29.39
C GLY F 369 -6.29 -6.66 -30.33
N VAL F 370 -5.14 -7.27 -30.06
CA VAL F 370 -4.60 -8.29 -30.97
C VAL F 370 -5.54 -9.49 -31.03
N GLY F 371 -6.01 -9.96 -29.87
CA GLY F 371 -6.91 -11.10 -29.85
C GLY F 371 -8.28 -10.81 -30.42
N ASP F 372 -8.91 -9.71 -30.00
CA ASP F 372 -10.29 -9.44 -30.39
C ASP F 372 -10.42 -9.02 -31.85
N ASN F 373 -9.43 -8.30 -32.37
CA ASN F 373 -9.53 -7.71 -33.71
C ASN F 373 -9.63 -8.77 -34.80
N VAL F 374 -8.75 -9.77 -34.74
CA VAL F 374 -8.73 -10.81 -35.77
C VAL F 374 -10.05 -11.55 -35.74
N VAL F 375 -10.52 -11.87 -34.53
CA VAL F 375 -11.75 -12.63 -34.37
C VAL F 375 -12.92 -11.85 -34.94
N ASN F 376 -13.01 -10.56 -34.60
CA ASN F 376 -14.13 -9.76 -35.07
C ASN F 376 -14.12 -9.66 -36.59
N GLN F 377 -12.96 -9.40 -37.20
CA GLN F 377 -12.93 -9.33 -38.66
C GLN F 377 -13.31 -10.68 -39.28
N LEU F 378 -12.83 -11.78 -38.69
CA LEU F 378 -13.13 -13.08 -39.27
C LEU F 378 -14.62 -13.35 -39.22
N LEU F 379 -15.26 -13.13 -38.08
CA LEU F 379 -16.69 -13.36 -38.00
C LEU F 379 -17.45 -12.37 -38.89
N ALA F 380 -16.89 -11.18 -39.09
CA ALA F 380 -17.52 -10.18 -39.94
C ALA F 380 -17.63 -10.71 -41.35
N LYS F 381 -16.58 -11.39 -41.82
CA LYS F 381 -16.53 -11.80 -43.22
C LYS F 381 -17.46 -12.99 -43.52
N MET F 382 -18.00 -13.66 -42.51
CA MET F 382 -18.84 -14.83 -42.71
C MET F 382 -20.22 -14.79 -42.04
N ASP F 383 -20.54 -13.73 -41.27
CA ASP F 383 -21.87 -13.62 -40.68
C ASP F 383 -22.61 -12.33 -40.99
N GLY F 384 -21.91 -11.20 -41.08
CA GLY F 384 -22.55 -9.90 -41.07
C GLY F 384 -23.11 -9.46 -42.40
N VAL F 385 -23.21 -8.15 -42.59
CA VAL F 385 -23.79 -7.60 -43.82
C VAL F 385 -22.81 -7.63 -44.99
N ASP F 386 -21.50 -7.72 -44.72
CA ASP F 386 -20.49 -7.81 -45.76
C ASP F 386 -20.17 -9.27 -46.12
N GLN F 387 -21.14 -10.16 -45.99
CA GLN F 387 -20.90 -11.60 -46.15
C GLN F 387 -20.37 -11.93 -47.54
N LEU F 388 -19.42 -12.87 -47.58
CA LEU F 388 -18.90 -13.43 -48.82
C LEU F 388 -19.42 -14.84 -48.97
N ASN F 389 -19.98 -15.15 -50.14
CA ASN F 389 -20.62 -16.43 -50.39
C ASN F 389 -19.70 -17.41 -51.10
N ASN F 390 -18.40 -17.12 -51.13
CA ASN F 390 -17.42 -17.94 -51.83
C ASN F 390 -16.59 -18.80 -50.90
N ILE F 391 -16.47 -18.44 -49.63
CA ILE F 391 -15.36 -18.91 -48.81
C ILE F 391 -15.86 -20.02 -47.89
N LEU F 392 -14.93 -20.86 -47.45
CA LEU F 392 -15.16 -21.87 -46.43
C LEU F 392 -14.00 -21.84 -45.46
N VAL F 393 -14.28 -21.86 -44.16
CA VAL F 393 -13.25 -21.70 -43.14
C VAL F 393 -13.16 -22.99 -42.33
N ILE F 394 -11.95 -23.54 -42.26
CA ILE F 394 -11.64 -24.76 -41.51
C ILE F 394 -10.74 -24.35 -40.35
N GLY F 395 -11.17 -24.63 -39.12
CA GLY F 395 -10.37 -24.36 -37.94
C GLY F 395 -9.89 -25.65 -37.30
N MET F 396 -8.70 -25.60 -36.70
CA MET F 396 -8.03 -26.78 -36.18
C MET F 396 -7.53 -26.49 -34.78
N THR F 397 -7.73 -27.44 -33.87
CA THR F 397 -7.39 -27.26 -32.47
C THR F 397 -7.10 -28.60 -31.81
N ASN F 398 -6.34 -28.56 -30.73
CA ASN F 398 -6.04 -29.74 -29.93
C ASN F 398 -6.86 -29.80 -28.65
N ARG F 399 -7.30 -28.65 -28.15
CA ARG F 399 -8.09 -28.55 -26.92
C ARG F 399 -9.40 -27.85 -27.28
N LYS F 400 -10.50 -28.60 -27.25
CA LYS F 400 -11.79 -28.04 -27.64
C LYS F 400 -12.36 -27.10 -26.57
N ASP F 401 -12.13 -27.41 -25.29
CA ASP F 401 -12.84 -26.72 -24.23
C ASP F 401 -12.50 -25.23 -24.16
N LEU F 402 -11.39 -24.81 -24.75
CA LEU F 402 -10.97 -23.42 -24.66
C LEU F 402 -11.71 -22.52 -25.65
N ILE F 403 -12.31 -23.09 -26.69
CA ILE F 403 -12.94 -22.27 -27.72
C ILE F 403 -14.24 -21.72 -27.18
N ASP F 404 -14.44 -20.41 -27.34
CA ASP F 404 -15.60 -19.75 -26.76
C ASP F 404 -16.86 -20.23 -27.45
N SER F 405 -17.95 -20.31 -26.68
CA SER F 405 -19.21 -20.82 -27.20
C SER F 405 -19.79 -19.92 -28.29
N ALA F 406 -19.36 -18.66 -28.35
CA ALA F 406 -19.93 -17.74 -29.32
C ALA F 406 -19.66 -18.19 -30.74
N LEU F 407 -18.53 -18.86 -30.98
CA LEU F 407 -18.17 -19.26 -32.33
C LEU F 407 -18.94 -20.49 -32.80
N LEU F 408 -19.50 -21.27 -31.88
CA LEU F 408 -20.06 -22.58 -32.21
C LEU F 408 -21.53 -22.52 -32.61
N ARG F 409 -22.20 -21.38 -32.41
CA ARG F 409 -23.62 -21.30 -32.64
C ARG F 409 -23.89 -21.29 -34.15
N PRO F 410 -25.13 -21.52 -34.57
CA PRO F 410 -25.41 -21.60 -36.01
C PRO F 410 -25.00 -20.34 -36.75
N GLY F 411 -24.51 -20.52 -37.97
CA GLY F 411 -23.91 -19.47 -38.75
C GLY F 411 -22.41 -19.36 -38.61
N ARG F 412 -21.85 -19.93 -37.54
CA ARG F 412 -20.42 -19.90 -37.28
C ARG F 412 -20.01 -21.29 -36.79
N PHE F 413 -19.07 -21.92 -37.50
CA PHE F 413 -18.54 -23.24 -37.14
C PHE F 413 -19.63 -24.21 -36.68
N GLU F 414 -20.52 -24.58 -37.60
CA GLU F 414 -21.71 -25.32 -37.21
C GLU F 414 -21.51 -26.82 -37.09
N VAL F 415 -20.47 -27.39 -37.71
CA VAL F 415 -20.29 -28.84 -37.78
C VAL F 415 -18.93 -29.18 -37.21
N GLN F 416 -18.89 -30.22 -36.37
CA GLN F 416 -17.70 -30.60 -35.61
C GLN F 416 -17.43 -32.09 -35.78
N VAL F 417 -16.15 -32.44 -35.94
CA VAL F 417 -15.72 -33.82 -36.10
C VAL F 417 -14.45 -34.03 -35.27
N GLU F 418 -14.23 -35.27 -34.82
CA GLU F 418 -13.15 -35.60 -33.90
C GLU F 418 -12.24 -36.68 -34.48
N ILE F 419 -10.94 -36.46 -34.36
CA ILE F 419 -9.90 -37.34 -34.88
C ILE F 419 -9.20 -37.96 -33.67
N HIS F 420 -8.72 -39.19 -33.85
CA HIS F 420 -8.19 -39.99 -32.77
C HIS F 420 -6.78 -40.44 -33.08
N LEU F 421 -6.08 -40.85 -32.03
CA LEU F 421 -4.82 -41.59 -32.19
C LEU F 421 -5.17 -42.96 -32.79
N PRO F 422 -4.33 -44.00 -32.69
CA PRO F 422 -4.74 -45.25 -33.35
C PRO F 422 -5.11 -46.34 -32.37
N ASP F 423 -5.84 -47.31 -32.91
CA ASP F 423 -6.20 -48.54 -32.25
C ASP F 423 -5.26 -49.61 -32.76
N GLU F 424 -5.51 -50.88 -32.44
CA GLU F 424 -4.55 -51.94 -32.76
C GLU F 424 -4.26 -52.02 -34.25
N LYS F 425 -5.30 -52.04 -35.09
CA LYS F 425 -5.10 -52.14 -36.53
C LYS F 425 -4.33 -50.94 -37.07
N GLY F 426 -4.66 -49.74 -36.60
CA GLY F 426 -3.95 -48.56 -37.07
C GLY F 426 -2.47 -48.62 -36.75
N ARG F 427 -2.12 -49.06 -35.54
CA ARG F 427 -0.72 -49.15 -35.16
C ARG F 427 -0.03 -50.22 -35.97
N LEU F 428 -0.71 -51.34 -36.21
CA LEU F 428 -0.12 -52.37 -37.06
C LEU F 428 0.15 -51.82 -38.46
N GLN F 429 -0.72 -50.93 -38.94
CA GLN F 429 -0.48 -50.34 -40.25
C GLN F 429 0.68 -49.38 -40.17
N ILE F 430 0.76 -48.58 -39.12
CA ILE F 430 1.85 -47.63 -39.00
C ILE F 430 3.16 -48.40 -38.93
N PHE F 431 3.14 -49.54 -38.23
CA PHE F 431 4.32 -50.39 -38.15
C PHE F 431 4.75 -50.83 -39.53
N ASP F 432 3.78 -51.23 -40.37
CA ASP F 432 4.12 -51.64 -41.73
C ASP F 432 4.70 -50.48 -42.51
N ILE F 433 4.05 -49.32 -42.44
CA ILE F 433 4.49 -48.16 -43.22
C ILE F 433 5.89 -47.74 -42.81
N GLN F 434 6.22 -47.87 -41.52
CA GLN F 434 7.52 -47.42 -41.04
C GLN F 434 8.63 -48.44 -41.29
N THR F 435 8.35 -49.74 -41.19
CA THR F 435 9.37 -50.77 -41.33
C THR F 435 9.39 -51.38 -42.73
N LYS F 436 8.63 -50.83 -43.68
CA LYS F 436 8.61 -51.39 -45.02
C LYS F 436 10.01 -51.44 -45.62
N LYS F 437 10.72 -50.31 -45.62
CA LYS F 437 12.01 -50.25 -46.29
C LYS F 437 13.02 -51.17 -45.63
N MET F 438 12.86 -51.43 -44.33
CA MET F 438 13.78 -52.34 -43.65
C MET F 438 13.45 -53.78 -43.97
N ARG F 439 12.15 -54.10 -44.05
CA ARG F 439 11.74 -55.44 -44.45
C ARG F 439 12.22 -55.77 -45.85
N GLU F 440 12.13 -54.81 -46.76
CA GLU F 440 12.38 -55.08 -48.17
C GLU F 440 13.85 -55.09 -48.53
N ASN F 441 14.74 -54.91 -47.56
CA ASN F 441 16.18 -55.00 -47.81
C ASN F 441 16.84 -56.06 -46.95
N ASN F 442 16.07 -57.03 -46.45
CA ASN F 442 16.60 -58.13 -45.64
C ASN F 442 17.46 -57.61 -44.50
N MET F 443 16.99 -56.53 -43.86
CA MET F 443 17.62 -56.00 -42.67
C MET F 443 16.73 -56.18 -41.46
N MET F 444 15.78 -57.12 -41.54
CA MET F 444 14.88 -57.43 -40.44
C MET F 444 14.94 -58.91 -40.19
N SER F 445 15.07 -59.28 -38.92
CA SER F 445 15.11 -60.69 -38.53
C SER F 445 13.74 -61.32 -38.76
N ASP F 446 13.70 -62.65 -38.65
CA ASP F 446 12.46 -63.39 -38.83
C ASP F 446 11.72 -63.63 -37.53
N ASP F 447 12.24 -63.15 -36.40
CA ASP F 447 11.60 -63.33 -35.11
C ASP F 447 10.71 -62.17 -34.68
N VAL F 448 10.84 -61.01 -35.33
CA VAL F 448 10.04 -59.84 -34.98
C VAL F 448 8.64 -60.04 -35.55
N ASN F 449 7.65 -59.99 -34.66
CA ASN F 449 6.24 -60.16 -35.03
C ASN F 449 5.53 -58.83 -34.79
N LEU F 450 5.00 -58.25 -35.87
CA LEU F 450 4.50 -56.88 -35.78
C LEU F 450 3.20 -56.81 -34.98
N LYS F 458 0.28 -49.16 -26.65
CA LYS F 458 -1.16 -49.03 -26.43
C LYS F 458 -1.72 -47.65 -26.72
N ASN F 459 -0.98 -46.57 -26.42
CA ASN F 459 -1.44 -45.22 -26.72
C ASN F 459 -0.41 -44.45 -27.53
N PHE F 460 0.43 -45.15 -28.27
CA PHE F 460 1.44 -44.49 -29.08
C PHE F 460 0.81 -43.76 -30.26
N SER F 461 1.40 -42.62 -30.62
CA SER F 461 1.13 -41.97 -31.90
C SER F 461 2.20 -42.42 -32.90
N GLY F 462 2.22 -41.79 -34.08
CA GLY F 462 3.20 -42.16 -35.07
C GLY F 462 4.62 -41.80 -34.66
N ALA F 463 4.80 -40.61 -34.06
CA ALA F 463 6.13 -40.16 -33.70
C ALA F 463 6.81 -41.10 -32.71
N GLU F 464 6.07 -41.60 -31.72
CA GLU F 464 6.66 -42.52 -30.77
C GLU F 464 7.10 -43.81 -31.44
N ILE F 465 6.35 -44.26 -32.45
CA ILE F 465 6.71 -45.49 -33.14
C ILE F 465 7.96 -45.26 -33.98
N GLU F 466 8.04 -44.09 -34.63
CA GLU F 466 9.27 -43.71 -35.32
C GLU F 466 10.45 -43.73 -34.36
N GLY F 467 10.26 -43.15 -33.18
CA GLY F 467 11.34 -43.12 -32.20
C GLY F 467 11.75 -44.52 -31.78
N LEU F 468 10.77 -45.41 -31.62
CA LEU F 468 11.09 -46.77 -31.20
C LEU F 468 11.88 -47.50 -32.27
N VAL F 469 11.48 -47.34 -33.54
CA VAL F 469 12.22 -47.96 -34.62
C VAL F 469 13.63 -47.41 -34.67
N LYS F 470 13.77 -46.09 -34.51
CA LYS F 470 15.09 -45.48 -34.54
C LYS F 470 15.96 -45.99 -33.40
N SER F 471 15.38 -46.17 -32.21
CA SER F 471 16.14 -46.67 -31.08
C SER F 471 16.60 -48.10 -31.33
N ALA F 472 15.71 -48.94 -31.87
CA ALA F 472 16.10 -50.31 -32.17
C ALA F 472 17.24 -50.32 -33.19
N SER F 473 17.12 -49.50 -34.23
CA SER F 473 18.19 -49.39 -35.22
C SER F 473 19.48 -48.94 -34.56
N SER F 474 19.39 -47.99 -33.61
CA SER F 474 20.58 -47.51 -32.94
C SER F 474 21.23 -48.63 -32.16
N PHE F 475 20.41 -49.43 -31.48
CA PHE F 475 20.92 -50.59 -30.76
C PHE F 475 21.68 -51.52 -31.70
N ALA F 476 21.06 -51.86 -32.82
CA ALA F 476 21.70 -52.80 -33.75
C ALA F 476 22.99 -52.23 -34.30
N ILE F 477 23.00 -50.93 -34.62
CA ILE F 477 24.19 -50.27 -35.12
C ILE F 477 25.30 -50.31 -34.07
N ASN F 478 24.95 -50.00 -32.82
CA ASN F 478 25.97 -49.87 -31.78
C ASN F 478 26.65 -51.19 -31.48
N LYS F 479 25.95 -52.32 -31.68
CA LYS F 479 26.52 -53.61 -31.34
C LYS F 479 27.76 -53.94 -32.16
N THR F 480 27.99 -53.23 -33.27
CA THR F 480 29.10 -53.51 -34.17
C THR F 480 30.24 -52.51 -34.06
N VAL F 481 29.92 -51.21 -34.08
CA VAL F 481 30.94 -50.17 -34.14
C VAL F 481 31.94 -50.35 -33.01
N ASN F 482 33.18 -49.93 -33.23
CA ASN F 482 34.28 -50.08 -32.27
C ASN F 482 34.38 -51.56 -31.86
N ASN F 491 33.35 -48.41 -40.17
CA ASN F 491 34.26 -48.50 -39.04
C ASN F 491 34.63 -49.95 -38.69
N THR F 492 34.03 -50.91 -39.39
CA THR F 492 34.36 -52.31 -39.16
C THR F 492 34.00 -53.12 -40.39
N LYS F 493 34.63 -54.29 -40.50
CA LYS F 493 34.24 -55.25 -41.52
C LYS F 493 32.87 -55.84 -41.21
N ASP F 494 32.32 -56.57 -42.19
CA ASP F 494 31.07 -57.31 -42.03
C ASP F 494 29.94 -56.38 -41.58
N ILE F 495 29.85 -55.21 -42.22
CA ILE F 495 28.64 -54.41 -42.13
C ILE F 495 27.48 -55.12 -42.83
N ALA F 496 27.79 -56.02 -43.77
CA ALA F 496 26.77 -56.62 -44.63
C ALA F 496 25.86 -57.58 -43.87
N LYS F 497 26.21 -57.94 -42.63
CA LYS F 497 25.45 -58.91 -41.86
C LYS F 497 24.51 -58.22 -40.87
N LEU F 498 24.28 -56.92 -41.03
CA LEU F 498 23.48 -56.20 -40.05
C LEU F 498 22.02 -56.64 -40.12
N LYS F 499 21.42 -56.83 -38.95
CA LYS F 499 20.02 -57.23 -38.85
C LYS F 499 19.50 -56.81 -37.49
N VAL F 500 18.33 -56.23 -37.47
CA VAL F 500 17.63 -55.91 -36.23
C VAL F 500 16.88 -57.15 -35.77
N THR F 501 16.63 -57.25 -34.48
CA THR F 501 16.14 -58.48 -33.88
C THR F 501 15.06 -58.11 -32.88
N ARG F 502 14.34 -59.14 -32.39
CA ARG F 502 13.27 -58.89 -31.44
C ARG F 502 13.80 -58.25 -30.18
N GLU F 503 14.95 -58.74 -29.69
CA GLU F 503 15.57 -58.17 -28.51
C GLU F 503 15.83 -56.68 -28.67
N ASP F 504 16.22 -56.24 -29.87
CA ASP F 504 16.47 -54.81 -30.06
C ASP F 504 15.19 -54.00 -29.88
N PHE F 505 14.07 -54.47 -30.45
CA PHE F 505 12.80 -53.80 -30.23
C PHE F 505 12.42 -53.79 -28.75
N LEU F 506 12.58 -54.93 -28.08
CA LEU F 506 12.18 -55.01 -26.68
C LEU F 506 13.02 -54.08 -25.83
N ASN F 507 14.31 -53.93 -26.17
CA ASN F 507 15.12 -52.95 -25.48
C ASN F 507 14.71 -51.53 -25.86
N ALA F 508 14.29 -51.33 -27.12
CA ALA F 508 13.85 -50.03 -27.56
C ALA F 508 12.65 -49.57 -26.77
N LEU F 509 11.82 -50.53 -26.33
CA LEU F 509 10.64 -50.17 -25.55
C LEU F 509 11.03 -49.45 -24.26
N ASN F 510 12.19 -49.80 -23.70
CA ASN F 510 12.69 -49.21 -22.46
C ASN F 510 13.42 -47.89 -22.68
N ASP F 511 13.36 -47.33 -23.88
CA ASP F 511 14.00 -46.07 -24.21
C ASP F 511 13.04 -44.98 -24.62
N VAL F 512 11.86 -45.33 -25.13
CA VAL F 512 10.85 -44.36 -25.51
C VAL F 512 9.66 -44.52 -24.58
N THR F 513 9.31 -43.44 -23.89
CA THR F 513 8.16 -43.43 -22.98
C THR F 513 7.05 -42.56 -23.58
N PRO F 514 5.81 -43.00 -23.62
CA PRO F 514 4.77 -42.18 -24.24
C PRO F 514 4.15 -41.19 -23.27
N ALA F 515 3.72 -40.06 -23.82
CA ALA F 515 2.76 -39.23 -23.13
C ALA F 515 1.40 -39.92 -23.15
N PHE F 516 0.55 -39.57 -22.17
CA PHE F 516 -0.69 -40.30 -21.94
C PHE F 516 -0.35 -41.73 -21.54
N GLY F 517 -0.77 -42.15 -20.35
CA GLY F 517 -0.40 -43.48 -19.91
C GLY F 517 -0.60 -43.64 -18.41
N ILE F 518 0.24 -44.48 -17.81
CA ILE F 518 0.21 -44.76 -16.39
C ILE F 518 1.48 -44.24 -15.75
N SER F 519 1.32 -43.50 -14.64
CA SER F 519 2.46 -43.02 -13.87
C SER F 519 2.89 -44.19 -12.99
N GLU F 520 3.61 -45.12 -13.61
CA GLU F 520 3.88 -46.40 -12.98
C GLU F 520 4.78 -46.25 -11.77
N GLU F 521 5.86 -45.48 -11.92
CA GLU F 521 6.86 -45.43 -10.86
C GLU F 521 6.28 -44.87 -9.57
N ASP F 522 5.45 -43.82 -9.65
CA ASP F 522 4.94 -43.21 -8.43
C ASP F 522 4.09 -44.20 -7.65
N LEU F 523 3.13 -44.82 -8.33
CA LEU F 523 2.24 -45.79 -7.68
C LEU F 523 3.04 -46.96 -7.14
N LYS F 524 4.00 -47.45 -7.91
CA LYS F 524 4.63 -48.70 -7.54
C LYS F 524 5.63 -48.46 -6.43
N THR F 525 6.65 -47.64 -6.70
CA THR F 525 7.76 -47.50 -5.77
C THR F 525 7.35 -46.74 -4.52
N CYS F 526 6.65 -45.61 -4.67
CA CYS F 526 6.39 -44.75 -3.52
C CYS F 526 5.44 -45.40 -2.52
N VAL F 527 4.36 -46.02 -3.00
CA VAL F 527 3.20 -46.29 -2.18
C VAL F 527 3.21 -47.67 -1.55
N GLU F 528 4.21 -48.50 -1.85
CA GLU F 528 4.20 -49.88 -1.38
C GLU F 528 5.61 -50.31 -1.03
N GLY F 529 5.83 -50.61 0.25
CA GLY F 529 7.07 -51.19 0.70
C GLY F 529 6.79 -52.38 1.60
N GLY F 530 5.80 -53.16 1.21
CA GLY F 530 5.39 -54.36 1.89
C GLY F 530 3.90 -54.56 1.68
N MET F 531 3.48 -55.82 1.72
CA MET F 531 2.05 -56.13 1.74
C MET F 531 1.89 -57.57 2.22
N MET F 532 1.29 -57.75 3.39
CA MET F 532 1.22 -59.07 4.02
C MET F 532 -0.15 -59.18 4.67
N LEU F 533 -0.80 -60.32 4.46
CA LEU F 533 -2.21 -60.49 4.84
C LEU F 533 -2.23 -61.11 6.23
N TYR F 534 -2.19 -60.24 7.24
CA TYR F 534 -2.11 -60.67 8.63
C TYR F 534 -3.48 -60.83 9.27
N SER F 535 -4.56 -60.58 8.53
CA SER F 535 -5.89 -60.73 9.09
C SER F 535 -6.89 -60.85 7.95
N GLU F 536 -8.11 -61.22 8.31
CA GLU F 536 -9.15 -61.43 7.30
C GLU F 536 -9.65 -60.13 6.72
N ARG F 537 -9.68 -59.07 7.52
CA ARG F 537 -10.23 -57.80 7.06
C ARG F 537 -9.51 -57.30 5.82
N VAL F 538 -8.20 -57.53 5.73
CA VAL F 538 -7.45 -57.04 4.58
C VAL F 538 -7.91 -57.75 3.31
N ASN F 539 -8.01 -59.09 3.39
CA ASN F 539 -8.55 -59.86 2.28
C ASN F 539 -9.93 -59.38 1.90
N SER F 540 -10.80 -59.14 2.90
CA SER F 540 -12.16 -58.69 2.61
C SER F 540 -12.16 -57.37 1.88
N ILE F 541 -11.32 -56.42 2.33
CA ILE F 541 -11.28 -55.10 1.72
C ILE F 541 -10.82 -55.22 0.27
N LEU F 542 -9.78 -56.03 0.02
CA LEU F 542 -9.28 -56.18 -1.34
C LEU F 542 -10.36 -56.78 -2.23
N LYS F 543 -11.09 -57.77 -1.71
CA LYS F 543 -12.18 -58.37 -2.48
C LYS F 543 -13.24 -57.34 -2.83
N ASN F 544 -13.60 -56.47 -1.86
CA ASN F 544 -14.57 -55.43 -2.13
C ASN F 544 -14.07 -54.47 -3.22
N GLY F 545 -12.79 -54.13 -3.15
CA GLY F 545 -12.23 -53.25 -4.17
C GLY F 545 -12.35 -53.86 -5.56
N ALA F 546 -11.98 -55.14 -5.68
CA ALA F 546 -12.07 -55.80 -6.98
C ALA F 546 -13.51 -55.85 -7.47
N ARG F 547 -14.45 -56.17 -6.56
CA ARG F 547 -15.88 -56.08 -6.88
C ARG F 547 -16.21 -54.74 -7.53
N TYR F 548 -15.86 -53.64 -6.86
CA TYR F 548 -16.23 -52.33 -7.40
C TYR F 548 -15.55 -52.09 -8.75
N VAL F 549 -14.30 -52.51 -8.89
CA VAL F 549 -13.57 -52.24 -10.13
C VAL F 549 -14.28 -52.90 -11.30
N ARG F 550 -14.58 -54.18 -11.17
CA ARG F 550 -15.23 -54.83 -12.30
C ARG F 550 -16.70 -54.46 -12.42
N GLN F 551 -17.31 -53.94 -11.34
CA GLN F 551 -18.61 -53.31 -11.47
C GLN F 551 -18.53 -52.15 -12.45
N VAL F 552 -17.58 -51.24 -12.22
CA VAL F 552 -17.46 -50.09 -13.09
C VAL F 552 -17.15 -50.56 -14.51
N ARG F 553 -16.34 -51.62 -14.63
CA ARG F 553 -15.89 -52.01 -15.95
C ARG F 553 -16.91 -52.82 -16.72
N GLU F 554 -18.02 -53.23 -16.08
CA GLU F 554 -18.97 -54.14 -16.73
C GLU F 554 -20.40 -53.72 -16.44
N SER F 555 -20.66 -52.40 -16.45
CA SER F 555 -22.02 -51.92 -16.31
C SER F 555 -22.11 -50.52 -16.91
N ASP F 556 -23.26 -50.24 -17.50
CA ASP F 556 -23.52 -48.95 -18.13
C ASP F 556 -24.35 -48.03 -17.26
N LYS F 557 -24.83 -48.51 -16.11
CA LYS F 557 -25.55 -47.66 -15.18
C LYS F 557 -24.56 -46.93 -14.29
N SER F 558 -23.46 -47.60 -13.95
CA SER F 558 -22.44 -47.06 -13.06
C SER F 558 -21.32 -46.51 -13.95
N ARG F 559 -21.37 -45.21 -14.22
CA ARG F 559 -20.36 -44.52 -14.99
C ARG F 559 -19.59 -43.50 -14.16
N LEU F 560 -20.00 -43.25 -12.93
CA LEU F 560 -19.19 -42.48 -12.00
C LEU F 560 -19.35 -43.16 -10.65
N VAL F 561 -18.22 -43.48 -10.02
CA VAL F 561 -18.18 -44.11 -8.72
C VAL F 561 -17.14 -43.40 -7.87
N SER F 562 -17.46 -43.17 -6.60
CA SER F 562 -16.56 -42.51 -5.66
C SER F 562 -16.50 -43.30 -4.36
N LEU F 563 -15.30 -43.40 -3.78
CA LEU F 563 -15.08 -44.18 -2.58
C LEU F 563 -14.37 -43.34 -1.54
N LEU F 564 -14.54 -43.75 -0.28
CA LEU F 564 -13.82 -43.17 0.84
C LEU F 564 -13.16 -44.27 1.65
N ILE F 565 -11.84 -44.17 1.80
CA ILE F 565 -11.04 -45.01 2.67
C ILE F 565 -10.58 -44.15 3.84
N HIS F 566 -10.83 -44.60 5.06
CA HIS F 566 -10.51 -43.82 6.24
C HIS F 566 -10.04 -44.75 7.35
N GLY F 567 -9.32 -44.18 8.29
CA GLY F 567 -8.80 -44.91 9.42
C GLY F 567 -7.68 -44.12 10.07
N PRO F 568 -7.12 -44.64 11.16
CA PRO F 568 -6.11 -43.86 11.88
C PRO F 568 -4.87 -43.66 11.02
N ALA F 569 -4.06 -42.69 11.45
CA ALA F 569 -2.83 -42.36 10.72
C ALA F 569 -1.78 -43.44 10.89
N GLY F 570 -1.12 -43.79 9.79
CA GLY F 570 -0.13 -44.85 9.81
C GLY F 570 -0.70 -46.23 9.67
N SER F 571 -1.98 -46.35 9.30
CA SER F 571 -2.67 -47.63 9.40
C SER F 571 -2.33 -48.53 8.23
N GLY F 572 -2.08 -47.96 7.06
CA GLY F 572 -1.81 -48.72 5.87
C GLY F 572 -2.61 -48.24 4.67
N LYS F 573 -3.48 -47.24 4.90
CA LYS F 573 -4.50 -46.82 3.94
C LYS F 573 -3.93 -46.70 2.53
N THR F 574 -2.97 -45.81 2.37
CA THR F 574 -2.48 -45.46 1.04
C THR F 574 -1.94 -46.69 0.32
N ALA F 575 -1.15 -47.52 1.03
CA ALA F 575 -0.62 -48.72 0.41
C ALA F 575 -1.73 -49.63 -0.09
N LEU F 576 -2.87 -49.64 0.62
CA LEU F 576 -4.01 -50.43 0.18
C LEU F 576 -4.60 -49.84 -1.09
N ALA F 577 -4.80 -48.51 -1.09
CA ALA F 577 -5.37 -47.86 -2.28
C ALA F 577 -4.53 -48.21 -3.50
N ALA F 578 -3.21 -48.02 -3.38
CA ALA F 578 -2.30 -48.36 -4.48
C ALA F 578 -2.47 -49.82 -4.88
N GLU F 579 -2.55 -50.73 -3.90
CA GLU F 579 -2.67 -52.15 -4.23
C GLU F 579 -3.93 -52.42 -5.04
N ILE F 580 -5.04 -51.78 -4.67
CA ILE F 580 -6.27 -51.96 -5.43
C ILE F 580 -6.15 -51.35 -6.80
N ALA F 581 -5.42 -50.23 -6.92
CA ALA F 581 -5.30 -49.54 -8.21
C ALA F 581 -4.46 -50.35 -9.19
N LEU F 582 -3.31 -50.84 -8.72
CA LEU F 582 -2.39 -51.51 -9.62
C LEU F 582 -2.99 -52.79 -10.21
N LYS F 583 -3.82 -53.49 -9.43
CA LYS F 583 -4.46 -54.71 -9.88
C LYS F 583 -5.65 -54.47 -10.82
N SER F 584 -6.01 -53.22 -11.07
CA SER F 584 -7.24 -52.95 -11.80
C SER F 584 -7.07 -53.19 -13.30
N GLY F 585 -5.91 -52.85 -13.85
CA GLY F 585 -5.67 -53.04 -15.26
C GLY F 585 -6.27 -51.99 -16.18
N PHE F 586 -6.72 -50.86 -15.65
CA PHE F 586 -7.29 -49.83 -16.51
C PHE F 586 -6.19 -49.11 -17.29
N PRO F 587 -6.54 -48.46 -18.40
CA PRO F 587 -5.49 -47.77 -19.18
C PRO F 587 -5.03 -46.48 -18.53
N PHE F 588 -5.92 -45.78 -17.84
CA PHE F 588 -5.66 -44.44 -17.34
C PHE F 588 -5.76 -44.52 -15.82
N ILE F 589 -4.67 -44.19 -15.13
CA ILE F 589 -4.60 -44.18 -13.67
C ILE F 589 -3.72 -43.01 -13.25
N ARG F 590 -4.17 -42.25 -12.26
CA ARG F 590 -3.37 -41.14 -11.75
C ARG F 590 -3.63 -40.93 -10.27
N LEU F 591 -2.73 -40.19 -9.62
CA LEU F 591 -2.92 -39.81 -8.23
C LEU F 591 -2.56 -38.34 -8.01
N ILE F 592 -3.39 -37.68 -7.20
CA ILE F 592 -3.18 -36.31 -6.75
C ILE F 592 -2.78 -36.34 -5.28
N SER F 593 -1.63 -35.74 -4.94
CA SER F 593 -1.14 -35.78 -3.57
C SER F 593 -0.47 -34.44 -3.23
N PRO F 594 -0.19 -34.17 -1.96
CA PRO F 594 0.44 -32.88 -1.61
C PRO F 594 1.78 -32.65 -2.29
N ASN F 595 2.54 -33.71 -2.56
CA ASN F 595 3.87 -33.54 -3.15
C ASN F 595 3.82 -32.82 -4.48
N GLU F 596 2.73 -33.00 -5.23
CA GLU F 596 2.63 -32.35 -6.54
C GLU F 596 2.31 -30.88 -6.40
N LEU F 597 1.52 -30.50 -5.40
CA LEU F 597 1.03 -29.13 -5.28
C LEU F 597 1.92 -28.26 -4.42
N SER F 598 3.04 -28.80 -3.94
CA SER F 598 3.88 -28.06 -3.00
C SER F 598 4.51 -26.86 -3.70
N GLY F 599 4.55 -25.74 -2.99
CA GLY F 599 5.23 -24.56 -3.49
C GLY F 599 4.41 -23.68 -4.40
N MET F 600 3.14 -23.97 -4.59
CA MET F 600 2.29 -23.27 -5.53
C MET F 600 1.38 -22.28 -4.82
N SER F 601 0.91 -21.29 -5.59
CA SER F 601 -0.16 -20.43 -5.10
C SER F 601 -1.48 -21.17 -5.21
N GLU F 602 -2.53 -20.64 -4.57
CA GLU F 602 -3.82 -21.32 -4.59
C GLU F 602 -4.36 -21.45 -6.01
N SER F 603 -4.23 -20.39 -6.80
CA SER F 603 -4.74 -20.40 -8.17
C SER F 603 -4.06 -21.50 -8.99
N ALA F 604 -2.74 -21.64 -8.85
CA ALA F 604 -2.02 -22.69 -9.58
C ALA F 604 -2.52 -24.07 -9.19
N LYS F 605 -2.76 -24.29 -7.90
CA LYS F 605 -3.25 -25.59 -7.44
C LYS F 605 -4.60 -25.89 -8.05
N ILE F 606 -5.51 -24.90 -8.01
CA ILE F 606 -6.84 -25.10 -8.54
C ILE F 606 -6.78 -25.41 -10.03
N ALA F 607 -5.96 -24.67 -10.77
CA ALA F 607 -5.83 -24.90 -12.20
C ALA F 607 -5.28 -26.30 -12.48
N TYR F 608 -4.33 -26.75 -11.67
CA TYR F 608 -3.75 -28.06 -11.87
C TYR F 608 -4.80 -29.15 -11.65
N ILE F 609 -5.61 -29.00 -10.59
CA ILE F 609 -6.66 -29.97 -10.33
C ILE F 609 -7.62 -29.99 -11.51
N ASP F 610 -7.99 -28.80 -11.99
CA ASP F 610 -8.95 -28.74 -13.09
C ASP F 610 -8.39 -29.43 -14.32
N ASN F 611 -7.10 -29.21 -14.63
CA ASN F 611 -6.51 -29.84 -15.80
C ASN F 611 -6.51 -31.36 -15.65
N THR F 612 -6.22 -31.84 -14.43
CA THR F 612 -6.26 -33.28 -14.20
C THR F 612 -7.65 -33.82 -14.48
N PHE F 613 -8.68 -33.13 -13.98
CA PHE F 613 -10.04 -33.62 -14.18
C PHE F 613 -10.39 -33.64 -15.66
N ARG F 614 -10.01 -32.60 -16.40
CA ARG F 614 -10.27 -32.61 -17.84
C ARG F 614 -9.57 -33.79 -18.52
N ASP F 615 -8.32 -34.05 -18.14
CA ASP F 615 -7.57 -35.14 -18.75
C ASP F 615 -8.14 -36.51 -18.39
N ALA F 616 -8.93 -36.59 -17.32
CA ALA F 616 -9.54 -37.87 -16.96
C ALA F 616 -10.69 -38.27 -17.89
N TYR F 617 -11.29 -37.33 -18.59
CA TYR F 617 -12.50 -37.54 -19.37
C TYR F 617 -12.25 -37.93 -20.83
N LYS F 618 -11.09 -38.50 -21.17
CA LYS F 618 -10.74 -38.72 -22.57
C LYS F 618 -10.30 -40.16 -22.84
N SER F 619 -10.81 -41.11 -22.05
CA SER F 619 -10.55 -42.53 -22.29
C SER F 619 -11.76 -43.32 -21.81
N PRO F 620 -11.96 -44.53 -22.32
CA PRO F 620 -13.12 -45.30 -21.86
C PRO F 620 -13.12 -45.56 -20.36
N LEU F 621 -11.96 -45.83 -19.79
CA LEU F 621 -11.85 -46.19 -18.37
C LEU F 621 -10.70 -45.44 -17.72
N ASN F 622 -10.92 -45.02 -16.47
CA ASN F 622 -10.04 -44.10 -15.76
C ASN F 622 -10.12 -44.39 -14.27
N ILE F 623 -9.00 -44.19 -13.57
CA ILE F 623 -8.94 -44.27 -12.12
C ILE F 623 -8.19 -43.06 -11.59
N LEU F 624 -8.68 -42.49 -10.49
CA LEU F 624 -8.02 -41.39 -9.81
C LEU F 624 -7.96 -41.68 -8.32
N VAL F 625 -6.82 -41.35 -7.72
CA VAL F 625 -6.59 -41.50 -6.29
C VAL F 625 -6.28 -40.12 -5.70
N ILE F 626 -6.97 -39.76 -4.62
CA ILE F 626 -6.72 -38.52 -3.89
C ILE F 626 -6.25 -38.88 -2.48
N ASP F 627 -5.06 -38.40 -2.11
CA ASP F 627 -4.44 -38.79 -0.85
C ASP F 627 -4.42 -37.60 0.09
N SER F 628 -4.76 -37.85 1.36
CA SER F 628 -4.62 -36.86 2.43
C SER F 628 -5.37 -35.58 2.11
N LEU F 629 -6.70 -35.72 2.05
CA LEU F 629 -7.54 -34.61 1.60
C LEU F 629 -7.45 -33.43 2.56
N GLU F 630 -7.27 -33.69 3.85
CA GLU F 630 -7.27 -32.61 4.83
C GLU F 630 -6.03 -31.73 4.71
N THR F 631 -4.96 -32.23 4.12
CA THR F 631 -3.74 -31.46 3.95
C THR F 631 -3.74 -30.64 2.65
N LEU F 632 -4.48 -31.10 1.64
CA LEU F 632 -4.60 -30.34 0.40
C LEU F 632 -5.33 -29.02 0.65
N VAL F 633 -6.21 -29.00 1.66
CA VAL F 633 -6.99 -27.82 1.98
C VAL F 633 -6.31 -26.97 3.04
N ASP F 634 -5.19 -27.43 3.61
CA ASP F 634 -4.37 -26.63 4.52
C ASP F 634 -5.08 -26.42 5.86
N TRP F 635 -5.57 -27.51 6.43
CA TRP F 635 -6.30 -27.45 7.68
C TRP F 635 -5.34 -27.38 8.86
N VAL F 636 -5.60 -26.44 9.76
CA VAL F 636 -4.90 -26.39 11.04
C VAL F 636 -5.94 -26.04 12.09
N PRO F 637 -6.03 -26.79 13.20
CA PRO F 637 -7.18 -26.64 14.10
C PRO F 637 -7.06 -25.51 15.10
N ILE F 638 -5.92 -24.82 15.17
CA ILE F 638 -5.79 -23.73 16.13
C ILE F 638 -6.67 -22.55 15.73
N GLY F 639 -6.80 -22.29 14.43
CA GLY F 639 -7.59 -21.18 13.97
C GLY F 639 -9.07 -21.40 14.24
N PRO F 640 -9.69 -22.31 13.47
CA PRO F 640 -9.09 -23.12 12.41
C PRO F 640 -8.84 -22.34 11.11
N ARG F 641 -7.87 -22.72 10.30
CA ARG F 641 -7.54 -22.03 9.06
C ARG F 641 -7.59 -23.05 7.93
N PHE F 642 -8.19 -22.66 6.81
CA PHE F 642 -8.23 -23.53 5.64
C PHE F 642 -8.67 -22.71 4.44
N SER F 643 -8.51 -23.30 3.25
CA SER F 643 -8.84 -22.66 2.00
C SER F 643 -10.18 -23.17 1.52
N ASN F 644 -11.13 -22.26 1.31
CA ASN F 644 -12.49 -22.65 0.98
C ASN F 644 -12.70 -22.83 -0.51
N ASN F 645 -11.95 -22.09 -1.32
CA ASN F 645 -12.10 -22.19 -2.77
C ASN F 645 -11.71 -23.57 -3.26
N ILE F 646 -10.58 -24.09 -2.77
CA ILE F 646 -10.20 -25.45 -3.13
C ILE F 646 -11.26 -26.43 -2.65
N LEU F 647 -11.84 -26.18 -1.48
CA LEU F 647 -12.88 -27.05 -0.96
C LEU F 647 -14.08 -27.11 -1.89
N GLN F 648 -14.53 -25.94 -2.37
CA GLN F 648 -15.70 -25.93 -3.25
C GLN F 648 -15.37 -26.54 -4.60
N MET F 649 -14.16 -26.29 -5.12
CA MET F 649 -13.75 -26.93 -6.37
C MET F 649 -13.82 -28.45 -6.24
N LEU F 650 -13.23 -28.99 -5.17
CA LEU F 650 -13.27 -30.43 -4.96
C LEU F 650 -14.69 -30.92 -4.81
N LYS F 651 -15.52 -30.17 -4.07
CA LYS F 651 -16.89 -30.61 -3.80
C LYS F 651 -17.68 -30.73 -5.09
N VAL F 652 -17.55 -29.75 -5.98
CA VAL F 652 -18.26 -29.81 -7.24
C VAL F 652 -17.69 -30.92 -8.12
N ALA F 653 -16.36 -31.08 -8.11
CA ALA F 653 -15.73 -32.02 -9.04
C ALA F 653 -16.13 -33.46 -8.76
N LEU F 654 -16.48 -33.78 -7.50
CA LEU F 654 -16.77 -35.14 -7.09
C LEU F 654 -18.17 -35.60 -7.44
N LYS F 655 -18.99 -34.76 -8.09
CA LYS F 655 -20.32 -35.15 -8.53
C LYS F 655 -20.51 -35.10 -10.03
N ARG F 656 -19.67 -34.36 -10.76
CA ARG F 656 -19.82 -34.28 -12.20
C ARG F 656 -19.53 -35.64 -12.83
N LYS F 657 -20.28 -35.97 -13.88
CA LYS F 657 -20.24 -37.26 -14.56
C LYS F 657 -19.49 -37.14 -15.87
N PRO F 658 -18.70 -38.13 -16.27
CA PRO F 658 -17.90 -37.98 -17.49
C PRO F 658 -18.80 -37.98 -18.71
N PRO F 659 -18.35 -37.41 -19.83
CA PRO F 659 -19.20 -37.31 -21.00
C PRO F 659 -19.15 -38.54 -21.88
N GLN F 660 -20.23 -38.72 -22.65
CA GLN F 660 -20.27 -39.63 -23.79
C GLN F 660 -19.85 -41.05 -23.38
N ASP F 661 -20.70 -41.62 -22.52
CA ASP F 661 -20.67 -43.02 -22.11
C ASP F 661 -19.26 -43.49 -21.80
N ARG F 662 -18.50 -42.64 -21.11
CA ARG F 662 -17.24 -43.01 -20.50
C ARG F 662 -17.47 -43.16 -19.01
N ARG F 663 -16.47 -43.68 -18.32
CA ARG F 663 -16.65 -43.98 -16.91
C ARG F 663 -15.31 -43.93 -16.20
N LEU F 664 -15.36 -43.60 -14.91
CA LEU F 664 -14.16 -43.46 -14.12
C LEU F 664 -14.47 -43.83 -12.67
N LEU F 665 -13.40 -44.01 -11.90
CA LEU F 665 -13.49 -44.37 -10.49
C LEU F 665 -12.59 -43.43 -9.70
N ILE F 666 -13.06 -43.06 -8.51
CA ILE F 666 -12.34 -42.14 -7.62
C ILE F 666 -12.17 -42.85 -6.29
N MET F 667 -10.97 -42.76 -5.73
CA MET F 667 -10.71 -43.24 -4.38
C MET F 667 -10.03 -42.11 -3.63
N THR F 668 -10.51 -41.80 -2.43
CA THR F 668 -9.95 -40.72 -1.65
C THR F 668 -9.62 -41.26 -0.27
N THR F 669 -8.62 -40.65 0.40
CA THR F 669 -8.19 -41.14 1.70
C THR F 669 -8.12 -39.99 2.69
N THR F 670 -8.44 -40.27 3.96
CA THR F 670 -8.48 -39.23 4.98
C THR F 670 -8.31 -39.82 6.37
N SER F 671 -7.78 -39.00 7.28
CA SER F 671 -7.68 -39.33 8.70
C SER F 671 -8.51 -38.42 9.60
N ALA F 672 -9.29 -37.49 9.03
CA ALA F 672 -9.96 -36.45 9.80
C ALA F 672 -11.46 -36.49 9.57
N TYR F 673 -12.05 -37.68 9.76
CA TYR F 673 -13.47 -37.89 9.49
C TYR F 673 -14.36 -36.85 10.15
N SER F 674 -14.05 -36.48 11.39
CA SER F 674 -14.87 -35.49 12.10
C SER F 674 -14.86 -34.16 11.35
N VAL F 675 -13.70 -33.75 10.85
CA VAL F 675 -13.59 -32.47 10.16
C VAL F 675 -14.44 -32.49 8.89
N LEU F 676 -14.33 -33.55 8.09
CA LEU F 676 -15.10 -33.63 6.86
C LEU F 676 -16.59 -33.68 7.16
N GLN F 677 -16.96 -34.36 8.25
CA GLN F 677 -18.36 -34.36 8.66
C GLN F 677 -18.82 -32.96 9.02
N GLN F 678 -17.96 -32.19 9.67
CA GLN F 678 -18.30 -30.81 10.00
C GLN F 678 -18.43 -29.95 8.75
N MET F 679 -17.57 -30.18 7.76
CA MET F 679 -17.55 -29.35 6.58
C MET F 679 -18.65 -29.72 5.60
N ASP F 680 -19.35 -30.84 5.82
CA ASP F 680 -20.54 -31.15 5.06
C ASP F 680 -20.21 -31.44 3.59
N ILE F 681 -19.29 -32.37 3.37
CA ILE F 681 -19.02 -32.85 2.02
C ILE F 681 -19.01 -34.36 1.97
N LEU F 682 -19.69 -35.00 2.92
CA LEU F 682 -19.78 -36.45 2.90
C LEU F 682 -20.75 -36.95 1.85
N SER F 683 -21.63 -36.09 1.34
CA SER F 683 -22.60 -36.52 0.34
C SER F 683 -21.98 -36.77 -1.02
N CYS F 684 -20.69 -36.45 -1.20
CA CYS F 684 -20.07 -36.70 -2.50
C CYS F 684 -19.73 -38.17 -2.67
N PHE F 685 -19.49 -38.87 -1.57
CA PHE F 685 -18.95 -40.23 -1.59
C PHE F 685 -20.07 -41.25 -1.46
N ASP F 686 -19.86 -42.38 -2.14
CA ASP F 686 -20.83 -43.47 -2.16
C ASP F 686 -20.63 -44.50 -1.05
N ASN F 687 -19.40 -44.67 -0.55
CA ASN F 687 -19.17 -45.68 0.47
C ASN F 687 -17.93 -45.35 1.27
N GLU F 688 -17.87 -45.89 2.49
CA GLU F 688 -16.81 -45.59 3.43
C GLU F 688 -16.23 -46.91 3.94
N ILE F 689 -14.91 -46.94 4.06
CA ILE F 689 -14.16 -48.14 4.46
C ILE F 689 -13.32 -47.79 5.68
N ALA F 690 -13.29 -48.68 6.67
CA ALA F 690 -12.56 -48.44 7.93
C ALA F 690 -11.39 -49.41 8.04
N VAL F 691 -10.24 -48.90 8.45
CA VAL F 691 -9.02 -49.70 8.57
C VAL F 691 -8.53 -49.69 10.02
N PRO F 692 -8.43 -50.84 10.70
CA PRO F 692 -7.98 -50.85 12.09
C PRO F 692 -6.48 -51.12 12.22
N ASN F 693 -5.97 -50.88 13.42
CA ASN F 693 -4.60 -51.22 13.78
C ASN F 693 -4.49 -52.66 14.28
N MET F 694 -3.25 -53.13 14.42
CA MET F 694 -2.97 -54.43 15.02
C MET F 694 -3.25 -54.44 16.51
N THR F 695 -3.77 -55.57 17.02
CA THR F 695 -4.11 -55.71 18.43
C THR F 695 -3.82 -57.06 19.05
N ASN F 696 -3.21 -58.02 18.34
CA ASN F 696 -2.91 -59.32 18.91
C ASN F 696 -1.44 -59.69 18.73
N LEU F 697 -0.96 -60.54 19.65
CA LEU F 697 0.42 -61.01 19.59
C LEU F 697 0.61 -62.05 18.49
N ASP F 698 -0.45 -62.76 18.11
CA ASP F 698 -0.32 -63.70 17.00
C ASP F 698 0.10 -62.99 15.73
N GLU F 699 -0.46 -61.81 15.48
CA GLU F 699 -0.06 -61.04 14.31
C GLU F 699 1.41 -60.65 14.41
N LEU F 700 1.86 -60.24 15.60
CA LEU F 700 3.26 -59.89 15.77
C LEU F 700 4.16 -61.10 15.51
N ASN F 701 3.74 -62.27 15.98
CA ASN F 701 4.52 -63.48 15.72
C ASN F 701 4.59 -63.72 14.22
N ASN F 702 3.46 -63.55 13.53
CA ASN F 702 3.45 -63.72 12.08
C ASN F 702 4.44 -62.75 11.44
N VAL F 703 4.42 -61.49 11.88
CA VAL F 703 5.29 -60.48 11.29
C VAL F 703 6.74 -60.87 11.51
N MET F 704 7.07 -61.34 12.72
CA MET F 704 8.44 -61.77 12.99
C MET F 704 8.82 -62.91 12.08
N ILE F 705 7.92 -63.88 11.91
CA ILE F 705 8.20 -65.01 11.04
C ILE F 705 8.41 -64.51 9.63
N GLU F 706 7.52 -63.62 9.17
CA GLU F 706 7.52 -63.13 7.81
C GLU F 706 8.79 -62.34 7.50
N SER F 707 9.43 -61.79 8.54
CA SER F 707 10.64 -60.98 8.40
C SER F 707 11.88 -61.70 8.89
N ASN F 708 11.82 -63.03 9.08
CA ASN F 708 12.95 -63.87 9.48
C ASN F 708 13.78 -63.20 10.56
N PHE F 709 13.09 -62.82 11.64
CA PHE F 709 13.72 -62.10 12.74
C PHE F 709 14.85 -62.92 13.36
N LEU F 710 14.51 -64.09 13.91
CA LEU F 710 15.53 -65.00 14.42
C LEU F 710 14.88 -66.34 14.71
N ASP F 711 15.73 -67.31 15.07
CA ASP F 711 15.29 -68.68 15.21
C ASP F 711 14.21 -68.77 16.28
N ASP F 712 13.42 -69.85 16.21
CA ASP F 712 12.21 -69.93 17.01
C ASP F 712 12.52 -69.82 18.50
N ALA F 713 13.65 -70.37 18.94
CA ALA F 713 13.94 -70.40 20.37
C ALA F 713 13.88 -69.00 20.99
N GLY F 714 14.46 -68.00 20.32
CA GLY F 714 14.41 -66.65 20.83
C GLY F 714 13.10 -65.94 20.49
N ARG F 715 12.56 -66.23 19.30
CA ARG F 715 11.31 -65.62 18.87
C ARG F 715 10.21 -65.92 19.87
N VAL F 716 10.24 -67.12 20.44
CA VAL F 716 9.23 -67.53 21.41
C VAL F 716 9.34 -66.69 22.67
N LYS F 717 10.57 -66.36 23.08
CA LYS F 717 10.79 -65.75 24.39
C LYS F 717 10.20 -64.35 24.44
N VAL F 718 10.32 -63.58 23.36
CA VAL F 718 9.78 -62.23 23.36
C VAL F 718 8.26 -62.29 23.50
N ILE F 719 7.63 -63.25 22.83
CA ILE F 719 6.19 -63.43 22.98
C ILE F 719 5.86 -63.81 24.42
N ASN F 720 6.63 -64.73 25.01
CA ASN F 720 6.39 -65.14 26.39
C ASN F 720 6.55 -63.98 27.34
N GLU F 721 7.37 -63.00 26.98
CA GLU F 721 7.61 -61.86 27.86
C GLU F 721 6.51 -60.82 27.70
N LEU F 722 6.15 -60.52 26.45
CA LEU F 722 4.99 -59.67 26.19
C LEU F 722 3.71 -60.27 26.75
N SER F 723 3.68 -61.59 26.92
CA SER F 723 2.47 -62.24 27.42
C SER F 723 2.02 -61.62 28.74
N ARG F 724 2.97 -61.30 29.61
CA ARG F 724 2.68 -60.68 30.90
C ARG F 724 3.35 -59.31 31.07
N SER F 725 3.94 -58.75 30.02
CA SER F 725 4.40 -57.36 30.07
C SER F 725 3.34 -56.39 29.56
N CYS F 726 2.69 -56.72 28.45
CA CYS F 726 1.69 -55.83 27.86
C CYS F 726 0.83 -56.66 26.91
N PRO F 727 -0.25 -57.27 27.39
CA PRO F 727 -1.03 -58.18 26.55
C PRO F 727 -2.06 -57.50 25.67
N ASN F 728 -2.17 -56.17 25.71
CA ASN F 728 -3.26 -55.44 25.06
C ASN F 728 -2.71 -54.27 24.25
N PHE F 729 -1.74 -54.55 23.40
CA PHE F 729 -1.00 -53.50 22.72
C PHE F 729 -1.74 -53.06 21.44
N ASN F 730 -1.33 -51.89 20.94
CA ASN F 730 -2.00 -51.25 19.80
C ASN F 730 -0.94 -50.48 19.04
N VAL F 731 -0.46 -51.04 17.93
CA VAL F 731 0.62 -50.43 17.16
C VAL F 731 0.41 -50.74 15.69
N GLY F 732 0.78 -49.77 14.84
CA GLY F 732 0.66 -49.96 13.41
C GLY F 732 1.81 -50.79 12.85
N ILE F 733 1.68 -51.13 11.57
CA ILE F 733 2.66 -52.03 10.97
C ILE F 733 3.99 -51.32 10.77
N LYS F 734 3.95 -50.06 10.31
CA LYS F 734 5.16 -49.34 9.95
C LYS F 734 6.14 -49.27 11.13
N LYS F 735 5.65 -48.86 12.29
CA LYS F 735 6.52 -48.80 13.46
C LYS F 735 7.08 -50.18 13.78
N THR F 736 6.25 -51.22 13.69
CA THR F 736 6.72 -52.54 14.04
C THR F 736 7.84 -52.98 13.10
N LEU F 737 7.77 -52.54 11.84
CA LEU F 737 8.74 -52.94 10.84
C LEU F 737 9.97 -52.07 10.89
N THR F 738 9.92 -50.99 11.66
CA THR F 738 11.11 -50.19 11.92
C THR F 738 11.72 -50.52 13.28
N ASN F 739 10.97 -51.25 14.11
CA ASN F 739 11.47 -51.69 15.40
C ASN F 739 12.18 -53.02 15.24
N ILE F 740 11.68 -53.88 14.36
CA ILE F 740 12.44 -55.08 14.03
C ILE F 740 13.77 -54.69 13.41
N GLU F 741 13.75 -53.74 12.47
CA GLU F 741 14.96 -53.32 11.78
C GLU F 741 15.99 -52.74 12.76
N THR F 742 15.57 -51.87 13.68
CA THR F 742 16.56 -51.33 14.63
C THR F 742 16.99 -52.36 15.67
N ALA F 743 16.07 -53.20 16.15
CA ALA F 743 16.45 -54.18 17.15
C ALA F 743 17.39 -55.22 16.59
N ARG F 744 17.25 -55.55 15.31
CA ARG F 744 18.14 -56.51 14.68
C ARG F 744 19.60 -56.08 14.78
N HIS F 745 19.85 -54.77 14.70
CA HIS F 745 21.21 -54.24 14.72
C HIS F 745 21.74 -53.99 16.12
N ASP F 746 20.96 -54.29 17.14
CA ASP F 746 21.40 -54.11 18.50
C ASP F 746 22.34 -55.25 18.89
N GLU F 747 23.02 -55.09 20.02
CA GLU F 747 23.83 -56.16 20.58
C GLU F 747 23.01 -57.15 21.40
N ASP F 748 21.80 -56.76 21.81
CA ASP F 748 20.94 -57.60 22.65
C ASP F 748 19.54 -57.53 22.05
N PRO F 749 19.31 -58.24 20.93
CA PRO F 749 18.11 -57.93 20.13
C PRO F 749 16.81 -58.18 20.85
N VAL F 750 16.72 -59.25 21.64
CA VAL F 750 15.45 -59.59 22.28
C VAL F 750 15.09 -58.52 23.30
N ASN F 751 16.04 -58.15 24.16
CA ASN F 751 15.72 -57.16 25.18
C ASN F 751 15.51 -55.78 24.56
N GLU F 752 16.07 -55.54 23.39
CA GLU F 752 15.91 -54.25 22.76
C GLU F 752 14.55 -54.16 22.11
N LEU F 753 14.11 -55.23 21.45
CA LEU F 753 12.83 -55.15 20.78
C LEU F 753 11.72 -55.20 21.80
N VAL F 754 11.93 -55.90 22.93
CA VAL F 754 10.85 -55.97 23.91
C VAL F 754 10.75 -54.63 24.63
N GLU F 755 11.87 -54.02 25.01
CA GLU F 755 11.78 -52.72 25.66
C GLU F 755 11.17 -51.71 24.71
N LEU F 756 11.62 -51.71 23.45
CA LEU F 756 11.15 -50.71 22.50
C LEU F 756 9.67 -50.92 22.19
N MET F 757 9.25 -52.18 22.07
CA MET F 757 7.86 -52.46 21.75
C MET F 757 6.96 -52.15 22.95
N THR F 758 7.44 -52.40 24.16
CA THR F 758 6.68 -52.02 25.35
C THR F 758 6.50 -50.51 25.41
N GLN F 759 7.57 -49.77 25.12
CA GLN F 759 7.48 -48.31 25.07
C GLN F 759 6.45 -47.87 24.04
N SER F 760 6.49 -48.45 22.84
CA SER F 760 5.53 -48.09 21.80
C SER F 760 4.11 -48.40 22.23
N ALA F 761 3.90 -49.56 22.84
CA ALA F 761 2.60 -50.05 23.27
C ALA F 761 1.95 -49.10 24.27
#